data_7ZX1
#
_entry.id   7ZX1
#
_cell.length_a   59.589
_cell.length_b   172.292
_cell.length_c   289.209
_cell.angle_alpha   90.000
_cell.angle_beta   91.217
_cell.angle_gamma   90.000
#
_symmetry.space_group_name_H-M   'P 1 21 1'
#
loop_
_entity.id
_entity.type
_entity.pdbx_description
1 polymer 'DNA polymerase theta'
2 polymer "DNA (5'-D(P*TP*TP*CP*CP*AP*AP*TP*GP*AP*CP*AP*GP*CP*CP*GP*C)-3')"
3 polymer "DNA (5'-D(*GP*CP*GP*GP*CP*TP*GP*TP*CP*AP*TP*TP*(DDG))-3')"
4 non-polymer 'MAGNESIUM ION'
5 non-polymer "2'-3'-DIDEOXYGUANOSINE-5'-TRIPHOSPHATE"
6 non-polymer (2~{S},3~{R})-1-[3-cyano-6-methyl-4-(trifluoromethyl)pyridin-2-yl]-~{N}-methyl-~{N}-(3-methylphenyl)-3-oxidanyl-pyrrolidine-2-carboxamide
7 water water
#
loop_
_entity_poly.entity_id
_entity_poly.type
_entity_poly.pdbx_seq_one_letter_code
_entity_poly.pdbx_strand_id
1 'polypeptide(L)'
;SSSESLSIIDVASDQNLFQTFIKEWRCKKRFSISLACEKIRSLTSSKTATIGSRFKQASSPQEIPIRDDGFPIKGCDDTL
VVGLAVCWGGRDAYYFSLQKEQKHSEISASLVPPSLDPSLTLKDRMWYLQSCLRKESDKECSVVIYDFIQSYKILLLSCG
ISLEQSYEDPKVACWLLDPDSQEPTLHSIVTSFLPHELPLLEGMETSQGIQSLGLNAGSEHSGRYRASVESILIFNSMNQ
LNSLLQKENLQDVFRKVEMPSQYCLALLELNGIGFSTAECESQKHIMQAKLDAIETQAYQLAGHSFSFTSSDDIAEVLFL
ELKLPPNREMKNQGSKKTLGSTRRGIDNGRKLRLGRQFSTSKDVLNKLKALHPLPGLILEWRRITNAITKVVFPLQREKC
LNPFLGMERIYPVSQSHTATGRITFTEPNIQNVPRDFEIKMGGMPFSISMRHAFVPFPGGSILAADYSQLELRILAHLSH
DRRLIQVLNTGADVFRSIAAEWKMIEPESVGDDLRQQAKQICYGIIYGMGAKSLGEQMGIKENDAACYIDSFKSRYTGIN
QFMTETVKNCKRDGFVQTILGRRRYLPGIKDNNPYRKAHAERQAINTIVQGSAADIVKIATVNIQKQLETFHSTFKSHGH
REGMLQSDQTGLSRKRKLQGMFCPIRGGFFILQLHDELLYEVAEEDVVQVAQIVKNEMESAVKLSVKLKVKVKIGASWGE
LKDFDV
;
AAA,BBB,CCC,DDD,EEE,FFF
2 'polydeoxyribonucleotide' (DT)(DT)(DC)(DC)(DA)(DA)(DT)(DG)(DA)(DC)(DA)(DG)(DC)(DC)(DG)(DC) GGG,III,KKK,MMM,OOO,QQQ
3 'polydeoxyribonucleotide' (DG)(DC)(DG)(DG)(DC)(DT)(DG)(DT)(DC)(DA)(DT)(DT)(DDG) HHH,JJJ,LLL,NNN,PPP,RRR
#
# COMPACT_ATOMS: atom_id res chain seq x y z
N SER A 5 19.86 25.31 -48.15
CA SER A 5 20.97 24.28 -48.13
C SER A 5 22.19 24.79 -47.34
N LEU A 6 22.82 23.95 -46.50
CA LEU A 6 24.01 24.43 -45.72
C LEU A 6 25.17 24.71 -46.67
N SER A 7 25.65 25.96 -46.72
CA SER A 7 26.82 26.38 -47.51
C SER A 7 27.82 27.10 -46.61
N ILE A 8 29.10 26.77 -46.75
CA ILE A 8 30.24 27.40 -46.08
C ILE A 8 31.05 28.13 -47.16
N ILE A 9 31.04 29.47 -47.12
CA ILE A 9 31.82 30.34 -48.03
C ILE A 9 33.15 30.63 -47.34
N ASP A 10 34.25 30.12 -47.91
CA ASP A 10 35.63 30.38 -47.46
C ASP A 10 36.09 31.74 -48.02
N VAL A 11 35.84 32.81 -47.27
CA VAL A 11 35.96 34.22 -47.73
C VAL A 11 37.43 34.52 -48.02
N ALA A 12 38.39 33.86 -47.36
CA ALA A 12 39.84 34.16 -47.49
C ALA A 12 40.47 33.34 -48.62
N SER A 13 39.68 32.65 -49.43
CA SER A 13 40.18 31.80 -50.55
C SER A 13 40.45 32.67 -51.78
N ASP A 14 39.89 33.87 -51.81
CA ASP A 14 39.95 34.77 -53.00
C ASP A 14 39.78 36.23 -52.54
N GLN A 15 40.76 37.09 -52.90
CA GLN A 15 40.83 38.53 -52.56
C GLN A 15 39.48 39.19 -52.87
N ASN A 16 38.91 38.90 -54.03
CA ASN A 16 37.67 39.55 -54.54
C ASN A 16 36.47 39.15 -53.67
N LEU A 17 36.35 37.86 -53.33
CA LEU A 17 35.25 37.31 -52.48
C LEU A 17 35.37 37.94 -51.08
N PHE A 18 36.62 38.05 -50.59
CA PHE A 18 36.95 38.60 -49.25
C PHE A 18 36.43 40.03 -49.09
N GLN A 19 36.71 40.92 -50.04
CA GLN A 19 36.33 42.36 -50.00
C GLN A 19 34.82 42.49 -50.09
N THR A 20 34.17 41.66 -50.94
CA THR A 20 32.69 41.62 -51.06
C THR A 20 32.10 41.28 -49.69
N PHE A 21 32.63 40.22 -49.07
CA PHE A 21 32.25 39.78 -47.69
C PHE A 21 32.48 40.93 -46.71
N ILE A 22 33.65 41.57 -46.75
CA ILE A 22 34.00 42.64 -45.75
C ILE A 22 33.04 43.80 -45.92
N LYS A 23 32.78 44.23 -47.17
CA LYS A 23 31.84 45.33 -47.44
C LYS A 23 30.46 44.98 -46.86
N GLU A 24 29.93 43.79 -47.17
CA GLU A 24 28.58 43.35 -46.64
C GLU A 24 28.61 43.31 -45.10
N TRP A 25 29.62 42.66 -44.54
CA TRP A 25 29.73 42.52 -43.05
C TRP A 25 29.66 43.89 -42.42
N ARG A 26 30.35 44.90 -42.97
CA ARG A 26 30.50 46.22 -42.31
C ARG A 26 29.11 46.90 -42.29
N CYS A 27 28.17 46.53 -43.17
CA CYS A 27 26.85 47.22 -43.04
C CYS A 27 25.83 46.43 -42.19
N LYS A 28 26.19 45.31 -41.57
CA LYS A 28 25.18 44.46 -40.88
C LYS A 28 24.93 44.98 -39.47
N LYS A 29 23.67 45.04 -39.06
CA LYS A 29 23.28 45.47 -37.69
C LYS A 29 23.14 44.22 -36.82
N ARG A 30 23.12 43.00 -37.38
CA ARG A 30 22.99 41.76 -36.58
C ARG A 30 23.72 40.62 -37.27
N PHE A 31 24.49 39.85 -36.52
CA PHE A 31 25.15 38.63 -37.02
C PHE A 31 25.56 37.80 -35.81
N SER A 32 25.83 36.53 -36.11
CA SER A 32 26.36 35.57 -35.14
C SER A 32 27.81 35.36 -35.49
N ILE A 33 28.65 35.02 -34.52
CA ILE A 33 30.01 34.49 -34.78
C ILE A 33 30.16 33.27 -33.92
N SER A 34 31.00 32.37 -34.40
CA SER A 34 31.40 31.16 -33.66
C SER A 34 32.87 30.93 -33.97
N LEU A 35 33.67 30.76 -32.90
CA LEU A 35 35.13 30.52 -33.00
C LEU A 35 35.34 29.06 -33.36
N ALA A 36 36.31 28.80 -34.23
CA ALA A 36 36.73 27.44 -34.62
C ALA A 36 38.02 27.13 -33.85
N CYS A 37 37.96 26.22 -32.90
CA CYS A 37 39.14 25.66 -32.19
C CYS A 37 39.32 24.21 -32.63
N GLU A 38 40.59 23.81 -32.86
CA GLU A 38 41.05 22.43 -33.17
C GLU A 38 42.24 22.08 -32.27
N LYS A 39 42.46 20.80 -32.06
CA LYS A 39 43.69 20.27 -31.41
C LYS A 39 44.81 20.32 -32.45
N ILE A 40 46.05 20.50 -31.98
CA ILE A 40 47.26 20.64 -32.85
C ILE A 40 47.52 19.34 -33.61
N ILE A 66 54.35 31.52 -31.55
CA ILE A 66 53.75 31.95 -32.85
C ILE A 66 53.81 30.76 -33.82
N ARG A 67 52.64 30.33 -34.33
CA ARG A 67 52.48 29.16 -35.22
C ARG A 67 51.77 29.61 -36.50
N ASP A 68 51.96 28.89 -37.61
CA ASP A 68 51.37 29.22 -38.94
C ASP A 68 49.91 28.77 -39.00
N ASP A 69 49.50 27.86 -38.10
CA ASP A 69 48.23 27.11 -38.24
C ASP A 69 47.17 27.60 -37.27
N GLY A 70 47.45 28.67 -36.49
CA GLY A 70 46.44 29.41 -35.70
C GLY A 70 47.00 29.93 -34.39
N PHE A 71 46.13 30.44 -33.52
CA PHE A 71 46.48 31.14 -32.26
C PHE A 71 46.34 30.19 -31.06
N PRO A 72 47.43 29.91 -30.31
CA PRO A 72 47.30 29.23 -29.02
C PRO A 72 46.26 29.87 -28.09
N ILE A 73 45.59 29.05 -27.28
CA ILE A 73 44.59 29.46 -26.27
C ILE A 73 45.28 29.43 -24.91
N LYS A 74 45.15 30.50 -24.10
CA LYS A 74 45.73 30.58 -22.73
C LYS A 74 45.08 29.51 -21.86
N GLY A 75 45.90 28.56 -21.39
CA GLY A 75 45.51 27.52 -20.42
C GLY A 75 45.43 26.13 -21.03
N CYS A 76 45.55 26.03 -22.35
CA CYS A 76 45.45 24.77 -23.14
C CYS A 76 46.60 24.68 -24.17
N ASP A 77 47.63 23.86 -23.90
CA ASP A 77 48.80 23.68 -24.79
C ASP A 77 48.41 22.83 -26.00
N ASP A 78 47.12 22.44 -26.11
CA ASP A 78 46.63 21.37 -27.02
C ASP A 78 45.87 21.93 -28.24
N THR A 79 45.18 23.07 -28.05
CA THR A 79 44.10 23.61 -28.93
C THR A 79 44.50 24.95 -29.52
N LEU A 80 44.09 25.21 -30.77
CA LEU A 80 44.33 26.48 -31.49
C LEU A 80 42.99 27.08 -31.94
N VAL A 81 42.86 28.40 -31.91
CA VAL A 81 41.83 29.14 -32.69
C VAL A 81 42.34 29.16 -34.13
N VAL A 82 41.63 28.53 -35.05
CA VAL A 82 42.05 28.42 -36.49
C VAL A 82 41.19 29.35 -37.34
N GLY A 83 40.07 29.83 -36.82
CA GLY A 83 39.21 30.74 -37.58
C GLY A 83 37.94 31.03 -36.83
N LEU A 84 36.97 31.62 -37.52
CA LEU A 84 35.62 31.86 -36.98
C LEU A 84 34.64 31.88 -38.15
N ALA A 85 33.37 31.61 -37.86
CA ALA A 85 32.28 31.61 -38.84
C ALA A 85 31.32 32.74 -38.50
N VAL A 86 30.77 33.37 -39.51
CA VAL A 86 29.83 34.51 -39.38
C VAL A 86 28.54 34.10 -40.08
N CYS A 87 27.41 34.40 -39.46
CA CYS A 87 26.10 34.16 -40.08
C CYS A 87 25.22 35.38 -39.88
N TRP A 88 24.52 35.80 -40.92
CA TRP A 88 23.56 36.94 -40.81
C TRP A 88 22.23 36.60 -41.51
N GLY A 89 21.91 35.32 -41.63
CA GLY A 89 20.61 34.88 -42.19
C GLY A 89 20.71 33.57 -42.94
N GLY A 90 19.60 32.85 -43.03
CA GLY A 90 19.46 31.61 -43.80
C GLY A 90 20.41 30.56 -43.28
N ARG A 91 21.00 29.77 -44.18
CA ARG A 91 21.88 28.62 -43.83
C ARG A 91 23.22 28.82 -44.53
N ASP A 92 23.62 30.09 -44.69
CA ASP A 92 24.94 30.53 -45.20
C ASP A 92 25.84 30.89 -44.02
N ALA A 93 26.95 30.18 -43.84
CA ALA A 93 28.05 30.48 -42.92
C ALA A 93 29.23 31.02 -43.71
N TYR A 94 29.78 32.18 -43.33
CA TYR A 94 31.01 32.74 -43.92
C TYR A 94 32.15 32.33 -43.02
N TYR A 95 32.99 31.41 -43.45
CA TYR A 95 34.14 30.95 -42.64
C TYR A 95 35.38 31.80 -42.96
N PHE A 96 35.92 32.40 -41.92
CA PHE A 96 37.01 33.41 -41.94
C PHE A 96 38.20 32.75 -41.28
N SER A 97 39.14 32.24 -42.10
CA SER A 97 40.35 31.53 -41.64
C SER A 97 41.34 32.51 -41.01
N LEU A 98 41.99 32.08 -39.92
CA LEU A 98 43.01 32.85 -39.19
C LEU A 98 44.32 32.04 -39.17
N GLN A 99 44.53 31.24 -40.22
CA GLN A 99 45.78 30.47 -40.39
C GLN A 99 46.72 31.22 -41.35
N LYS A 100 48.00 31.33 -41.00
CA LYS A 100 49.02 31.92 -41.93
C LYS A 100 49.06 31.06 -43.20
N GLU A 101 49.24 29.74 -43.05
CA GLU A 101 49.31 28.77 -44.18
C GLU A 101 48.44 27.55 -43.86
N GLN A 102 48.12 26.74 -44.87
CA GLN A 102 47.45 25.41 -44.74
C GLN A 102 46.01 25.59 -44.25
N PRO A 113 37.68 22.89 -47.63
CA PRO A 113 38.02 24.31 -47.93
C PRO A 113 38.99 24.46 -49.09
N PRO A 114 38.80 25.45 -49.99
CA PRO A 114 39.87 25.90 -50.89
C PRO A 114 40.94 26.69 -50.10
N SER A 115 42.17 26.84 -50.61
CA SER A 115 43.34 27.33 -49.83
C SER A 115 43.26 28.85 -49.67
N LEU A 116 44.21 29.44 -48.93
CA LEU A 116 44.30 30.90 -48.67
C LEU A 116 44.93 31.63 -49.88
N ASP A 117 44.22 32.65 -50.35
CA ASP A 117 44.78 33.71 -51.24
C ASP A 117 45.96 34.36 -50.50
N PRO A 118 47.21 34.20 -51.02
CA PRO A 118 48.39 34.66 -50.29
C PRO A 118 48.57 36.19 -50.20
N SER A 119 47.84 36.97 -51.02
CA SER A 119 47.78 38.45 -50.92
C SER A 119 47.04 38.88 -49.63
N LEU A 120 46.24 37.98 -49.05
CA LEU A 120 45.54 38.23 -47.76
C LEU A 120 46.41 37.73 -46.61
N THR A 121 47.38 38.54 -46.21
CA THR A 121 48.24 38.25 -45.04
C THR A 121 47.37 38.09 -43.79
N LEU A 122 47.85 37.34 -42.82
CA LEU A 122 47.19 37.20 -41.51
C LEU A 122 47.00 38.59 -40.87
N LYS A 123 48.02 39.45 -40.91
CA LYS A 123 47.95 40.83 -40.39
C LYS A 123 46.78 41.57 -41.08
N ASP A 124 46.68 41.52 -42.41
CA ASP A 124 45.54 42.14 -43.15
C ASP A 124 44.20 41.59 -42.65
N ARG A 125 44.08 40.26 -42.47
CA ARG A 125 42.82 39.60 -42.02
C ARG A 125 42.50 40.08 -40.61
N MET A 126 43.50 40.14 -39.73
CA MET A 126 43.30 40.57 -38.33
C MET A 126 42.85 42.04 -38.31
N TRP A 127 43.38 42.86 -39.19
CA TRP A 127 42.88 44.25 -39.30
C TRP A 127 41.36 44.21 -39.58
N TYR A 128 40.96 43.53 -40.66
CA TYR A 128 39.56 43.54 -41.18
C TYR A 128 38.64 42.90 -40.13
N LEU A 129 39.16 41.87 -39.45
CA LEU A 129 38.42 41.25 -38.33
C LEU A 129 38.18 42.28 -37.22
N GLN A 130 39.20 42.98 -36.73
CA GLN A 130 39.04 43.93 -35.60
C GLN A 130 38.08 45.03 -36.06
N SER A 131 38.18 45.45 -37.32
CA SER A 131 37.35 46.54 -37.89
C SER A 131 35.86 46.18 -37.82
N CYS A 132 35.49 44.93 -38.13
CA CYS A 132 34.07 44.51 -38.21
C CYS A 132 33.54 44.18 -36.81
N LEU A 133 34.42 43.94 -35.83
CA LEU A 133 34.00 43.53 -34.48
C LEU A 133 34.06 44.71 -33.51
N ARG A 134 34.40 45.93 -33.96
CA ARG A 134 34.44 47.14 -33.08
C ARG A 134 33.44 48.19 -33.58
N LYS A 135 32.64 48.81 -32.68
CA LYS A 135 31.55 49.77 -33.00
C LYS A 135 32.13 51.07 -33.58
N GLU A 136 31.41 51.65 -34.54
CA GLU A 136 31.57 53.06 -34.98
C GLU A 136 30.57 53.90 -34.16
N SER A 137 30.54 55.23 -34.39
CA SER A 137 29.71 56.22 -33.62
C SER A 137 28.28 56.24 -34.18
N ASP A 138 27.29 55.99 -33.31
CA ASP A 138 25.83 56.09 -33.60
C ASP A 138 25.39 54.91 -34.50
N LYS A 139 25.90 53.70 -34.21
CA LYS A 139 25.64 52.46 -35.00
C LYS A 139 25.24 51.35 -34.03
N GLU A 140 23.92 51.10 -33.89
CA GLU A 140 23.33 49.95 -33.14
C GLU A 140 23.64 48.65 -33.89
N CYS A 141 24.44 47.81 -33.27
CA CYS A 141 25.05 46.57 -33.85
C CYS A 141 25.08 45.46 -32.79
N SER A 142 24.51 44.28 -33.08
CA SER A 142 24.37 43.17 -32.12
C SER A 142 25.07 41.94 -32.67
N VAL A 143 25.93 41.33 -31.85
CA VAL A 143 26.61 40.05 -32.16
C VAL A 143 26.02 38.96 -31.26
N VAL A 144 25.61 37.85 -31.85
CA VAL A 144 25.04 36.67 -31.17
C VAL A 144 26.16 35.65 -31.01
N ILE A 145 26.48 35.32 -29.76
CA ILE A 145 27.58 34.37 -29.41
C ILE A 145 27.06 33.41 -28.35
N TYR A 146 27.03 32.13 -28.67
CA TYR A 146 26.81 31.06 -27.66
C TYR A 146 28.00 31.08 -26.70
N ASP A 147 27.73 31.19 -25.40
CA ASP A 147 28.78 31.30 -24.34
C ASP A 147 29.64 32.53 -24.66
N PHE A 148 28.99 33.68 -24.64
CA PHE A 148 29.63 34.99 -24.86
C PHE A 148 30.92 35.13 -24.05
N ILE A 149 30.89 34.84 -22.75
CA ILE A 149 32.04 35.10 -21.83
C ILE A 149 33.27 34.33 -22.32
N GLN A 150 33.14 33.05 -22.57
CA GLN A 150 34.31 32.22 -22.99
C GLN A 150 34.83 32.77 -24.33
N SER A 151 33.97 33.22 -25.22
CA SER A 151 34.37 33.68 -26.57
C SER A 151 35.06 35.03 -26.47
N TYR A 152 34.52 35.94 -25.68
CA TYR A 152 35.11 37.28 -25.41
C TYR A 152 36.56 37.09 -24.94
N LYS A 153 36.79 36.12 -24.06
CA LYS A 153 38.12 35.92 -23.43
C LYS A 153 39.09 35.35 -24.45
N ILE A 154 38.66 34.35 -25.22
CA ILE A 154 39.57 33.75 -26.23
C ILE A 154 39.92 34.81 -27.28
N LEU A 155 38.96 35.61 -27.73
CA LEU A 155 39.21 36.65 -28.76
C LEU A 155 40.23 37.65 -28.22
N LEU A 156 40.12 38.02 -26.93
CA LEU A 156 41.04 39.02 -26.29
C LEU A 156 42.42 38.38 -26.13
N LEU A 157 42.52 37.22 -25.46
CA LEU A 157 43.81 36.63 -25.04
C LEU A 157 44.52 35.94 -26.22
N SER A 158 43.78 35.31 -27.12
CA SER A 158 44.38 34.49 -28.22
C SER A 158 44.63 35.35 -29.46
N CYS A 159 43.69 36.21 -29.84
CA CYS A 159 43.70 36.97 -31.11
C CYS A 159 43.96 38.46 -30.87
N GLY A 160 43.96 38.93 -29.62
CA GLY A 160 44.22 40.35 -29.30
C GLY A 160 43.08 41.22 -29.76
N ILE A 161 41.86 40.70 -29.81
CA ILE A 161 40.67 41.46 -30.27
C ILE A 161 39.71 41.64 -29.09
N SER A 162 39.28 42.88 -28.85
CA SER A 162 38.27 43.24 -27.83
C SER A 162 36.98 43.56 -28.57
N LEU A 163 35.98 42.67 -28.47
CA LEU A 163 34.61 42.90 -28.99
C LEU A 163 34.13 44.24 -28.44
N GLU A 164 33.53 45.09 -29.29
CA GLU A 164 32.94 46.40 -28.89
C GLU A 164 31.63 46.58 -29.68
N GLN A 165 30.61 45.85 -29.24
CA GLN A 165 29.22 45.90 -29.79
C GLN A 165 28.26 45.51 -28.67
N SER A 166 26.95 45.50 -28.92
CA SER A 166 25.94 44.84 -28.07
C SER A 166 26.02 43.32 -28.26
N TYR A 167 25.97 42.58 -27.17
CA TYR A 167 26.08 41.10 -27.18
C TYR A 167 24.74 40.50 -26.79
N GLU A 168 24.50 39.36 -27.42
CA GLU A 168 23.30 38.51 -27.21
C GLU A 168 23.77 37.06 -27.10
N ASP A 169 23.58 36.42 -25.95
CA ASP A 169 23.90 34.97 -25.76
C ASP A 169 22.58 34.22 -25.63
N PRO A 170 22.27 33.29 -26.55
CA PRO A 170 21.08 32.46 -26.43
C PRO A 170 20.98 31.68 -25.11
N LYS A 171 22.10 31.26 -24.51
CA LYS A 171 22.10 30.57 -23.17
C LYS A 171 21.42 31.49 -22.14
N VAL A 172 21.69 32.80 -22.19
CA VAL A 172 21.18 33.75 -21.16
C VAL A 172 19.68 33.99 -21.41
N ALA A 173 19.29 34.08 -22.68
CA ALA A 173 17.88 34.22 -23.10
C ALA A 173 17.07 33.01 -22.60
N CYS A 174 17.59 31.78 -22.74
CA CYS A 174 16.93 30.54 -22.24
C CYS A 174 16.67 30.69 -20.74
N TRP A 175 17.71 31.02 -20.00
CA TRP A 175 17.64 31.21 -18.54
C TRP A 175 16.53 32.20 -18.21
N LEU A 176 16.47 33.29 -18.97
CA LEU A 176 15.54 34.41 -18.69
C LEU A 176 14.11 33.93 -18.91
N LEU A 177 13.88 32.97 -19.81
CA LEU A 177 12.53 32.44 -20.10
C LEU A 177 12.09 31.40 -19.07
N ASP A 178 13.03 30.64 -18.49
CA ASP A 178 12.72 29.68 -17.41
C ASP A 178 13.96 29.45 -16.56
N PRO A 179 14.10 30.17 -15.42
CA PRO A 179 15.32 30.11 -14.64
C PRO A 179 15.59 28.73 -14.00
N ASP A 180 14.57 27.87 -13.91
CA ASP A 180 14.67 26.51 -13.30
C ASP A 180 14.95 25.45 -14.38
N SER A 181 15.00 25.85 -15.66
CA SER A 181 15.33 24.95 -16.80
C SER A 181 16.73 24.38 -16.54
N GLN A 182 17.04 23.23 -17.14
CA GLN A 182 18.42 22.67 -17.05
C GLN A 182 19.33 23.61 -17.84
N GLU A 183 20.58 23.77 -17.41
CA GLU A 183 21.63 24.51 -18.14
C GLU A 183 21.50 24.16 -19.62
N PRO A 184 21.40 25.16 -20.51
CA PRO A 184 21.28 24.89 -21.94
C PRO A 184 22.56 24.35 -22.57
N THR A 185 22.42 23.46 -23.54
CA THR A 185 23.49 23.03 -24.48
C THR A 185 23.04 23.53 -25.85
N LEU A 186 23.89 23.48 -26.86
CA LEU A 186 23.47 23.83 -28.24
C LEU A 186 22.33 22.89 -28.65
N HIS A 187 22.42 21.61 -28.26
CA HIS A 187 21.41 20.56 -28.59
C HIS A 187 20.06 20.90 -27.97
N SER A 188 20.01 21.31 -26.70
CA SER A 188 18.75 21.67 -26.00
C SER A 188 18.16 22.94 -26.59
N ILE A 189 18.98 23.93 -26.93
CA ILE A 189 18.49 25.19 -27.56
C ILE A 189 17.84 24.85 -28.89
N VAL A 190 18.50 24.05 -29.72
CA VAL A 190 17.98 23.72 -31.08
C VAL A 190 16.73 22.85 -30.91
N THR A 191 16.74 21.91 -29.97
CA THR A 191 15.56 21.06 -29.65
C THR A 191 14.36 21.99 -29.34
N SER A 192 14.50 22.95 -28.44
CA SER A 192 13.37 23.78 -27.94
C SER A 192 12.98 24.91 -28.91
N PHE A 193 13.92 25.53 -29.62
CA PHE A 193 13.69 26.80 -30.33
C PHE A 193 13.94 26.66 -31.82
N LEU A 194 14.60 25.61 -32.31
CA LEU A 194 14.89 25.47 -33.76
C LEU A 194 14.80 24.00 -34.16
N PRO A 195 13.75 23.27 -33.77
CA PRO A 195 13.74 21.79 -33.83
C PRO A 195 13.87 21.25 -35.26
N HIS A 196 13.37 21.99 -36.26
CA HIS A 196 13.53 21.63 -37.70
C HIS A 196 15.00 21.52 -38.10
N GLU A 197 15.97 22.10 -37.37
CA GLU A 197 17.40 22.06 -37.75
C GLU A 197 18.17 21.00 -36.94
N LEU A 198 17.50 20.19 -36.13
CA LEU A 198 18.18 19.10 -35.36
C LEU A 198 19.04 18.21 -36.27
N PRO A 199 18.65 17.89 -37.53
CA PRO A 199 19.50 17.09 -38.41
C PRO A 199 20.94 17.60 -38.55
N LEU A 200 21.15 18.92 -38.61
CA LEU A 200 22.50 19.56 -38.67
C LEU A 200 23.39 19.06 -37.51
N LEU A 201 22.81 18.66 -36.39
CA LEU A 201 23.54 18.24 -35.16
C LEU A 201 23.75 16.73 -35.14
N GLU A 202 23.18 15.99 -36.10
CA GLU A 202 23.36 14.51 -36.23
C GLU A 202 24.85 14.16 -36.35
N GLY A 203 25.34 13.32 -35.43
CA GLY A 203 26.74 12.85 -35.37
C GLY A 203 27.68 13.89 -34.75
N MET A 204 27.12 14.88 -34.03
CA MET A 204 27.88 15.98 -33.40
C MET A 204 27.56 15.96 -31.91
N GLU A 205 27.98 14.87 -31.27
CA GLU A 205 27.58 14.45 -29.89
C GLU A 205 28.01 15.53 -28.87
N THR A 206 29.07 16.28 -29.14
CA THR A 206 29.59 17.38 -28.27
C THR A 206 28.60 18.55 -28.18
N SER A 207 27.63 18.66 -29.11
CA SER A 207 26.49 19.63 -29.05
C SER A 207 25.65 19.42 -27.80
N GLN A 208 25.72 18.23 -27.17
CA GLN A 208 25.00 17.87 -25.91
C GLN A 208 25.86 18.13 -24.67
N GLY A 209 27.04 18.76 -24.83
CA GLY A 209 27.84 19.31 -23.73
C GLY A 209 27.61 20.81 -23.62
N ILE A 210 28.04 21.39 -22.49
CA ILE A 210 27.79 22.83 -22.14
C ILE A 210 28.67 23.71 -23.04
N GLN A 211 29.89 23.28 -23.32
CA GLN A 211 30.92 24.04 -24.09
C GLN A 211 30.47 24.22 -25.55
N SER A 212 30.75 25.39 -26.11
CA SER A 212 30.47 25.80 -27.51
C SER A 212 30.94 24.72 -28.48
N LEU A 213 30.13 24.38 -29.49
CA LEU A 213 30.48 23.39 -30.53
C LEU A 213 31.81 23.79 -31.20
N GLY A 214 31.93 25.07 -31.54
CA GLY A 214 33.14 25.64 -32.18
C GLY A 214 34.36 25.47 -31.29
N LEU A 215 34.22 25.71 -29.99
CA LEU A 215 35.33 25.73 -28.99
C LEU A 215 35.71 24.30 -28.61
N ASN A 216 34.86 23.32 -28.87
CA ASN A 216 35.07 21.95 -28.33
C ASN A 216 35.85 21.15 -29.38
N ALA A 217 37.17 21.17 -29.23
CA ALA A 217 38.15 20.53 -30.15
C ALA A 217 38.27 19.03 -29.85
N GLY A 218 37.56 18.52 -28.83
CA GLY A 218 37.51 17.08 -28.50
C GLY A 218 36.55 16.34 -29.41
N SER A 219 36.35 16.83 -30.64
CA SER A 219 35.50 16.22 -31.71
C SER A 219 36.39 15.84 -32.89
N GLU A 220 35.91 14.92 -33.73
CA GLU A 220 36.59 14.46 -34.98
C GLU A 220 36.21 15.39 -36.14
N HIS A 221 35.16 16.20 -35.95
CA HIS A 221 34.72 17.18 -36.97
C HIS A 221 35.64 18.38 -36.93
N SER A 222 35.96 18.95 -38.08
CA SER A 222 36.83 20.15 -38.21
C SER A 222 36.22 21.34 -37.48
N GLY A 223 37.06 22.24 -36.97
CA GLY A 223 36.62 23.53 -36.39
C GLY A 223 35.81 24.32 -37.39
N ARG A 224 36.20 24.27 -38.65
CA ARG A 224 35.51 25.00 -39.73
C ARG A 224 34.04 24.56 -39.78
N TYR A 225 33.82 23.25 -39.89
CA TYR A 225 32.45 22.68 -40.01
C TYR A 225 31.67 23.00 -38.74
N ARG A 226 32.27 22.75 -37.58
CA ARG A 226 31.59 22.92 -36.26
C ARG A 226 31.20 24.38 -36.10
N ALA A 227 32.09 25.32 -36.37
CA ALA A 227 31.83 26.76 -36.17
C ALA A 227 30.78 27.23 -37.17
N SER A 228 30.81 26.74 -38.41
CA SER A 228 29.85 27.13 -39.45
C SER A 228 28.44 26.66 -39.05
N VAL A 229 28.29 25.42 -38.60
CA VAL A 229 26.99 24.86 -38.16
C VAL A 229 26.52 25.66 -36.96
N GLU A 230 27.37 25.83 -35.96
CA GLU A 230 27.01 26.62 -34.76
C GLU A 230 26.53 28.01 -35.18
N SER A 231 27.24 28.70 -36.07
CA SER A 231 26.92 30.09 -36.43
C SER A 231 25.49 30.17 -36.95
N ILE A 232 25.11 29.21 -37.79
CA ILE A 232 23.76 29.14 -38.42
C ILE A 232 22.73 28.79 -37.34
N LEU A 233 22.96 27.75 -36.54
CA LEU A 233 22.00 27.33 -35.50
C LEU A 233 21.77 28.47 -34.49
N ILE A 234 22.81 29.18 -34.10
CA ILE A 234 22.75 30.22 -33.03
C ILE A 234 22.06 31.47 -33.56
N PHE A 235 22.32 31.89 -34.80
CA PHE A 235 21.69 33.11 -35.39
C PHE A 235 20.18 32.89 -35.43
N ASN A 236 19.75 31.76 -36.00
CA ASN A 236 18.32 31.43 -36.19
C ASN A 236 17.64 31.18 -34.84
N SER A 237 18.27 30.44 -33.93
CA SER A 237 17.80 30.23 -32.54
C SER A 237 17.54 31.55 -31.82
N MET A 238 18.45 32.50 -31.98
CA MET A 238 18.40 33.79 -31.24
C MET A 238 17.23 34.63 -31.77
N ASN A 239 16.90 34.52 -33.06
CA ASN A 239 15.71 35.21 -33.62
C ASN A 239 14.46 34.71 -32.88
N GLN A 240 14.33 33.41 -32.71
CA GLN A 240 13.17 32.81 -32.03
C GLN A 240 13.21 33.23 -30.56
N LEU A 241 14.33 33.09 -29.88
CA LEU A 241 14.48 33.51 -28.44
C LEU A 241 14.12 35.00 -28.32
N ASN A 242 14.52 35.87 -29.24
CA ASN A 242 14.19 37.32 -29.19
C ASN A 242 12.67 37.53 -29.32
N SER A 243 11.99 36.81 -30.20
CA SER A 243 10.52 36.88 -30.29
C SER A 243 9.90 36.47 -28.95
N LEU A 244 10.40 35.40 -28.32
CA LEU A 244 9.82 34.93 -27.04
C LEU A 244 10.10 35.94 -25.93
N LEU A 245 11.31 36.52 -25.86
CA LEU A 245 11.64 37.58 -24.87
C LEU A 245 10.69 38.76 -25.05
N GLN A 246 10.40 39.14 -26.27
CA GLN A 246 9.47 40.26 -26.59
C GLN A 246 8.05 39.92 -26.11
N LYS A 247 7.59 38.70 -26.39
CA LYS A 247 6.25 38.25 -25.92
C LYS A 247 6.20 38.33 -24.38
N GLU A 248 7.27 37.93 -23.67
CA GLU A 248 7.31 37.89 -22.18
C GLU A 248 7.71 39.26 -21.60
N ASN A 249 8.09 40.23 -22.44
CA ASN A 249 8.49 41.59 -22.01
C ASN A 249 9.78 41.53 -21.17
N LEU A 250 10.72 40.67 -21.56
CA LEU A 250 12.03 40.51 -20.89
C LEU A 250 13.18 40.98 -21.78
N GLN A 251 12.89 41.60 -22.92
CA GLN A 251 13.94 42.04 -23.86
C GLN A 251 14.73 43.21 -23.27
N ASP A 252 14.07 44.15 -22.62
CA ASP A 252 14.78 45.29 -21.97
C ASP A 252 15.69 44.75 -20.88
N VAL A 253 15.20 43.81 -20.07
CA VAL A 253 16.00 43.18 -18.99
C VAL A 253 17.25 42.55 -19.61
N PHE A 254 17.06 41.82 -20.71
CA PHE A 254 18.11 41.06 -21.42
C PHE A 254 19.21 42.02 -21.92
N ARG A 255 18.82 43.12 -22.58
CA ARG A 255 19.78 44.07 -23.22
C ARG A 255 20.38 45.05 -22.19
N LYS A 256 19.63 45.51 -21.20
CA LYS A 256 20.09 46.57 -20.25
C LYS A 256 20.74 45.99 -18.98
N VAL A 257 20.42 44.75 -18.57
CA VAL A 257 20.91 44.19 -17.27
C VAL A 257 21.69 42.89 -17.52
N GLU A 258 21.06 41.86 -18.06
CA GLU A 258 21.66 40.51 -18.08
C GLU A 258 22.90 40.47 -18.98
N MET A 259 22.84 40.98 -20.22
CA MET A 259 24.01 40.84 -21.11
C MET A 259 25.14 41.75 -20.62
N PRO A 260 24.88 43.01 -20.23
CA PRO A 260 25.93 43.83 -19.60
C PRO A 260 26.56 43.18 -18.36
N SER A 261 25.72 42.51 -17.55
CA SER A 261 26.16 41.74 -16.35
C SER A 261 27.14 40.66 -16.81
N GLN A 262 26.84 39.96 -17.90
CA GLN A 262 27.78 38.97 -18.46
C GLN A 262 29.10 39.64 -18.85
N TYR A 263 29.07 40.83 -19.42
CA TYR A 263 30.31 41.56 -19.81
C TYR A 263 31.12 41.85 -18.55
N CYS A 264 30.51 42.41 -17.51
CA CYS A 264 31.20 42.61 -16.20
C CYS A 264 31.81 41.30 -15.69
N LEU A 265 31.13 40.17 -15.85
CA LEU A 265 31.65 38.88 -15.32
C LEU A 265 32.82 38.41 -16.18
N ALA A 266 32.81 38.72 -17.47
CA ALA A 266 33.96 38.43 -18.35
C ALA A 266 35.20 39.17 -17.87
N LEU A 267 35.07 40.43 -17.48
CA LEU A 267 36.23 41.21 -16.96
C LEU A 267 36.76 40.57 -15.66
N LEU A 268 35.85 40.15 -14.79
CA LEU A 268 36.19 39.48 -13.49
C LEU A 268 36.97 38.20 -13.78
N GLU A 269 36.52 37.42 -14.78
CA GLU A 269 37.16 36.14 -15.09
C GLU A 269 38.53 36.40 -15.72
N LEU A 270 38.67 37.49 -16.48
CA LEU A 270 39.98 37.89 -17.04
C LEU A 270 40.87 38.39 -15.90
N ASN A 271 40.31 39.09 -14.93
CA ASN A 271 41.09 39.67 -13.81
C ASN A 271 41.64 38.54 -12.91
N GLY A 272 40.82 37.55 -12.58
CA GLY A 272 41.16 36.60 -11.50
C GLY A 272 41.30 37.32 -10.15
N ILE A 273 41.65 36.58 -9.11
CA ILE A 273 41.82 37.15 -7.74
C ILE A 273 43.19 36.71 -7.24
N GLY A 274 43.92 37.66 -6.68
CA GLY A 274 45.28 37.41 -6.15
C GLY A 274 45.26 36.44 -4.99
N PHE A 275 46.29 35.62 -4.89
CA PHE A 275 46.39 34.49 -3.94
C PHE A 275 47.82 34.36 -3.44
N SER A 276 47.95 34.23 -2.14
CA SER A 276 49.22 33.95 -1.42
C SER A 276 49.25 32.55 -0.78
N THR A 277 50.28 31.79 -1.10
CA THR A 277 50.43 30.36 -0.76
C THR A 277 51.06 30.21 0.62
N ALA A 278 51.90 31.17 1.01
CA ALA A 278 52.62 31.24 2.30
C ALA A 278 51.60 31.31 3.45
N GLU A 279 50.63 32.21 3.33
CA GLU A 279 49.56 32.41 4.34
C GLU A 279 48.76 31.11 4.49
N CYS A 280 48.33 30.55 3.38
CA CYS A 280 47.59 29.25 3.29
C CYS A 280 48.37 28.12 4.01
N GLU A 281 49.67 27.93 3.71
CA GLU A 281 50.49 26.80 4.25
C GLU A 281 50.59 26.88 5.78
N SER A 282 50.78 28.09 6.29
CA SER A 282 51.01 28.30 7.74
C SER A 282 49.70 28.00 8.47
N GLN A 283 48.56 28.37 7.89
CA GLN A 283 47.23 28.03 8.45
C GLN A 283 47.04 26.51 8.39
N LYS A 284 47.37 25.89 7.26
CA LYS A 284 47.26 24.42 7.06
C LYS A 284 47.99 23.70 8.19
N HIS A 285 49.21 24.10 8.53
CA HIS A 285 50.04 23.40 9.55
C HIS A 285 49.36 23.45 10.93
N ILE A 286 48.80 24.59 11.31
CA ILE A 286 48.05 24.73 12.61
C ILE A 286 46.82 23.83 12.57
N MET A 287 46.07 23.90 11.48
CA MET A 287 44.84 23.09 11.31
C MET A 287 45.18 21.61 11.40
N GLN A 288 46.28 21.17 10.78
CA GLN A 288 46.62 19.73 10.70
C GLN A 288 47.03 19.22 12.07
N ALA A 289 47.71 20.04 12.87
CA ALA A 289 48.12 19.73 14.24
C ALA A 289 46.88 19.51 15.12
N LYS A 290 45.86 20.35 14.93
CA LYS A 290 44.59 20.26 15.69
C LYS A 290 43.83 19.01 15.27
N LEU A 291 43.77 18.72 13.97
CA LEU A 291 43.15 17.47 13.45
C LEU A 291 43.81 16.26 14.11
N ASP A 292 45.14 16.26 14.26
CA ASP A 292 45.90 15.11 14.82
C ASP A 292 45.49 14.90 16.29
N ALA A 293 45.49 15.96 17.10
CA ALA A 293 45.10 15.94 18.53
C ALA A 293 43.63 15.50 18.65
N ILE A 294 42.74 16.04 17.80
CA ILE A 294 41.29 15.65 17.81
C ILE A 294 41.17 14.15 17.55
N GLU A 295 41.84 13.63 16.51
CA GLU A 295 41.76 12.20 16.14
C GLU A 295 42.21 11.37 17.36
N THR A 296 43.39 11.65 17.91
CA THR A 296 43.99 10.83 18.99
C THR A 296 43.04 10.84 20.21
N GLN A 297 42.40 11.97 20.52
CA GLN A 297 41.47 12.07 21.67
C GLN A 297 40.15 11.37 21.33
N ALA A 298 39.61 11.56 20.12
CA ALA A 298 38.40 10.87 19.65
C ALA A 298 38.58 9.34 19.80
N TYR A 299 39.70 8.80 19.32
CA TYR A 299 39.97 7.34 19.27
C TYR A 299 40.12 6.77 20.69
N GLN A 300 40.63 7.55 21.65
CA GLN A 300 40.75 7.10 23.05
C GLN A 300 39.36 7.09 23.70
N LEU A 301 38.52 8.09 23.46
CA LEU A 301 37.13 8.11 23.99
C LEU A 301 36.32 6.97 23.36
N ALA A 302 36.47 6.72 22.04
CA ALA A 302 35.74 5.66 21.31
C ALA A 302 36.23 4.25 21.73
N GLY A 303 37.49 4.13 22.11
CA GLY A 303 38.14 2.84 22.41
C GLY A 303 38.81 2.20 21.21
N HIS A 304 38.51 2.65 20.00
CA HIS A 304 39.10 2.09 18.74
C HIS A 304 39.16 3.18 17.67
N SER A 305 39.98 2.98 16.63
CA SER A 305 39.94 3.77 15.38
C SER A 305 38.52 3.74 14.82
N PHE A 306 38.09 4.83 14.20
CA PHE A 306 36.85 4.90 13.39
C PHE A 306 37.06 5.97 12.33
N SER A 307 36.39 5.86 11.19
CA SER A 307 36.45 6.86 10.09
C SER A 307 35.50 8.00 10.41
N PHE A 308 36.01 9.24 10.44
CA PHE A 308 35.23 10.48 10.67
C PHE A 308 34.34 10.78 9.45
N THR A 309 34.57 10.07 8.34
CA THR A 309 33.87 10.30 7.04
C THR A 309 32.70 9.32 6.88
N SER A 310 32.58 8.32 7.76
CA SER A 310 31.49 7.32 7.76
C SER A 310 30.45 7.64 8.84
N SER A 311 29.27 8.11 8.42
CA SER A 311 28.06 8.31 9.27
C SER A 311 27.77 7.02 10.07
N ASP A 312 27.88 5.88 9.39
CA ASP A 312 27.66 4.51 9.97
C ASP A 312 28.56 4.33 11.19
N ASP A 313 29.88 4.50 11.01
CA ASP A 313 30.91 4.31 12.08
C ASP A 313 30.57 5.23 13.26
N ILE A 314 30.31 6.50 12.98
CA ILE A 314 30.05 7.55 14.02
C ILE A 314 28.78 7.17 14.79
N ALA A 315 27.75 6.70 14.08
CA ALA A 315 26.46 6.27 14.67
C ALA A 315 26.69 5.04 15.57
N GLU A 316 27.48 4.08 15.09
CA GLU A 316 27.85 2.87 15.88
C GLU A 316 28.45 3.35 17.20
N VAL A 317 29.43 4.26 17.17
CA VAL A 317 30.18 4.73 18.37
C VAL A 317 29.26 5.55 19.28
N LEU A 318 28.54 6.55 18.74
CA LEU A 318 27.76 7.49 19.56
C LEU A 318 26.58 6.75 20.22
N PHE A 319 25.85 5.91 19.47
CA PHE A 319 24.48 5.45 19.85
C PHE A 319 24.50 4.00 20.35
N LEU A 320 25.23 3.11 19.68
CA LEU A 320 25.33 1.67 20.08
C LEU A 320 26.36 1.51 21.21
N GLU A 321 27.54 2.11 21.08
CA GLU A 321 28.73 1.75 21.90
C GLU A 321 28.86 2.71 23.10
N LEU A 322 28.12 3.82 23.11
CA LEU A 322 28.14 4.84 24.20
C LEU A 322 26.72 5.11 24.71
N LYS A 323 25.69 4.68 23.97
CA LYS A 323 24.26 4.84 24.32
C LYS A 323 23.95 6.31 24.64
N LEU A 324 24.30 7.26 23.76
CA LEU A 324 23.80 8.66 23.84
C LEU A 324 22.38 8.67 23.26
N PRO A 325 21.52 9.65 23.65
CA PRO A 325 20.11 9.63 23.25
C PRO A 325 19.80 10.14 21.84
N PRO A 326 19.20 9.32 20.95
CA PRO A 326 18.77 9.79 19.63
C PRO A 326 17.34 10.35 19.62
N PHE A 358 19.82 5.94 12.47
CA PHE A 358 20.22 7.01 13.44
C PHE A 358 21.13 8.02 12.72
N SER A 359 20.62 9.25 12.54
CA SER A 359 21.31 10.40 11.87
C SER A 359 22.50 10.88 12.70
N THR A 360 23.52 11.43 12.02
CA THR A 360 24.76 11.99 12.63
C THR A 360 24.94 13.42 12.11
N SER A 361 23.85 14.15 11.92
CA SER A 361 23.85 15.51 11.34
C SER A 361 24.40 16.52 12.37
N LYS A 362 24.73 17.72 11.87
CA LYS A 362 25.13 18.89 12.67
C LYS A 362 24.18 19.06 13.85
N ASP A 363 22.86 19.01 13.58
CA ASP A 363 21.78 19.34 14.56
C ASP A 363 21.81 18.34 15.72
N VAL A 364 21.92 17.05 15.39
CA VAL A 364 22.03 15.93 16.37
C VAL A 364 23.27 16.20 17.24
N LEU A 365 24.46 16.34 16.63
CA LEU A 365 25.75 16.35 17.38
C LEU A 365 25.80 17.65 18.22
N ASN A 366 25.14 18.69 17.74
CA ASN A 366 25.11 20.01 18.41
C ASN A 366 24.33 19.90 19.71
N LYS A 367 23.26 19.10 19.76
CA LYS A 367 22.52 18.79 21.01
C LYS A 367 23.43 17.97 21.92
N LEU A 368 24.04 16.91 21.39
CA LEU A 368 24.72 15.87 22.19
C LEU A 368 26.03 16.40 22.80
N LYS A 369 26.63 17.48 22.26
CA LYS A 369 27.96 17.97 22.72
C LYS A 369 27.84 18.43 24.18
N ALA A 370 26.62 18.77 24.63
CA ALA A 370 26.36 19.11 26.04
C ALA A 370 26.56 17.88 26.95
N LEU A 371 26.55 16.64 26.42
CA LEU A 371 26.50 15.38 27.23
C LEU A 371 27.83 14.60 27.21
N HIS A 372 28.70 14.82 26.22
CA HIS A 372 29.93 14.01 26.03
C HIS A 372 30.84 14.75 25.07
N PRO A 373 32.19 14.71 25.26
CA PRO A 373 33.11 15.46 24.41
C PRO A 373 33.20 15.02 22.94
N LEU A 374 32.89 13.75 22.61
CA LEU A 374 33.14 13.16 21.26
C LEU A 374 32.34 13.87 20.15
N PRO A 375 31.01 14.12 20.30
CA PRO A 375 30.25 14.85 19.28
C PRO A 375 30.84 16.21 18.88
N GLY A 376 31.35 16.97 19.85
CA GLY A 376 32.06 18.25 19.63
C GLY A 376 33.33 18.05 18.82
N LEU A 377 34.14 17.04 19.15
CA LEU A 377 35.37 16.69 18.40
C LEU A 377 35.00 16.37 16.95
N ILE A 378 33.93 15.58 16.74
CA ILE A 378 33.46 15.21 15.37
C ILE A 378 33.18 16.51 14.61
N LEU A 379 32.49 17.46 15.24
CA LEU A 379 32.03 18.69 14.54
C LEU A 379 33.25 19.52 14.14
N GLU A 380 34.24 19.60 15.02
CA GLU A 380 35.45 20.40 14.78
C GLU A 380 36.31 19.71 13.72
N TRP A 381 36.39 18.38 13.76
CA TRP A 381 37.10 17.58 12.74
C TRP A 381 36.54 17.95 11.35
N ARG A 382 35.23 17.97 11.20
CA ARG A 382 34.57 18.19 9.89
C ARG A 382 34.80 19.61 9.46
N ARG A 383 34.79 20.56 10.39
CA ARG A 383 34.97 21.99 10.08
C ARG A 383 36.37 22.19 9.54
N ILE A 384 37.37 21.65 10.23
CA ILE A 384 38.79 21.88 9.86
C ILE A 384 39.11 21.07 8.60
N THR A 385 38.66 19.81 8.52
CA THR A 385 38.87 18.96 7.30
C THR A 385 38.28 19.69 6.10
N ASN A 386 37.14 20.34 6.24
CA ASN A 386 36.50 21.13 5.18
C ASN A 386 37.43 22.24 4.72
N ALA A 387 38.01 23.03 5.64
CA ALA A 387 38.91 24.15 5.30
C ALA A 387 40.13 23.59 4.54
N ILE A 388 40.67 22.45 4.98
CA ILE A 388 41.90 21.86 4.35
C ILE A 388 41.55 21.27 2.97
N THR A 389 40.55 20.40 2.86
CA THR A 389 40.33 19.53 1.67
C THR A 389 39.46 20.21 0.63
N LYS A 390 38.56 21.10 1.03
CA LYS A 390 37.59 21.77 0.14
C LYS A 390 37.99 23.22 -0.11
N VAL A 391 38.98 23.78 0.61
CA VAL A 391 39.37 25.19 0.38
C VAL A 391 40.86 25.27 0.06
N VAL A 392 41.74 24.92 0.99
CA VAL A 392 43.23 24.99 0.75
C VAL A 392 43.63 24.13 -0.46
N PHE A 393 43.21 22.86 -0.55
CA PHE A 393 43.70 21.92 -1.59
C PHE A 393 43.33 22.47 -2.96
N PRO A 394 42.04 22.78 -3.22
CA PRO A 394 41.64 23.35 -4.52
C PRO A 394 42.26 24.71 -4.84
N LEU A 395 42.40 25.64 -3.89
CA LEU A 395 43.03 26.94 -4.17
C LEU A 395 44.49 26.73 -4.57
N GLN A 396 45.24 25.89 -3.84
CA GLN A 396 46.68 25.67 -4.10
C GLN A 396 46.90 24.74 -5.28
N ARG A 397 45.83 24.36 -6.00
CA ARG A 397 45.86 23.50 -7.21
C ARG A 397 45.46 24.35 -8.43
N GLU A 398 44.51 25.26 -8.29
CA GLU A 398 43.95 26.15 -9.32
C GLU A 398 44.76 27.46 -9.44
N LYS A 399 45.71 27.70 -8.53
CA LYS A 399 46.56 28.91 -8.62
C LYS A 399 47.37 28.84 -9.91
N CYS A 400 47.67 30.02 -10.46
CA CYS A 400 48.28 30.21 -11.80
C CYS A 400 49.19 31.44 -11.69
N LEU A 401 50.47 31.33 -12.06
CA LEU A 401 51.38 32.53 -12.07
C LEU A 401 50.88 33.56 -13.09
N ASN A 402 50.75 34.82 -12.66
CA ASN A 402 50.53 35.95 -13.61
C ASN A 402 51.85 36.70 -13.70
N PRO A 403 52.61 36.54 -14.82
CA PRO A 403 53.96 37.10 -14.94
C PRO A 403 53.99 38.64 -15.01
N PHE A 404 52.90 39.31 -15.40
CA PHE A 404 52.83 40.80 -15.51
C PHE A 404 52.71 41.41 -14.11
N LEU A 405 51.71 40.96 -13.35
CA LEU A 405 51.45 41.45 -11.96
C LEU A 405 52.52 40.91 -11.00
N GLY A 406 53.17 39.79 -11.33
CA GLY A 406 54.27 39.20 -10.53
C GLY A 406 53.73 38.55 -9.27
N MET A 407 52.66 37.76 -9.39
CA MET A 407 51.93 37.12 -8.26
C MET A 407 51.13 35.95 -8.80
N GLU A 408 50.69 35.06 -7.90
CA GLU A 408 49.76 33.96 -8.22
C GLU A 408 48.35 34.51 -8.15
N ARG A 409 47.49 33.99 -9.01
CA ARG A 409 46.05 34.37 -9.02
C ARG A 409 45.25 33.11 -9.23
N ILE A 410 43.96 33.20 -8.94
CA ILE A 410 42.96 32.14 -9.18
C ILE A 410 41.95 32.71 -10.14
N TYR A 411 41.52 31.88 -11.09
CA TYR A 411 40.62 32.26 -12.20
C TYR A 411 39.36 31.43 -12.09
N PRO A 412 38.40 31.82 -11.23
CA PRO A 412 37.16 31.08 -11.10
C PRO A 412 36.23 31.42 -12.27
N VAL A 413 35.24 30.56 -12.50
CA VAL A 413 34.32 30.65 -13.66
C VAL A 413 32.97 31.06 -13.10
N SER A 414 32.36 32.11 -13.62
CA SER A 414 31.04 32.60 -13.18
C SER A 414 29.98 31.64 -13.69
N GLN A 415 28.86 31.58 -12.97
CA GLN A 415 27.68 30.75 -13.26
C GLN A 415 26.47 31.61 -12.93
N SER A 416 25.69 31.96 -13.97
CA SER A 416 24.55 32.89 -13.88
C SER A 416 23.24 32.12 -14.02
N HIS A 417 23.29 30.83 -14.27
CA HIS A 417 22.06 30.03 -14.46
C HIS A 417 21.57 29.55 -13.10
N THR A 418 20.87 30.38 -12.34
CA THR A 418 20.45 30.11 -10.95
C THR A 418 18.96 30.38 -10.83
N ALA A 419 18.30 29.86 -9.80
CA ALA A 419 16.83 29.92 -9.67
C ALA A 419 16.35 31.36 -9.49
N THR A 420 17.16 32.21 -8.86
CA THR A 420 16.72 33.54 -8.38
C THR A 420 17.50 34.66 -9.06
N GLY A 421 18.54 34.34 -9.83
CA GLY A 421 19.35 35.34 -10.57
C GLY A 421 20.53 35.82 -9.79
N ARG A 422 20.85 35.14 -8.69
CA ARG A 422 22.18 35.25 -8.05
C ARG A 422 23.25 34.81 -9.05
N ILE A 423 24.47 35.24 -8.80
CA ILE A 423 25.67 34.76 -9.52
C ILE A 423 26.49 33.93 -8.54
N THR A 424 27.03 32.80 -9.01
CA THR A 424 27.88 31.92 -8.19
C THR A 424 29.13 31.60 -9.01
N PHE A 425 30.05 30.83 -8.46
CA PHE A 425 31.34 30.55 -9.11
C PHE A 425 31.66 29.08 -8.93
N THR A 426 32.45 28.55 -9.85
CA THR A 426 32.96 27.16 -9.83
C THR A 426 34.47 27.20 -10.08
N GLU A 427 35.13 26.12 -9.70
CA GLU A 427 36.50 25.75 -10.15
C GLU A 427 37.46 26.89 -9.81
N PRO A 428 37.61 27.25 -8.52
CA PRO A 428 36.81 26.73 -7.40
C PRO A 428 35.70 27.71 -6.99
N ASN A 429 34.78 27.36 -6.09
CA ASN A 429 33.71 28.30 -5.65
C ASN A 429 34.23 29.10 -4.47
N ILE A 430 34.82 30.25 -4.79
CA ILE A 430 35.45 31.21 -3.85
C ILE A 430 34.39 31.82 -2.93
N GLN A 431 33.12 31.79 -3.31
CA GLN A 431 32.05 32.26 -2.39
C GLN A 431 32.03 31.41 -1.11
N ASN A 432 32.58 30.21 -1.10
CA ASN A 432 32.37 29.25 0.02
C ASN A 432 33.59 29.22 0.96
N VAL A 433 34.54 30.11 0.70
CA VAL A 433 35.76 30.20 1.53
C VAL A 433 35.25 30.57 2.91
N PRO A 434 35.63 29.77 3.94
CA PRO A 434 35.20 30.02 5.32
C PRO A 434 35.44 31.46 5.78
N ARG A 435 34.44 31.98 6.53
CA ARG A 435 34.59 33.11 7.49
C ARG A 435 35.75 32.76 8.42
N ASP A 436 36.40 33.79 9.02
CA ASP A 436 37.42 33.61 10.10
C ASP A 436 36.80 32.69 11.17
N PHE A 437 37.60 31.77 11.73
CA PHE A 437 37.22 30.91 12.90
C PHE A 437 38.45 30.62 13.75
N GLU A 438 38.18 30.11 14.95
CA GLU A 438 39.22 29.96 16.01
C GLU A 438 39.50 28.47 16.24
N ILE A 439 40.77 28.15 16.41
CA ILE A 439 41.25 26.82 16.89
C ILE A 439 41.96 27.04 18.22
N LYS A 440 41.58 26.28 19.25
CA LYS A 440 42.26 26.29 20.58
C LYS A 440 43.15 25.04 20.67
N MET A 441 44.40 25.22 21.06
CA MET A 441 45.35 24.13 21.35
C MET A 441 46.13 24.50 22.61
N GLY A 442 46.19 23.59 23.58
CA GLY A 442 46.74 23.87 24.92
C GLY A 442 46.17 25.16 25.51
N GLY A 443 44.87 25.41 25.28
CA GLY A 443 44.18 26.59 25.77
C GLY A 443 44.67 27.90 25.16
N MET A 444 45.39 27.85 24.04
CA MET A 444 45.81 29.07 23.28
C MET A 444 45.01 29.13 21.99
N PRO A 445 44.37 30.28 21.69
CA PRO A 445 43.58 30.43 20.47
C PRO A 445 44.45 30.83 19.27
N PHE A 446 44.22 30.22 18.11
CA PHE A 446 44.82 30.61 16.81
C PHE A 446 43.70 30.94 15.84
N SER A 447 43.79 32.13 15.25
CA SER A 447 42.84 32.63 14.23
C SER A 447 43.13 31.95 12.89
N ILE A 448 42.16 31.23 12.34
CA ILE A 448 42.26 30.70 10.93
C ILE A 448 41.46 31.65 10.05
N SER A 449 42.17 32.44 9.24
CA SER A 449 41.56 33.37 8.27
C SER A 449 41.92 32.96 6.83
N MET A 450 41.13 32.05 6.26
CA MET A 450 41.37 31.56 4.90
C MET A 450 41.28 32.73 3.91
N ARG A 451 40.39 33.69 4.18
CA ARG A 451 40.19 34.85 3.32
C ARG A 451 41.46 35.71 3.26
N HIS A 452 42.32 35.60 4.26
CA HIS A 452 43.58 36.39 4.35
C HIS A 452 44.55 35.97 3.24
N ALA A 453 44.31 34.83 2.58
CA ALA A 453 45.17 34.35 1.46
C ALA A 453 44.87 35.13 0.16
N PHE A 454 43.75 35.84 0.12
CA PHE A 454 43.29 36.54 -1.10
C PHE A 454 43.70 38.00 -1.03
N VAL A 455 44.66 38.38 -1.85
CA VAL A 455 45.43 39.65 -1.70
C VAL A 455 45.31 40.45 -2.98
N PRO A 456 45.46 41.78 -2.93
CA PRO A 456 45.56 42.60 -4.14
C PRO A 456 46.97 42.49 -4.74
N PHE A 457 47.13 42.98 -5.97
CA PHE A 457 48.47 43.12 -6.64
C PHE A 457 49.31 44.01 -5.74
N PRO A 458 50.65 43.88 -5.77
CA PRO A 458 51.54 44.77 -5.03
C PRO A 458 51.23 46.27 -5.21
N GLY A 459 51.05 47.00 -4.11
CA GLY A 459 50.64 48.43 -4.11
C GLY A 459 49.13 48.59 -3.96
N GLY A 460 48.35 47.61 -4.43
CA GLY A 460 46.87 47.68 -4.48
C GLY A 460 46.19 47.47 -3.13
N SER A 461 44.88 47.69 -3.10
CA SER A 461 44.00 47.35 -1.96
C SER A 461 42.80 46.54 -2.45
N ILE A 462 42.22 45.72 -1.58
CA ILE A 462 40.88 45.10 -1.78
C ILE A 462 39.87 46.12 -1.25
N LEU A 463 38.86 46.44 -2.04
CA LEU A 463 37.69 47.25 -1.64
C LEU A 463 36.47 46.34 -1.70
N ALA A 464 35.72 46.28 -0.61
CA ALA A 464 34.44 45.56 -0.50
C ALA A 464 33.36 46.61 -0.19
N ALA A 465 32.28 46.59 -0.95
CA ALA A 465 31.07 47.39 -0.69
C ALA A 465 29.89 46.44 -0.57
N ASP A 466 29.21 46.47 0.55
CA ASP A 466 28.08 45.54 0.89
C ASP A 466 26.83 46.38 1.17
N TYR A 467 25.71 45.95 0.68
CA TYR A 467 24.38 46.52 1.01
C TYR A 467 24.01 46.10 2.42
N SER A 468 23.59 47.03 3.23
CA SER A 468 23.05 46.74 4.60
C SER A 468 21.63 46.17 4.54
N GLN A 469 21.43 44.89 4.81
CA GLN A 469 20.10 44.26 4.94
C GLN A 469 19.28 44.58 3.68
N LEU A 470 19.82 44.23 2.51
CA LEU A 470 19.17 44.55 1.23
C LEU A 470 17.83 43.81 1.15
N GLU A 471 17.80 42.52 1.49
CA GLU A 471 16.57 41.69 1.41
C GLU A 471 15.53 42.25 2.38
N LEU A 472 15.93 42.76 3.55
CA LEU A 472 14.98 43.36 4.52
C LEU A 472 14.44 44.67 3.96
N ARG A 473 15.30 45.47 3.33
CA ARG A 473 14.91 46.79 2.76
C ARG A 473 13.91 46.58 1.62
N ILE A 474 14.15 45.57 0.79
CA ILE A 474 13.24 45.21 -0.33
C ILE A 474 11.93 44.72 0.26
N LEU A 475 11.96 43.90 1.30
CA LEU A 475 10.73 43.35 1.94
C LEU A 475 9.90 44.50 2.53
N ALA A 476 10.55 45.46 3.20
CA ALA A 476 9.90 46.68 3.74
C ALA A 476 9.16 47.39 2.60
N HIS A 477 9.88 47.65 1.50
CA HIS A 477 9.39 48.40 0.31
C HIS A 477 8.13 47.75 -0.24
N LEU A 478 8.09 46.41 -0.30
CA LEU A 478 7.02 45.66 -1.01
C LEU A 478 5.83 45.39 -0.09
N SER A 479 6.03 45.42 1.23
CA SER A 479 4.97 45.16 2.23
C SER A 479 4.53 46.46 2.92
N HIS A 480 5.28 47.55 2.69
CA HIS A 480 5.06 48.90 3.29
C HIS A 480 5.01 48.81 4.82
N ASP A 481 5.64 47.78 5.41
CA ASP A 481 5.52 47.48 6.86
C ASP A 481 6.16 48.61 7.66
N ARG A 482 5.32 49.37 8.38
CA ARG A 482 5.70 50.58 9.16
C ARG A 482 6.69 50.21 10.30
N ARG A 483 6.50 49.06 10.97
CA ARG A 483 7.39 48.59 12.07
C ARG A 483 8.80 48.25 11.54
N LEU A 484 8.90 47.56 10.41
CA LEU A 484 10.23 47.15 9.83
C LEU A 484 10.95 48.43 9.34
N ILE A 485 10.21 49.39 8.77
CA ILE A 485 10.75 50.70 8.31
C ILE A 485 11.37 51.46 9.50
N GLN A 486 10.67 51.53 10.64
CA GLN A 486 11.19 52.20 11.87
C GLN A 486 12.52 51.54 12.26
N VAL A 487 12.50 50.22 12.44
CA VAL A 487 13.69 49.41 12.85
C VAL A 487 14.88 49.79 11.93
N LEU A 488 14.70 49.76 10.61
CA LEU A 488 15.75 50.02 9.61
C LEU A 488 16.20 51.48 9.73
N ASN A 489 15.26 52.39 10.05
CA ASN A 489 15.58 53.88 10.10
C ASN A 489 16.64 54.14 11.20
N THR A 490 16.45 53.57 12.41
CA THR A 490 17.20 53.92 13.65
C THR A 490 17.77 52.66 14.32
N GLY A 491 16.93 51.64 14.52
CA GLY A 491 17.21 50.35 15.20
C GLY A 491 18.61 49.83 15.03
N ALA A 492 19.19 49.26 16.11
CA ALA A 492 20.60 48.79 16.15
C ALA A 492 20.66 47.51 15.30
N ASP A 493 21.73 46.71 15.46
CA ASP A 493 21.83 45.46 14.65
C ASP A 493 20.72 44.48 15.08
N VAL A 494 19.79 44.16 14.14
CA VAL A 494 18.61 43.29 14.43
C VAL A 494 19.12 41.92 14.91
N PHE A 495 20.17 41.39 14.29
CA PHE A 495 20.72 40.04 14.66
C PHE A 495 21.21 40.07 16.12
N ARG A 496 21.89 41.14 16.51
CA ARG A 496 22.45 41.29 17.86
C ARG A 496 21.26 41.39 18.85
N SER A 497 20.25 42.17 18.53
CA SER A 497 19.00 42.35 19.33
C SER A 497 18.39 40.96 19.59
N ILE A 498 18.22 40.13 18.55
CA ILE A 498 17.61 38.77 18.65
C ILE A 498 18.51 37.92 19.56
N ALA A 499 19.82 37.91 19.29
CA ALA A 499 20.82 37.11 20.05
C ALA A 499 20.76 37.49 21.54
N ALA A 500 20.69 38.79 21.88
CA ALA A 500 20.64 39.35 23.24
C ALA A 500 19.38 38.81 23.97
N GLU A 501 18.22 38.96 23.34
CA GLU A 501 16.90 38.58 23.90
C GLU A 501 16.97 37.07 24.16
N TRP A 502 17.57 36.31 23.25
CA TRP A 502 17.60 34.83 23.26
C TRP A 502 18.54 34.35 24.38
N LYS A 503 19.76 34.86 24.44
CA LYS A 503 20.83 34.38 25.36
C LYS A 503 20.87 35.18 26.69
N MET A 504 19.82 35.98 26.97
CA MET A 504 19.60 36.70 28.26
C MET A 504 20.76 37.68 28.51
N ILE A 505 21.16 38.48 27.50
CA ILE A 505 22.38 39.37 27.52
C ILE A 505 22.00 40.75 26.92
N GLU A 506 22.89 41.76 27.06
CA GLU A 506 22.83 43.07 26.34
C GLU A 506 23.61 42.92 25.02
N PRO A 507 23.32 43.75 23.97
CA PRO A 507 23.93 43.58 22.64
C PRO A 507 25.42 43.21 22.52
N GLU A 508 26.29 43.73 23.38
CA GLU A 508 27.75 43.83 23.14
C GLU A 508 28.47 42.47 23.19
N SER A 509 27.95 41.45 23.88
CA SER A 509 28.64 40.16 24.22
C SER A 509 28.68 39.15 23.06
N VAL A 510 27.77 39.30 22.10
CA VAL A 510 27.54 38.42 20.92
C VAL A 510 28.87 38.19 20.18
N GLY A 511 29.31 36.94 20.03
CA GLY A 511 30.41 36.53 19.13
C GLY A 511 29.94 36.46 17.68
N ASP A 512 30.86 36.33 16.72
CA ASP A 512 30.54 36.17 15.27
C ASP A 512 29.61 34.96 15.07
N ASP A 513 29.94 33.82 15.68
CA ASP A 513 29.23 32.53 15.51
C ASP A 513 27.77 32.72 15.97
N LEU A 514 27.56 33.40 17.10
CA LEU A 514 26.21 33.61 17.71
C LEU A 514 25.40 34.57 16.84
N ARG A 515 26.03 35.60 16.30
CA ARG A 515 25.33 36.61 15.45
C ARG A 515 24.84 35.92 14.15
N GLN A 516 25.65 35.01 13.60
CA GLN A 516 25.30 34.14 12.45
C GLN A 516 24.11 33.24 12.82
N GLN A 517 24.09 32.66 14.03
CA GLN A 517 22.94 31.83 14.50
C GLN A 517 21.66 32.67 14.49
N ALA A 518 21.74 33.93 14.94
CA ALA A 518 20.60 34.86 15.04
C ALA A 518 20.17 35.31 13.64
N LYS A 519 21.13 35.48 12.73
CA LYS A 519 20.89 35.82 11.32
C LYS A 519 20.05 34.70 10.69
N GLN A 520 20.44 33.44 10.91
CA GLN A 520 19.76 32.22 10.39
C GLN A 520 18.32 32.19 10.93
N ILE A 521 18.15 32.51 12.21
CA ILE A 521 16.82 32.55 12.91
C ILE A 521 15.93 33.60 12.24
N CYS A 522 16.44 34.80 12.03
CA CYS A 522 15.67 35.96 11.53
C CYS A 522 15.22 35.71 10.09
N TYR A 523 16.12 35.39 9.18
CA TYR A 523 15.77 35.09 7.74
C TYR A 523 14.94 33.80 7.68
N GLY A 524 15.27 32.82 8.51
CA GLY A 524 14.52 31.54 8.61
C GLY A 524 13.05 31.78 8.87
N ILE A 525 12.76 32.53 9.93
CA ILE A 525 11.37 32.85 10.35
C ILE A 525 10.70 33.57 9.17
N ILE A 526 11.34 34.62 8.63
CA ILE A 526 10.76 35.46 7.54
C ILE A 526 10.41 34.57 6.34
N TYR A 527 11.20 33.54 6.03
CA TYR A 527 11.02 32.77 4.78
C TYR A 527 10.33 31.44 5.07
N GLY A 528 9.64 31.33 6.21
CA GLY A 528 8.62 30.30 6.48
C GLY A 528 9.12 29.10 7.28
N MET A 529 10.20 29.24 8.02
CA MET A 529 10.70 28.22 8.97
C MET A 529 9.59 27.88 9.98
N GLY A 530 9.45 26.60 10.30
CA GLY A 530 8.43 26.04 11.23
C GLY A 530 8.94 25.88 12.65
N ALA A 531 8.05 25.63 13.59
CA ALA A 531 8.36 25.59 15.05
C ALA A 531 9.36 24.46 15.38
N LYS A 532 9.17 23.25 14.83
CA LYS A 532 10.11 22.12 15.05
C LYS A 532 11.55 22.58 14.73
N SER A 533 11.84 23.05 13.52
CA SER A 533 13.21 23.53 13.13
C SER A 533 13.63 24.72 14.00
N LEU A 534 12.76 25.70 14.27
CA LEU A 534 13.20 26.91 15.03
C LEU A 534 13.62 26.45 16.43
N GLY A 535 12.83 25.57 17.02
CA GLY A 535 13.17 24.86 18.25
C GLY A 535 14.57 24.24 18.26
N GLU A 536 14.90 23.38 17.27
CA GLU A 536 16.29 22.78 17.18
C GLU A 536 17.32 23.92 17.22
N GLN A 537 17.02 25.03 16.54
CA GLN A 537 18.07 26.08 16.28
C GLN A 537 18.26 26.92 17.53
N MET A 538 17.15 27.29 18.19
CA MET A 538 17.13 28.18 19.37
C MET A 538 17.33 27.35 20.66
N GLY A 539 17.26 26.02 20.57
CA GLY A 539 17.34 25.09 21.70
C GLY A 539 16.16 25.26 22.62
N ILE A 540 14.93 25.43 22.09
CA ILE A 540 13.70 25.61 22.91
C ILE A 540 12.64 24.62 22.39
N LYS A 541 11.58 24.42 23.17
CA LYS A 541 10.49 23.45 22.84
C LYS A 541 9.72 23.99 21.64
N GLU A 542 9.18 23.08 20.80
CA GLU A 542 8.41 23.42 19.57
C GLU A 542 7.37 24.51 19.95
N ASN A 543 6.70 24.32 21.09
CA ASN A 543 5.64 25.27 21.59
C ASN A 543 6.21 26.69 21.75
N ASP A 544 7.42 26.81 22.32
CA ASP A 544 8.05 28.13 22.60
C ASP A 544 8.43 28.73 21.25
N ALA A 545 8.91 27.92 20.29
CA ALA A 545 9.30 28.39 18.95
C ALA A 545 8.03 28.93 18.26
N ALA A 546 6.92 28.22 18.39
CA ALA A 546 5.63 28.54 17.72
C ALA A 546 5.13 29.87 18.27
N CYS A 547 5.33 30.11 19.57
CA CYS A 547 4.97 31.42 20.22
C CYS A 547 5.80 32.52 19.56
N TYR A 548 7.11 32.30 19.44
CA TYR A 548 8.07 33.26 18.81
C TYR A 548 7.57 33.59 17.40
N ILE A 549 7.18 32.59 16.59
CA ILE A 549 6.66 32.79 15.22
C ILE A 549 5.42 33.70 15.27
N ASP A 550 4.48 33.42 16.19
CA ASP A 550 3.22 34.19 16.31
C ASP A 550 3.56 35.66 16.61
N SER A 551 4.47 35.90 17.56
CA SER A 551 4.92 37.25 17.98
C SER A 551 5.43 37.99 16.77
N PHE A 552 6.30 37.40 15.95
CA PHE A 552 6.83 37.99 14.69
C PHE A 552 5.67 38.46 13.79
N LYS A 553 4.78 37.53 13.47
CA LYS A 553 3.60 37.75 12.57
C LYS A 553 2.77 38.89 13.16
N SER A 554 2.53 38.90 14.48
CA SER A 554 1.71 39.97 15.14
C SER A 554 2.37 41.36 15.00
N ARG A 555 3.66 41.45 15.26
CA ARG A 555 4.42 42.75 15.30
C ARG A 555 4.57 43.31 13.90
N TYR A 556 4.74 42.46 12.87
CA TYR A 556 4.94 42.94 11.47
C TYR A 556 3.81 42.40 10.58
N THR A 557 2.63 43.03 10.67
CA THR A 557 1.39 42.56 10.00
C THR A 557 1.46 42.84 8.50
N GLY A 558 2.12 43.92 8.08
CA GLY A 558 2.37 44.26 6.66
C GLY A 558 3.03 43.10 5.94
N ILE A 559 4.11 42.56 6.53
CA ILE A 559 4.90 41.43 5.97
C ILE A 559 3.93 40.27 5.72
N ASN A 560 3.15 39.89 6.73
CA ASN A 560 2.23 38.72 6.69
C ASN A 560 1.16 38.92 5.61
N GLN A 561 0.70 40.14 5.37
CA GLN A 561 -0.31 40.44 4.32
C GLN A 561 0.33 40.18 2.97
N PHE A 562 1.60 40.58 2.80
CA PHE A 562 2.39 40.47 1.55
C PHE A 562 2.68 38.99 1.25
N MET A 563 2.97 38.17 2.27
CA MET A 563 3.10 36.69 2.15
C MET A 563 1.82 36.08 1.58
N THR A 564 0.65 36.38 2.13
CA THR A 564 -0.64 35.77 1.71
C THR A 564 -1.03 36.31 0.33
N GLU A 565 -0.75 37.58 0.04
CA GLU A 565 -1.06 38.27 -1.25
C GLU A 565 -0.13 37.73 -2.35
N THR A 566 1.09 37.31 -1.99
CA THR A 566 2.08 36.74 -2.95
C THR A 566 1.69 35.28 -3.26
N VAL A 567 1.26 34.53 -2.25
CA VAL A 567 0.83 33.11 -2.43
C VAL A 567 -0.48 33.08 -3.25
N LYS A 568 -1.45 33.93 -2.93
CA LYS A 568 -2.73 34.03 -3.69
C LYS A 568 -2.41 34.29 -5.17
N ASN A 569 -1.57 35.29 -5.44
CA ASN A 569 -1.26 35.75 -6.83
C ASN A 569 -0.46 34.67 -7.56
N CYS A 570 0.39 33.91 -6.86
CA CYS A 570 1.20 32.81 -7.46
C CYS A 570 0.28 31.66 -7.89
N LYS A 571 -0.64 31.26 -7.02
CA LYS A 571 -1.62 30.15 -7.23
C LYS A 571 -2.39 30.41 -8.53
N ARG A 572 -2.88 31.65 -8.70
CA ARG A 572 -3.60 32.18 -9.89
C ARG A 572 -2.73 32.08 -11.15
N ASP A 573 -1.50 32.61 -11.13
CA ASP A 573 -0.67 32.91 -12.33
C ASP A 573 0.28 31.75 -12.68
N GLY A 574 0.63 30.90 -11.71
CA GLY A 574 1.64 29.83 -11.88
C GLY A 574 3.07 30.33 -11.79
N PHE A 575 3.30 31.60 -11.41
CA PHE A 575 4.63 32.23 -11.30
C PHE A 575 4.64 33.40 -10.31
N VAL A 576 5.85 33.87 -9.97
CA VAL A 576 6.10 35.15 -9.25
C VAL A 576 7.05 35.99 -10.10
N GLN A 577 7.10 37.29 -9.87
CA GLN A 577 7.96 38.24 -10.62
C GLN A 577 8.82 39.04 -9.65
N THR A 578 10.04 39.35 -10.07
CA THR A 578 11.00 40.20 -9.33
C THR A 578 10.72 41.66 -9.67
N ILE A 579 11.46 42.58 -9.04
CA ILE A 579 11.36 44.05 -9.25
C ILE A 579 11.57 44.39 -10.74
N LEU A 580 12.34 43.61 -11.51
CA LEU A 580 12.66 43.94 -12.93
C LEU A 580 11.77 43.17 -13.91
N GLY A 581 10.90 42.27 -13.43
CA GLY A 581 9.91 41.59 -14.28
C GLY A 581 10.25 40.16 -14.62
N ARG A 582 11.38 39.64 -14.13
CA ARG A 582 11.77 38.23 -14.38
C ARG A 582 10.76 37.33 -13.66
N ARG A 583 10.41 36.20 -14.29
CA ARG A 583 9.36 35.28 -13.82
C ARG A 583 9.98 33.96 -13.40
N ARG A 584 9.54 33.43 -12.26
CA ARG A 584 9.92 32.06 -11.87
C ARG A 584 8.62 31.26 -11.80
N TYR A 585 8.60 30.13 -12.49
CA TYR A 585 7.42 29.27 -12.60
C TYR A 585 7.46 28.27 -11.43
N LEU A 586 6.39 28.22 -10.64
CA LEU A 586 6.28 27.41 -9.40
C LEU A 586 4.99 26.60 -9.46
N PRO A 587 4.91 25.59 -10.35
CA PRO A 587 3.69 24.79 -10.52
C PRO A 587 3.37 23.88 -9.31
N GLY A 588 4.34 23.70 -8.40
CA GLY A 588 4.13 23.10 -7.07
C GLY A 588 3.11 23.87 -6.25
N ILE A 589 2.85 25.14 -6.57
CA ILE A 589 1.91 26.03 -5.82
C ILE A 589 0.49 25.43 -5.85
N LYS A 590 0.09 24.74 -6.93
CA LYS A 590 -1.28 24.14 -7.08
C LYS A 590 -1.30 22.74 -6.45
N ASP A 591 -0.15 22.11 -6.27
CA ASP A 591 -0.01 20.69 -5.82
C ASP A 591 -0.84 20.45 -4.54
N ASN A 592 -1.47 19.28 -4.46
CA ASN A 592 -2.36 18.82 -3.36
C ASN A 592 -1.51 18.37 -2.18
N ASN A 593 -0.34 17.76 -2.45
CA ASN A 593 0.64 17.33 -1.43
C ASN A 593 0.96 18.52 -0.54
N PRO A 594 0.77 18.41 0.80
CA PRO A 594 1.07 19.53 1.70
C PRO A 594 2.52 20.06 1.65
N TYR A 595 3.53 19.17 1.58
CA TYR A 595 4.95 19.61 1.54
C TYR A 595 5.20 20.43 0.28
N ARG A 596 5.02 19.82 -0.90
CA ARG A 596 5.29 20.45 -2.21
C ARG A 596 4.57 21.80 -2.29
N LYS A 597 3.33 21.89 -1.80
CA LYS A 597 2.57 23.16 -1.80
C LYS A 597 3.32 24.19 -0.93
N ALA A 598 3.65 23.83 0.30
CA ALA A 598 4.28 24.75 1.28
C ALA A 598 5.66 25.18 0.77
N HIS A 599 6.42 24.27 0.18
CA HIS A 599 7.76 24.53 -0.42
C HIS A 599 7.63 25.62 -1.49
N ALA A 600 6.68 25.46 -2.40
CA ALA A 600 6.37 26.41 -3.50
C ALA A 600 5.99 27.78 -2.92
N GLU A 601 5.14 27.81 -1.89
CA GLU A 601 4.71 29.08 -1.23
C GLU A 601 5.96 29.78 -0.70
N ARG A 602 6.88 29.04 -0.09
CA ARG A 602 8.13 29.59 0.52
C ARG A 602 9.04 30.10 -0.61
N GLN A 603 9.16 29.35 -1.70
CA GLN A 603 9.91 29.75 -2.91
C GLN A 603 9.27 31.01 -3.50
N ALA A 604 7.95 31.10 -3.49
CA ALA A 604 7.23 32.24 -4.07
C ALA A 604 7.70 33.52 -3.36
N ILE A 605 7.59 33.53 -2.03
CA ILE A 605 7.95 34.70 -1.18
C ILE A 605 9.44 34.98 -1.36
N ASN A 606 10.28 33.96 -1.21
CA ASN A 606 11.75 34.15 -1.16
C ASN A 606 12.26 34.60 -2.55
N THR A 607 11.71 34.04 -3.63
CA THR A 607 12.17 34.38 -4.99
C THR A 607 11.96 35.87 -5.23
N ILE A 608 10.82 36.43 -4.89
CA ILE A 608 10.57 37.88 -5.13
C ILE A 608 11.65 38.70 -4.42
N VAL A 609 11.97 38.42 -3.15
CA VAL A 609 12.88 39.29 -2.35
C VAL A 609 14.32 39.03 -2.77
N GLN A 610 14.74 37.76 -2.78
CA GLN A 610 16.14 37.35 -3.09
C GLN A 610 16.43 37.69 -4.56
N GLY A 611 15.47 37.44 -5.46
CA GLY A 611 15.62 37.74 -6.91
C GLY A 611 15.71 39.23 -7.18
N SER A 612 14.91 40.01 -6.49
CA SER A 612 14.93 41.50 -6.57
C SER A 612 16.31 42.02 -6.13
N ALA A 613 16.85 41.47 -5.04
CA ALA A 613 18.17 41.90 -4.49
C ALA A 613 19.25 41.61 -5.54
N ALA A 614 19.14 40.47 -6.21
CA ALA A 614 20.11 40.02 -7.23
C ALA A 614 20.04 40.96 -8.44
N ASP A 615 18.85 41.44 -8.79
CA ASP A 615 18.62 42.43 -9.88
C ASP A 615 19.34 43.74 -9.50
N ILE A 616 19.18 44.21 -8.27
CA ILE A 616 19.75 45.52 -7.81
C ILE A 616 21.27 45.43 -7.90
N VAL A 617 21.86 44.31 -7.47
CA VAL A 617 23.35 44.16 -7.40
C VAL A 617 23.89 44.13 -8.83
N LYS A 618 23.21 43.43 -9.74
CA LYS A 618 23.59 43.38 -11.18
C LYS A 618 23.57 44.81 -11.74
N ILE A 619 22.51 45.57 -11.50
CA ILE A 619 22.39 46.95 -12.02
C ILE A 619 23.57 47.76 -11.45
N ALA A 620 23.84 47.65 -10.15
CA ALA A 620 24.95 48.36 -9.49
C ALA A 620 26.26 48.01 -10.19
N THR A 621 26.49 46.72 -10.42
CA THR A 621 27.75 46.20 -11.00
C THR A 621 27.96 46.86 -12.36
N VAL A 622 26.91 46.86 -13.18
CA VAL A 622 26.94 47.35 -14.57
C VAL A 622 27.21 48.86 -14.55
N ASN A 623 26.52 49.58 -13.69
CA ASN A 623 26.62 51.06 -13.58
C ASN A 623 28.01 51.46 -13.05
N ILE A 624 28.60 50.69 -12.14
CA ILE A 624 29.97 50.95 -11.62
C ILE A 624 30.95 50.77 -12.79
N GLN A 625 30.81 49.70 -13.55
CA GLN A 625 31.75 49.37 -14.66
C GLN A 625 31.73 50.51 -15.69
N LYS A 626 30.54 51.03 -16.06
CA LYS A 626 30.42 52.18 -17.00
C LYS A 626 31.26 53.35 -16.45
N GLN A 627 31.00 53.75 -15.21
CA GLN A 627 31.73 54.87 -14.53
C GLN A 627 33.23 54.61 -14.54
N LEU A 628 33.67 53.43 -14.14
CA LEU A 628 35.14 53.12 -14.05
C LEU A 628 35.78 53.33 -15.43
N GLU A 629 35.07 53.00 -16.51
CA GLU A 629 35.62 53.02 -17.89
C GLU A 629 35.63 54.47 -18.43
N THR A 630 34.85 55.39 -17.88
CA THR A 630 34.88 56.83 -18.29
C THR A 630 36.15 57.46 -17.73
N PHE A 631 36.43 57.26 -16.44
CA PHE A 631 37.61 57.80 -15.73
C PHE A 631 38.83 56.94 -16.09
N HIS A 632 38.65 55.98 -17.03
CA HIS A 632 39.63 54.95 -17.43
C HIS A 632 40.61 55.55 -18.47
N SER A 633 41.69 56.16 -17.97
CA SER A 633 42.95 56.44 -18.72
C SER A 633 43.82 55.17 -18.78
N THR A 634 43.19 53.98 -18.77
CA THR A 634 43.87 52.67 -18.50
C THR A 634 43.01 51.46 -18.91
N PHE A 635 43.58 50.26 -18.77
CA PHE A 635 43.05 48.98 -19.30
C PHE A 635 41.84 48.54 -18.46
N LYS A 636 40.81 47.99 -19.11
CA LYS A 636 39.51 47.68 -18.46
C LYS A 636 39.62 46.36 -17.68
N SER A 637 40.70 45.57 -17.84
CA SER A 637 40.94 44.31 -17.10
C SER A 637 42.42 43.99 -17.16
N HIS A 638 42.91 43.14 -16.28
CA HIS A 638 44.28 42.59 -16.36
C HIS A 638 44.48 41.86 -17.69
N GLY A 639 43.44 41.20 -18.21
CA GLY A 639 43.51 40.47 -19.50
C GLY A 639 43.83 41.42 -20.62
N HIS A 640 43.21 42.60 -20.63
CA HIS A 640 43.44 43.65 -21.66
C HIS A 640 44.94 44.02 -21.69
N ARG A 641 45.74 43.76 -20.64
CA ARG A 641 47.23 43.93 -20.72
C ARG A 641 47.89 42.67 -21.29
N GLU A 642 47.57 41.47 -20.78
CA GLU A 642 48.02 40.18 -21.39
C GLU A 642 47.79 40.21 -22.91
N GLY A 643 46.52 40.39 -23.36
CA GLY A 643 46.09 40.40 -24.77
C GLY A 643 46.61 41.60 -25.56
N MET A 644 47.12 42.65 -24.88
CA MET A 644 47.81 43.82 -25.48
C MET A 644 49.06 43.34 -26.24
N LEU A 645 49.96 42.62 -25.56
CA LEU A 645 51.21 42.00 -26.11
C LEU A 645 50.83 40.85 -27.05
N CYS A 663 54.77 51.46 -16.57
CA CYS A 663 53.32 51.75 -16.77
C CYS A 663 52.49 51.15 -15.64
N PRO A 664 52.49 51.75 -14.43
CA PRO A 664 51.87 51.13 -13.25
C PRO A 664 50.36 50.91 -13.39
N ILE A 665 49.79 50.01 -12.57
CA ILE A 665 48.34 49.70 -12.60
C ILE A 665 47.55 50.86 -12.00
N ARG A 666 46.51 51.29 -12.69
CA ARG A 666 45.54 52.32 -12.24
C ARG A 666 44.14 51.77 -12.37
N GLY A 667 43.25 52.25 -11.51
CA GLY A 667 41.80 51.95 -11.56
C GLY A 667 41.40 50.81 -10.65
N GLY A 668 40.20 50.28 -10.88
CA GLY A 668 39.53 49.28 -10.05
C GLY A 668 39.14 48.09 -10.91
N PHE A 669 39.40 46.90 -10.40
CA PHE A 669 39.21 45.63 -11.13
C PHE A 669 38.21 44.80 -10.32
N PHE A 670 37.07 44.49 -10.92
CA PHE A 670 36.03 43.60 -10.35
C PHE A 670 36.64 42.22 -10.15
N ILE A 671 36.74 41.75 -8.91
CA ILE A 671 37.41 40.45 -8.63
C ILE A 671 36.43 39.41 -8.06
N LEU A 672 35.35 39.80 -7.42
CA LEU A 672 34.42 38.81 -6.80
C LEU A 672 33.06 39.41 -6.51
N GLN A 673 32.02 38.62 -6.66
CA GLN A 673 30.65 38.98 -6.26
C GLN A 673 30.27 38.04 -5.13
N LEU A 674 29.67 38.58 -4.07
CA LEU A 674 29.19 37.84 -2.88
C LEU A 674 27.73 38.18 -2.57
N HIS A 675 26.87 38.20 -3.58
CA HIS A 675 25.39 38.23 -3.47
C HIS A 675 24.87 39.64 -3.12
N ASP A 676 25.34 40.22 -2.02
CA ASP A 676 24.95 41.63 -1.66
C ASP A 676 26.21 42.48 -1.54
N GLU A 677 27.33 42.01 -2.06
CA GLU A 677 28.66 42.60 -1.80
C GLU A 677 29.53 42.47 -3.06
N LEU A 678 30.22 43.53 -3.46
CA LEU A 678 31.14 43.57 -4.61
C LEU A 678 32.56 43.78 -4.10
N LEU A 679 33.51 42.99 -4.57
CA LEU A 679 34.96 43.18 -4.27
C LEU A 679 35.64 43.70 -5.53
N TYR A 680 36.43 44.75 -5.36
CA TYR A 680 37.33 45.33 -6.38
C TYR A 680 38.75 45.35 -5.82
N GLU A 681 39.69 45.10 -6.70
CA GLU A 681 41.15 45.26 -6.47
C GLU A 681 41.49 46.65 -7.01
N VAL A 682 42.08 47.54 -6.21
CA VAL A 682 42.18 48.98 -6.58
C VAL A 682 43.59 49.49 -6.34
N ALA A 683 44.15 50.24 -7.29
CA ALA A 683 45.47 50.88 -7.17
C ALA A 683 45.42 51.89 -6.02
N GLU A 684 46.49 51.98 -5.22
CA GLU A 684 46.58 52.85 -4.01
C GLU A 684 46.02 54.26 -4.29
N GLU A 685 46.43 54.88 -5.41
CA GLU A 685 46.09 56.27 -5.85
C GLU A 685 44.58 56.41 -6.06
N ASP A 686 43.89 55.32 -6.35
CA ASP A 686 42.53 55.42 -6.94
C ASP A 686 41.49 54.98 -5.90
N VAL A 687 41.88 54.58 -4.69
CA VAL A 687 40.93 53.92 -3.75
C VAL A 687 39.88 54.92 -3.29
N VAL A 688 40.22 56.18 -3.07
CA VAL A 688 39.23 57.19 -2.61
C VAL A 688 38.16 57.35 -3.70
N GLN A 689 38.57 57.57 -4.95
CA GLN A 689 37.66 57.87 -6.08
C GLN A 689 36.78 56.65 -6.38
N VAL A 690 37.38 55.45 -6.44
CA VAL A 690 36.65 54.18 -6.72
C VAL A 690 35.66 53.90 -5.58
N ALA A 691 36.01 54.15 -4.33
CA ALA A 691 35.12 53.93 -3.17
C ALA A 691 33.88 54.83 -3.29
N GLN A 692 34.07 56.10 -3.70
CA GLN A 692 32.97 57.08 -3.92
C GLN A 692 32.04 56.58 -5.04
N ILE A 693 32.61 56.23 -6.19
CA ILE A 693 31.87 55.71 -7.37
C ILE A 693 31.06 54.48 -6.96
N VAL A 694 31.70 53.51 -6.32
CA VAL A 694 31.06 52.20 -5.94
C VAL A 694 29.87 52.49 -5.02
N LYS A 695 30.06 53.28 -3.97
CA LYS A 695 29.02 53.61 -2.96
C LYS A 695 27.88 54.38 -3.63
N ASN A 696 28.20 55.43 -4.38
CA ASN A 696 27.19 56.28 -5.05
C ASN A 696 26.32 55.40 -5.96
N GLU A 697 26.94 54.57 -6.81
CA GLU A 697 26.23 53.75 -7.84
C GLU A 697 25.41 52.65 -7.17
N MET A 698 25.87 52.10 -6.04
CA MET A 698 25.13 51.02 -5.33
C MET A 698 23.91 51.63 -4.64
N GLU A 699 24.02 52.83 -4.06
CA GLU A 699 22.94 53.57 -3.35
C GLU A 699 21.90 54.12 -4.33
N SER A 700 22.28 54.38 -5.58
CA SER A 700 21.43 54.92 -6.68
C SER A 700 20.89 53.82 -7.60
N ALA A 701 21.22 52.54 -7.39
CA ALA A 701 20.93 51.46 -8.35
C ALA A 701 19.43 51.47 -8.70
N VAL A 702 18.57 51.53 -7.67
CA VAL A 702 17.09 51.66 -7.83
C VAL A 702 16.59 52.60 -6.72
N LYS A 703 15.37 53.15 -6.87
CA LYS A 703 14.71 53.98 -5.84
C LYS A 703 13.61 53.14 -5.19
N LEU A 704 13.74 52.87 -3.88
CA LEU A 704 12.73 52.16 -3.05
C LEU A 704 12.11 53.16 -2.05
N SER A 705 11.17 52.69 -1.24
CA SER A 705 10.51 53.42 -0.12
C SER A 705 11.56 53.77 0.93
N VAL A 706 12.63 52.96 1.03
CA VAL A 706 13.72 53.10 2.03
C VAL A 706 15.03 53.39 1.28
N LYS A 707 15.99 54.02 1.97
CA LYS A 707 17.36 54.27 1.46
C LYS A 707 18.11 52.92 1.41
N LEU A 708 18.84 52.70 0.32
CA LEU A 708 19.80 51.58 0.18
C LEU A 708 21.09 52.01 0.85
N LYS A 709 21.35 51.53 2.06
CA LYS A 709 22.58 51.88 2.83
C LYS A 709 23.72 51.00 2.33
N VAL A 710 24.91 51.58 2.16
CA VAL A 710 26.13 50.84 1.71
C VAL A 710 27.28 51.12 2.67
N LYS A 711 27.89 50.07 3.22
CA LYS A 711 29.17 50.09 3.96
C LYS A 711 30.30 49.72 3.00
N VAL A 712 31.36 50.50 2.99
CA VAL A 712 32.62 50.25 2.25
C VAL A 712 33.72 49.86 3.25
N LYS A 713 34.48 48.83 2.96
CA LYS A 713 35.68 48.40 3.72
C LYS A 713 36.84 48.30 2.74
N ILE A 714 38.06 48.29 3.26
CA ILE A 714 39.30 48.35 2.45
C ILE A 714 40.42 47.64 3.24
N GLY A 715 41.37 47.02 2.55
CA GLY A 715 42.42 46.28 3.25
C GLY A 715 43.41 45.61 2.33
N ALA A 716 44.43 45.01 2.94
CA ALA A 716 45.57 44.36 2.26
C ALA A 716 45.23 42.91 1.94
N SER A 717 44.03 42.46 2.33
CA SER A 717 43.50 41.11 2.03
C SER A 717 42.01 41.11 2.30
N TRP A 718 41.33 40.11 1.75
CA TRP A 718 39.88 39.88 1.94
C TRP A 718 39.64 39.62 3.43
N GLY A 719 40.63 39.04 4.10
CA GLY A 719 40.52 38.63 5.51
C GLY A 719 40.74 39.80 6.47
N GLU A 720 41.44 40.87 6.06
CA GLU A 720 41.79 42.01 6.95
C GLU A 720 41.14 43.30 6.43
N LEU A 721 39.84 43.31 6.17
CA LEU A 721 39.17 44.52 5.63
C LEU A 721 38.78 45.40 6.81
N LYS A 722 38.99 46.71 6.70
CA LYS A 722 38.67 47.70 7.75
C LYS A 722 37.63 48.69 7.19
N ASP A 723 36.67 49.10 8.03
CA ASP A 723 35.69 50.19 7.74
C ASP A 723 36.44 51.39 7.17
N PHE A 724 35.86 51.99 6.16
CA PHE A 724 36.39 53.15 5.41
C PHE A 724 35.22 54.10 5.14
N ASP A 725 35.18 55.23 5.86
CA ASP A 725 34.10 56.26 5.77
C ASP A 725 34.28 57.03 4.45
N VAL A 726 33.28 56.97 3.57
CA VAL A 726 33.34 57.64 2.22
C VAL A 726 32.31 58.78 2.20
N SER B 5 89.12 73.62 66.58
CA SER B 5 90.07 72.68 65.88
C SER B 5 89.84 71.23 66.34
N LEU B 6 89.98 70.26 65.42
CA LEU B 6 89.83 68.82 65.71
C LEU B 6 90.92 68.40 66.68
N SER B 7 90.55 67.77 67.79
CA SER B 7 91.47 67.17 68.79
C SER B 7 91.21 65.68 68.97
N ILE B 8 92.27 64.90 68.98
CA ILE B 8 92.29 63.44 69.22
C ILE B 8 92.97 63.19 70.56
N ILE B 9 92.20 62.76 71.57
CA ILE B 9 92.71 62.40 72.92
C ILE B 9 93.01 60.91 72.92
N ASP B 10 94.29 60.56 73.04
CA ASP B 10 94.78 59.16 73.16
C ASP B 10 94.62 58.69 74.61
N VAL B 11 93.46 58.13 74.93
CA VAL B 11 93.01 57.86 76.33
C VAL B 11 93.93 56.80 76.95
N ALA B 12 94.53 55.91 76.18
CA ALA B 12 95.35 54.77 76.69
C ALA B 12 96.82 55.18 76.85
N SER B 13 97.14 56.47 76.71
CA SER B 13 98.54 56.97 76.80
C SER B 13 98.91 57.18 78.27
N ASP B 14 97.92 57.26 79.16
CA ASP B 14 98.12 57.58 80.59
C ASP B 14 96.95 57.00 81.40
N GLN B 15 97.28 56.18 82.43
CA GLN B 15 96.33 55.48 83.34
C GLN B 15 95.29 56.50 83.85
N ASN B 16 95.75 57.68 84.28
CA ASN B 16 94.89 58.72 84.92
C ASN B 16 93.89 59.27 83.90
N LEU B 17 94.35 59.58 82.68
CA LEU B 17 93.49 60.11 81.57
C LEU B 17 92.44 59.04 81.21
N PHE B 18 92.89 57.77 81.17
CA PHE B 18 92.05 56.59 80.81
C PHE B 18 90.85 56.46 81.74
N GLN B 19 91.06 56.51 83.05
CA GLN B 19 90.00 56.33 84.09
C GLN B 19 89.04 57.51 84.03
N THR B 20 89.56 58.73 83.83
CA THR B 20 88.72 59.96 83.65
C THR B 20 87.80 59.77 82.45
N PHE B 21 88.38 59.32 81.32
CA PHE B 21 87.62 59.00 80.09
C PHE B 21 86.58 57.92 80.40
N ILE B 22 86.96 56.83 81.09
CA ILE B 22 86.04 55.68 81.33
C ILE B 22 84.89 56.19 82.20
N LYS B 23 85.18 56.94 83.26
CA LYS B 23 84.15 57.51 84.16
C LYS B 23 83.16 58.35 83.33
N GLU B 24 83.66 59.29 82.50
CA GLU B 24 82.81 60.16 81.64
C GLU B 24 81.99 59.30 80.68
N TRP B 25 82.65 58.39 79.97
CA TRP B 25 81.98 57.52 78.97
C TRP B 25 80.81 56.80 79.63
N ARG B 26 80.98 56.27 80.85
CA ARG B 26 79.97 55.40 81.50
C ARG B 26 78.74 56.26 81.80
N CYS B 27 78.84 57.60 81.92
CA CYS B 27 77.58 58.34 82.19
C CYS B 27 76.91 58.89 80.92
N LYS B 28 77.41 58.60 79.72
CA LYS B 28 76.86 59.23 78.47
C LYS B 28 75.64 58.44 78.00
N LYS B 29 74.59 59.16 77.61
CA LYS B 29 73.37 58.53 77.05
C LYS B 29 73.48 58.51 75.52
N ARG B 30 74.45 59.19 74.90
CA ARG B 30 74.61 59.20 73.43
C ARG B 30 76.07 59.39 73.07
N PHE B 31 76.58 58.60 72.12
CA PHE B 31 77.93 58.75 71.57
C PHE B 31 77.99 57.99 70.26
N SER B 32 79.01 58.32 69.49
CA SER B 32 79.34 57.65 68.23
C SER B 32 80.58 56.81 68.49
N ILE B 33 80.76 55.72 67.76
CA ILE B 33 82.05 55.00 67.71
C ILE B 33 82.34 54.75 66.25
N SER B 34 83.62 54.67 65.97
CA SER B 34 84.14 54.29 64.65
C SER B 34 85.36 53.41 64.87
N LEU B 35 85.39 52.25 64.23
CA LEU B 35 86.49 51.28 64.30
C LEU B 35 87.62 51.77 63.42
N ALA B 36 88.86 51.61 63.87
CA ALA B 36 90.08 51.93 63.12
C ALA B 36 90.64 50.61 62.60
N CYS B 37 90.59 50.39 61.29
CA CYS B 37 91.24 49.25 60.60
C CYS B 37 92.40 49.80 59.77
N GLU B 38 93.53 49.09 59.77
CA GLU B 38 94.75 49.33 58.96
C GLU B 38 95.19 48.01 58.31
N LYS B 39 95.93 48.10 57.21
CA LYS B 39 96.63 46.95 56.59
C LYS B 39 97.87 46.66 57.42
N ILE B 40 98.28 45.39 57.45
CA ILE B 40 99.45 44.90 58.23
C ILE B 40 100.74 45.53 57.71
N ILE B 66 97.13 35.48 66.94
CA ILE B 66 97.23 36.54 68.00
C ILE B 66 98.46 37.41 67.69
N ARG B 67 98.25 38.72 67.50
CA ARG B 67 99.30 39.69 67.12
C ARG B 67 99.32 40.82 68.16
N ASP B 68 100.45 41.52 68.30
CA ASP B 68 100.64 42.62 69.29
C ASP B 68 100.02 43.92 68.77
N ASP B 69 99.77 44.00 67.46
CA ASP B 69 99.48 45.28 66.77
C ASP B 69 97.99 45.40 66.40
N GLY B 70 97.15 44.42 66.80
CA GLY B 70 95.68 44.51 66.73
C GLY B 70 95.02 43.19 66.40
N PHE B 71 93.72 43.21 66.12
CA PHE B 71 92.86 42.01 65.94
C PHE B 71 92.64 41.72 64.46
N PRO B 72 93.07 40.55 63.93
CA PRO B 72 92.66 40.12 62.59
C PRO B 72 91.14 40.18 62.38
N ILE B 73 90.73 40.47 61.15
CA ILE B 73 89.32 40.53 60.71
C ILE B 73 89.00 39.23 59.96
N LYS B 74 87.89 38.56 60.29
CA LYS B 74 87.44 37.32 59.61
C LYS B 74 87.11 37.66 58.14
N GLY B 75 87.86 37.07 57.21
CA GLY B 75 87.64 37.19 55.77
C GLY B 75 88.68 38.02 55.06
N CYS B 76 89.55 38.72 55.81
CA CYS B 76 90.62 39.61 55.28
C CYS B 76 91.96 39.32 55.99
N ASP B 77 92.89 38.65 55.30
CA ASP B 77 94.22 38.27 55.85
C ASP B 77 95.11 39.51 55.91
N ASP B 78 94.59 40.69 55.49
CA ASP B 78 95.40 41.90 55.16
C ASP B 78 95.30 43.00 56.24
N THR B 79 94.14 43.07 56.90
CA THR B 79 93.66 44.23 57.71
C THR B 79 93.49 43.85 59.18
N LEU B 80 93.80 44.79 60.09
CA LEU B 80 93.65 44.63 61.56
C LEU B 80 92.75 45.73 62.11
N VAL B 81 91.90 45.42 63.09
CA VAL B 81 91.29 46.42 63.99
C VAL B 81 92.38 46.84 64.97
N VAL B 82 92.80 48.10 64.94
CA VAL B 82 93.91 48.63 65.79
C VAL B 82 93.34 49.49 66.91
N GLY B 83 92.08 49.91 66.79
CA GLY B 83 91.48 50.75 67.83
C GLY B 83 90.09 51.17 67.44
N LEU B 84 89.53 52.12 68.17
CA LEU B 84 88.25 52.77 67.83
C LEU B 84 88.25 54.18 68.43
N ALA B 85 87.44 55.06 67.85
CA ALA B 85 87.28 56.46 68.29
C ALA B 85 85.86 56.63 68.82
N VAL B 86 85.72 57.45 69.85
CA VAL B 86 84.43 57.76 70.51
C VAL B 86 84.23 59.26 70.42
N CYS B 87 83.01 59.68 70.13
CA CYS B 87 82.67 61.10 70.12
C CYS B 87 81.33 61.28 70.81
N TRP B 88 81.21 62.29 71.67
CA TRP B 88 79.93 62.61 72.33
C TRP B 88 79.65 64.12 72.30
N GLY B 89 80.22 64.83 71.34
CA GLY B 89 79.96 66.26 71.14
C GLY B 89 81.16 67.02 70.59
N GLY B 90 80.91 68.14 69.92
CA GLY B 90 81.93 69.05 69.41
C GLY B 90 82.82 68.35 68.42
N ARG B 91 84.12 68.65 68.45
CA ARG B 91 85.14 68.15 67.49
C ARG B 91 86.25 67.45 68.29
N ASP B 92 85.88 66.85 69.42
CA ASP B 92 86.73 65.99 70.27
C ASP B 92 86.45 64.53 69.96
N ALA B 93 87.45 63.81 69.48
CA ALA B 93 87.48 62.34 69.29
C ALA B 93 88.37 61.73 70.37
N TYR B 94 87.86 60.73 71.11
CA TYR B 94 88.64 59.96 72.09
C TYR B 94 89.09 58.71 71.38
N TYR B 95 90.37 58.60 71.06
CA TYR B 95 90.90 57.39 70.38
C TYR B 95 91.39 56.37 71.42
N PHE B 96 90.84 55.18 71.33
CA PHE B 96 90.97 54.05 72.28
C PHE B 96 91.73 52.97 71.54
N SER B 97 93.04 52.88 71.77
CA SER B 97 93.95 51.89 71.12
C SER B 97 93.68 50.49 71.65
N LEU B 98 93.74 49.51 70.74
CA LEU B 98 93.54 48.07 71.01
C LEU B 98 94.79 47.31 70.59
N GLN B 99 95.94 47.97 70.65
CA GLN B 99 97.26 47.34 70.36
C GLN B 99 97.94 46.92 71.66
N LYS B 100 98.48 45.70 71.71
CA LYS B 100 99.25 45.22 72.89
C LYS B 100 100.46 46.14 73.06
N GLU B 101 101.26 46.32 72.00
CA GLU B 101 102.47 47.17 72.00
C GLU B 101 102.49 48.08 70.76
N SER B 115 102.48 56.99 73.20
CA SER B 115 102.52 55.51 73.28
C SER B 115 101.57 55.01 74.40
N LEU B 116 101.46 53.69 74.55
CA LEU B 116 100.59 53.03 75.54
C LEU B 116 101.24 53.01 76.92
N ASP B 117 100.51 53.50 77.91
CA ASP B 117 100.76 53.24 79.36
C ASP B 117 100.75 51.72 79.57
N PRO B 118 101.89 51.11 79.94
CA PRO B 118 102.00 49.65 80.01
C PRO B 118 101.22 49.00 81.16
N SER B 119 100.79 49.75 82.18
CA SER B 119 99.88 49.28 83.26
C SER B 119 98.49 49.00 82.70
N LEU B 120 98.14 49.57 81.54
CA LEU B 120 96.85 49.30 80.84
C LEU B 120 97.03 48.13 79.87
N THR B 121 96.97 46.92 80.41
CA THR B 121 97.01 45.68 79.61
C THR B 121 95.87 45.69 78.59
N LEU B 122 96.04 44.99 77.48
CA LEU B 122 94.98 44.82 76.47
C LEU B 122 93.75 44.20 77.13
N LYS B 123 93.93 43.17 77.97
CA LYS B 123 92.83 42.51 78.72
C LYS B 123 92.07 43.57 79.54
N ASP B 124 92.77 44.41 80.31
CA ASP B 124 92.11 45.50 81.09
C ASP B 124 91.31 46.43 80.14
N ARG B 125 91.88 46.83 79.00
CA ARG B 125 91.21 47.75 78.04
C ARG B 125 89.97 47.05 77.50
N MET B 126 90.07 45.78 77.13
CA MET B 126 88.94 45.02 76.56
C MET B 126 87.84 44.90 77.62
N TRP B 127 88.19 44.72 78.87
CA TRP B 127 87.17 44.72 79.94
C TRP B 127 86.40 46.08 79.87
N TYR B 128 87.11 47.20 79.96
CA TYR B 128 86.52 48.56 80.12
C TYR B 128 85.74 48.89 78.84
N LEU B 129 86.26 48.44 77.70
CA LEU B 129 85.53 48.59 76.41
C LEU B 129 84.21 47.83 76.49
N GLN B 130 84.18 46.56 76.86
CA GLN B 130 82.91 45.76 76.89
C GLN B 130 81.96 46.41 77.90
N SER B 131 82.49 46.91 79.01
CA SER B 131 81.69 47.53 80.09
C SER B 131 80.95 48.76 79.56
N CYS B 132 81.57 49.60 78.73
CA CYS B 132 80.97 50.86 78.26
C CYS B 132 80.04 50.60 77.07
N LEU B 133 80.19 49.45 76.40
CA LEU B 133 79.40 49.13 75.19
C LEU B 133 78.25 48.18 75.53
N ARG B 134 78.02 47.80 76.80
CA ARG B 134 76.91 46.91 77.21
C ARG B 134 75.97 47.65 78.18
N LYS B 135 74.65 47.53 77.99
CA LYS B 135 73.57 48.22 78.76
C LYS B 135 73.56 47.72 80.22
N GLU B 136 73.29 48.62 81.15
CA GLU B 136 72.84 48.32 82.54
C GLU B 136 71.30 48.32 82.52
N SER B 137 70.66 48.07 83.68
CA SER B 137 69.18 47.98 83.84
C SER B 137 68.56 49.37 83.99
N ASP B 138 67.61 49.71 83.12
CA ASP B 138 66.80 50.97 83.13
C ASP B 138 67.66 52.16 82.72
N LYS B 139 68.49 51.98 81.67
CA LYS B 139 69.47 52.99 81.18
C LYS B 139 69.31 53.13 79.66
N GLU B 140 68.56 54.14 79.20
CA GLU B 140 68.43 54.54 77.76
C GLU B 140 69.77 55.11 77.27
N CYS B 141 70.40 54.40 76.35
CA CYS B 141 71.79 54.63 75.86
C CYS B 141 71.86 54.33 74.35
N SER B 142 72.31 55.27 73.53
CA SER B 142 72.29 55.17 72.05
C SER B 142 73.72 55.31 71.53
N VAL B 143 74.14 54.37 70.68
CA VAL B 143 75.43 54.42 69.96
C VAL B 143 75.13 54.68 68.46
N VAL B 144 75.81 55.66 67.90
CA VAL B 144 75.74 56.05 66.47
C VAL B 144 76.91 55.40 65.74
N ILE B 145 76.61 54.53 64.78
CA ILE B 145 77.64 53.80 63.99
C ILE B 145 77.23 53.85 62.52
N TYR B 146 78.10 54.44 61.70
CA TYR B 146 78.00 54.34 60.23
C TYR B 146 78.19 52.86 59.83
N ASP B 147 77.23 52.30 59.09
CA ASP B 147 77.25 50.86 58.69
C ASP B 147 77.28 50.02 59.96
N PHE B 148 76.24 50.16 60.75
CA PHE B 148 76.07 49.41 62.00
C PHE B 148 76.36 47.91 61.83
N ILE B 149 75.78 47.27 60.82
CA ILE B 149 75.85 45.78 60.68
C ILE B 149 77.30 45.35 60.54
N GLN B 150 78.05 45.97 59.63
CA GLN B 150 79.46 45.57 59.42
C GLN B 150 80.27 45.78 60.72
N SER B 151 79.97 46.82 61.48
CA SER B 151 80.75 47.18 62.68
C SER B 151 80.39 46.20 63.80
N TYR B 152 79.11 45.89 63.98
CA TYR B 152 78.63 44.90 64.97
C TYR B 152 79.38 43.59 64.77
N LYS B 153 79.55 43.18 63.52
CA LYS B 153 80.13 41.85 63.20
C LYS B 153 81.63 41.87 63.48
N ILE B 154 82.33 42.92 63.07
CA ILE B 154 83.79 43.00 63.33
C ILE B 154 84.04 43.03 64.84
N LEU B 155 83.25 43.80 65.60
CA LEU B 155 83.45 43.91 67.06
C LEU B 155 83.24 42.52 67.69
N LEU B 156 82.25 41.76 67.22
CA LEU B 156 81.93 40.41 67.77
C LEU B 156 83.04 39.44 67.38
N LEU B 157 83.33 39.30 66.09
CA LEU B 157 84.20 38.23 65.56
C LEU B 157 85.67 38.55 65.76
N SER B 158 86.08 39.82 65.68
CA SER B 158 87.51 40.21 65.79
C SER B 158 87.90 40.47 67.25
N CYS B 159 87.08 41.18 68.01
CA CYS B 159 87.43 41.68 69.36
C CYS B 159 86.64 40.94 70.44
N GLY B 160 85.67 40.11 70.10
CA GLY B 160 84.88 39.34 71.08
C GLY B 160 83.94 40.24 71.87
N ILE B 161 83.52 41.35 71.29
CA ILE B 161 82.61 42.33 71.97
C ILE B 161 81.25 42.34 71.28
N SER B 162 80.19 42.19 72.06
CA SER B 162 78.79 42.25 71.65
C SER B 162 78.23 43.60 72.10
N LEU B 163 78.00 44.52 71.18
CA LEU B 163 77.21 45.77 71.45
C LEU B 163 75.88 45.38 72.07
N GLU B 164 75.45 46.05 73.16
CA GLU B 164 74.16 45.83 73.84
C GLU B 164 73.64 47.21 74.27
N GLN B 165 73.19 47.99 73.30
CA GLN B 165 72.57 49.33 73.45
C GLN B 165 71.55 49.53 72.33
N SER B 166 70.87 50.68 72.29
CA SER B 166 70.12 51.17 71.12
C SER B 166 71.12 51.67 70.07
N TYR B 167 70.88 51.30 68.82
CA TYR B 167 71.77 51.67 67.68
C TYR B 167 71.04 52.65 66.78
N GLU B 168 71.83 53.55 66.24
CA GLU B 168 71.45 54.57 65.25
C GLU B 168 72.50 54.59 64.13
N ASP B 169 72.11 54.24 62.90
CA ASP B 169 72.96 54.32 61.69
C ASP B 169 72.44 55.47 60.84
N PRO B 170 73.25 56.52 60.60
CA PRO B 170 72.84 57.61 59.71
C PRO B 170 72.46 57.12 58.29
N LYS B 171 73.08 56.05 57.76
CA LYS B 171 72.69 55.45 56.46
C LYS B 171 71.20 55.10 56.46
N VAL B 172 70.69 54.55 57.55
CA VAL B 172 69.29 54.05 57.63
C VAL B 172 68.35 55.25 57.75
N ALA B 173 68.76 56.27 58.50
CA ALA B 173 68.02 57.55 58.62
C ALA B 173 67.86 58.21 57.22
N CYS B 174 68.92 58.24 56.41
CA CYS B 174 68.89 58.78 55.03
C CYS B 174 67.83 58.02 54.21
N TRP B 175 67.90 56.70 54.24
CA TRP B 175 66.94 55.82 53.54
C TRP B 175 65.51 56.19 53.96
N LEU B 176 65.31 56.40 55.24
CA LEU B 176 63.98 56.65 55.83
C LEU B 176 63.46 58.00 55.33
N LEU B 177 64.33 58.96 55.03
CA LEU B 177 63.93 60.30 54.54
C LEU B 177 63.63 60.27 53.03
N ASP B 178 64.28 59.42 52.26
CA ASP B 178 63.97 59.25 50.82
C ASP B 178 64.42 57.86 50.37
N PRO B 179 63.49 56.88 50.31
CA PRO B 179 63.86 55.50 50.03
C PRO B 179 64.40 55.29 48.60
N ASP B 180 64.16 56.23 47.68
CA ASP B 180 64.62 56.12 46.27
C ASP B 180 65.96 56.86 46.08
N SER B 181 66.48 57.50 47.12
CA SER B 181 67.81 58.17 47.12
C SER B 181 68.87 57.11 46.78
N GLN B 182 70.01 57.56 46.27
CA GLN B 182 71.16 56.63 46.06
C GLN B 182 71.68 56.23 47.43
N GLU B 183 72.17 55.02 47.57
CA GLU B 183 72.87 54.53 48.80
C GLU B 183 73.77 55.63 49.30
N PRO B 184 73.66 56.06 50.58
CA PRO B 184 74.53 57.12 51.10
C PRO B 184 75.97 56.66 51.30
N THR B 185 76.92 57.56 51.14
CA THR B 185 78.33 57.40 51.55
C THR B 185 78.58 58.37 52.70
N LEU B 186 79.72 58.28 53.39
CA LEU B 186 80.04 59.27 54.45
C LEU B 186 80.11 60.66 53.79
N HIS B 187 80.64 60.74 52.57
CA HIS B 187 80.81 62.00 51.81
C HIS B 187 79.44 62.62 51.49
N SER B 188 78.47 61.82 51.04
CA SER B 188 77.11 62.33 50.70
C SER B 188 76.39 62.78 51.98
N ILE B 189 76.53 62.04 53.07
CA ILE B 189 75.90 62.42 54.37
C ILE B 189 76.46 63.78 54.81
N VAL B 190 77.77 63.93 54.80
CA VAL B 190 78.41 65.18 55.28
C VAL B 190 78.02 66.31 54.30
N THR B 191 78.05 66.04 53.00
CA THR B 191 77.62 67.02 51.97
C THR B 191 76.21 67.54 52.31
N SER B 192 75.21 66.66 52.55
CA SER B 192 73.81 67.04 52.71
C SER B 192 73.52 67.60 54.11
N PHE B 193 74.26 67.14 55.13
CA PHE B 193 73.83 67.40 56.53
C PHE B 193 74.94 68.10 57.30
N LEU B 194 76.18 68.15 56.86
CA LEU B 194 77.26 68.80 57.68
C LEU B 194 78.27 69.43 56.72
N PRO B 195 77.82 70.23 55.74
CA PRO B 195 78.71 70.71 54.67
C PRO B 195 79.85 71.59 55.17
N HIS B 196 79.64 72.29 56.29
CA HIS B 196 80.73 73.07 56.95
C HIS B 196 81.93 72.19 57.34
N GLU B 197 81.78 70.88 57.51
CA GLU B 197 82.88 69.98 57.97
C GLU B 197 83.40 69.22 56.75
N LEU B 198 82.94 69.50 55.54
CA LEU B 198 83.47 68.84 54.31
C LEU B 198 85.00 68.89 54.25
N PRO B 199 85.68 70.00 54.63
CA PRO B 199 87.14 70.06 54.56
C PRO B 199 87.83 68.88 55.28
N LEU B 200 87.32 68.43 56.44
CA LEU B 200 87.87 67.29 57.21
C LEU B 200 88.00 66.07 56.30
N LEU B 201 87.22 66.00 55.22
CA LEU B 201 87.20 64.86 54.27
C LEU B 201 88.14 65.13 53.09
N GLU B 202 88.74 66.32 53.00
CA GLU B 202 89.70 66.67 51.91
C GLU B 202 90.89 65.69 51.90
N GLY B 203 91.11 65.03 50.76
CA GLY B 203 92.19 64.04 50.54
C GLY B 203 91.85 62.67 51.13
N MET B 204 90.56 62.41 51.42
CA MET B 204 90.08 61.15 52.04
C MET B 204 89.03 60.58 51.08
N GLU B 205 89.51 60.21 49.88
CA GLU B 205 88.69 59.89 48.68
C GLU B 205 87.78 58.67 48.97
N THR B 206 88.21 57.78 49.87
CA THR B 206 87.48 56.55 50.31
C THR B 206 86.17 56.92 51.04
N SER B 207 86.00 58.17 51.53
CA SER B 207 84.74 58.69 52.11
C SER B 207 83.62 58.65 51.07
N SER B 212 82.79 52.28 55.43
CA SER B 212 83.13 53.16 56.58
C SER B 212 84.57 53.67 56.40
N LEU B 213 84.79 54.96 56.63
CA LEU B 213 86.14 55.59 56.55
C LEU B 213 87.11 54.85 57.47
N GLY B 214 86.67 54.55 58.70
CA GLY B 214 87.47 53.83 59.71
C GLY B 214 87.84 52.45 59.21
N LEU B 215 86.89 51.74 58.59
CA LEU B 215 87.04 50.32 58.16
C LEU B 215 87.86 50.23 56.89
N ASN B 216 88.01 51.33 56.14
CA ASN B 216 88.60 51.27 54.78
C ASN B 216 90.10 51.51 54.92
N ALA B 217 90.85 50.41 55.05
CA ALA B 217 92.32 50.39 55.24
C ALA B 217 93.05 50.58 53.91
N GLY B 218 92.33 50.69 52.79
CA GLY B 218 92.90 50.97 51.47
C GLY B 218 93.20 52.45 51.29
N SER B 219 93.48 53.16 52.40
CA SER B 219 93.86 54.60 52.46
C SER B 219 95.28 54.72 53.01
N GLU B 220 95.94 55.86 52.73
CA GLU B 220 97.30 56.20 53.22
C GLU B 220 97.20 56.86 54.60
N HIS B 221 96.00 57.31 54.97
CA HIS B 221 95.74 57.95 56.29
C HIS B 221 95.63 56.85 57.34
N SER B 222 96.16 57.10 58.53
CA SER B 222 96.13 56.15 59.67
C SER B 222 94.69 55.82 60.06
N GLY B 223 94.45 54.61 60.58
CA GLY B 223 93.16 54.21 61.17
C GLY B 223 92.74 55.16 62.27
N ARG B 224 93.71 55.61 63.06
CA ARG B 224 93.46 56.53 64.19
C ARG B 224 92.80 57.81 63.66
N TYR B 225 93.43 58.45 62.67
CA TYR B 225 92.95 59.73 62.10
C TYR B 225 91.59 59.50 61.45
N ARG B 226 91.47 58.45 60.63
CA ARG B 226 90.24 58.15 59.87
C ARG B 226 89.08 57.92 60.84
N ALA B 227 89.29 57.10 61.87
CA ALA B 227 88.22 56.75 62.84
C ALA B 227 87.85 57.99 63.65
N SER B 228 88.81 58.82 64.03
CA SER B 228 88.56 60.04 64.82
C SER B 228 87.70 61.01 64.01
N VAL B 229 88.05 61.24 62.75
CA VAL B 229 87.29 62.16 61.85
C VAL B 229 85.90 61.58 61.67
N GLU B 230 85.79 60.31 61.31
CA GLU B 230 84.48 59.66 61.14
C GLU B 230 83.64 59.84 62.41
N SER B 231 84.20 59.60 63.59
CA SER B 231 83.42 59.63 64.85
C SER B 231 82.75 61.00 65.00
N ILE B 232 83.49 62.06 64.72
CA ILE B 232 83.02 63.46 64.83
C ILE B 232 81.99 63.73 63.74
N LEU B 233 82.27 63.41 62.48
CA LEU B 233 81.33 63.66 61.37
C LEU B 233 80.00 62.93 61.61
N ILE B 234 80.05 61.69 62.10
CA ILE B 234 78.85 60.81 62.24
C ILE B 234 78.02 61.27 63.44
N PHE B 235 78.63 61.66 64.55
CA PHE B 235 77.89 62.12 65.76
C PHE B 235 77.09 63.36 65.39
N ASN B 236 77.74 64.35 64.78
CA ASN B 236 77.13 65.65 64.42
C ASN B 236 76.10 65.47 63.30
N SER B 237 76.40 64.69 62.28
CA SER B 237 75.46 64.32 61.20
C SER B 237 74.18 63.71 61.76
N MET B 238 74.31 62.82 62.73
CA MET B 238 73.17 62.04 63.27
C MET B 238 72.26 62.98 64.08
N ASN B 239 72.81 64.02 64.71
CA ASN B 239 71.99 65.04 65.41
C ASN B 239 71.07 65.71 64.39
N GLN B 240 71.60 66.10 63.25
CA GLN B 240 70.82 66.76 62.18
C GLN B 240 69.80 65.75 61.63
N LEU B 241 70.23 64.54 61.28
CA LEU B 241 69.31 63.47 60.78
C LEU B 241 68.19 63.21 61.80
N ASN B 242 68.49 63.19 63.09
CA ASN B 242 67.45 62.99 64.15
C ASN B 242 66.44 64.14 64.16
N SER B 243 66.89 65.38 64.01
CA SER B 243 65.96 66.52 63.91
C SER B 243 65.06 66.33 62.69
N LEU B 244 65.61 65.91 61.53
CA LEU B 244 64.81 65.75 60.30
C LEU B 244 63.80 64.58 60.49
N LEU B 245 64.23 63.47 61.08
CA LEU B 245 63.31 62.33 61.36
C LEU B 245 62.16 62.78 62.25
N GLN B 246 62.44 63.61 63.25
CA GLN B 246 61.41 64.15 64.18
C GLN B 246 60.45 65.05 63.41
N LYS B 247 60.97 65.93 62.55
CA LYS B 247 60.10 66.81 61.73
C LYS B 247 59.17 65.93 60.86
N GLU B 248 59.67 64.83 60.27
CA GLU B 248 58.90 63.95 59.35
C GLU B 248 58.11 62.90 60.13
N ASN B 249 58.29 62.81 61.45
CA ASN B 249 57.55 61.87 62.33
C ASN B 249 57.92 60.43 61.98
N LEU B 250 59.20 60.19 61.70
CA LEU B 250 59.76 58.84 61.38
C LEU B 250 60.69 58.35 62.48
N GLN B 251 60.80 59.08 63.60
CA GLN B 251 61.78 58.74 64.65
C GLN B 251 61.33 57.45 65.36
N ASP B 252 60.03 57.28 65.63
CA ASP B 252 59.54 56.05 66.30
C ASP B 252 59.83 54.87 65.37
N VAL B 253 59.55 55.02 64.08
CA VAL B 253 59.80 53.94 63.07
C VAL B 253 61.28 53.57 63.12
N PHE B 254 62.15 54.57 63.14
CA PHE B 254 63.62 54.42 63.11
C PHE B 254 64.11 53.63 64.34
N ARG B 255 63.64 54.00 65.54
CA ARG B 255 64.12 53.40 66.82
C ARG B 255 63.43 52.06 67.10
N LYS B 256 62.16 51.90 66.79
CA LYS B 256 61.36 50.69 67.17
C LYS B 256 61.36 49.62 66.07
N VAL B 257 61.57 49.95 64.80
CA VAL B 257 61.44 48.98 63.68
C VAL B 257 62.75 48.89 62.89
N GLU B 258 63.20 49.97 62.28
CA GLU B 258 64.30 49.91 61.28
C GLU B 258 65.61 49.53 61.95
N MET B 259 66.00 50.16 63.05
CA MET B 259 67.35 49.85 63.62
C MET B 259 67.32 48.46 64.26
N PRO B 260 66.26 48.08 65.02
CA PRO B 260 66.15 46.70 65.49
C PRO B 260 66.19 45.65 64.36
N SER B 261 65.54 45.98 63.22
CA SER B 261 65.53 45.13 62.00
C SER B 261 66.97 44.96 61.54
N GLN B 262 67.77 46.03 61.54
CA GLN B 262 69.19 45.91 61.19
C GLN B 262 69.92 44.96 62.17
N TYR B 263 69.60 45.02 63.45
CA TYR B 263 70.23 44.12 64.46
C TYR B 263 69.87 42.67 64.13
N CYS B 264 68.60 42.37 63.91
CA CYS B 264 68.17 41.00 63.45
C CYS B 264 68.95 40.58 62.19
N LEU B 265 69.20 41.49 61.24
CA LEU B 265 69.90 41.12 59.99
C LEU B 265 71.37 40.86 60.28
N ALA B 266 71.94 41.56 61.25
CA ALA B 266 73.32 41.30 61.69
C ALA B 266 73.44 39.86 62.22
N LEU B 267 72.48 39.41 63.01
CA LEU B 267 72.49 38.03 63.56
C LEU B 267 72.41 37.01 62.41
N LEU B 268 71.55 37.28 61.42
CA LEU B 268 71.36 36.41 60.22
C LEU B 268 72.69 36.31 59.46
N GLU B 269 73.38 37.44 59.30
CA GLU B 269 74.64 37.46 58.53
C GLU B 269 75.71 36.73 59.33
N LEU B 270 75.69 36.82 60.65
CA LEU B 270 76.63 36.06 61.51
C LEU B 270 76.27 34.57 61.45
N ASN B 271 74.98 34.24 61.40
CA ASN B 271 74.54 32.82 61.37
C ASN B 271 74.93 32.15 60.06
N GLY B 272 74.74 32.83 58.93
CA GLY B 272 74.81 32.17 57.61
C GLY B 272 73.73 31.07 57.48
N ILE B 273 73.72 30.37 56.36
CA ILE B 273 72.72 29.29 56.11
C ILE B 273 73.51 28.05 55.68
N GLY B 274 73.18 26.92 56.27
CA GLY B 274 73.84 25.65 55.98
C GLY B 274 73.65 25.22 54.55
N PHE B 275 74.66 24.59 53.97
CA PHE B 275 74.74 24.24 52.54
C PHE B 275 75.42 22.89 52.39
N SER B 276 74.81 22.03 51.61
CA SER B 276 75.34 20.70 51.20
C SER B 276 75.72 20.66 49.71
N THR B 277 76.97 20.33 49.44
CA THR B 277 77.58 20.35 48.10
C THR B 277 77.26 19.03 47.36
N ALA B 278 77.13 17.94 48.10
CA ALA B 278 76.78 16.59 47.62
C ALA B 278 75.40 16.63 46.95
N GLU B 279 74.41 17.19 47.63
CA GLU B 279 73.01 17.33 47.11
C GLU B 279 73.03 18.15 45.82
N CYS B 280 73.68 19.30 45.83
CA CYS B 280 73.88 20.20 44.67
C CYS B 280 74.49 19.45 43.47
N GLU B 281 75.59 18.70 43.66
CA GLU B 281 76.34 18.01 42.56
C GLU B 281 75.44 16.96 41.89
N SER B 282 74.69 16.22 42.69
CA SER B 282 73.86 15.10 42.17
C SER B 282 72.72 15.70 41.35
N GLN B 283 72.17 16.82 41.77
CA GLN B 283 71.14 17.54 40.97
C GLN B 283 71.76 18.09 39.70
N LYS B 284 72.95 18.67 39.78
CA LYS B 284 73.69 19.21 38.61
C LYS B 284 73.82 18.12 37.56
N HIS B 285 74.21 16.90 37.94
CA HIS B 285 74.47 15.79 36.97
C HIS B 285 73.19 15.40 36.24
N ILE B 286 72.06 15.33 36.94
CA ILE B 286 70.73 15.03 36.33
C ILE B 286 70.37 16.14 35.36
N MET B 287 70.50 17.38 35.81
CA MET B 287 70.18 18.57 34.98
C MET B 287 71.04 18.57 33.73
N GLN B 288 72.34 18.26 33.84
CA GLN B 288 73.27 18.35 32.70
C GLN B 288 72.94 17.27 31.68
N ALA B 289 72.54 16.09 32.13
CA ALA B 289 72.11 14.96 31.28
C ALA B 289 70.87 15.34 30.48
N LYS B 290 69.94 16.05 31.12
CA LYS B 290 68.68 16.52 30.48
C LYS B 290 69.01 17.60 29.45
N LEU B 291 69.89 18.54 29.79
CA LEU B 291 70.38 19.57 28.84
C LEU B 291 70.95 18.89 27.59
N ASP B 292 71.73 17.82 27.75
CA ASP B 292 72.39 17.10 26.63
C ASP B 292 71.33 16.49 25.72
N ALA B 293 70.36 15.76 26.27
CA ALA B 293 69.22 15.14 25.55
C ALA B 293 68.37 16.20 24.86
N ILE B 294 68.09 17.32 25.54
CA ILE B 294 67.32 18.46 24.95
C ILE B 294 68.07 18.98 23.73
N GLU B 295 69.37 19.25 23.86
CA GLU B 295 70.20 19.80 22.75
C GLU B 295 70.09 18.83 21.57
N THR B 296 70.40 17.54 21.78
CA THR B 296 70.47 16.54 20.69
C THR B 296 69.11 16.45 19.99
N GLN B 297 67.99 16.52 20.72
CA GLN B 297 66.63 16.46 20.15
C GLN B 297 66.31 17.77 19.44
N ALA B 298 66.62 18.93 20.05
CA ALA B 298 66.44 20.26 19.42
C ALA B 298 67.14 20.28 18.05
N TYR B 299 68.40 19.85 17.98
CA TYR B 299 69.25 19.95 16.77
C TYR B 299 68.73 19.01 15.68
N GLN B 300 68.11 17.89 16.04
CA GLN B 300 67.52 16.96 15.04
C GLN B 300 66.22 17.57 14.49
N LEU B 301 65.38 18.18 15.33
CA LEU B 301 64.15 18.87 14.86
C LEU B 301 64.54 20.07 13.99
N ALA B 302 65.55 20.85 14.38
CA ALA B 302 66.01 22.05 13.63
C ALA B 302 66.69 21.66 12.30
N GLY B 303 67.33 20.49 12.25
CA GLY B 303 68.12 20.04 11.10
C GLY B 303 69.59 20.42 11.19
N HIS B 304 69.95 21.36 12.06
CA HIS B 304 71.35 21.82 12.24
C HIS B 304 71.59 22.28 13.68
N SER B 305 72.85 22.37 14.11
CA SER B 305 73.26 23.05 15.36
C SER B 305 72.71 24.48 15.33
N PHE B 306 72.35 25.01 16.49
CA PHE B 306 72.03 26.45 16.70
C PHE B 306 72.36 26.76 18.17
N SER B 307 72.71 28.00 18.45
CA SER B 307 72.98 28.49 19.84
C SER B 307 71.64 28.80 20.52
N PHE B 308 71.39 28.20 21.69
CA PHE B 308 70.21 28.43 22.55
C PHE B 308 70.26 29.84 23.16
N THR B 309 71.42 30.50 23.07
CA THR B 309 71.69 31.82 23.71
C THR B 309 71.49 32.96 22.70
N SER B 310 71.31 32.64 21.41
CA SER B 310 71.06 33.63 20.33
C SER B 310 69.58 33.65 19.95
N SER B 311 68.88 34.73 20.33
CA SER B 311 67.48 35.04 19.90
C SER B 311 67.38 34.97 18.37
N ASP B 312 68.39 35.52 17.68
CA ASP B 312 68.50 35.54 16.20
C ASP B 312 68.39 34.11 15.66
N ASP B 313 69.27 33.21 16.13
CA ASP B 313 69.35 31.79 15.68
C ASP B 313 67.99 31.14 15.89
N ILE B 314 67.41 31.29 17.09
CA ILE B 314 66.12 30.63 17.48
C ILE B 314 65.01 31.16 16.57
N ALA B 315 65.01 32.46 16.28
CA ALA B 315 64.01 33.11 15.40
C ALA B 315 64.17 32.59 13.98
N GLU B 316 65.41 32.46 13.49
CA GLU B 316 65.70 31.88 12.14
C GLU B 316 65.05 30.51 12.07
N VAL B 317 65.27 29.65 13.07
CA VAL B 317 64.78 28.24 13.08
C VAL B 317 63.25 28.20 13.21
N LEU B 318 62.69 28.92 14.19
CA LEU B 318 61.23 28.82 14.49
C LEU B 318 60.42 29.39 13.32
N PHE B 319 60.81 30.57 12.79
CA PHE B 319 59.92 31.43 11.97
C PHE B 319 60.29 31.34 10.47
N LEU B 320 61.57 31.37 10.14
CA LEU B 320 62.05 31.28 8.73
C LEU B 320 62.08 29.82 8.27
N GLU B 321 62.64 28.92 9.08
CA GLU B 321 63.06 27.56 8.61
C GLU B 321 61.97 26.52 8.93
N LEU B 322 60.98 26.87 9.76
CA LEU B 322 59.84 25.98 10.15
C LEU B 322 58.51 26.68 9.87
N LYS B 323 58.52 27.99 9.64
CA LYS B 323 57.31 28.81 9.32
C LYS B 323 56.23 28.58 10.39
N LEU B 324 56.56 28.72 11.69
CA LEU B 324 55.53 28.79 12.76
C LEU B 324 54.98 30.21 12.77
N PRO B 325 53.74 30.45 13.26
CA PRO B 325 53.11 31.76 13.18
C PRO B 325 53.54 32.78 14.24
N PRO B 326 54.08 33.96 13.83
CA PRO B 326 54.34 35.05 14.79
C PRO B 326 53.13 35.98 14.96
N PHE B 358 61.31 39.54 14.93
CA PHE B 358 60.48 38.43 15.46
C PHE B 358 61.03 38.02 16.85
N SER B 359 60.26 38.28 17.91
CA SER B 359 60.57 38.00 19.34
C SER B 359 60.62 36.49 19.61
N THR B 360 61.45 36.08 20.58
CA THR B 360 61.61 34.67 21.04
C THR B 360 61.41 34.63 22.55
N SER B 361 60.49 35.44 23.07
CA SER B 361 60.23 35.57 24.52
C SER B 361 59.49 34.33 25.04
N LYS B 362 59.46 34.20 26.37
CA LYS B 362 58.68 33.17 27.10
C LYS B 362 57.26 33.11 26.53
N ASP B 363 56.61 34.26 26.36
CA ASP B 363 55.17 34.40 26.01
C ASP B 363 54.93 33.82 24.61
N VAL B 364 55.79 34.18 23.66
CA VAL B 364 55.77 33.67 22.26
C VAL B 364 55.89 32.13 22.32
N LEU B 365 56.96 31.60 22.94
CA LEU B 365 57.30 30.16 22.85
C LEU B 365 56.23 29.36 23.59
N ASN B 366 55.62 29.98 24.61
CA ASN B 366 54.57 29.35 25.44
C ASN B 366 53.32 29.11 24.59
N LYS B 367 52.99 30.03 23.68
CA LYS B 367 51.89 29.85 22.69
C LYS B 367 52.29 28.72 21.73
N LEU B 368 53.51 28.79 21.17
CA LEU B 368 53.92 27.94 20.03
C LEU B 368 54.13 26.48 20.48
N LYS B 369 54.33 26.19 21.76
CA LYS B 369 54.66 24.82 22.25
C LYS B 369 53.48 23.90 21.96
N ALA B 370 52.27 24.46 21.81
CA ALA B 370 51.08 23.71 21.39
C ALA B 370 51.21 23.18 19.95
N LEU B 371 52.11 23.73 19.13
CA LEU B 371 52.19 23.44 17.65
C LEU B 371 53.41 22.59 17.27
N HIS B 372 54.46 22.55 18.08
CA HIS B 372 55.76 21.91 17.71
C HIS B 372 56.59 21.72 18.98
N PRO B 373 57.34 20.61 19.11
CA PRO B 373 58.09 20.35 20.33
C PRO B 373 59.26 21.30 20.64
N LEU B 374 59.85 21.95 19.62
CA LEU B 374 61.11 22.75 19.77
C LEU B 374 60.95 23.93 20.73
N PRO B 375 59.89 24.78 20.64
CA PRO B 375 59.70 25.88 21.60
C PRO B 375 59.71 25.46 23.07
N GLY B 376 59.09 24.32 23.39
CA GLY B 376 59.11 23.71 24.74
C GLY B 376 60.52 23.32 25.16
N LEU B 377 61.30 22.69 24.28
CA LEU B 377 62.72 22.33 24.54
C LEU B 377 63.50 23.60 24.86
N ILE B 378 63.31 24.66 24.07
CA ILE B 378 64.00 25.96 24.27
C ILE B 378 63.71 26.43 25.70
N LEU B 379 62.44 26.37 26.12
CA LEU B 379 62.01 26.93 27.42
C LEU B 379 62.68 26.15 28.55
N GLU B 380 62.72 24.83 28.40
CA GLU B 380 63.28 23.93 29.43
C GLU B 380 64.82 24.11 29.47
N TRP B 381 65.44 24.26 28.31
CA TRP B 381 66.89 24.54 28.22
C TRP B 381 67.22 25.77 29.08
N ARG B 382 66.46 26.85 28.91
CA ARG B 382 66.74 28.14 29.59
C ARG B 382 66.52 27.96 31.10
N ARG B 383 65.50 27.20 31.47
CA ARG B 383 65.15 27.00 32.89
C ARG B 383 66.29 26.24 33.57
N ILE B 384 66.74 25.15 32.96
CA ILE B 384 67.78 24.27 33.57
C ILE B 384 69.14 25.00 33.52
N THR B 385 69.48 25.65 32.39
CA THR B 385 70.74 26.42 32.27
C THR B 385 70.79 27.48 33.40
N ASN B 386 69.64 28.11 33.68
CA ASN B 386 69.52 29.10 34.77
C ASN B 386 69.88 28.45 36.12
N ALA B 387 69.31 27.29 36.44
CA ALA B 387 69.55 26.59 37.72
C ALA B 387 71.05 26.25 37.83
N ILE B 388 71.69 25.82 36.73
CA ILE B 388 73.12 25.40 36.77
C ILE B 388 74.01 26.65 36.88
N THR B 389 73.86 27.66 36.02
CA THR B 389 74.83 28.75 35.84
C THR B 389 74.61 29.90 36.82
N LYS B 390 73.36 30.14 37.23
CA LYS B 390 72.95 31.28 38.08
C LYS B 390 72.66 30.81 39.50
N VAL B 391 72.59 29.50 39.78
CA VAL B 391 72.28 29.05 41.17
C VAL B 391 73.37 28.10 41.67
N VAL B 392 73.57 26.95 41.03
CA VAL B 392 74.61 25.97 41.47
C VAL B 392 76.00 26.62 41.45
N PHE B 393 76.42 27.28 40.36
CA PHE B 393 77.80 27.78 40.20
C PHE B 393 78.12 28.77 41.34
N PRO B 394 77.29 29.83 41.52
CA PRO B 394 77.53 30.78 42.60
C PRO B 394 77.44 30.20 44.03
N LEU B 395 76.49 29.30 44.31
CA LEU B 395 76.41 28.67 45.66
C LEU B 395 77.68 27.86 45.93
N GLN B 396 78.15 27.06 44.97
CA GLN B 396 79.35 26.20 45.16
C GLN B 396 80.64 27.02 45.28
N ARG B 397 80.58 28.27 44.80
CA ARG B 397 81.72 29.23 44.85
C ARG B 397 81.74 29.99 46.19
N GLU B 398 80.60 30.43 46.74
CA GLU B 398 80.50 31.29 47.94
C GLU B 398 80.68 30.49 49.25
N LYS B 399 80.56 29.17 49.17
CA LYS B 399 80.39 28.33 50.41
C LYS B 399 81.69 28.45 51.20
N CYS B 400 81.60 28.31 52.52
CA CYS B 400 82.69 28.55 53.50
C CYS B 400 82.57 27.49 54.61
N LEU B 401 83.62 26.75 54.90
CA LEU B 401 83.61 25.77 56.03
C LEU B 401 83.40 26.49 57.37
N ASN B 402 82.43 26.03 58.17
CA ASN B 402 82.30 26.48 59.58
C ASN B 402 82.81 25.35 60.47
N PRO B 403 84.04 25.47 61.04
CA PRO B 403 84.66 24.39 61.78
C PRO B 403 83.95 24.04 63.11
N PHE B 404 83.17 24.93 63.71
CA PHE B 404 82.45 24.71 64.99
C PHE B 404 81.23 23.81 64.73
N LEU B 405 80.37 24.21 63.79
CA LEU B 405 79.14 23.45 63.42
C LEU B 405 79.52 22.18 62.64
N GLY B 406 80.68 22.18 61.98
CA GLY B 406 81.18 21.00 61.24
C GLY B 406 80.42 20.80 59.95
N MET B 407 80.22 21.88 59.18
CA MET B 407 79.42 21.91 57.94
C MET B 407 79.81 23.14 57.13
N GLU B 408 79.47 23.16 55.86
CA GLU B 408 79.65 24.35 54.98
C GLU B 408 78.43 25.25 55.18
N ARG B 409 78.66 26.55 55.07
CA ARG B 409 77.56 27.54 55.15
C ARG B 409 77.79 28.58 54.06
N ILE B 410 76.75 29.34 53.79
CA ILE B 410 76.80 30.52 52.90
C ILE B 410 76.46 31.73 53.77
N TYR B 411 77.18 32.82 53.54
CA TYR B 411 77.07 34.07 54.31
C TYR B 411 76.65 35.17 53.35
N PRO B 412 75.34 35.29 53.05
CA PRO B 412 74.88 36.35 52.16
C PRO B 412 74.80 37.67 52.92
N VAL B 413 74.79 38.77 52.17
CA VAL B 413 74.88 40.14 52.74
C VAL B 413 73.51 40.76 52.54
N SER B 414 72.92 41.30 53.61
CA SER B 414 71.58 41.91 53.56
C SER B 414 71.71 43.28 52.89
N GLN B 415 70.64 43.73 52.27
CA GLN B 415 70.50 45.03 51.59
C GLN B 415 69.09 45.52 51.90
N SER B 416 68.99 46.61 52.67
CA SER B 416 67.73 47.16 53.19
C SER B 416 67.42 48.49 52.51
N HIS B 417 68.30 48.96 51.63
CA HIS B 417 68.06 50.27 50.97
C HIS B 417 67.23 50.00 49.71
N THR B 418 65.91 49.87 49.82
CA THR B 418 65.00 49.43 48.74
C THR B 418 63.85 50.41 48.66
N ALA B 419 63.12 50.46 47.55
CA ALA B 419 62.08 51.46 47.29
C ALA B 419 60.91 51.31 48.26
N THR B 420 60.63 50.09 48.71
CA THR B 420 59.38 49.77 49.44
C THR B 420 59.66 49.26 50.85
N GLY B 421 60.93 49.04 51.21
CA GLY B 421 61.34 48.59 52.55
C GLY B 421 61.40 47.09 52.65
N ARG B 422 61.32 46.38 51.54
CA ARG B 422 61.70 44.97 51.47
C ARG B 422 63.19 44.86 51.77
N ILE B 423 63.58 43.65 52.19
CA ILE B 423 65.00 43.29 52.40
C ILE B 423 65.38 42.31 51.30
N THR B 424 66.57 42.47 50.72
CA THR B 424 67.10 41.55 49.69
C THR B 424 68.52 41.16 50.10
N PHE B 425 69.13 40.29 49.32
CA PHE B 425 70.46 39.73 49.64
C PHE B 425 71.29 39.74 48.38
N THR B 426 72.60 39.83 48.59
CA THR B 426 73.63 39.74 47.53
C THR B 426 74.69 38.72 47.96
N GLU B 427 75.44 38.23 46.99
CA GLU B 427 76.73 37.54 47.20
C GLU B 427 76.50 36.33 48.09
N PRO B 428 75.64 35.35 47.68
CA PRO B 428 74.78 35.44 46.50
C PRO B 428 73.35 35.83 46.87
N ASN B 429 72.43 36.09 45.92
CA ASN B 429 71.02 36.39 46.27
C ASN B 429 70.24 35.08 46.34
N ILE B 430 70.22 34.52 47.55
CA ILE B 430 69.55 33.25 47.91
C ILE B 430 68.05 33.37 47.73
N GLN B 431 67.49 34.58 47.73
CA GLN B 431 66.05 34.75 47.44
C GLN B 431 65.71 34.19 46.06
N ASN B 432 66.67 34.04 45.14
CA ASN B 432 66.36 33.74 43.71
C ASN B 432 66.50 32.24 43.40
N VAL B 433 66.76 31.46 44.43
CA VAL B 433 66.97 30.01 44.26
C VAL B 433 65.63 29.47 43.78
N PRO B 434 65.62 28.77 42.62
CA PRO B 434 64.41 28.18 42.06
C PRO B 434 63.58 27.37 43.07
N ARG B 435 62.26 27.54 42.96
CA ARG B 435 61.21 26.60 43.46
C ARG B 435 61.55 25.22 42.89
N ASP B 436 61.09 24.15 43.58
CA ASP B 436 61.14 22.76 43.04
C ASP B 436 60.53 22.76 41.64
N PHE B 437 61.11 21.98 40.71
CA PHE B 437 60.52 21.66 39.37
C PHE B 437 60.91 20.25 38.95
N GLU B 438 60.26 19.77 37.89
CA GLU B 438 60.35 18.36 37.44
C GLU B 438 61.10 18.26 36.11
N ILE B 439 61.96 17.25 36.02
CA ILE B 439 62.64 16.83 34.76
C ILE B 439 62.19 15.39 34.47
N LYS B 440 61.73 15.13 33.23
CA LYS B 440 61.42 13.75 32.76
C LYS B 440 62.56 13.26 31.85
N MET B 441 63.06 12.06 32.12
CA MET B 441 64.08 11.39 31.27
C MET B 441 63.69 9.92 31.16
N GLY B 442 63.65 9.38 29.94
CA GLY B 442 63.17 8.01 29.68
C GLY B 442 61.81 7.76 30.34
N GLY B 443 60.95 8.80 30.34
CA GLY B 443 59.62 8.72 30.93
C GLY B 443 59.61 8.57 32.44
N MET B 444 60.73 8.84 33.12
CA MET B 444 60.81 8.82 34.61
C MET B 444 60.96 10.27 35.09
N PRO B 445 60.15 10.71 36.07
CA PRO B 445 60.26 12.06 36.61
C PRO B 445 61.32 12.14 37.72
N PHE B 446 62.13 13.20 37.70
CA PHE B 446 63.09 13.54 38.78
C PHE B 446 62.75 14.93 39.30
N SER B 447 62.59 15.04 40.61
CA SER B 447 62.41 16.32 41.33
C SER B 447 63.76 17.06 41.39
N ILE B 448 63.85 18.25 40.82
CA ILE B 448 65.05 19.12 40.98
C ILE B 448 64.68 20.14 42.06
N SER B 449 65.30 19.98 43.22
CA SER B 449 65.02 20.80 44.42
C SER B 449 66.32 21.49 44.82
N MET B 450 66.62 22.64 44.23
CA MET B 450 67.84 23.39 44.56
C MET B 450 67.81 23.78 46.05
N ARG B 451 66.61 24.09 46.55
CA ARG B 451 66.41 24.47 47.96
C ARG B 451 66.82 23.33 48.90
N HIS B 452 66.83 22.09 48.41
CA HIS B 452 67.16 20.88 49.22
C HIS B 452 68.63 20.92 49.61
N ALA B 453 69.46 21.77 48.99
CA ALA B 453 70.90 21.92 49.33
C ALA B 453 71.07 22.74 50.61
N PHE B 454 70.03 23.44 51.04
CA PHE B 454 70.09 24.35 52.21
C PHE B 454 69.56 23.61 53.44
N VAL B 455 70.46 23.27 54.36
CA VAL B 455 70.22 22.27 55.42
C VAL B 455 70.49 22.93 56.76
N PRO B 456 69.86 22.45 57.85
CA PRO B 456 70.21 22.88 59.20
C PRO B 456 71.50 22.19 59.67
N PHE B 457 72.08 22.68 60.77
CA PHE B 457 73.21 22.03 61.46
C PHE B 457 72.75 20.62 61.84
N PRO B 458 73.69 19.66 61.97
CA PRO B 458 73.33 18.31 62.40
C PRO B 458 72.45 18.27 63.67
N GLY B 459 71.32 17.56 63.61
CA GLY B 459 70.33 17.49 64.71
C GLY B 459 69.22 18.53 64.54
N GLY B 460 69.51 19.66 63.89
CA GLY B 460 68.58 20.79 63.74
C GLY B 460 67.48 20.56 62.71
N SER B 461 66.52 21.48 62.67
CA SER B 461 65.48 21.55 61.63
C SER B 461 65.43 22.97 61.03
N ILE B 462 64.98 23.09 59.78
CA ILE B 462 64.59 24.39 59.17
C ILE B 462 63.12 24.59 59.53
N LEU B 463 62.80 25.75 60.05
CA LEU B 463 61.40 26.21 60.28
C LEU B 463 61.16 27.40 59.35
N ALA B 464 60.09 27.34 58.56
CA ALA B 464 59.62 28.42 57.70
C ALA B 464 58.23 28.81 58.16
N ALA B 465 58.00 30.10 58.44
CA ALA B 465 56.66 30.64 58.70
C ALA B 465 56.38 31.69 57.65
N ASP B 466 55.29 31.53 56.90
CA ASP B 466 54.90 32.35 55.75
C ASP B 466 53.53 32.98 56.05
N TYR B 467 53.34 34.23 55.69
CA TYR B 467 52.04 34.92 55.67
C TYR B 467 51.27 34.45 54.43
N SER B 468 49.97 34.26 54.64
CA SER B 468 49.02 33.79 53.61
C SER B 468 48.30 35.05 53.09
N GLN B 469 48.72 35.49 51.90
CA GLN B 469 48.09 36.64 51.19
C GLN B 469 48.15 37.83 52.11
N LEU B 470 49.36 38.21 52.55
CA LEU B 470 49.53 39.39 53.44
C LEU B 470 49.11 40.64 52.68
N GLU B 471 49.56 40.78 51.43
CA GLU B 471 49.26 41.97 50.58
C GLU B 471 47.75 42.06 50.35
N LEU B 472 47.05 40.93 50.18
CA LEU B 472 45.58 40.93 49.98
C LEU B 472 44.89 41.34 51.29
N ARG B 473 45.39 40.85 52.42
CA ARG B 473 44.80 41.15 53.76
C ARG B 473 44.95 42.64 54.05
N ILE B 474 46.11 43.20 53.72
CA ILE B 474 46.38 44.66 53.90
C ILE B 474 45.47 45.45 52.97
N LEU B 475 45.29 45.00 51.73
CA LEU B 475 44.44 45.70 50.74
C LEU B 475 42.98 45.69 51.22
N ALA B 476 42.50 44.56 51.74
CA ALA B 476 41.14 44.43 52.34
C ALA B 476 40.99 45.50 53.42
N HIS B 477 41.95 45.52 54.36
CA HIS B 477 41.94 46.41 55.55
C HIS B 477 41.84 47.88 55.13
N LEU B 478 42.54 48.27 54.07
CA LEU B 478 42.68 49.70 53.68
C LEU B 478 41.53 50.15 52.77
N SER B 479 40.88 49.21 52.09
CA SER B 479 39.76 49.49 51.15
C SER B 479 38.41 49.11 51.79
N HIS B 480 38.44 48.41 52.93
CA HIS B 480 37.27 47.91 53.69
C HIS B 480 36.37 47.08 52.77
N ASP B 481 36.93 46.49 51.70
CA ASP B 481 36.13 45.77 50.65
C ASP B 481 35.49 44.54 51.28
N ARG B 482 34.15 44.57 51.39
CA ARG B 482 33.30 43.54 52.04
C ARG B 482 33.44 42.18 51.33
N ARG B 483 33.52 42.16 49.98
CA ARG B 483 33.63 40.92 49.17
C ARG B 483 34.99 40.24 49.43
N LEU B 484 36.10 41.00 49.45
CA LEU B 484 37.46 40.43 49.64
C LEU B 484 37.57 39.89 51.08
N ILE B 485 36.99 40.60 52.05
CA ILE B 485 36.95 40.19 53.49
C ILE B 485 36.23 38.84 53.63
N GLN B 486 35.07 38.67 52.99
CA GLN B 486 34.31 37.38 53.03
C GLN B 486 35.21 36.27 52.50
N VAL B 487 35.76 36.44 51.31
CA VAL B 487 36.63 35.43 50.61
C VAL B 487 37.71 34.94 51.58
N LEU B 488 38.46 35.88 52.18
CA LEU B 488 39.61 35.60 53.10
C LEU B 488 39.11 34.91 54.38
N ASN B 489 37.97 35.35 54.95
CA ASN B 489 37.39 34.87 56.23
C ASN B 489 37.06 33.37 56.18
N THR B 490 36.49 32.86 55.09
CA THR B 490 35.96 31.47 54.92
C THR B 490 36.57 30.80 53.68
N GLY B 491 36.49 31.46 52.52
CA GLY B 491 36.81 30.89 51.19
C GLY B 491 38.12 30.11 51.17
N ALA B 492 38.24 29.18 50.22
CA ALA B 492 39.45 28.38 49.95
C ALA B 492 40.49 29.30 49.29
N ASP B 493 41.49 28.72 48.62
CA ASP B 493 42.68 29.45 48.09
C ASP B 493 42.26 30.23 46.84
N VAL B 494 42.43 31.57 46.85
CA VAL B 494 41.96 32.48 45.76
C VAL B 494 42.68 32.07 44.47
N PHE B 495 43.97 31.74 44.54
CA PHE B 495 44.77 31.38 43.34
C PHE B 495 44.18 30.09 42.72
N ARG B 496 43.80 29.12 43.55
CA ARG B 496 43.26 27.83 43.09
C ARG B 496 41.90 28.13 42.44
N SER B 497 41.06 28.94 43.05
CA SER B 497 39.72 29.37 42.54
C SER B 497 39.90 29.95 41.13
N ILE B 498 40.85 30.88 40.93
CA ILE B 498 41.11 31.55 39.62
C ILE B 498 41.54 30.46 38.63
N ALA B 499 42.52 29.63 39.01
CA ALA B 499 43.08 28.56 38.16
C ALA B 499 41.95 27.62 37.69
N ALA B 500 41.03 27.21 38.59
CA ALA B 500 39.90 26.29 38.34
C ALA B 500 38.98 26.93 37.28
N GLU B 501 38.55 28.18 37.51
CA GLU B 501 37.57 28.92 36.68
C GLU B 501 38.21 29.12 35.30
N TRP B 502 39.51 29.29 35.23
CA TRP B 502 40.27 29.57 33.98
C TRP B 502 40.44 28.27 33.18
N LYS B 503 40.92 27.19 33.80
CA LYS B 503 41.26 25.92 33.12
C LYS B 503 40.08 24.91 33.12
N MET B 504 38.86 25.37 33.45
CA MET B 504 37.59 24.59 33.34
C MET B 504 37.65 23.35 34.25
N ILE B 505 38.10 23.49 35.51
CA ILE B 505 38.38 22.37 36.47
C ILE B 505 37.81 22.73 37.86
N GLU B 506 37.77 21.77 38.80
CA GLU B 506 37.47 21.99 40.26
C GLU B 506 38.81 22.23 40.99
N PRO B 507 38.83 22.92 42.16
CA PRO B 507 40.08 23.30 42.83
C PRO B 507 41.27 22.33 42.87
N GLU B 508 41.02 21.02 43.01
CA GLU B 508 42.02 20.04 43.52
C GLU B 508 43.13 19.74 42.51
N SER B 509 42.91 19.92 41.18
CA SER B 509 43.80 19.44 40.08
C SER B 509 45.04 20.33 39.85
N VAL B 510 44.98 21.58 40.30
CA VAL B 510 46.01 22.66 40.12
C VAL B 510 47.40 22.16 40.55
N GLY B 511 48.36 22.18 39.64
CA GLY B 511 49.81 21.96 39.95
C GLY B 511 50.43 23.22 40.53
N ASP B 512 51.65 23.13 41.08
CA ASP B 512 52.41 24.30 41.61
C ASP B 512 52.56 25.38 40.52
N ASP B 513 52.97 24.97 39.31
CA ASP B 513 53.28 25.88 38.18
C ASP B 513 52.00 26.67 37.84
N LEU B 514 50.84 26.00 37.81
CA LEU B 514 49.54 26.62 37.42
C LEU B 514 49.08 27.58 38.52
N ARG B 515 49.28 27.22 39.79
CA ARG B 515 48.86 28.09 40.93
C ARG B 515 49.69 29.38 40.91
N GLN B 516 50.98 29.28 40.59
CA GLN B 516 51.90 30.44 40.39
C GLN B 516 51.40 31.30 39.21
N GLN B 517 50.94 30.69 38.10
CA GLN B 517 50.38 31.46 36.96
C GLN B 517 49.17 32.27 37.43
N ALA B 518 48.31 31.68 38.26
CA ALA B 518 47.07 32.30 38.78
C ALA B 518 47.43 33.40 39.78
N LYS B 519 48.47 33.17 40.58
CA LYS B 519 49.01 34.15 41.56
C LYS B 519 49.44 35.41 40.78
N GLN B 520 50.19 35.23 39.68
CA GLN B 520 50.72 36.32 38.82
C GLN B 520 49.54 37.10 38.25
N ILE B 521 48.48 36.39 37.82
CA ILE B 521 47.24 36.98 37.24
C ILE B 521 46.57 37.86 38.29
N CYS B 522 46.39 37.35 39.49
CA CYS B 522 45.63 38.02 40.58
C CYS B 522 46.34 39.29 41.03
N TYR B 523 47.61 39.20 41.41
CA TYR B 523 48.42 40.39 41.84
C TYR B 523 48.60 41.34 40.64
N GLY B 524 48.82 40.79 39.44
CA GLY B 524 48.97 41.57 38.20
C GLY B 524 47.78 42.51 37.99
N ILE B 525 46.59 41.92 38.00
CA ILE B 525 45.33 42.68 37.78
C ILE B 525 45.25 43.74 38.88
N ILE B 526 45.41 43.37 40.14
CA ILE B 526 45.28 44.29 41.31
C ILE B 526 46.25 45.47 41.16
N TYR B 527 47.45 45.27 40.61
CA TYR B 527 48.49 46.33 40.60
C TYR B 527 48.57 46.97 39.21
N GLY B 528 47.52 46.84 38.40
CA GLY B 528 47.26 47.69 37.21
C GLY B 528 47.73 47.09 35.89
N MET B 529 47.88 45.76 35.81
CA MET B 529 48.14 45.03 34.55
C MET B 529 47.02 45.35 33.55
N GLY B 530 47.38 45.54 32.29
CA GLY B 530 46.47 45.88 31.18
C GLY B 530 46.02 44.64 30.40
N ALA B 531 45.03 44.80 29.53
CA ALA B 531 44.41 43.68 28.78
C ALA B 531 45.41 42.99 27.85
N LYS B 532 46.22 43.77 27.11
CA LYS B 532 47.28 43.20 26.22
C LYS B 532 48.12 42.17 27.02
N SER B 533 48.78 42.57 28.12
CA SER B 533 49.63 41.67 28.94
C SER B 533 48.78 40.53 29.52
N LEU B 534 47.58 40.79 30.05
CA LEU B 534 46.80 39.71 30.73
C LEU B 534 46.46 38.65 29.68
N GLY B 535 46.08 39.11 28.48
CA GLY B 535 45.96 38.26 27.28
C GLY B 535 47.05 37.21 27.15
N GLU B 536 48.33 37.62 27.06
CA GLU B 536 49.51 36.70 26.94
C GLU B 536 49.55 35.71 28.11
N GLN B 537 49.31 36.17 29.34
CA GLN B 537 49.44 35.35 30.57
C GLN B 537 48.33 34.29 30.59
N MET B 538 47.10 34.70 30.24
CA MET B 538 45.90 33.83 30.37
C MET B 538 45.70 33.02 29.09
N GLY B 539 46.43 33.37 28.01
CA GLY B 539 46.29 32.78 26.67
C GLY B 539 44.91 33.06 26.08
N ILE B 540 44.42 34.29 26.22
CA ILE B 540 43.10 34.73 25.67
C ILE B 540 43.32 36.05 24.90
N LYS B 541 42.32 36.44 24.11
CA LYS B 541 42.32 37.69 23.31
C LYS B 541 42.29 38.90 24.25
N GLU B 542 42.92 40.00 23.83
CA GLU B 542 42.96 41.30 24.57
C GLU B 542 41.54 41.64 25.06
N ASN B 543 40.55 41.54 24.16
CA ASN B 543 39.11 41.83 24.49
C ASN B 543 38.61 40.98 25.66
N ASP B 544 38.96 39.69 25.69
CA ASP B 544 38.49 38.73 26.72
C ASP B 544 39.23 39.11 28.02
N ALA B 545 40.50 39.51 27.96
CA ALA B 545 41.25 39.92 29.16
C ALA B 545 40.61 41.17 29.74
N ALA B 546 40.22 42.12 28.88
CA ALA B 546 39.64 43.43 29.27
C ALA B 546 38.30 43.17 29.97
N CYS B 547 37.54 42.18 29.49
CA CYS B 547 36.25 41.77 30.13
C CYS B 547 36.56 41.27 31.53
N TYR B 548 37.56 40.39 31.67
CA TYR B 548 38.01 39.83 32.97
C TYR B 548 38.35 40.98 33.92
N ILE B 549 39.11 41.99 33.47
CA ILE B 549 39.49 43.17 34.30
C ILE B 549 38.21 43.88 34.80
N ASP B 550 37.24 44.10 33.88
CA ASP B 550 35.97 44.82 34.20
C ASP B 550 35.22 44.05 35.29
N SER B 551 35.08 42.72 35.13
CA SER B 551 34.41 41.83 36.12
C SER B 551 35.08 42.00 37.47
N PHE B 552 36.42 41.86 37.55
CA PHE B 552 37.21 42.02 38.81
C PHE B 552 36.82 43.34 39.45
N LYS B 553 36.86 44.43 38.66
CA LYS B 553 36.58 45.81 39.20
C LYS B 553 35.13 45.84 39.72
N SER B 554 34.14 45.42 38.89
CA SER B 554 32.72 45.38 39.33
C SER B 554 32.58 44.67 40.71
N ARG B 555 33.21 43.51 40.87
CA ARG B 555 32.96 42.59 42.03
C ARG B 555 33.54 43.21 43.29
N TYR B 556 34.67 43.92 43.18
CA TYR B 556 35.38 44.51 44.36
C TYR B 556 35.46 46.03 44.20
N THR B 557 34.35 46.74 44.50
CA THR B 557 34.25 48.21 44.28
C THR B 557 35.15 48.92 45.28
N GLY B 558 35.14 48.45 46.55
CA GLY B 558 35.96 49.03 47.63
C GLY B 558 37.39 49.23 47.14
N ILE B 559 37.97 48.19 46.54
CA ILE B 559 39.36 48.18 46.03
C ILE B 559 39.51 49.34 45.06
N ASN B 560 38.62 49.44 44.07
CA ASN B 560 38.66 50.43 42.96
C ASN B 560 38.55 51.85 43.53
N GLN B 561 37.78 52.04 44.60
CA GLN B 561 37.61 53.38 45.25
C GLN B 561 38.94 53.76 45.87
N PHE B 562 39.63 52.80 46.50
CA PHE B 562 40.92 52.98 47.22
C PHE B 562 42.04 53.29 46.21
N MET B 563 42.03 52.66 45.02
CA MET B 563 42.95 52.97 43.90
C MET B 563 42.81 54.46 43.50
N THR B 564 41.59 54.94 43.25
CA THR B 564 41.35 56.34 42.78
C THR B 564 41.64 57.32 43.92
N GLU B 565 41.33 56.96 45.16
CA GLU B 565 41.53 57.80 46.37
C GLU B 565 43.03 57.89 46.69
N THR B 566 43.80 56.85 46.36
CA THR B 566 45.27 56.82 46.58
C THR B 566 45.96 57.65 45.50
N VAL B 567 45.49 57.56 44.25
CA VAL B 567 46.07 58.34 43.12
C VAL B 567 45.75 59.83 43.33
N LYS B 568 44.51 60.18 43.68
CA LYS B 568 44.10 61.59 43.97
C LYS B 568 45.03 62.16 45.05
N ASN B 569 45.20 61.44 46.15
CA ASN B 569 45.96 61.93 47.35
C ASN B 569 47.44 62.01 47.00
N CYS B 570 47.96 61.14 46.14
CA CYS B 570 49.38 61.15 45.71
C CYS B 570 49.67 62.39 44.85
N LYS B 571 48.79 62.67 43.88
CA LYS B 571 48.88 63.81 42.94
C LYS B 571 49.02 65.11 43.73
N ARG B 572 48.18 65.27 44.76
CA ARG B 572 48.14 66.41 45.73
C ARG B 572 49.47 66.53 46.49
N ASP B 573 49.94 65.44 47.11
CA ASP B 573 51.00 65.46 48.17
C ASP B 573 52.40 65.23 47.58
N GLY B 574 52.49 64.59 46.40
CA GLY B 574 53.79 64.20 45.80
C GLY B 574 54.37 62.93 46.39
N PHE B 575 53.63 62.21 47.25
CA PHE B 575 54.08 60.97 47.94
C PHE B 575 52.90 60.08 48.34
N VAL B 576 53.21 58.84 48.72
CA VAL B 576 52.28 57.89 49.40
C VAL B 576 52.94 57.46 50.72
N GLN B 577 52.15 56.96 51.67
CA GLN B 577 52.63 56.52 53.01
C GLN B 577 52.20 55.07 53.24
N THR B 578 53.04 54.33 53.95
CA THR B 578 52.77 52.94 54.38
C THR B 578 52.02 52.98 55.71
N ILE B 579 51.64 51.81 56.23
CA ILE B 579 50.92 51.65 57.52
C ILE B 579 51.72 52.28 58.66
N LEU B 580 53.06 52.35 58.60
CA LEU B 580 53.91 52.88 59.71
C LEU B 580 54.31 54.34 59.49
N GLY B 581 53.97 54.94 58.34
CA GLY B 581 54.19 56.38 58.10
C GLY B 581 55.34 56.67 57.16
N ARG B 582 56.06 55.66 56.68
CA ARG B 582 57.18 55.87 55.72
C ARG B 582 56.61 56.43 54.42
N ARG B 583 57.34 57.37 53.80
CA ARG B 583 56.90 58.13 52.62
C ARG B 583 57.73 57.76 51.41
N ARG B 584 57.09 57.54 50.27
CA ARG B 584 57.81 57.36 49.01
C ARG B 584 57.39 58.50 48.09
N TYR B 585 58.35 59.21 47.54
CA TYR B 585 58.12 60.39 46.69
C TYR B 585 57.99 59.90 45.24
N LEU B 586 56.88 60.25 44.57
CA LEU B 586 56.51 59.79 43.21
C LEU B 586 56.14 61.00 42.37
N PRO B 587 57.13 61.86 42.02
CA PRO B 587 56.86 63.08 41.24
C PRO B 587 56.44 62.81 39.79
N GLY B 588 56.63 61.57 39.30
CA GLY B 588 56.04 61.07 38.05
C GLY B 588 54.51 61.15 38.05
N ILE B 589 53.89 61.21 39.23
CA ILE B 589 52.40 61.26 39.38
C ILE B 589 51.83 62.50 38.65
N LYS B 590 52.55 63.62 38.61
CA LYS B 590 52.09 64.89 37.98
C LYS B 590 52.42 64.88 36.48
N ASP B 591 53.38 64.06 36.06
CA ASP B 591 53.95 64.03 34.68
C ASP B 591 52.82 63.97 33.63
N ASN B 592 52.99 64.69 32.53
CA ASN B 592 52.03 64.82 31.40
C ASN B 592 52.12 63.57 30.51
N ASN B 593 53.32 63.00 30.37
CA ASN B 593 53.58 61.75 29.62
C ASN B 593 52.64 60.67 30.15
N PRO B 594 51.79 60.04 29.30
CA PRO B 594 50.87 59.00 29.76
C PRO B 594 51.54 57.80 30.47
N TYR B 595 52.66 57.28 29.96
CA TYR B 595 53.35 56.11 30.56
C TYR B 595 53.81 56.48 31.98
N ARG B 596 54.70 57.47 32.10
CA ARG B 596 55.32 57.89 33.38
C ARG B 596 54.21 58.16 34.41
N LYS B 597 53.11 58.79 34.00
CA LYS B 597 51.96 59.07 34.91
C LYS B 597 51.39 57.73 35.41
N ALA B 598 51.06 56.82 34.49
CA ALA B 598 50.41 55.53 34.81
C ALA B 598 51.34 54.67 35.68
N HIS B 599 52.64 54.67 35.38
CA HIS B 599 53.70 53.94 36.15
C HIS B 599 53.68 54.42 37.61
N ALA B 600 53.69 55.73 37.81
CA ALA B 600 53.65 56.38 39.13
C ALA B 600 52.37 56.01 39.88
N GLU B 601 51.22 56.02 39.20
CA GLU B 601 49.91 55.63 39.80
C GLU B 601 50.01 54.20 40.30
N ARG B 602 50.63 53.31 39.51
CA ARG B 602 50.78 51.86 39.84
C ARG B 602 51.74 51.72 41.02
N GLN B 603 52.84 52.48 41.02
CA GLN B 603 53.81 52.54 42.15
C GLN B 603 53.10 53.07 43.39
N ALA B 604 52.21 54.03 43.24
CA ALA B 604 51.50 54.66 44.37
C ALA B 604 50.73 53.56 45.09
N ILE B 605 49.89 52.82 44.36
CA ILE B 605 49.02 51.75 44.91
C ILE B 605 49.92 50.66 45.49
N ASN B 606 50.88 50.19 44.72
CA ASN B 606 51.70 49.01 45.09
C ASN B 606 52.60 49.34 46.28
N THR B 607 53.15 50.54 46.34
CA THR B 607 54.07 50.93 47.44
C THR B 607 53.31 50.86 48.75
N ILE B 608 52.10 51.39 48.83
CA ILE B 608 51.32 51.36 50.10
C ILE B 608 51.17 49.91 50.57
N VAL B 609 50.78 48.98 49.69
CA VAL B 609 50.43 47.59 50.11
C VAL B 609 51.71 46.80 50.36
N GLN B 610 52.64 46.80 49.41
CA GLN B 610 53.90 46.02 49.49
C GLN B 610 54.77 46.61 50.61
N GLY B 611 54.83 47.95 50.74
CA GLY B 611 55.60 48.62 51.81
C GLY B 611 55.05 48.33 53.19
N SER B 612 53.73 48.33 53.32
CA SER B 612 53.02 47.99 54.58
C SER B 612 53.35 46.54 54.98
N ALA B 613 53.35 45.61 54.01
CA ALA B 613 53.64 44.18 54.26
C ALA B 613 55.06 44.04 54.79
N ALA B 614 55.97 44.81 54.22
CA ALA B 614 57.41 44.79 54.58
C ALA B 614 57.57 45.33 56.01
N ASP B 615 56.78 46.33 56.41
CA ASP B 615 56.74 46.89 57.79
C ASP B 615 56.28 45.78 58.76
N ILE B 616 55.22 45.05 58.41
CA ILE B 616 54.63 44.02 59.31
C ILE B 616 55.67 42.91 59.54
N VAL B 617 56.39 42.51 58.49
CA VAL B 617 57.35 41.37 58.58
C VAL B 617 58.53 41.82 59.44
N LYS B 618 59.00 43.04 59.26
CA LYS B 618 60.08 43.64 60.10
C LYS B 618 59.66 43.62 61.56
N ILE B 619 58.46 44.08 61.87
CA ILE B 619 57.96 44.12 63.27
C ILE B 619 57.94 42.69 63.81
N ALA B 620 57.42 41.74 63.02
CA ALA B 620 57.38 40.31 63.41
C ALA B 620 58.79 39.82 63.73
N THR B 621 59.73 40.12 62.85
CA THR B 621 61.13 39.64 62.97
C THR B 621 61.71 40.12 64.29
N VAL B 622 61.51 41.40 64.57
CA VAL B 622 62.08 42.09 65.76
C VAL B 622 61.45 41.48 67.02
N ASN B 623 60.15 41.30 67.01
CA ASN B 623 59.37 40.78 68.17
C ASN B 623 59.72 39.31 68.42
N ILE B 624 59.97 38.53 67.39
CA ILE B 624 60.40 37.10 67.53
C ILE B 624 61.77 37.09 68.19
N GLN B 625 62.69 37.94 67.72
CA GLN B 625 64.09 37.97 68.24
C GLN B 625 64.08 38.31 69.72
N LYS B 626 63.28 39.29 70.17
CA LYS B 626 63.15 39.64 71.61
C LYS B 626 62.73 38.39 72.39
N GLN B 627 61.64 37.73 71.98
CA GLN B 627 61.13 36.49 72.63
C GLN B 627 62.22 35.43 72.67
N LEU B 628 62.90 35.15 71.56
CA LEU B 628 63.92 34.08 71.50
C LEU B 628 65.02 34.36 72.54
N GLU B 629 65.36 35.63 72.75
CA GLU B 629 66.49 36.04 73.64
C GLU B 629 66.05 35.98 75.11
N THR B 630 64.74 36.00 75.43
CA THR B 630 64.26 35.85 76.84
C THR B 630 64.42 34.39 77.25
N PHE B 631 63.96 33.46 76.40
CA PHE B 631 64.02 32.00 76.64
C PHE B 631 65.45 31.52 76.34
N HIS B 632 66.36 32.47 76.07
CA HIS B 632 67.76 32.24 75.62
C HIS B 632 68.65 31.98 76.86
N SER B 633 68.73 30.70 77.26
CA SER B 633 69.82 30.14 78.13
C SER B 633 71.04 29.81 77.26
N THR B 634 71.27 30.56 76.15
CA THR B 634 72.19 30.19 75.05
C THR B 634 72.51 31.38 74.12
N PHE B 635 73.38 31.16 73.14
CA PHE B 635 74.02 32.19 72.29
C PHE B 635 73.00 32.74 71.29
N LYS B 636 73.03 34.05 71.04
CA LYS B 636 71.99 34.73 70.22
C LYS B 636 72.31 34.52 68.72
N SER B 637 73.48 34.00 68.35
CA SER B 637 73.89 33.72 66.95
C SER B 637 75.02 32.71 66.96
N HIS B 638 75.27 32.04 65.86
CA HIS B 638 76.47 31.18 65.68
C HIS B 638 77.74 32.01 65.86
N GLY B 639 77.73 33.28 65.45
CA GLY B 639 78.89 34.19 65.59
C GLY B 639 79.24 34.37 67.04
N HIS B 640 78.25 34.53 67.91
CA HIS B 640 78.44 34.70 69.38
C HIS B 640 79.20 33.48 69.93
N ARG B 641 79.23 32.32 69.27
CA ARG B 641 80.11 31.19 69.69
C ARG B 641 81.53 31.34 69.09
N GLU B 642 81.66 31.60 67.78
CA GLU B 642 82.98 31.96 67.16
C GLU B 642 83.68 33.03 68.00
N CYS B 663 78.29 20.71 74.90
CA CYS B 663 77.39 21.87 75.12
C CYS B 663 76.56 22.13 73.84
N PRO B 664 75.53 21.29 73.57
CA PRO B 664 74.84 21.29 72.28
C PRO B 664 74.17 22.62 71.92
N ILE B 665 73.87 22.83 70.64
CA ILE B 665 73.16 24.04 70.15
C ILE B 665 71.69 23.99 70.61
N ARG B 666 71.21 25.09 71.16
CA ARG B 666 69.81 25.28 71.57
C ARG B 666 69.29 26.58 70.97
N GLY B 667 67.98 26.63 70.74
CA GLY B 667 67.27 27.83 70.27
C GLY B 667 67.08 27.87 68.77
N GLY B 668 66.74 29.06 68.27
CA GLY B 668 66.36 29.34 66.89
C GLY B 668 67.24 30.44 66.34
N PHE B 669 67.74 30.23 65.12
CA PHE B 669 68.70 31.13 64.45
C PHE B 669 68.06 31.63 63.17
N PHE B 670 67.84 32.93 63.06
CA PHE B 670 67.31 33.60 61.85
C PHE B 670 68.31 33.37 60.71
N ILE B 671 67.91 32.67 59.66
CA ILE B 671 68.86 32.31 58.57
C ILE B 671 68.47 32.97 57.24
N LEU B 672 67.21 33.31 57.01
CA LEU B 672 66.80 33.89 55.70
C LEU B 672 65.46 34.62 55.81
N GLN B 673 65.36 35.72 55.08
CA GLN B 673 64.08 36.43 54.92
C GLN B 673 63.68 36.29 53.45
N LEU B 674 62.41 35.98 53.21
CA LEU B 674 61.80 35.83 51.87
C LEU B 674 60.54 36.67 51.74
N HIS B 675 60.58 37.93 52.18
CA HIS B 675 59.58 39.00 51.90
C HIS B 675 58.33 38.82 52.77
N ASP B 676 57.66 37.67 52.70
CA ASP B 676 56.48 37.41 53.56
C ASP B 676 56.75 36.15 54.38
N GLU B 677 57.98 35.70 54.48
CA GLU B 677 58.34 34.36 55.03
C GLU B 677 59.68 34.48 55.77
N LEU B 678 59.77 33.92 56.98
CA LEU B 678 60.98 33.91 57.82
C LEU B 678 61.46 32.47 57.93
N LEU B 679 62.74 32.21 57.71
CA LEU B 679 63.37 30.89 57.95
C LEU B 679 64.25 30.98 59.19
N TYR B 680 64.10 30.01 60.08
CA TYR B 680 64.93 29.79 61.26
C TYR B 680 65.49 28.38 61.22
N GLU B 681 66.72 28.25 61.66
CA GLU B 681 67.41 26.96 61.92
C GLU B 681 67.20 26.67 63.40
N VAL B 682 66.64 25.52 63.78
CA VAL B 682 66.17 25.31 65.18
C VAL B 682 66.65 23.96 65.69
N ALA B 683 67.15 23.92 66.92
CA ALA B 683 67.58 22.68 67.61
C ALA B 683 66.36 21.77 67.78
N GLU B 684 66.53 20.46 67.59
CA GLU B 684 65.44 19.45 67.66
C GLU B 684 64.51 19.70 68.86
N GLU B 685 65.10 19.89 70.05
CA GLU B 685 64.40 20.06 71.36
C GLU B 685 63.51 21.31 71.36
N ASP B 686 63.80 22.28 70.50
CA ASP B 686 63.23 23.64 70.68
C ASP B 686 62.21 23.93 69.59
N VAL B 687 61.96 23.01 68.66
CA VAL B 687 61.17 23.32 67.44
C VAL B 687 59.73 23.60 67.81
N VAL B 688 59.14 22.88 68.77
CA VAL B 688 57.73 23.12 69.17
C VAL B 688 57.61 24.56 69.72
N GLN B 689 58.48 24.94 70.66
CA GLN B 689 58.40 26.24 71.37
C GLN B 689 58.68 27.39 70.38
N VAL B 690 59.71 27.25 69.54
CA VAL B 690 60.07 28.29 68.53
C VAL B 690 58.94 28.44 67.50
N ALA B 691 58.30 27.34 67.08
CA ALA B 691 57.18 27.39 66.11
C ALA B 691 56.02 28.18 66.70
N GLN B 692 55.71 27.97 68.00
CA GLN B 692 54.63 28.72 68.73
C GLN B 692 54.97 30.21 68.77
N ILE B 693 56.18 30.55 69.21
CA ILE B 693 56.67 31.96 69.32
C ILE B 693 56.57 32.62 67.93
N VAL B 694 57.09 31.98 66.89
CA VAL B 694 57.15 32.57 65.52
C VAL B 694 55.73 32.86 65.04
N LYS B 695 54.83 31.88 65.14
CA LYS B 695 53.41 31.98 64.68
C LYS B 695 52.69 33.06 65.48
N ASN B 696 52.78 33.01 66.81
CA ASN B 696 52.09 33.96 67.72
C ASN B 696 52.53 35.39 67.35
N GLU B 697 53.83 35.64 67.24
CA GLU B 697 54.42 37.00 67.02
C GLU B 697 54.09 37.50 65.62
N MET B 698 54.01 36.60 64.62
CA MET B 698 53.70 37.02 63.22
C MET B 698 52.21 37.39 63.13
N GLU B 699 51.33 36.64 63.82
CA GLU B 699 49.85 36.85 63.85
C GLU B 699 49.47 38.10 64.66
N SER B 700 50.30 38.49 65.63
CA SER B 700 50.11 39.64 66.56
C SER B 700 50.89 40.88 66.10
N ALA B 701 51.64 40.83 64.99
CA ALA B 701 52.56 41.91 64.59
C ALA B 701 51.82 43.26 64.59
N VAL B 702 50.66 43.30 63.96
CA VAL B 702 49.73 44.48 63.93
C VAL B 702 48.30 43.94 63.99
N LYS B 703 47.33 44.79 64.34
CA LYS B 703 45.88 44.46 64.34
C LYS B 703 45.23 45.14 63.12
N LEU B 704 44.71 44.34 62.19
CA LEU B 704 43.97 44.79 60.98
C LEU B 704 42.48 44.42 61.13
N SER B 705 41.67 44.78 60.13
CA SER B 705 40.23 44.43 59.99
C SER B 705 40.09 42.91 59.87
N VAL B 706 41.13 42.24 59.34
CA VAL B 706 41.17 40.78 59.06
C VAL B 706 42.27 40.15 59.92
N LYS B 707 42.15 38.85 60.19
CA LYS B 707 43.19 38.02 60.88
C LYS B 707 44.39 37.86 59.94
N LEU B 708 45.59 38.02 60.49
CA LEU B 708 46.85 37.67 59.79
C LEU B 708 47.06 36.17 59.94
N LYS B 709 46.78 35.41 58.90
CA LYS B 709 46.94 33.92 58.91
C LYS B 709 48.41 33.58 58.66
N VAL B 710 48.95 32.62 59.39
CA VAL B 710 50.37 32.15 59.25
C VAL B 710 50.38 30.62 59.11
N LYS B 711 51.01 30.10 58.06
CA LYS B 711 51.38 28.66 57.90
C LYS B 711 52.82 28.47 58.37
N VAL B 712 53.06 27.48 59.22
CA VAL B 712 54.40 27.03 59.66
C VAL B 712 54.71 25.68 59.02
N LYS B 713 55.91 25.54 58.45
CA LYS B 713 56.43 24.27 57.90
C LYS B 713 57.77 23.98 58.58
N ILE B 714 58.22 22.74 58.53
CA ILE B 714 59.44 22.26 59.23
C ILE B 714 60.03 21.10 58.44
N GLY B 715 61.35 20.94 58.47
CA GLY B 715 62.00 19.88 57.68
C GLY B 715 63.50 19.86 57.79
N ALA B 716 64.11 18.88 57.10
CA ALA B 716 65.55 18.59 57.14
C ALA B 716 66.28 19.43 56.08
N SER B 717 65.53 20.20 55.30
CA SER B 717 66.07 21.14 54.30
C SER B 717 64.96 22.11 53.90
N TRP B 718 65.37 23.23 53.30
CA TRP B 718 64.46 24.28 52.78
C TRP B 718 63.57 23.63 51.70
N GLY B 719 64.08 22.63 51.02
CA GLY B 719 63.39 21.97 49.89
C GLY B 719 62.40 20.93 50.33
N GLU B 720 62.53 20.37 51.53
CA GLU B 720 61.65 19.28 52.04
C GLU B 720 60.88 19.73 53.28
N LEU B 721 60.20 20.86 53.22
CA LEU B 721 59.45 21.41 54.36
C LEU B 721 58.08 20.74 54.37
N LYS B 722 57.60 20.33 55.54
CA LYS B 722 56.28 19.70 55.72
C LYS B 722 55.43 20.61 56.63
N ASP B 723 54.13 20.73 56.33
CA ASP B 723 53.12 21.40 57.19
C ASP B 723 53.27 20.89 58.62
N PHE B 724 53.19 21.81 59.57
CA PHE B 724 53.34 21.58 61.02
C PHE B 724 52.27 22.42 61.72
N ASP B 725 51.22 21.76 62.24
CA ASP B 725 50.07 22.41 62.91
C ASP B 725 50.54 22.87 64.30
N VAL B 726 50.47 24.18 64.58
CA VAL B 726 50.93 24.76 65.87
C VAL B 726 49.71 25.30 66.63
N SER C 5 4.00 45.03 -36.11
CA SER C 5 2.59 45.20 -35.59
C SER C 5 1.58 44.70 -36.64
N LEU C 6 0.49 44.06 -36.20
CA LEU C 6 -0.55 43.47 -37.09
C LEU C 6 -1.23 44.58 -37.86
N SER C 7 -1.26 44.48 -39.19
CA SER C 7 -1.97 45.41 -40.10
C SER C 7 -2.97 44.66 -40.97
N ILE C 8 -4.17 45.21 -41.09
CA ILE C 8 -5.29 44.74 -41.94
C ILE C 8 -5.48 45.77 -43.07
N ILE C 9 -5.14 45.39 -44.30
CA ILE C 9 -5.32 46.23 -45.51
C ILE C 9 -6.68 45.86 -46.11
N ASP C 10 -7.62 46.81 -46.07
CA ASP C 10 -8.97 46.70 -46.70
C ASP C 10 -8.84 47.00 -48.20
N VAL C 11 -8.58 45.96 -49.00
CA VAL C 11 -8.15 46.08 -50.42
C VAL C 11 -9.30 46.67 -51.23
N ALA C 12 -10.57 46.47 -50.83
CA ALA C 12 -11.77 46.90 -51.58
C ALA C 12 -12.18 48.33 -51.22
N SER C 13 -11.37 49.05 -50.44
CA SER C 13 -11.69 50.43 -49.99
C SER C 13 -11.30 51.43 -51.08
N ASP C 14 -10.45 51.02 -52.02
CA ASP C 14 -9.90 51.92 -53.07
C ASP C 14 -9.53 51.08 -54.30
N GLN C 15 -10.08 51.45 -55.48
CA GLN C 15 -9.87 50.79 -56.80
C GLN C 15 -8.37 50.56 -57.02
N ASN C 16 -7.55 51.58 -56.76
CA ASN C 16 -6.10 51.56 -57.03
C ASN C 16 -5.39 50.54 -56.14
N LEU C 17 -5.72 50.52 -54.84
CA LEU C 17 -5.15 49.57 -53.84
C LEU C 17 -5.55 48.13 -54.23
N PHE C 18 -6.80 47.98 -54.67
CA PHE C 18 -7.40 46.67 -55.08
C PHE C 18 -6.61 46.03 -56.22
N GLN C 19 -6.32 46.77 -57.28
CA GLN C 19 -5.62 46.28 -58.49
C GLN C 19 -4.18 45.94 -58.13
N THR C 20 -3.53 46.76 -57.29
CA THR C 20 -2.15 46.50 -56.79
C THR C 20 -2.15 45.16 -56.05
N PHE C 21 -3.11 44.98 -55.14
CA PHE C 21 -3.32 43.71 -54.40
C PHE C 21 -3.55 42.56 -55.39
N ILE C 22 -4.42 42.74 -56.38
CA ILE C 22 -4.78 41.64 -57.32
C ILE C 22 -3.54 41.26 -58.11
N LYS C 23 -2.80 42.25 -58.63
CA LYS C 23 -1.55 42.01 -59.39
C LYS C 23 -0.58 41.20 -58.52
N GLU C 24 -0.32 41.62 -57.27
CA GLU C 24 0.61 40.90 -56.34
C GLU C 24 0.09 39.48 -56.08
N TRP C 25 -1.19 39.36 -55.72
CA TRP C 25 -1.80 38.05 -55.39
C TRP C 25 -1.58 37.09 -56.56
N ARG C 26 -1.74 37.55 -57.80
CA ARG C 26 -1.72 36.64 -59.00
C ARG C 26 -0.28 36.10 -59.15
N CYS C 27 0.76 36.78 -58.62
CA CYS C 27 2.10 36.15 -58.80
C CYS C 27 2.53 35.28 -57.60
N LYS C 28 1.70 35.07 -56.59
CA LYS C 28 2.14 34.35 -55.36
C LYS C 28 2.02 32.84 -55.59
N LYS C 29 3.03 32.09 -55.17
CA LYS C 29 3.01 30.61 -55.24
C LYS C 29 2.49 30.06 -53.91
N ARG C 30 2.37 30.87 -52.85
CA ARG C 30 1.91 30.39 -51.53
C ARG C 30 1.20 31.51 -50.80
N PHE C 31 0.04 31.21 -50.21
CA PHE C 31 -0.71 32.16 -49.35
C PHE C 31 -1.69 31.36 -48.53
N SER C 32 -2.16 32.01 -47.48
CA SER C 32 -3.22 31.49 -46.59
C SER C 32 -4.49 32.25 -46.93
N ILE C 33 -5.65 31.66 -46.75
CA ILE C 33 -6.93 32.40 -46.71
C ILE C 33 -7.66 31.92 -45.47
N SER C 34 -8.49 32.82 -44.96
CA SER C 34 -9.42 32.53 -43.87
C SER C 34 -10.72 33.25 -44.18
N LEU C 35 -11.83 32.52 -44.12
CA LEU C 35 -13.18 33.06 -44.37
C LEU C 35 -13.65 33.80 -43.12
N ALA C 36 -14.31 34.93 -43.32
CA ALA C 36 -14.93 35.74 -42.26
C ALA C 36 -16.42 35.43 -42.26
N CYS C 37 -16.91 34.75 -41.23
CA CYS C 37 -18.36 34.54 -40.98
C CYS C 37 -18.76 35.36 -39.76
N GLU C 38 -19.94 36.00 -39.82
CA GLU C 38 -20.61 36.74 -38.74
C GLU C 38 -22.08 36.31 -38.65
N LYS C 39 -22.69 36.49 -37.49
CA LYS C 39 -24.15 36.34 -37.29
C LYS C 39 -24.82 37.59 -37.86
N ILE C 40 -26.05 37.43 -38.34
CA ILE C 40 -26.84 38.53 -38.99
C ILE C 40 -27.16 39.62 -37.95
N ILE C 66 -30.99 36.58 -51.27
CA ILE C 66 -29.90 37.52 -51.69
C ILE C 66 -29.89 38.72 -50.72
N ARG C 67 -28.76 38.94 -50.04
CA ARG C 67 -28.60 40.02 -49.02
C ARG C 67 -27.41 40.91 -49.42
N ASP C 68 -27.41 42.16 -48.98
CA ASP C 68 -26.37 43.18 -49.31
C ASP C 68 -25.12 42.95 -48.45
N ASP C 69 -25.27 42.24 -47.33
CA ASP C 69 -24.27 42.23 -46.22
C ASP C 69 -23.50 40.91 -46.20
N GLY C 70 -23.73 39.99 -47.15
CA GLY C 70 -22.88 38.80 -47.41
C GLY C 70 -23.69 37.59 -47.83
N PHE C 71 -23.06 36.43 -47.90
CA PHE C 71 -23.60 35.17 -48.46
C PHE C 71 -24.10 34.25 -47.35
N PRO C 72 -25.41 33.90 -47.33
CA PRO C 72 -25.90 32.84 -46.43
C PRO C 72 -25.09 31.54 -46.56
N ILE C 73 -24.96 30.83 -45.44
CA ILE C 73 -24.27 29.51 -45.33
C ILE C 73 -25.34 28.42 -45.32
N LYS C 74 -25.19 27.37 -46.14
CA LYS C 74 -26.11 26.21 -46.19
C LYS C 74 -26.08 25.49 -44.84
N GLY C 75 -27.22 25.49 -44.14
CA GLY C 75 -27.42 24.75 -42.89
C GLY C 75 -27.53 25.65 -41.67
N CYS C 76 -27.26 26.96 -41.84
CA CYS C 76 -27.25 27.97 -40.74
C CYS C 76 -27.99 29.24 -41.21
N ASP C 77 -29.23 29.46 -40.71
CA ASP C 77 -30.06 30.64 -41.06
C ASP C 77 -29.52 31.88 -40.34
N ASP C 78 -28.42 31.75 -39.58
CA ASP C 78 -27.96 32.75 -38.57
C ASP C 78 -26.73 33.55 -39.05
N THR C 79 -25.87 32.91 -39.86
CA THR C 79 -24.46 33.31 -40.15
C THR C 79 -24.29 33.63 -41.63
N LEU C 80 -23.44 34.63 -41.94
CA LEU C 80 -23.09 35.05 -43.32
C LEU C 80 -21.58 34.98 -43.51
N VAL C 81 -21.13 34.57 -44.70
CA VAL C 81 -19.74 34.86 -45.18
C VAL C 81 -19.73 36.32 -45.59
N VAL C 82 -18.95 37.16 -44.92
CA VAL C 82 -18.89 38.64 -45.17
C VAL C 82 -17.60 38.98 -45.90
N GLY C 83 -16.62 38.08 -45.89
CA GLY C 83 -15.35 38.35 -46.57
C GLY C 83 -14.37 37.24 -46.34
N LEU C 84 -13.11 37.48 -46.68
CA LEU C 84 -11.99 36.56 -46.39
C LEU C 84 -10.71 37.39 -46.28
N ALA C 85 -9.73 36.86 -45.57
CA ALA C 85 -8.40 37.47 -45.38
C ALA C 85 -7.36 36.61 -46.08
N VAL C 86 -6.36 37.26 -46.65
CA VAL C 86 -5.26 36.62 -47.39
C VAL C 86 -3.96 37.03 -46.69
N CYS C 87 -3.06 36.08 -46.52
CA CYS C 87 -1.73 36.37 -45.97
C CYS C 87 -0.68 35.65 -46.78
N TRP C 88 0.41 36.33 -47.13
CA TRP C 88 1.55 35.71 -47.85
C TRP C 88 2.88 36.09 -47.21
N GLY C 89 2.88 36.43 -45.93
CA GLY C 89 4.12 36.71 -45.19
C GLY C 89 3.94 37.74 -44.10
N GLY C 90 4.78 37.67 -43.06
CA GLY C 90 4.83 38.65 -41.97
C GLY C 90 3.52 38.70 -41.24
N ARG C 91 3.08 39.91 -40.84
CA ARG C 91 1.89 40.13 -40.01
C ARG C 91 0.94 41.09 -40.74
N ASP C 92 0.97 41.02 -42.09
CA ASP C 92 0.05 41.73 -43.00
C ASP C 92 -1.05 40.77 -43.46
N ALA C 93 -2.30 41.08 -43.12
CA ALA C 93 -3.53 40.43 -43.60
C ALA C 93 -4.21 41.37 -44.61
N TYR C 94 -4.53 40.85 -45.81
CA TYR C 94 -5.31 41.60 -46.82
C TYR C 94 -6.75 41.16 -46.66
N TYR C 95 -7.61 42.01 -46.13
CA TYR C 95 -9.04 41.67 -45.96
C TYR C 95 -9.84 42.09 -47.20
N PHE C 96 -10.52 41.11 -47.77
CA PHE C 96 -11.22 41.16 -49.08
C PHE C 96 -12.70 41.02 -48.74
N SER C 97 -13.42 42.15 -48.70
CA SER C 97 -14.86 42.21 -48.34
C SER C 97 -15.71 41.64 -49.49
N LEU C 98 -16.75 40.91 -49.13
CA LEU C 98 -17.74 40.30 -50.06
C LEU C 98 -19.13 40.83 -49.74
N GLN C 99 -19.20 42.07 -49.24
CA GLN C 99 -20.47 42.76 -48.94
C GLN C 99 -20.83 43.70 -50.10
N LYS C 100 -22.07 43.69 -50.56
CA LYS C 100 -22.56 44.67 -51.57
C LYS C 100 -22.39 46.09 -50.97
N GLU C 101 -22.94 46.31 -49.77
CA GLU C 101 -22.89 47.63 -49.08
C GLU C 101 -22.52 47.40 -47.60
N GLN C 102 -22.16 48.47 -46.88
CA GLN C 102 -22.01 48.49 -45.39
C GLN C 102 -20.82 47.62 -44.96
N PRO C 113 -12.71 49.29 -40.40
CA PRO C 113 -12.55 49.29 -41.87
C PRO C 113 -13.01 50.59 -42.51
N PRO C 114 -12.28 51.13 -43.52
CA PRO C 114 -12.84 52.13 -44.44
C PRO C 114 -13.86 51.48 -45.39
N SER C 115 -14.77 52.25 -46.02
CA SER C 115 -15.95 51.71 -46.74
C SER C 115 -15.53 51.15 -48.10
N LEU C 116 -16.49 50.56 -48.84
CA LEU C 116 -16.28 49.98 -50.19
C LEU C 116 -16.26 51.08 -51.25
N ASP C 117 -15.20 51.10 -52.06
CA ASP C 117 -15.14 51.81 -53.36
C ASP C 117 -16.28 51.26 -54.24
N PRO C 118 -17.29 52.10 -54.59
CA PRO C 118 -18.48 51.62 -55.28
C PRO C 118 -18.26 51.19 -56.74
N SER C 119 -17.14 51.58 -57.37
CA SER C 119 -16.73 51.10 -58.72
C SER C 119 -16.34 49.61 -58.66
N LEU C 120 -16.04 49.08 -57.47
CA LEU C 120 -15.76 47.63 -57.27
C LEU C 120 -17.05 46.90 -56.92
N THR C 121 -17.83 46.58 -57.94
CA THR C 121 -19.07 45.79 -57.77
C THR C 121 -18.75 44.45 -57.14
N LEU C 122 -19.71 43.87 -56.44
CA LEU C 122 -19.58 42.50 -55.88
C LEU C 122 -19.24 41.52 -57.00
N LYS C 123 -19.93 41.61 -58.15
CA LYS C 123 -19.66 40.76 -59.34
C LYS C 123 -18.19 40.89 -59.74
N ASP C 124 -17.66 42.12 -59.87
CA ASP C 124 -16.22 42.35 -60.19
C ASP C 124 -15.32 41.65 -59.14
N ARG C 125 -15.63 41.80 -57.84
CA ARG C 125 -14.82 41.21 -56.75
C ARG C 125 -14.86 39.69 -56.87
N MET C 126 -16.04 39.13 -57.10
CA MET C 126 -16.21 37.66 -57.21
C MET C 126 -15.42 37.15 -58.43
N TRP C 127 -15.41 37.90 -59.51
CA TRP C 127 -14.55 37.52 -60.66
C TRP C 127 -13.08 37.39 -60.17
N TYR C 128 -12.54 38.46 -59.57
CA TYR C 128 -11.09 38.58 -59.23
C TYR C 128 -10.78 37.52 -58.17
N LEU C 129 -11.73 37.28 -57.26
CA LEU C 129 -11.60 36.20 -56.26
C LEU C 129 -11.47 34.84 -56.97
N GLN C 130 -12.38 34.49 -57.88
CA GLN C 130 -12.36 33.15 -58.54
C GLN C 130 -11.05 33.05 -59.35
N SER C 131 -10.62 34.14 -59.96
CA SER C 131 -9.40 34.18 -60.81
C SER C 131 -8.16 33.82 -59.98
N CYS C 132 -8.06 34.32 -58.74
CA CYS C 132 -6.84 34.12 -57.91
C CYS C 132 -6.90 32.76 -57.21
N LEU C 133 -8.08 32.15 -57.11
CA LEU C 133 -8.25 30.87 -56.38
C LEU C 133 -8.32 29.69 -57.35
N ARG C 134 -8.17 29.90 -58.68
CA ARG C 134 -8.22 28.78 -59.66
C ARG C 134 -6.86 28.70 -60.42
N LYS C 135 -6.31 27.50 -60.60
CA LYS C 135 -4.97 27.23 -61.22
C LYS C 135 -4.98 27.62 -62.70
N GLU C 136 -3.86 28.15 -63.18
CA GLU C 136 -3.49 28.20 -64.62
C GLU C 136 -2.67 26.94 -64.95
N SER C 137 -2.23 26.77 -66.20
CA SER C 137 -1.49 25.58 -66.71
C SER C 137 0.00 25.70 -66.38
N ASP C 138 0.55 24.70 -65.66
CA ASP C 138 1.98 24.55 -65.30
C ASP C 138 2.39 25.59 -64.25
N LYS C 139 1.52 25.80 -63.24
CA LYS C 139 1.70 26.84 -62.18
C LYS C 139 1.48 26.19 -60.81
N GLU C 140 2.58 25.81 -60.13
CA GLU C 140 2.59 25.27 -58.75
C GLU C 140 2.21 26.39 -57.76
N CYS C 141 1.06 26.23 -57.12
CA CYS C 141 0.37 27.23 -56.27
C CYS C 141 -0.29 26.53 -55.07
N SER C 142 0.01 26.94 -53.84
CA SER C 142 -0.45 26.29 -52.60
C SER C 142 -1.24 27.29 -51.76
N VAL C 143 -2.43 26.91 -51.35
CA VAL C 143 -3.28 27.68 -50.40
C VAL C 143 -3.31 26.94 -49.06
N VAL C 144 -3.03 27.67 -47.99
CA VAL C 144 -3.04 27.17 -46.59
C VAL C 144 -4.38 27.56 -45.98
N ILE C 145 -5.16 26.57 -45.58
CA ILE C 145 -6.51 26.77 -44.98
C ILE C 145 -6.62 25.87 -43.75
N TYR C 146 -6.82 26.48 -42.58
CA TYR C 146 -7.22 25.76 -41.36
C TYR C 146 -8.62 25.17 -41.60
N ASP C 147 -8.77 23.85 -41.41
CA ASP C 147 -10.04 23.11 -41.68
C ASP C 147 -10.41 23.32 -43.15
N PHE C 148 -9.52 22.84 -44.01
CA PHE C 148 -9.69 22.90 -45.46
C PHE C 148 -11.10 22.45 -45.90
N ILE C 149 -11.58 21.31 -45.41
CA ILE C 149 -12.85 20.71 -45.90
C ILE C 149 -14.00 21.66 -45.65
N GLN C 150 -14.15 22.16 -44.43
CA GLN C 150 -15.28 23.07 -44.11
C GLN C 150 -15.19 24.33 -44.99
N SER C 151 -13.99 24.81 -45.27
CA SER C 151 -13.80 26.08 -46.03
C SER C 151 -14.10 25.84 -47.50
N TYR C 152 -13.63 24.73 -48.06
CA TYR C 152 -13.90 24.33 -49.46
C TYR C 152 -15.42 24.30 -49.68
N LYS C 153 -16.17 23.78 -48.71
CA LYS C 153 -17.63 23.59 -48.87
C LYS C 153 -18.33 24.94 -48.80
N ILE C 154 -17.95 25.78 -47.85
CA ILE C 154 -18.60 27.12 -47.73
C ILE C 154 -18.29 27.95 -49.00
N LEU C 155 -17.07 27.91 -49.51
CA LEU C 155 -16.70 28.68 -50.71
C LEU C 155 -17.55 28.20 -51.89
N LEU C 156 -17.77 26.88 -52.02
CA LEU C 156 -18.54 26.29 -53.13
C LEU C 156 -20.01 26.64 -52.96
N LEU C 157 -20.62 26.34 -51.81
CA LEU C 157 -22.09 26.41 -51.61
C LEU C 157 -22.54 27.84 -51.35
N SER C 158 -21.74 28.66 -50.66
CA SER C 158 -22.15 30.04 -50.28
C SER C 158 -21.77 31.04 -51.36
N CYS C 159 -20.56 30.95 -51.91
CA CYS C 159 -19.98 31.96 -52.83
C CYS C 159 -19.90 31.46 -54.26
N GLY C 160 -20.16 30.17 -54.51
CA GLY C 160 -20.12 29.59 -55.86
C GLY C 160 -18.71 29.51 -56.39
N ILE C 161 -17.72 29.38 -55.51
CA ILE C 161 -16.28 29.31 -55.89
C ILE C 161 -15.74 27.92 -55.57
N SER C 162 -15.12 27.28 -56.56
CA SER C 162 -14.45 25.98 -56.42
C SER C 162 -12.95 26.23 -56.42
N LEU C 163 -12.30 26.08 -55.25
CA LEU C 163 -10.82 26.13 -55.12
C LEU C 163 -10.22 25.14 -56.12
N GLU C 164 -9.18 25.54 -56.86
CA GLU C 164 -8.46 24.68 -57.83
C GLU C 164 -6.97 25.01 -57.72
N GLN C 165 -6.35 24.55 -56.63
CA GLN C 165 -4.90 24.66 -56.34
C GLN C 165 -4.49 23.47 -55.47
N SER C 166 -3.21 23.38 -55.09
CA SER C 166 -2.72 22.49 -54.01
C SER C 166 -3.14 23.07 -52.66
N TYR C 167 -3.62 22.22 -51.77
CA TYR C 167 -4.11 22.63 -50.42
C TYR C 167 -3.17 22.07 -49.38
N GLU C 168 -3.02 22.88 -48.33
CA GLU C 168 -2.24 22.57 -47.12
C GLU C 168 -3.07 22.97 -45.90
N ASP C 169 -3.45 22.00 -45.06
CA ASP C 169 -4.18 22.24 -43.79
C ASP C 169 -3.21 21.95 -42.65
N PRO C 170 -2.87 22.96 -41.81
CA PRO C 170 -2.03 22.73 -40.65
C PRO C 170 -2.58 21.66 -39.69
N LYS C 171 -3.91 21.50 -39.57
CA LYS C 171 -4.51 20.43 -38.71
C LYS C 171 -3.99 19.07 -39.18
N VAL C 172 -3.88 18.86 -40.49
CA VAL C 172 -3.51 17.54 -41.06
C VAL C 172 -2.00 17.32 -40.86
N ALA C 173 -1.21 18.37 -41.01
CA ALA C 173 0.25 18.36 -40.74
C ALA C 173 0.51 17.98 -39.28
N CYS C 174 -0.23 18.54 -38.32
CA CYS C 174 -0.12 18.19 -36.87
C CYS C 174 -0.34 16.70 -36.69
N TRP C 175 -1.44 16.20 -37.24
CA TRP C 175 -1.80 14.77 -37.17
C TRP C 175 -0.63 13.93 -37.70
N LEU C 176 -0.06 14.35 -38.81
CA LEU C 176 1.00 13.59 -39.52
C LEU C 176 2.24 13.53 -38.63
N LEU C 177 2.49 14.55 -37.80
CA LEU C 177 3.68 14.58 -36.90
C LEU C 177 3.46 13.75 -35.63
N ASP C 178 2.22 13.64 -35.15
CA ASP C 178 1.90 12.77 -33.99
C ASP C 178 0.44 12.36 -34.05
N PRO C 179 0.12 11.17 -34.60
CA PRO C 179 -1.27 10.78 -34.82
C PRO C 179 -2.06 10.59 -33.52
N ASP C 180 -1.40 10.43 -32.38
CA ASP C 180 -2.05 10.22 -31.05
C ASP C 180 -2.22 11.54 -30.31
N SER C 181 -1.74 12.66 -30.89
CA SER C 181 -1.91 14.03 -30.31
C SER C 181 -3.42 14.31 -30.20
N GLN C 182 -3.81 15.22 -29.33
CA GLN C 182 -5.24 15.61 -29.23
C GLN C 182 -5.56 16.38 -30.50
N GLU C 183 -6.79 16.27 -31.01
CA GLU C 183 -7.29 17.06 -32.15
C GLU C 183 -6.79 18.49 -32.01
N PRO C 184 -6.13 19.07 -33.03
CA PRO C 184 -5.63 20.43 -32.93
C PRO C 184 -6.74 21.48 -32.95
N THR C 185 -6.53 22.57 -32.22
CA THR C 185 -7.31 23.83 -32.31
C THR C 185 -6.33 24.87 -32.86
N LEU C 186 -6.81 26.06 -33.25
CA LEU C 186 -5.88 27.14 -33.67
C LEU C 186 -4.96 27.48 -32.48
N HIS C 187 -5.49 27.45 -31.26
CA HIS C 187 -4.75 27.75 -30.00
C HIS C 187 -3.63 26.74 -29.78
N SER C 188 -3.89 25.44 -29.96
CA SER C 188 -2.88 24.36 -29.77
C SER C 188 -1.81 24.46 -30.86
N ILE C 189 -2.20 24.74 -32.09
CA ILE C 189 -1.23 24.89 -33.22
C ILE C 189 -0.28 26.04 -32.90
N VAL C 190 -0.83 27.18 -32.51
CA VAL C 190 -0.01 28.40 -32.24
C VAL C 190 0.86 28.13 -30.99
N THR C 191 0.30 27.50 -29.97
CA THR C 191 1.05 27.10 -28.76
C THR C 191 2.29 26.27 -29.19
N SER C 192 2.12 25.23 -29.99
CA SER C 192 3.19 24.25 -30.34
C SER C 192 4.15 24.78 -31.41
N PHE C 193 3.68 25.52 -32.39
CA PHE C 193 4.45 25.81 -33.62
C PHE C 193 4.67 27.31 -33.82
N LEU C 194 3.96 28.20 -33.11
CA LEU C 194 4.13 29.66 -33.31
C LEU C 194 3.96 30.38 -31.98
N PRO C 195 4.61 29.92 -30.89
CA PRO C 195 4.25 30.35 -29.52
C PRO C 195 4.46 31.85 -29.29
N HIS C 196 5.42 32.47 -29.97
CA HIS C 196 5.66 33.93 -29.91
C HIS C 196 4.42 34.73 -30.34
N GLU C 197 3.45 34.15 -31.08
CA GLU C 197 2.26 34.91 -31.56
C GLU C 197 1.03 34.61 -30.69
N LEU C 198 1.14 33.86 -29.60
CA LEU C 198 0.01 33.58 -28.68
C LEU C 198 -0.71 34.87 -28.26
N PRO C 199 -0.01 36.00 -28.00
CA PRO C 199 -0.71 37.26 -27.65
C PRO C 199 -1.84 37.65 -28.62
N LEU C 200 -1.67 37.45 -29.93
CA LEU C 200 -2.72 37.71 -30.96
C LEU C 200 -4.03 36.98 -30.62
N LEU C 201 -3.98 35.88 -29.88
CA LEU C 201 -5.15 35.04 -29.55
C LEU C 201 -5.74 35.42 -28.19
N GLU C 202 -5.10 36.36 -27.46
CA GLU C 202 -5.61 36.89 -26.16
C GLU C 202 -7.01 37.48 -26.34
N GLY C 203 -7.97 36.96 -25.56
CA GLY C 203 -9.38 37.38 -25.56
C GLY C 203 -10.16 36.78 -26.73
N MET C 204 -9.64 35.72 -27.35
CA MET C 204 -10.25 35.06 -28.54
C MET C 204 -10.44 33.59 -28.17
N GLU C 205 -11.31 33.37 -27.18
CA GLU C 205 -11.51 32.08 -26.48
C GLU C 205 -11.96 30.97 -27.45
N THR C 206 -12.63 31.33 -28.55
CA THR C 206 -13.10 30.38 -29.60
C THR C 206 -11.92 29.75 -30.36
N SER C 207 -10.71 30.33 -30.29
CA SER C 207 -9.45 29.74 -30.83
C SER C 207 -9.15 28.40 -30.17
N GLN C 208 -9.73 28.12 -28.98
CA GLN C 208 -9.58 26.84 -28.22
C GLN C 208 -10.70 25.85 -28.55
N GLY C 209 -11.55 26.16 -29.53
CA GLY C 209 -12.48 25.20 -30.14
C GLY C 209 -11.92 24.66 -31.46
N ILE C 210 -12.50 23.58 -31.96
CA ILE C 210 -12.04 22.85 -33.17
C ILE C 210 -12.31 23.71 -34.42
N GLN C 211 -13.45 24.40 -34.46
CA GLN C 211 -13.94 25.21 -35.60
C GLN C 211 -13.00 26.41 -35.84
N SER C 212 -12.78 26.74 -37.11
CA SER C 212 -11.95 27.87 -37.61
C SER C 212 -12.35 29.17 -36.89
N LEU C 213 -11.38 29.97 -36.47
CA LEU C 213 -11.61 31.28 -35.82
C LEU C 213 -12.49 32.16 -36.73
N GLY C 214 -12.16 32.19 -38.02
CA GLY C 214 -12.91 32.96 -39.04
C GLY C 214 -14.35 32.50 -39.13
N LEU C 215 -14.58 31.19 -39.10
CA LEU C 215 -15.91 30.55 -39.32
C LEU C 215 -16.76 30.65 -38.06
N ASN C 216 -16.16 30.90 -36.91
CA ASN C 216 -16.87 30.79 -35.60
C ASN C 216 -17.45 32.16 -35.27
N ALA C 217 -18.69 32.37 -35.69
CA ALA C 217 -19.45 33.64 -35.55
C ALA C 217 -20.05 33.76 -34.14
N GLY C 218 -19.86 32.76 -33.29
CA GLY C 218 -20.29 32.79 -31.88
C GLY C 218 -19.31 33.57 -31.01
N SER C 219 -18.60 34.54 -31.59
CA SER C 219 -17.64 35.46 -30.91
C SER C 219 -18.16 36.90 -31.04
N GLU C 220 -17.69 37.79 -30.16
CA GLU C 220 -18.01 39.23 -30.14
C GLU C 220 -17.06 39.99 -31.07
N HIS C 221 -15.96 39.35 -31.46
CA HIS C 221 -14.96 39.94 -32.39
C HIS C 221 -15.51 39.84 -33.80
N SER C 222 -15.28 40.86 -34.62
CA SER C 222 -15.73 40.91 -36.03
C SER C 222 -15.10 39.77 -36.84
N GLY C 223 -15.80 39.29 -37.87
CA GLY C 223 -15.24 38.31 -38.84
C GLY C 223 -13.99 38.85 -39.49
N ARG C 224 -13.95 40.15 -39.76
CA ARG C 224 -12.79 40.80 -40.39
C ARG C 224 -11.54 40.57 -39.52
N TYR C 225 -11.64 40.92 -38.24
CA TYR C 225 -10.50 40.82 -37.28
C TYR C 225 -10.12 39.36 -37.14
N ARG C 226 -11.11 38.48 -36.91
CA ARG C 226 -10.88 37.04 -36.64
C ARG C 226 -10.19 36.42 -37.86
N ALA C 227 -10.68 36.68 -39.07
CA ALA C 227 -10.13 36.08 -40.30
C ALA C 227 -8.72 36.62 -40.56
N SER C 228 -8.48 37.90 -40.31
CA SER C 228 -7.16 38.54 -40.51
C SER C 228 -6.12 37.88 -39.57
N VAL C 229 -6.47 37.74 -38.29
CA VAL C 229 -5.57 37.12 -37.28
C VAL C 229 -5.32 35.68 -37.69
N GLU C 230 -6.38 34.93 -37.96
CA GLU C 230 -6.24 33.52 -38.40
C GLU C 230 -5.31 33.44 -39.63
N SER C 231 -5.49 34.29 -40.62
CA SER C 231 -4.71 34.21 -41.88
C SER C 231 -3.23 34.29 -41.56
N ILE C 232 -2.84 35.21 -40.68
CA ILE C 232 -1.44 35.44 -40.26
C ILE C 232 -0.95 34.25 -39.44
N LEU C 233 -1.69 33.82 -38.42
CA LEU C 233 -1.29 32.69 -37.57
C LEU C 233 -1.11 31.41 -38.40
N ILE C 234 -1.99 31.16 -39.35
CA ILE C 234 -2.02 29.89 -40.14
C ILE C 234 -0.88 29.90 -41.16
N PHE C 235 -0.61 31.02 -41.83
CA PHE C 235 0.48 31.10 -42.84
C PHE C 235 1.80 30.80 -42.16
N ASN C 236 2.08 31.48 -41.04
CA ASN C 236 3.36 31.35 -40.30
C ASN C 236 3.47 29.99 -39.65
N SER C 237 2.41 29.49 -39.03
CA SER C 237 2.33 28.11 -38.45
C SER C 237 2.67 27.05 -39.50
N MET C 238 2.14 27.21 -40.72
CA MET C 238 2.29 26.20 -41.78
C MET C 238 3.74 26.17 -42.27
N ASN C 239 4.44 27.32 -42.26
CA ASN C 239 5.88 27.36 -42.61
C ASN C 239 6.64 26.46 -41.63
N GLN C 240 6.37 26.58 -40.34
CA GLN C 240 7.05 25.79 -39.30
C GLN C 240 6.65 24.33 -39.49
N LEU C 241 5.36 24.02 -39.61
CA LEU C 241 4.88 22.62 -39.82
C LEU C 241 5.55 22.03 -41.08
N ASN C 242 5.70 22.79 -42.16
CA ASN C 242 6.36 22.31 -43.40
C ASN C 242 7.83 21.98 -43.14
N SER C 243 8.55 22.79 -42.38
CA SER C 243 9.95 22.48 -42.01
C SER C 243 9.97 21.17 -41.22
N LEU C 244 9.04 20.97 -40.27
CA LEU C 244 9.03 19.74 -39.44
C LEU C 244 8.68 18.52 -40.32
N LEU C 245 7.71 18.64 -41.22
CA LEU C 245 7.35 17.54 -42.18
C LEU C 245 8.58 17.16 -43.01
N GLN C 246 9.34 18.15 -43.47
CA GLN C 246 10.57 17.92 -44.27
C GLN C 246 11.63 17.20 -43.43
N LYS C 247 11.82 17.63 -42.18
CA LYS C 247 12.78 16.94 -41.27
C LYS C 247 12.35 15.48 -41.09
N GLU C 248 11.05 15.20 -40.95
CA GLU C 248 10.52 13.82 -40.69
C GLU C 248 10.31 13.05 -42.01
N ASN C 249 10.48 13.70 -43.15
CA ASN C 249 10.33 13.08 -44.49
C ASN C 249 8.88 12.65 -44.71
N LEU C 250 7.92 13.47 -44.29
CA LEU C 250 6.47 13.23 -44.44
C LEU C 250 5.84 14.25 -45.41
N GLN C 251 6.64 15.08 -46.05
CA GLN C 251 6.11 16.15 -46.94
C GLN C 251 5.48 15.52 -48.20
N ASP C 252 6.12 14.51 -48.78
CA ASP C 252 5.55 13.83 -49.98
C ASP C 252 4.21 13.18 -49.59
N VAL C 253 4.17 12.52 -48.44
CA VAL C 253 2.92 11.87 -47.93
C VAL C 253 1.84 12.94 -47.83
N PHE C 254 2.18 14.09 -47.25
CA PHE C 254 1.25 15.21 -46.99
C PHE C 254 0.66 15.74 -48.29
N ARG C 255 1.50 15.99 -49.30
CA ARG C 255 1.08 16.61 -50.59
C ARG C 255 0.45 15.59 -51.54
N LYS C 256 0.93 14.36 -51.59
CA LYS C 256 0.48 13.34 -52.59
C LYS C 256 -0.66 12.45 -52.06
N VAL C 257 -0.82 12.27 -50.74
CA VAL C 257 -1.83 11.33 -50.17
C VAL C 257 -2.81 12.06 -49.25
N GLU C 258 -2.31 12.65 -48.16
CA GLU C 258 -3.21 13.14 -47.09
C GLU C 258 -4.05 14.33 -47.57
N MET C 259 -3.47 15.34 -48.22
CA MET C 259 -4.29 16.52 -48.59
C MET C 259 -5.24 16.16 -49.73
N PRO C 260 -4.80 15.42 -50.77
CA PRO C 260 -5.75 14.92 -51.78
C PRO C 260 -6.90 14.08 -51.18
N SER C 261 -6.57 13.26 -50.17
CA SER C 261 -7.55 12.45 -49.42
C SER C 261 -8.57 13.39 -48.78
N GLN C 262 -8.13 14.49 -48.19
CA GLN C 262 -9.06 15.49 -47.64
C GLN C 262 -9.97 16.06 -48.75
N TYR C 263 -9.44 16.30 -49.95
CA TYR C 263 -10.24 16.82 -51.08
C TYR C 263 -11.32 15.78 -51.44
N CYS C 264 -10.96 14.51 -51.61
CA CYS C 264 -11.96 13.42 -51.83
C CYS C 264 -13.02 13.42 -50.72
N LEU C 265 -12.64 13.67 -49.46
CA LEU C 265 -13.62 13.62 -48.35
C LEU C 265 -14.54 14.84 -48.42
N ALA C 266 -14.02 15.96 -48.90
CA ALA C 266 -14.85 17.17 -49.14
C ALA C 266 -15.95 16.86 -50.16
N LEU C 267 -15.64 16.15 -51.23
CA LEU C 267 -16.64 15.79 -52.26
C LEU C 267 -17.71 14.87 -51.63
N LEU C 268 -17.29 13.91 -50.82
CA LEU C 268 -18.18 12.97 -50.11
C LEU C 268 -19.14 13.75 -49.21
N GLU C 269 -18.61 14.73 -48.49
CA GLU C 269 -19.44 15.51 -47.54
C GLU C 269 -20.40 16.40 -48.33
N LEU C 270 -20.00 16.89 -49.49
CA LEU C 270 -20.90 17.67 -50.38
C LEU C 270 -21.94 16.73 -50.96
N ASN C 271 -21.57 15.49 -51.30
CA ASN C 271 -22.50 14.51 -51.91
C ASN C 271 -23.58 14.10 -50.91
N GLY C 272 -23.20 13.81 -49.67
CA GLY C 272 -24.10 13.12 -48.72
C GLY C 272 -24.48 11.73 -49.24
N ILE C 273 -25.33 11.02 -48.50
CA ILE C 273 -25.78 9.66 -48.88
C ILE C 273 -27.30 9.65 -48.82
N GLY C 274 -27.91 9.11 -49.86
CA GLY C 274 -29.37 9.02 -49.98
C GLY C 274 -29.98 8.17 -48.89
N PHE C 275 -31.17 8.55 -48.43
CA PHE C 275 -31.85 7.95 -47.27
C PHE C 275 -33.34 7.90 -47.54
N SER C 276 -33.92 6.75 -47.27
CA SER C 276 -35.38 6.48 -47.29
C SER C 276 -35.98 6.25 -45.89
N THR C 277 -37.01 6.99 -45.55
CA THR C 277 -37.61 7.07 -44.21
C THR C 277 -38.68 5.97 -44.05
N ALA C 278 -39.33 5.61 -45.16
CA ALA C 278 -40.38 4.58 -45.27
C ALA C 278 -39.81 3.23 -44.84
N GLU C 279 -38.66 2.85 -45.41
CA GLU C 279 -37.96 1.57 -45.10
C GLU C 279 -37.62 1.52 -43.61
N CYS C 280 -37.01 2.58 -43.11
CA CYS C 280 -36.63 2.77 -41.67
C CYS C 280 -37.86 2.58 -40.74
N GLU C 281 -39.00 3.25 -41.02
CA GLU C 281 -40.20 3.25 -40.15
C GLU C 281 -40.78 1.83 -40.03
N SER C 282 -40.82 1.11 -41.15
CA SER C 282 -41.45 -0.22 -41.21
C SER C 282 -40.58 -1.19 -40.41
N GLN C 283 -39.26 -1.04 -40.49
CA GLN C 283 -38.31 -1.85 -39.66
C GLN C 283 -38.51 -1.49 -38.19
N LYS C 284 -38.60 -0.20 -37.87
CA LYS C 284 -38.80 0.31 -36.49
C LYS C 284 -40.03 -0.39 -35.87
N HIS C 285 -41.14 -0.46 -36.59
CA HIS C 285 -42.41 -1.01 -36.05
C HIS C 285 -42.26 -2.50 -35.69
N ILE C 286 -41.57 -3.27 -36.54
CA ILE C 286 -41.31 -4.72 -36.27
C ILE C 286 -40.41 -4.83 -35.04
N MET C 287 -39.33 -4.05 -35.01
CA MET C 287 -38.37 -4.05 -33.88
C MET C 287 -39.10 -3.70 -32.58
N GLN C 288 -39.99 -2.71 -32.60
CA GLN C 288 -40.64 -2.20 -31.37
C GLN C 288 -41.60 -3.26 -30.83
N ALA C 289 -42.28 -3.99 -31.71
CA ALA C 289 -43.19 -5.09 -31.36
C ALA C 289 -42.40 -6.21 -30.65
N LYS C 290 -41.20 -6.51 -31.15
CA LYS C 290 -40.33 -7.56 -30.58
C LYS C 290 -39.81 -7.10 -29.21
N LEU C 291 -39.41 -5.83 -29.09
CA LEU C 291 -38.99 -5.25 -27.79
C LEU C 291 -40.11 -5.41 -26.76
N ASP C 292 -41.37 -5.18 -27.16
CA ASP C 292 -42.54 -5.25 -26.24
C ASP C 292 -42.70 -6.67 -25.74
N ALA C 293 -42.71 -7.67 -26.63
CA ALA C 293 -42.83 -9.11 -26.31
C ALA C 293 -41.65 -9.55 -25.43
N ILE C 294 -40.43 -9.12 -25.76
CA ILE C 294 -39.22 -9.47 -24.95
C ILE C 294 -39.41 -8.92 -23.53
N GLU C 295 -39.80 -7.65 -23.37
CA GLU C 295 -39.99 -7.02 -22.04
C GLU C 295 -41.00 -7.86 -21.26
N THR C 296 -42.19 -8.10 -21.83
CA THR C 296 -43.30 -8.78 -21.11
C THR C 296 -42.84 -10.17 -20.67
N GLN C 297 -42.07 -10.90 -21.50
CA GLN C 297 -41.57 -12.25 -21.16
C GLN C 297 -40.44 -12.14 -20.13
N ALA C 298 -39.51 -11.20 -20.30
CA ALA C 298 -38.43 -10.95 -19.31
C ALA C 298 -39.03 -10.72 -17.91
N TYR C 299 -40.04 -9.84 -17.81
CA TYR C 299 -40.64 -9.40 -16.52
C TYR C 299 -41.39 -10.57 -15.86
N GLN C 300 -41.96 -11.50 -16.64
CA GLN C 300 -42.65 -12.68 -16.08
C GLN C 300 -41.60 -13.67 -15.55
N LEU C 301 -40.50 -13.89 -16.27
CA LEU C 301 -39.40 -14.77 -15.79
C LEU C 301 -38.75 -14.16 -14.54
N ALA C 302 -38.52 -12.84 -14.52
CA ALA C 302 -37.90 -12.13 -13.37
C ALA C 302 -38.83 -12.08 -12.15
N GLY C 303 -40.14 -12.06 -12.38
CA GLY C 303 -41.16 -11.90 -11.33
C GLY C 303 -41.54 -10.45 -11.08
N HIS C 304 -40.75 -9.49 -11.55
CA HIS C 304 -41.04 -8.04 -11.37
C HIS C 304 -40.47 -7.24 -12.54
N SER C 305 -40.93 -6.00 -12.73
CA SER C 305 -40.28 -5.01 -13.63
C SER C 305 -38.82 -4.86 -13.23
N PHE C 306 -37.94 -4.63 -14.20
CA PHE C 306 -36.52 -4.22 -13.99
C PHE C 306 -36.11 -3.41 -15.21
N SER C 307 -35.17 -2.49 -15.04
CA SER C 307 -34.62 -1.66 -16.14
C SER C 307 -33.55 -2.46 -16.88
N PHE C 308 -33.71 -2.62 -18.20
CA PHE C 308 -32.74 -3.31 -19.10
C PHE C 308 -31.46 -2.47 -19.25
N THR C 309 -31.50 -1.21 -18.81
CA THR C 309 -30.39 -0.23 -18.95
C THR C 309 -29.53 -0.18 -17.69
N SER C 310 -29.96 -0.82 -16.60
CA SER C 310 -29.22 -0.89 -15.31
C SER C 310 -28.54 -2.26 -15.16
N SER C 311 -27.21 -2.28 -15.28
CA SER C 311 -26.33 -3.45 -14.98
C SER C 311 -26.64 -3.99 -13.58
N ASP C 312 -26.82 -3.09 -12.62
CA ASP C 312 -27.16 -3.39 -11.20
C ASP C 312 -28.42 -4.26 -11.15
N ASP C 313 -29.52 -3.77 -11.74
CA ASP C 313 -30.85 -4.46 -11.75
C ASP C 313 -30.68 -5.86 -12.35
N ILE C 314 -30.03 -5.95 -13.51
CA ILE C 314 -29.85 -7.22 -14.27
C ILE C 314 -29.03 -8.19 -13.42
N ALA C 315 -27.99 -7.70 -12.75
CA ALA C 315 -27.11 -8.51 -11.86
C ALA C 315 -27.93 -9.01 -10.67
N GLU C 316 -28.75 -8.14 -10.07
CA GLU C 316 -29.64 -8.53 -8.94
C GLU C 316 -30.49 -9.71 -9.40
N VAL C 317 -31.13 -9.62 -10.57
CA VAL C 317 -32.08 -10.66 -11.09
C VAL C 317 -31.31 -11.93 -11.46
N LEU C 318 -30.24 -11.82 -12.23
CA LEU C 318 -29.54 -13.02 -12.77
C LEU C 318 -28.86 -13.78 -11.62
N PHE C 319 -28.17 -13.09 -10.71
CA PHE C 319 -27.16 -13.71 -9.79
C PHE C 319 -27.71 -13.86 -8.38
N LEU C 320 -28.39 -12.85 -7.84
CA LEU C 320 -28.98 -12.88 -6.48
C LEU C 320 -30.32 -13.63 -6.50
N GLU C 321 -31.21 -13.33 -7.46
CA GLU C 321 -32.64 -13.71 -7.37
C GLU C 321 -32.90 -15.00 -8.15
N LEU C 322 -31.95 -15.45 -8.97
CA LEU C 322 -32.05 -16.69 -9.79
C LEU C 322 -30.84 -17.60 -9.54
N LYS C 323 -29.77 -17.08 -8.91
CA LYS C 323 -28.54 -17.83 -8.56
C LYS C 323 -27.98 -18.55 -9.80
N LEU C 324 -27.78 -17.82 -10.91
CA LEU C 324 -26.98 -18.34 -12.06
C LEU C 324 -25.50 -18.20 -11.71
N PRO C 325 -24.59 -19.03 -12.29
CA PRO C 325 -23.18 -19.04 -11.90
C PRO C 325 -22.32 -17.92 -12.50
N PRO C 326 -21.67 -17.05 -11.67
CA PRO C 326 -20.74 -16.05 -12.17
C PRO C 326 -19.29 -16.55 -12.27
N PHE C 358 -20.43 -8.15 -9.81
CA PHE C 358 -20.83 -9.18 -10.81
C PHE C 358 -21.16 -8.48 -12.14
N SER C 359 -20.34 -8.71 -13.16
CA SER C 359 -20.46 -8.16 -14.54
C SER C 359 -21.70 -8.74 -15.26
N THR C 360 -22.28 -7.94 -16.17
CA THR C 360 -23.45 -8.31 -17.01
C THR C 360 -23.09 -8.10 -18.48
N SER C 361 -21.85 -8.38 -18.85
CA SER C 361 -21.33 -8.13 -20.21
C SER C 361 -21.90 -9.16 -21.19
N LYS C 362 -21.72 -8.88 -22.48
CA LYS C 362 -22.05 -9.80 -23.61
C LYS C 362 -21.50 -11.19 -23.30
N ASP C 363 -20.24 -11.29 -22.88
CA ASP C 363 -19.48 -12.55 -22.73
C ASP C 363 -20.14 -13.40 -21.64
N VAL C 364 -20.45 -12.79 -20.50
CA VAL C 364 -21.15 -13.42 -19.35
C VAL C 364 -22.49 -13.97 -19.87
N LEU C 365 -23.35 -13.12 -20.45
CA LEU C 365 -24.76 -13.49 -20.77
C LEU C 365 -24.74 -14.53 -21.88
N ASN C 366 -23.72 -14.50 -22.73
CA ASN C 366 -23.55 -15.43 -23.88
C ASN C 366 -23.30 -16.84 -23.35
N LYS C 367 -22.54 -16.98 -22.25
CA LYS C 367 -22.34 -18.29 -21.56
C LYS C 367 -23.68 -18.71 -20.95
N LEU C 368 -24.34 -17.80 -20.22
CA LEU C 368 -25.50 -18.15 -19.35
C LEU C 368 -26.75 -18.48 -20.18
N LYS C 369 -26.83 -18.06 -21.44
CA LYS C 369 -28.06 -18.25 -22.28
C LYS C 369 -28.30 -19.76 -22.48
N ALA C 370 -27.25 -20.58 -22.34
CA ALA C 370 -27.37 -22.04 -22.37
C ALA C 370 -28.17 -22.56 -21.17
N LEU C 371 -28.33 -21.79 -20.07
CA LEU C 371 -28.88 -22.27 -18.77
C LEU C 371 -30.28 -21.71 -18.48
N HIS C 372 -30.70 -20.61 -19.09
CA HIS C 372 -31.95 -19.89 -18.73
C HIS C 372 -32.28 -18.93 -19.86
N PRO C 373 -33.58 -18.74 -20.20
CA PRO C 373 -33.95 -17.86 -21.32
C PRO C 373 -33.67 -16.36 -21.13
N LEU C 374 -33.62 -15.85 -19.89
CA LEU C 374 -33.55 -14.39 -19.59
C LEU C 374 -32.29 -13.73 -20.16
N PRO C 375 -31.06 -14.28 -19.95
CA PRO C 375 -29.85 -13.71 -20.53
C PRO C 375 -29.91 -13.47 -22.06
N GLY C 376 -30.50 -14.41 -22.80
CA GLY C 376 -30.74 -14.29 -24.25
C GLY C 376 -31.69 -13.14 -24.56
N LEU C 377 -32.79 -13.00 -23.82
CA LEU C 377 -33.75 -11.87 -23.97
C LEU C 377 -33.01 -10.55 -23.75
N ILE C 378 -32.17 -10.48 -22.70
CA ILE C 378 -31.38 -9.24 -22.38
C ILE C 378 -30.56 -8.90 -23.62
N LEU C 379 -29.89 -9.88 -24.21
CA LEU C 379 -28.93 -9.64 -25.32
C LEU C 379 -29.68 -9.09 -26.53
N GLU C 380 -30.86 -9.66 -26.80
CA GLU C 380 -31.67 -9.28 -27.96
C GLU C 380 -32.27 -7.90 -27.73
N TRP C 381 -32.71 -7.63 -26.49
CA TRP C 381 -33.21 -6.30 -26.10
C TRP C 381 -32.17 -5.23 -26.44
N ARG C 382 -30.92 -5.45 -26.07
CA ARG C 382 -29.83 -4.45 -26.24
C ARG C 382 -29.54 -4.30 -27.71
N ARG C 383 -29.59 -5.38 -28.48
CA ARG C 383 -29.27 -5.35 -29.93
C ARG C 383 -30.33 -4.51 -30.62
N ILE C 384 -31.60 -4.76 -30.33
CA ILE C 384 -32.72 -4.09 -31.04
C ILE C 384 -32.80 -2.64 -30.55
N THR C 385 -32.70 -2.40 -29.23
CA THR C 385 -32.71 -1.03 -28.66
C THR C 385 -31.61 -0.21 -29.33
N ASN C 386 -30.44 -0.81 -29.56
CA ASN C 386 -29.31 -0.15 -30.25
C ASN C 386 -29.73 0.29 -31.64
N ALA C 387 -30.33 -0.59 -32.43
CA ALA C 387 -30.75 -0.28 -33.83
C ALA C 387 -31.76 0.86 -33.79
N ILE C 388 -32.69 0.87 -32.84
CA ILE C 388 -33.76 1.91 -32.77
C ILE C 388 -33.15 3.25 -32.29
N THR C 389 -32.42 3.28 -31.17
CA THR C 389 -32.07 4.53 -30.45
C THR C 389 -30.77 5.12 -30.96
N LYS C 390 -29.85 4.30 -31.45
CA LYS C 390 -28.49 4.72 -31.89
C LYS C 390 -28.40 4.72 -33.42
N VAL C 391 -29.38 4.19 -34.15
CA VAL C 391 -29.29 4.18 -35.63
C VAL C 391 -30.52 4.86 -36.25
N VAL C 392 -31.72 4.32 -36.06
CA VAL C 392 -32.97 4.92 -36.63
C VAL C 392 -33.15 6.36 -36.13
N PHE C 393 -33.08 6.64 -34.82
CA PHE C 393 -33.43 7.96 -34.26
C PHE C 393 -32.50 9.01 -34.86
N PRO C 394 -31.15 8.83 -34.78
CA PRO C 394 -30.22 9.80 -35.35
C PRO C 394 -30.33 9.95 -36.89
N LEU C 395 -30.52 8.88 -37.65
CA LEU C 395 -30.66 9.00 -39.12
C LEU C 395 -31.92 9.83 -39.44
N GLN C 396 -33.04 9.55 -38.79
CA GLN C 396 -34.33 10.24 -39.10
C GLN C 396 -34.38 11.60 -38.46
N ARG C 397 -33.28 12.08 -37.86
CA ARG C 397 -33.13 13.42 -37.23
C ARG C 397 -32.15 14.26 -38.09
N GLU C 398 -31.12 13.62 -38.66
CA GLU C 398 -30.03 14.22 -39.47
C GLU C 398 -30.40 14.29 -40.96
N LYS C 399 -31.49 13.63 -41.36
CA LYS C 399 -31.92 13.65 -42.78
C LYS C 399 -32.27 15.09 -43.16
N CYS C 400 -32.06 15.42 -44.43
CA CYS C 400 -32.14 16.78 -45.00
C CYS C 400 -32.67 16.64 -46.43
N LEU C 401 -33.75 17.36 -46.80
CA LEU C 401 -34.25 17.34 -48.20
C LEU C 401 -33.20 17.91 -49.17
N ASN C 402 -32.89 17.18 -50.23
CA ASN C 402 -32.10 17.73 -51.36
C ASN C 402 -33.08 18.00 -52.51
N PRO C 403 -33.44 19.28 -52.76
CA PRO C 403 -34.47 19.62 -53.74
C PRO C 403 -34.08 19.33 -55.20
N PHE C 404 -32.79 19.24 -55.54
CA PHE C 404 -32.32 18.98 -56.93
C PHE C 404 -32.50 17.49 -57.25
N LEU C 405 -31.96 16.61 -56.40
CA LEU C 405 -32.05 15.15 -56.58
C LEU C 405 -33.48 14.66 -56.28
N GLY C 406 -34.25 15.41 -55.47
CA GLY C 406 -35.65 15.09 -55.16
C GLY C 406 -35.74 13.93 -54.20
N MET C 407 -34.93 13.94 -53.13
CA MET C 407 -34.82 12.85 -52.14
C MET C 407 -34.20 13.40 -50.86
N GLU C 408 -34.33 12.66 -49.76
CA GLU C 408 -33.67 12.97 -48.49
C GLU C 408 -32.26 12.41 -48.54
N ARG C 409 -31.33 13.10 -47.90
CA ARG C 409 -29.93 12.64 -47.80
C ARG C 409 -29.45 12.91 -46.39
N ILE C 410 -28.35 12.26 -46.03
CA ILE C 410 -27.64 12.48 -44.75
C ILE C 410 -26.25 12.99 -45.12
N TYR C 411 -25.78 13.96 -44.34
CA TYR C 411 -24.50 14.66 -44.56
C TYR C 411 -23.62 14.41 -43.35
N PRO C 412 -22.93 13.26 -43.28
CA PRO C 412 -22.03 12.99 -42.16
C PRO C 412 -20.73 13.77 -42.35
N VAL C 413 -19.97 13.93 -41.26
CA VAL C 413 -18.74 14.74 -41.23
C VAL C 413 -17.59 13.77 -41.11
N SER C 414 -16.59 13.85 -41.99
CA SER C 414 -15.42 12.96 -41.98
C SER C 414 -14.51 13.37 -40.82
N GLN C 415 -13.75 12.42 -40.32
CA GLN C 415 -12.79 12.58 -39.20
C GLN C 415 -11.57 11.75 -39.58
N SER C 416 -10.44 12.42 -39.81
CA SER C 416 -9.18 11.82 -40.29
C SER C 416 -8.14 11.80 -39.16
N HIS C 417 -8.46 12.36 -38.02
CA HIS C 417 -7.48 12.42 -36.90
C HIS C 417 -7.59 11.15 -36.08
N THR C 418 -6.97 10.05 -36.52
CA THR C 418 -7.13 8.70 -35.92
C THR C 418 -5.74 8.14 -35.68
N ALA C 419 -5.59 7.13 -34.82
CA ALA C 419 -4.29 6.60 -34.39
C ALA C 419 -3.54 5.96 -35.55
N THR C 420 -4.26 5.39 -36.51
CA THR C 420 -3.66 4.50 -37.55
C THR C 420 -3.89 5.07 -38.95
N GLY C 421 -4.65 6.14 -39.10
CA GLY C 421 -4.89 6.80 -40.40
C GLY C 421 -6.11 6.28 -41.09
N ARG C 422 -6.93 5.50 -40.41
CA ARG C 422 -8.30 5.21 -40.83
C ARG C 422 -9.09 6.52 -40.88
N ILE C 423 -10.16 6.50 -41.67
CA ILE C 423 -11.16 7.60 -41.73
C ILE C 423 -12.44 7.10 -41.06
N THR C 424 -13.07 7.95 -40.26
CA THR C 424 -14.33 7.64 -39.56
C THR C 424 -15.28 8.81 -39.79
N PHE C 425 -16.50 8.71 -39.29
CA PHE C 425 -17.54 9.74 -39.52
C PHE C 425 -18.25 10.00 -38.21
N THR C 426 -18.81 11.19 -38.10
CA THR C 426 -19.65 11.63 -36.97
C THR C 426 -20.92 12.27 -37.52
N GLU C 427 -21.94 12.35 -36.66
CA GLU C 427 -23.13 13.22 -36.82
C GLU C 427 -23.81 12.88 -38.15
N PRO C 428 -24.28 11.63 -38.34
CA PRO C 428 -24.06 10.50 -37.43
C PRO C 428 -22.93 9.59 -37.93
N ASN C 429 -22.48 8.59 -37.15
CA ASN C 429 -21.39 7.67 -37.63
C ASN C 429 -22.05 6.51 -38.38
N ILE C 430 -22.20 6.69 -39.69
CA ILE C 430 -22.83 5.75 -40.64
C ILE C 430 -22.01 4.47 -40.75
N GLN C 431 -20.74 4.49 -40.38
CA GLN C 431 -19.94 3.24 -40.35
C GLN C 431 -20.57 2.24 -39.37
N ASN C 432 -21.37 2.66 -38.40
CA ASN C 432 -21.80 1.77 -37.28
C ASN C 432 -23.22 1.25 -37.49
N VAL C 433 -23.76 1.52 -38.67
CA VAL C 433 -25.11 1.03 -39.04
C VAL C 433 -24.98 -0.49 -39.03
N PRO C 434 -25.84 -1.18 -38.25
CA PRO C 434 -25.83 -2.64 -38.15
C PRO C 434 -25.82 -3.34 -39.52
N ARG C 435 -25.03 -4.42 -39.59
CA ARG C 435 -25.19 -5.58 -40.52
C ARG C 435 -26.64 -6.04 -40.44
N ASP C 436 -27.16 -6.66 -41.53
CA ASP C 436 -28.48 -7.35 -41.52
C ASP C 436 -28.53 -8.31 -40.32
N PHE C 437 -29.67 -8.41 -39.64
CA PHE C 437 -29.94 -9.40 -38.57
C PHE C 437 -31.41 -9.81 -38.58
N GLU C 438 -31.70 -10.89 -37.86
CA GLU C 438 -33.04 -11.56 -37.92
C GLU C 438 -33.75 -11.38 -36.58
N ILE C 439 -35.05 -11.12 -36.65
CA ILE C 439 -35.97 -11.13 -35.48
C ILE C 439 -37.00 -12.23 -35.75
N LYS C 440 -37.21 -13.13 -34.79
CA LYS C 440 -38.29 -14.16 -34.85
C LYS C 440 -39.44 -13.72 -33.94
N MET C 441 -40.67 -13.76 -34.46
CA MET C 441 -41.90 -13.52 -33.67
C MET C 441 -42.92 -14.55 -34.11
N GLY C 442 -43.55 -15.24 -33.14
CA GLY C 442 -44.44 -16.39 -33.40
C GLY C 442 -43.81 -17.38 -34.37
N GLY C 443 -42.49 -17.59 -34.23
CA GLY C 443 -41.74 -18.52 -35.07
C GLY C 443 -41.63 -18.09 -36.54
N MET C 444 -41.91 -16.82 -36.86
CA MET C 444 -41.72 -16.27 -38.23
C MET C 444 -40.54 -15.30 -38.20
N PRO C 445 -39.58 -15.46 -39.14
CA PRO C 445 -38.41 -14.60 -39.18
C PRO C 445 -38.68 -13.31 -39.97
N PHE C 446 -38.22 -12.17 -39.46
CA PHE C 446 -38.22 -10.86 -40.18
C PHE C 446 -36.79 -10.37 -40.28
N SER C 447 -36.35 -10.10 -41.49
CA SER C 447 -35.02 -9.53 -41.80
C SER C 447 -35.01 -8.04 -41.44
N ILE C 448 -34.15 -7.61 -40.53
CA ILE C 448 -33.93 -6.15 -40.25
C ILE C 448 -32.66 -5.75 -40.99
N SER C 449 -32.82 -4.98 -42.06
CA SER C 449 -31.72 -4.47 -42.89
C SER C 449 -31.68 -2.94 -42.82
N MET C 450 -31.00 -2.40 -41.81
CA MET C 450 -30.92 -0.93 -41.61
C MET C 450 -30.22 -0.33 -42.83
N ARG C 451 -29.25 -1.04 -43.39
CA ARG C 451 -28.48 -0.55 -44.56
C ARG C 451 -29.40 -0.36 -45.77
N HIS C 452 -30.54 -1.04 -45.79
CA HIS C 452 -31.51 -0.99 -46.92
C HIS C 452 -32.13 0.41 -47.00
N ALA C 453 -32.00 1.24 -45.95
CA ALA C 453 -32.54 2.63 -45.95
C ALA C 453 -31.65 3.57 -46.77
N PHE C 454 -30.43 3.14 -47.09
CA PHE C 454 -29.43 3.99 -47.77
C PHE C 454 -29.45 3.68 -49.27
N VAL C 455 -29.97 4.61 -50.06
CA VAL C 455 -30.39 4.38 -51.46
C VAL C 455 -29.65 5.35 -52.36
N PRO C 456 -29.45 5.03 -53.65
CA PRO C 456 -28.95 5.99 -54.63
C PRO C 456 -30.06 6.94 -55.07
N PHE C 457 -29.69 8.03 -55.77
CA PHE C 457 -30.65 8.95 -56.42
C PHE C 457 -31.48 8.13 -57.39
N PRO C 458 -32.72 8.54 -57.71
CA PRO C 458 -33.55 7.86 -58.71
C PRO C 458 -32.81 7.57 -60.03
N GLY C 459 -32.82 6.31 -60.49
CA GLY C 459 -32.09 5.86 -61.69
C GLY C 459 -30.72 5.30 -61.35
N GLY C 460 -30.10 5.78 -60.26
CA GLY C 460 -28.72 5.42 -59.87
C GLY C 460 -28.59 4.04 -59.24
N SER C 461 -27.35 3.61 -59.03
CA SER C 461 -27.00 2.38 -58.26
C SER C 461 -25.96 2.72 -57.20
N ILE C 462 -25.92 1.96 -56.10
CA ILE C 462 -24.80 1.95 -55.13
C ILE C 462 -23.79 0.94 -55.67
N LEU C 463 -22.54 1.33 -55.77
CA LEU C 463 -21.40 0.44 -56.09
C LEU C 463 -20.49 0.40 -54.87
N ALA C 464 -20.19 -0.80 -54.39
CA ALA C 464 -19.26 -1.07 -53.29
C ALA C 464 -18.10 -1.89 -53.86
N ALA C 465 -16.87 -1.46 -53.62
CA ALA C 465 -15.66 -2.23 -53.92
C ALA C 465 -14.89 -2.41 -52.63
N ASP C 466 -14.63 -3.66 -52.25
CA ASP C 466 -13.98 -4.08 -50.98
C ASP C 466 -12.69 -4.84 -51.34
N TYR C 467 -11.63 -4.60 -50.61
CA TYR C 467 -10.38 -5.38 -50.67
C TYR C 467 -10.61 -6.71 -49.93
N SER C 468 -10.01 -7.77 -50.48
CA SER C 468 -10.14 -9.13 -49.88
C SER C 468 -8.99 -9.37 -48.90
N GLN C 469 -9.24 -9.32 -47.60
CA GLN C 469 -8.24 -9.63 -46.55
C GLN C 469 -7.00 -8.76 -46.83
N LEU C 470 -7.20 -7.45 -46.90
CA LEU C 470 -6.11 -6.50 -47.20
C LEU C 470 -5.07 -6.59 -46.08
N GLU C 471 -5.49 -6.58 -44.81
CA GLU C 471 -4.56 -6.63 -43.66
C GLU C 471 -3.77 -7.93 -43.70
N LEU C 472 -4.36 -9.04 -44.12
CA LEU C 472 -3.66 -10.35 -44.21
C LEU C 472 -2.64 -10.30 -45.35
N ARG C 473 -3.02 -9.68 -46.47
CA ARG C 473 -2.14 -9.55 -47.66
C ARG C 473 -0.93 -8.70 -47.31
N ILE C 474 -1.14 -7.61 -46.58
CA ILE C 474 -0.05 -6.71 -46.13
C ILE C 474 0.84 -7.49 -45.15
N LEU C 475 0.26 -8.26 -44.24
CA LEU C 475 1.04 -9.03 -43.23
C LEU C 475 1.90 -10.08 -43.94
N ALA C 476 1.34 -10.78 -44.94
CA ALA C 476 2.08 -11.74 -45.79
C ALA C 476 3.30 -11.05 -46.39
N HIS C 477 3.06 -9.89 -47.04
CA HIS C 477 4.09 -9.10 -47.78
C HIS C 477 5.24 -8.74 -46.83
N LEU C 478 4.94 -8.36 -45.59
CA LEU C 478 5.95 -7.79 -44.65
C LEU C 478 6.68 -8.88 -43.88
N SER C 479 6.08 -10.07 -43.77
CA SER C 479 6.66 -11.22 -43.02
C SER C 479 7.19 -12.29 -44.00
N HIS C 480 6.87 -12.14 -45.29
CA HIS C 480 7.25 -13.06 -46.40
C HIS C 480 6.79 -14.49 -46.06
N ASP C 481 5.77 -14.64 -45.22
CA ASP C 481 5.34 -15.98 -44.69
C ASP C 481 4.78 -16.80 -45.86
N ARG C 482 5.50 -17.87 -46.22
CA ARG C 482 5.23 -18.75 -47.39
C ARG C 482 3.87 -19.46 -47.22
N ARG C 483 3.51 -19.89 -46.00
CA ARG C 483 2.23 -20.59 -45.71
C ARG C 483 1.04 -19.65 -45.92
N LEU C 484 1.11 -18.41 -45.43
CA LEU C 484 -0.01 -17.43 -45.54
C LEU C 484 -0.18 -17.04 -47.02
N ILE C 485 0.93 -16.89 -47.75
CA ILE C 485 0.94 -16.58 -49.22
C ILE C 485 0.21 -17.70 -49.99
N GLN C 486 0.51 -18.97 -49.71
CA GLN C 486 -0.16 -20.13 -50.37
C GLN C 486 -1.67 -20.02 -50.14
N VAL C 487 -2.08 -19.91 -48.87
CA VAL C 487 -3.51 -19.86 -48.44
C VAL C 487 -4.25 -18.81 -49.28
N LEU C 488 -3.72 -17.57 -49.34
CA LEU C 488 -4.33 -16.42 -50.05
C LEU C 488 -4.35 -16.67 -51.56
N ASN C 489 -3.28 -17.24 -52.13
CA ASN C 489 -3.08 -17.47 -53.60
C ASN C 489 -4.17 -18.40 -54.18
N THR C 490 -4.55 -19.47 -53.48
CA THR C 490 -5.48 -20.55 -53.95
C THR C 490 -6.62 -20.75 -52.94
N GLY C 491 -6.30 -20.96 -51.67
CA GLY C 491 -7.22 -21.40 -50.61
C GLY C 491 -8.55 -20.67 -50.60
N ALA C 492 -9.59 -21.34 -50.10
CA ALA C 492 -10.96 -20.79 -49.93
C ALA C 492 -10.93 -19.79 -48.76
N ASP C 493 -12.10 -19.47 -48.20
CA ASP C 493 -12.26 -18.39 -47.18
C ASP C 493 -11.68 -18.87 -45.84
N VAL C 494 -10.70 -18.13 -45.29
CA VAL C 494 -9.92 -18.51 -44.08
C VAL C 494 -10.88 -18.55 -42.90
N PHE C 495 -11.86 -17.63 -42.84
CA PHE C 495 -12.82 -17.53 -41.72
C PHE C 495 -13.75 -18.75 -41.74
N ARG C 496 -14.05 -19.27 -42.94
CA ARG C 496 -14.85 -20.49 -43.13
C ARG C 496 -14.04 -21.70 -42.63
N SER C 497 -12.77 -21.85 -43.05
CA SER C 497 -11.83 -22.90 -42.56
C SER C 497 -11.81 -22.92 -41.03
N ILE C 498 -11.62 -21.77 -40.39
CA ILE C 498 -11.58 -21.64 -38.89
C ILE C 498 -12.92 -22.09 -38.30
N ALA C 499 -14.04 -21.58 -38.84
CA ALA C 499 -15.41 -21.89 -38.37
C ALA C 499 -15.70 -23.38 -38.49
N ALA C 500 -15.27 -24.03 -39.59
CA ALA C 500 -15.50 -25.46 -39.93
C ALA C 500 -14.76 -26.34 -38.91
N GLU C 501 -13.43 -26.24 -38.84
CA GLU C 501 -12.57 -26.93 -37.85
C GLU C 501 -13.19 -26.79 -36.44
N TRP C 502 -13.57 -25.57 -36.08
CA TRP C 502 -14.08 -25.19 -34.73
C TRP C 502 -15.43 -25.88 -34.43
N LYS C 503 -16.42 -25.76 -35.32
CA LYS C 503 -17.80 -26.28 -35.09
C LYS C 503 -17.99 -27.70 -35.66
N MET C 504 -16.89 -28.40 -36.01
CA MET C 504 -16.87 -29.83 -36.44
C MET C 504 -17.72 -30.01 -37.72
N ILE C 505 -17.56 -29.14 -38.72
CA ILE C 505 -18.42 -29.06 -39.96
C ILE C 505 -17.52 -28.87 -41.20
N GLU C 506 -18.07 -28.97 -42.42
CA GLU C 506 -17.43 -28.60 -43.72
C GLU C 506 -17.75 -27.12 -44.01
N PRO C 507 -16.95 -26.40 -44.84
CA PRO C 507 -17.16 -24.97 -45.11
C PRO C 507 -18.59 -24.42 -45.27
N GLU C 508 -19.50 -25.17 -45.90
CA GLU C 508 -20.74 -24.63 -46.52
C GLU C 508 -21.78 -24.18 -45.48
N SER C 509 -21.79 -24.70 -44.24
CA SER C 509 -22.88 -24.53 -43.24
C SER C 509 -22.87 -23.17 -42.51
N VAL C 510 -21.70 -22.51 -42.50
CA VAL C 510 -21.37 -21.25 -41.75
C VAL C 510 -22.42 -20.17 -42.05
N GLY C 511 -23.10 -19.68 -41.02
CA GLY C 511 -23.98 -18.47 -41.10
C GLY C 511 -23.14 -17.20 -41.03
N ASP C 512 -23.73 -16.03 -41.34
CA ASP C 512 -23.05 -14.71 -41.25
C ASP C 512 -22.47 -14.50 -39.83
N ASP C 513 -23.30 -14.75 -38.80
CA ASP C 513 -22.94 -14.47 -37.38
C ASP C 513 -21.71 -15.32 -37.03
N LEU C 514 -21.68 -16.59 -37.45
CA LEU C 514 -20.59 -17.55 -37.13
C LEU C 514 -19.30 -17.14 -37.87
N ARG C 515 -19.42 -16.71 -39.12
CA ARG C 515 -18.24 -16.30 -39.92
C ARG C 515 -17.59 -15.06 -39.28
N GLN C 516 -18.41 -14.13 -38.78
CA GLN C 516 -17.96 -12.93 -38.01
C GLN C 516 -17.25 -13.39 -36.73
N GLN C 517 -17.78 -14.41 -36.01
CA GLN C 517 -17.10 -14.94 -34.79
C GLN C 517 -15.69 -15.46 -35.16
N ALA C 518 -15.57 -16.14 -36.29
CA ALA C 518 -14.31 -16.75 -36.78
C ALA C 518 -13.35 -15.64 -37.23
N LYS C 519 -13.89 -14.58 -37.84
CA LYS C 519 -13.13 -13.38 -38.26
C LYS C 519 -12.49 -12.76 -37.02
N GLN C 520 -13.26 -12.58 -35.94
CA GLN C 520 -12.82 -11.99 -34.65
C GLN C 520 -11.69 -12.85 -34.08
N ILE C 521 -11.84 -14.17 -34.14
CA ILE C 521 -10.85 -15.17 -33.65
C ILE C 521 -9.54 -15.02 -34.42
N CYS C 522 -9.60 -14.95 -35.74
CA CYS C 522 -8.42 -14.94 -36.64
C CYS C 522 -7.62 -13.65 -36.44
N TYR C 523 -8.25 -12.48 -36.55
CA TYR C 523 -7.57 -11.16 -36.37
C TYR C 523 -7.15 -11.03 -34.90
N GLY C 524 -7.99 -11.49 -33.97
CA GLY C 524 -7.69 -11.48 -32.52
C GLY C 524 -6.37 -12.15 -32.22
N ILE C 525 -6.24 -13.40 -32.67
CA ILE C 525 -5.02 -14.22 -32.44
C ILE C 525 -3.84 -13.46 -33.06
N ILE C 526 -3.95 -13.04 -34.32
CA ILE C 526 -2.85 -12.36 -35.08
C ILE C 526 -2.39 -11.12 -34.30
N TYR C 527 -3.30 -10.39 -33.65
CA TYR C 527 -2.94 -9.07 -33.04
C TYR C 527 -2.77 -9.22 -31.53
N GLY C 528 -2.54 -10.44 -31.05
CA GLY C 528 -1.97 -10.72 -29.71
C GLY C 528 -2.99 -11.06 -28.65
N MET C 529 -4.20 -11.49 -29.02
CA MET C 529 -5.22 -12.02 -28.09
C MET C 529 -4.62 -13.19 -27.31
N GLY C 530 -4.92 -13.25 -26.01
CA GLY C 530 -4.40 -14.26 -25.06
C GLY C 530 -5.37 -15.42 -24.87
N ALA C 531 -4.91 -16.48 -24.21
CA ALA C 531 -5.67 -17.75 -24.06
C ALA C 531 -6.97 -17.53 -23.27
N LYS C 532 -6.90 -16.79 -22.14
CA LYS C 532 -8.11 -16.48 -21.32
C LYS C 532 -9.22 -15.92 -22.24
N SER C 533 -8.99 -14.81 -22.96
CA SER C 533 -10.00 -14.19 -23.88
C SER C 533 -10.38 -15.18 -24.99
N LEU C 534 -9.43 -15.87 -25.62
CA LEU C 534 -9.78 -16.73 -26.79
C LEU C 534 -10.71 -17.84 -26.29
N GLY C 535 -10.40 -18.40 -25.12
CA GLY C 535 -11.29 -19.29 -24.36
C GLY C 535 -12.76 -18.87 -24.40
N GLU C 536 -13.09 -17.67 -23.91
CA GLU C 536 -14.48 -17.10 -23.88
C GLU C 536 -15.07 -17.07 -25.30
N GLN C 537 -14.30 -16.63 -26.30
CA GLN C 537 -14.80 -16.42 -27.69
C GLN C 537 -15.09 -17.78 -28.31
N MET C 538 -14.21 -18.75 -28.12
CA MET C 538 -14.29 -20.07 -28.80
C MET C 538 -15.14 -21.04 -27.96
N GLY C 539 -15.44 -20.68 -26.72
CA GLY C 539 -16.15 -21.53 -25.74
C GLY C 539 -15.34 -22.77 -25.39
N ILE C 540 -14.03 -22.61 -25.17
CA ILE C 540 -13.11 -23.72 -24.80
C ILE C 540 -12.29 -23.27 -23.58
N LYS C 541 -11.63 -24.24 -22.93
CA LYS C 541 -10.77 -24.00 -21.74
C LYS C 541 -9.54 -23.17 -22.15
N GLU C 542 -9.05 -22.33 -21.24
CA GLU C 542 -7.84 -21.48 -21.41
C GLU C 542 -6.71 -22.34 -22.02
N ASN C 543 -6.50 -23.54 -21.44
CA ASN C 543 -5.46 -24.51 -21.92
C ASN C 543 -5.64 -24.85 -23.42
N ASP C 544 -6.87 -25.09 -23.85
CA ASP C 544 -7.19 -25.49 -25.25
C ASP C 544 -6.95 -24.26 -26.12
N ALA C 545 -7.28 -23.05 -25.66
CA ALA C 545 -7.06 -21.81 -26.43
C ALA C 545 -5.54 -21.64 -26.60
N ALA C 546 -4.78 -21.89 -25.52
CA ALA C 546 -3.30 -21.69 -25.50
C ALA C 546 -2.66 -22.64 -26.51
N CYS C 547 -3.20 -23.86 -26.62
CA CYS C 547 -2.73 -24.87 -27.61
C CYS C 547 -2.97 -24.30 -29.00
N TYR C 548 -4.18 -23.79 -29.26
CA TYR C 548 -4.57 -23.19 -30.56
C TYR C 548 -3.59 -22.08 -30.91
N ILE C 549 -3.25 -21.18 -29.98
CA ILE C 549 -2.28 -20.06 -30.21
C ILE C 549 -0.92 -20.65 -30.65
N ASP C 550 -0.44 -21.69 -29.92
CA ASP C 550 0.89 -22.30 -30.20
C ASP C 550 0.88 -22.88 -31.63
N SER C 551 -0.18 -23.60 -32.00
CA SER C 551 -0.37 -24.21 -33.34
C SER C 551 -0.30 -23.13 -34.39
N PHE C 552 -1.04 -22.00 -34.25
CA PHE C 552 -1.00 -20.84 -35.17
C PHE C 552 0.45 -20.35 -35.30
N LYS C 553 1.11 -20.04 -34.18
CA LYS C 553 2.51 -19.51 -34.18
C LYS C 553 3.39 -20.50 -34.96
N SER C 554 3.27 -21.80 -34.67
CA SER C 554 4.12 -22.85 -35.35
C SER C 554 3.88 -22.85 -36.88
N ARG C 555 2.63 -22.87 -37.33
CA ARG C 555 2.26 -23.03 -38.76
C ARG C 555 2.75 -21.82 -39.55
N TYR C 556 2.73 -20.63 -38.90
CA TYR C 556 3.13 -19.36 -39.60
C TYR C 556 4.30 -18.72 -38.88
N THR C 557 5.52 -19.28 -39.01
CA THR C 557 6.67 -18.79 -38.18
C THR C 557 7.06 -17.40 -38.70
N GLY C 558 7.02 -17.18 -40.02
CA GLY C 558 7.38 -15.90 -40.66
C GLY C 558 6.71 -14.73 -39.94
N ILE C 559 5.39 -14.88 -39.71
CA ILE C 559 4.57 -13.87 -38.98
C ILE C 559 5.22 -13.65 -37.62
N ASN C 560 5.50 -14.71 -36.87
CA ASN C 560 6.05 -14.62 -35.48
C ASN C 560 7.38 -13.86 -35.51
N GLN C 561 8.25 -14.13 -36.51
CA GLN C 561 9.58 -13.48 -36.62
C GLN C 561 9.37 -11.99 -36.79
N PHE C 562 8.37 -11.60 -37.59
CA PHE C 562 8.02 -10.18 -37.91
C PHE C 562 7.46 -9.49 -36.66
N MET C 563 6.68 -10.19 -35.83
CA MET C 563 6.18 -9.67 -34.53
C MET C 563 7.37 -9.35 -33.62
N THR C 564 8.34 -10.25 -33.45
CA THR C 564 9.49 -10.03 -32.52
C THR C 564 10.42 -8.96 -33.10
N GLU C 565 10.59 -8.92 -34.42
CA GLU C 565 11.47 -7.95 -35.14
C GLU C 565 10.84 -6.56 -35.09
N THR C 566 9.51 -6.47 -35.05
CA THR C 566 8.76 -5.18 -34.98
C THR C 566 8.82 -4.67 -33.54
N VAL C 567 8.69 -5.54 -32.55
CA VAL C 567 8.76 -5.14 -31.11
C VAL C 567 10.19 -4.71 -30.77
N LYS C 568 11.21 -5.46 -31.19
CA LYS C 568 12.64 -5.10 -30.98
C LYS C 568 12.89 -3.71 -31.55
N ASN C 569 12.48 -3.46 -32.79
CA ASN C 569 12.77 -2.20 -33.52
C ASN C 569 11.99 -1.05 -32.88
N CYS C 570 10.79 -1.30 -32.35
CA CYS C 570 9.95 -0.26 -31.69
C CYS C 570 10.60 0.18 -30.37
N LYS C 571 11.06 -0.79 -29.57
CA LYS C 571 11.71 -0.58 -28.24
C LYS C 571 12.90 0.39 -28.43
N ARG C 572 13.73 0.12 -29.45
CA ARG C 572 14.91 0.92 -29.87
C ARG C 572 14.51 2.35 -30.26
N ASP C 573 13.52 2.52 -31.16
CA ASP C 573 13.25 3.78 -31.90
C ASP C 573 12.18 4.63 -31.17
N GLY C 574 11.32 4.03 -30.36
CA GLY C 574 10.18 4.71 -29.71
C GLY C 574 8.98 4.86 -30.64
N PHE C 575 9.00 4.27 -31.84
CA PHE C 575 7.92 4.37 -32.85
C PHE C 575 7.89 3.17 -33.80
N VAL C 576 6.80 3.04 -34.57
CA VAL C 576 6.67 2.13 -35.74
C VAL C 576 6.30 2.97 -36.96
N GLN C 577 6.52 2.45 -38.16
CA GLN C 577 6.25 3.15 -39.43
C GLN C 577 5.34 2.28 -40.30
N THR C 578 4.47 2.93 -41.07
CA THR C 578 3.58 2.28 -42.07
C THR C 578 4.33 2.18 -43.39
N ILE C 579 3.69 1.57 -44.40
CA ILE C 579 4.24 1.40 -45.77
C ILE C 579 4.63 2.76 -46.38
N LEU C 580 3.98 3.86 -46.01
CA LEU C 580 4.23 5.20 -46.63
C LEU C 580 5.16 6.05 -45.76
N GLY C 581 5.56 5.60 -44.58
CA GLY C 581 6.57 6.29 -43.75
C GLY C 581 5.98 7.02 -42.56
N ARG C 582 4.65 7.00 -42.39
CA ARG C 582 4.00 7.66 -41.22
C ARG C 582 4.45 6.94 -39.95
N ARG C 583 4.67 7.71 -38.88
CA ARG C 583 5.24 7.23 -37.60
C ARG C 583 4.18 7.32 -36.51
N ARG C 584 4.07 6.27 -35.70
CA ARG C 584 3.26 6.32 -34.47
C ARG C 584 4.20 6.13 -33.30
N TYR C 585 4.15 7.03 -32.34
CA TYR C 585 5.03 7.04 -31.15
C TYR C 585 4.34 6.20 -30.08
N LEU C 586 5.03 5.18 -29.55
CA LEU C 586 4.52 4.19 -28.59
C LEU C 586 5.49 4.10 -27.41
N PRO C 587 5.57 5.14 -26.57
CA PRO C 587 6.51 5.17 -25.45
C PRO C 587 6.17 4.17 -24.32
N GLY C 588 4.94 3.61 -24.34
CA GLY C 588 4.56 2.45 -23.52
C GLY C 588 5.43 1.23 -23.78
N ILE C 589 6.10 1.17 -24.94
CA ILE C 589 6.96 0.02 -25.34
C ILE C 589 8.10 -0.19 -24.33
N LYS C 590 8.62 0.88 -23.72
CA LYS C 590 9.75 0.80 -22.75
C LYS C 590 9.21 0.53 -21.33
N ASP C 591 7.93 0.82 -21.08
CA ASP C 591 7.30 0.76 -19.73
C ASP C 591 7.59 -0.60 -19.05
N ASN C 592 7.82 -0.57 -17.75
CA ASN C 592 8.16 -1.74 -16.88
C ASN C 592 6.89 -2.51 -16.55
N ASN C 593 5.77 -1.80 -16.40
CA ASN C 593 4.42 -2.40 -16.15
C ASN C 593 4.15 -3.43 -17.25
N PRO C 594 3.87 -4.69 -16.90
CA PRO C 594 3.59 -5.73 -17.91
C PRO C 594 2.43 -5.42 -18.86
N TYR C 595 1.30 -4.88 -18.38
CA TYR C 595 0.13 -4.57 -19.24
C TYR C 595 0.53 -3.51 -20.28
N ARG C 596 0.91 -2.31 -19.82
CA ARG C 596 1.25 -1.16 -20.68
C ARG C 596 2.29 -1.60 -21.73
N LYS C 597 3.27 -2.41 -21.34
CA LYS C 597 4.31 -2.91 -22.29
C LYS C 597 3.64 -3.76 -23.36
N ALA C 598 2.84 -4.75 -22.95
CA ALA C 598 2.20 -5.71 -23.87
C ALA C 598 1.22 -4.98 -24.81
N HIS C 599 0.47 -4.01 -24.28
CA HIS C 599 -0.49 -3.16 -25.05
C HIS C 599 0.26 -2.45 -26.18
N ALA C 600 1.37 -1.81 -25.86
CA ALA C 600 2.26 -1.09 -26.80
C ALA C 600 2.79 -2.05 -27.87
N GLU C 601 3.23 -3.25 -27.48
CA GLU C 601 3.75 -4.28 -28.43
C GLU C 601 2.64 -4.62 -29.42
N ARG C 602 1.40 -4.76 -28.93
CA ARG C 602 0.22 -5.13 -29.76
C ARG C 602 -0.11 -3.96 -30.70
N GLN C 603 -0.07 -2.73 -30.18
CA GLN C 603 -0.25 -1.50 -31.00
C GLN C 603 0.84 -1.42 -32.04
N ALA C 604 2.07 -1.79 -31.70
CA ALA C 604 3.21 -1.72 -32.62
C ALA C 604 2.90 -2.56 -33.85
N ILE C 605 2.57 -3.83 -33.64
CA ILE C 605 2.28 -4.81 -34.72
C ILE C 605 1.05 -4.32 -35.50
N ASN C 606 -0.03 -3.99 -34.79
CA ASN C 606 -1.33 -3.69 -35.44
C ASN C 606 -1.24 -2.37 -36.23
N THR C 607 -0.53 -1.38 -35.68
CA THR C 607 -0.42 -0.06 -36.36
C THR C 607 0.25 -0.24 -37.72
N ILE C 608 1.32 -1.00 -37.81
CA ILE C 608 2.01 -1.20 -39.12
C ILE C 608 1.02 -1.77 -40.14
N VAL C 609 0.24 -2.79 -39.79
CA VAL C 609 -0.62 -3.52 -40.78
C VAL C 609 -1.88 -2.68 -41.07
N GLN C 610 -2.58 -2.25 -40.02
CA GLN C 610 -3.85 -1.50 -40.15
C GLN C 610 -3.55 -0.13 -40.76
N GLY C 611 -2.46 0.53 -40.34
CA GLY C 611 -2.04 1.85 -40.89
C GLY C 611 -1.66 1.76 -42.35
N SER C 612 -0.94 0.72 -42.73
CA SER C 612 -0.55 0.44 -44.13
C SER C 612 -1.81 0.26 -45.00
N ALA C 613 -2.79 -0.48 -44.50
CA ALA C 613 -4.06 -0.74 -45.23
C ALA C 613 -4.77 0.59 -45.48
N ALA C 614 -4.76 1.45 -44.48
CA ALA C 614 -5.44 2.77 -44.52
C ALA C 614 -4.73 3.66 -45.55
N ASP C 615 -3.40 3.55 -45.68
CA ASP C 615 -2.59 4.27 -46.71
C ASP C 615 -3.03 3.80 -48.10
N ILE C 616 -3.15 2.49 -48.30
CA ILE C 616 -3.49 1.89 -49.63
C ILE C 616 -4.87 2.39 -50.05
N VAL C 617 -5.83 2.43 -49.13
CA VAL C 617 -7.25 2.78 -49.46
C VAL C 617 -7.29 4.27 -49.82
N LYS C 618 -6.56 5.11 -49.08
CA LYS C 618 -6.44 6.56 -49.38
C LYS C 618 -5.89 6.74 -50.78
N ILE C 619 -4.79 6.05 -51.12
CA ILE C 619 -4.17 6.18 -52.46
C ILE C 619 -5.20 5.77 -53.50
N ALA C 620 -5.89 4.65 -53.29
CA ALA C 620 -6.95 4.15 -54.20
C ALA C 620 -8.00 5.24 -54.40
N THR C 621 -8.47 5.82 -53.30
CA THR C 621 -9.57 6.81 -53.32
C THR C 621 -9.16 7.99 -54.20
N VAL C 622 -7.93 8.48 -53.98
CA VAL C 622 -7.38 9.68 -54.65
C VAL C 622 -7.25 9.38 -56.15
N ASN C 623 -6.71 8.20 -56.48
CA ASN C 623 -6.45 7.79 -57.89
C ASN C 623 -7.77 7.55 -58.63
N ILE C 624 -8.79 7.03 -57.96
CA ILE C 624 -10.15 6.85 -58.56
C ILE C 624 -10.72 8.23 -58.88
N GLN C 625 -10.62 9.17 -57.94
CA GLN C 625 -11.20 10.53 -58.11
C GLN C 625 -10.56 11.23 -59.32
N LYS C 626 -9.24 11.13 -59.49
CA LYS C 626 -8.52 11.71 -60.66
C LYS C 626 -9.14 11.12 -61.94
N GLN C 627 -9.21 9.79 -62.05
CA GLN C 627 -9.79 9.08 -63.23
C GLN C 627 -11.23 9.55 -63.48
N LEU C 628 -12.07 9.58 -62.44
CA LEU C 628 -13.51 9.97 -62.62
C LEU C 628 -13.59 11.37 -63.22
N GLU C 629 -12.68 12.27 -62.84
CA GLU C 629 -12.71 13.70 -63.27
C GLU C 629 -12.17 13.86 -64.70
N THR C 630 -11.40 12.91 -65.23
CA THR C 630 -10.92 12.94 -66.65
C THR C 630 -12.11 12.61 -67.56
N PHE C 631 -12.83 11.53 -67.26
CA PHE C 631 -14.01 11.07 -68.03
C PHE C 631 -15.22 11.94 -67.67
N HIS C 632 -14.98 12.99 -66.86
CA HIS C 632 -16.00 13.90 -66.28
C HIS C 632 -16.38 14.98 -67.31
N SER C 633 -17.38 14.65 -68.16
CA SER C 633 -18.18 15.64 -68.93
C SER C 633 -19.29 16.23 -68.04
N THR C 634 -19.05 16.33 -66.72
CA THR C 634 -20.09 16.56 -65.68
C THR C 634 -19.50 17.00 -64.33
N PHE C 635 -20.36 17.29 -63.36
CA PHE C 635 -20.04 17.95 -62.07
C PHE C 635 -19.33 16.95 -61.15
N LYS C 636 -18.33 17.41 -60.41
CA LYS C 636 -17.45 16.52 -59.61
C LYS C 636 -18.14 16.13 -58.29
N SER C 637 -19.27 16.75 -57.92
CA SER C 637 -20.05 16.44 -56.70
C SER C 637 -21.46 16.96 -56.90
N HIS C 638 -22.42 16.48 -56.12
CA HIS C 638 -23.79 17.04 -56.08
C HIS C 638 -23.72 18.52 -55.65
N GLY C 639 -22.78 18.88 -54.77
CA GLY C 639 -22.61 20.26 -54.31
C GLY C 639 -22.28 21.19 -55.47
N HIS C 640 -21.41 20.75 -56.37
CA HIS C 640 -21.01 21.52 -57.57
C HIS C 640 -22.26 21.86 -58.41
N ARG C 641 -23.39 21.16 -58.27
CA ARG C 641 -24.67 21.59 -58.92
C ARG C 641 -25.42 22.60 -58.03
N GLU C 642 -25.61 22.33 -56.74
CA GLU C 642 -26.16 23.32 -55.75
C GLU C 642 -25.44 24.67 -55.94
N GLY C 643 -24.10 24.71 -55.76
CA GLY C 643 -23.24 25.90 -55.83
C GLY C 643 -23.14 26.50 -57.25
N MET C 644 -23.55 25.75 -58.28
CA MET C 644 -23.68 26.22 -59.69
C MET C 644 -24.70 27.38 -59.75
N CYS C 663 -30.83 17.91 -67.87
CA CYS C 663 -29.39 17.55 -67.78
C CYS C 663 -29.19 16.47 -66.72
N PRO C 664 -29.51 15.19 -67.03
CA PRO C 664 -29.46 14.11 -66.04
C PRO C 664 -28.08 13.87 -65.42
N ILE C 665 -28.05 13.21 -64.25
CA ILE C 665 -26.79 12.94 -63.50
C ILE C 665 -25.98 11.87 -64.24
N ARG C 666 -24.69 12.15 -64.41
CA ARG C 666 -23.71 11.21 -64.97
C ARG C 666 -22.54 11.08 -64.02
N GLY C 667 -21.89 9.93 -64.04
CA GLY C 667 -20.64 9.65 -63.30
C GLY C 667 -20.89 8.96 -61.97
N GLY C 668 -19.86 8.98 -61.12
CA GLY C 668 -19.80 8.27 -59.84
C GLY C 668 -19.47 9.26 -58.74
N PHE C 669 -20.19 9.16 -57.63
CA PHE C 669 -20.11 10.09 -56.49
C PHE C 669 -19.69 9.28 -55.27
N PHE C 670 -18.53 9.61 -54.70
CA PHE C 670 -18.00 9.00 -53.46
C PHE C 670 -18.98 9.33 -52.33
N ILE C 671 -19.61 8.31 -51.74
CA ILE C 671 -20.65 8.56 -50.70
C ILE C 671 -20.24 8.01 -49.32
N LEU C 672 -19.36 7.03 -49.24
CA LEU C 672 -18.99 6.44 -47.92
C LEU C 672 -17.68 5.66 -48.00
N GLN C 673 -16.90 5.73 -46.94
CA GLN C 673 -15.68 4.91 -46.77
C GLN C 673 -15.94 3.98 -45.61
N LEU C 674 -15.58 2.70 -45.77
CA LEU C 674 -15.73 1.64 -44.74
C LEU C 674 -14.41 0.89 -44.55
N HIS C 675 -13.29 1.61 -44.44
CA HIS C 675 -11.97 1.11 -43.97
C HIS C 675 -11.24 0.32 -45.06
N ASP C 676 -11.86 -0.72 -45.61
CA ASP C 676 -11.25 -1.49 -46.73
C ASP C 676 -12.21 -1.48 -47.92
N GLU C 677 -13.19 -0.59 -47.91
CA GLU C 677 -14.33 -0.65 -48.87
C GLU C 677 -14.76 0.78 -49.21
N LEU C 678 -14.99 1.09 -50.48
CA LEU C 678 -15.44 2.41 -50.98
C LEU C 678 -16.84 2.24 -51.56
N LEU C 679 -17.78 3.11 -51.20
CA LEU C 679 -19.13 3.17 -51.80
C LEU C 679 -19.22 4.40 -52.70
N TYR C 680 -19.71 4.19 -53.91
CA TYR C 680 -20.03 5.23 -54.90
C TYR C 680 -21.49 5.09 -55.29
N GLU C 681 -22.13 6.22 -55.50
CA GLU C 681 -23.48 6.35 -56.08
C GLU C 681 -23.26 6.61 -57.57
N VAL C 682 -23.84 5.80 -58.47
CA VAL C 682 -23.43 5.83 -59.91
C VAL C 682 -24.67 5.86 -60.79
N ALA C 683 -24.65 6.73 -61.82
CA ALA C 683 -25.72 6.82 -62.83
C ALA C 683 -25.79 5.49 -63.58
N GLU C 684 -27.01 5.01 -63.89
CA GLU C 684 -27.26 3.70 -64.58
C GLU C 684 -26.27 3.48 -65.74
N GLU C 685 -26.13 4.49 -66.60
CA GLU C 685 -25.32 4.46 -67.86
C GLU C 685 -23.84 4.23 -67.55
N ASP C 686 -23.40 4.56 -66.34
CA ASP C 686 -21.94 4.72 -66.09
C ASP C 686 -21.45 3.58 -65.20
N VAL C 687 -22.30 2.64 -64.77
CA VAL C 687 -21.93 1.68 -63.70
C VAL C 687 -20.85 0.72 -64.21
N VAL C 688 -20.91 0.31 -65.48
CA VAL C 688 -19.89 -0.64 -66.04
C VAL C 688 -18.52 0.07 -65.99
N GLN C 689 -18.44 1.28 -66.52
CA GLN C 689 -17.16 2.03 -66.68
C GLN C 689 -16.59 2.38 -65.29
N VAL C 690 -17.43 2.88 -64.38
CA VAL C 690 -17.00 3.26 -62.99
C VAL C 690 -16.54 1.99 -62.24
N ALA C 691 -17.21 0.86 -62.41
CA ALA C 691 -16.83 -0.42 -61.74
C ALA C 691 -15.42 -0.83 -62.19
N GLN C 692 -15.13 -0.71 -63.50
CA GLN C 692 -13.80 -1.03 -64.10
C GLN C 692 -12.73 -0.11 -63.49
N ILE C 693 -12.97 1.20 -63.53
CA ILE C 693 -12.05 2.24 -62.98
C ILE C 693 -11.76 1.94 -61.50
N VAL C 694 -12.82 1.73 -60.69
CA VAL C 694 -12.68 1.53 -59.22
C VAL C 694 -11.82 0.29 -58.97
N LYS C 695 -12.13 -0.83 -59.61
CA LYS C 695 -11.43 -2.13 -59.43
C LYS C 695 -9.97 -1.99 -59.88
N ASN C 696 -9.75 -1.46 -61.08
CA ASN C 696 -8.39 -1.31 -61.67
C ASN C 696 -7.53 -0.48 -60.70
N GLU C 697 -8.04 0.68 -60.25
CA GLU C 697 -7.27 1.64 -59.42
C GLU C 697 -7.03 1.07 -58.02
N MET C 698 -7.95 0.28 -57.48
CA MET C 698 -7.80 -0.32 -56.12
C MET C 698 -6.75 -1.43 -56.19
N GLU C 699 -6.73 -2.23 -57.27
CA GLU C 699 -5.80 -3.37 -57.50
C GLU C 699 -4.38 -2.88 -57.82
N SER C 700 -4.25 -1.67 -58.38
CA SER C 700 -2.97 -1.03 -58.80
C SER C 700 -2.46 -0.03 -57.73
N ALA C 701 -3.17 0.18 -56.63
CA ALA C 701 -2.86 1.27 -55.66
C ALA C 701 -1.39 1.19 -55.26
N VAL C 702 -0.93 -0.01 -54.86
CA VAL C 702 0.50 -0.30 -54.54
C VAL C 702 0.83 -1.70 -55.09
N LYS C 703 2.11 -2.02 -55.25
CA LYS C 703 2.60 -3.36 -55.67
C LYS C 703 3.19 -4.05 -54.43
N LEU C 704 2.59 -5.18 -54.02
CA LEU C 704 3.06 -6.04 -52.91
C LEU C 704 3.56 -7.37 -53.48
N SER C 705 4.03 -8.27 -52.60
CA SER C 705 4.44 -9.67 -52.89
C SER C 705 3.24 -10.45 -53.42
N VAL C 706 2.03 -10.05 -53.02
CA VAL C 706 0.74 -10.72 -53.33
C VAL C 706 -0.13 -9.75 -54.15
N LYS C 707 -1.07 -10.30 -54.93
CA LYS C 707 -2.11 -9.52 -55.66
C LYS C 707 -3.10 -8.93 -54.66
N LEU C 708 -3.46 -7.66 -54.85
CA LEU C 708 -4.56 -7.01 -54.12
C LEU C 708 -5.87 -7.39 -54.79
N LYS C 709 -6.61 -8.34 -54.23
CA LYS C 709 -7.89 -8.81 -54.83
C LYS C 709 -9.01 -7.83 -54.45
N VAL C 710 -9.88 -7.51 -55.40
CA VAL C 710 -11.03 -6.59 -55.19
C VAL C 710 -12.32 -7.26 -55.67
N LYS C 711 -13.32 -7.34 -54.79
CA LYS C 711 -14.73 -7.73 -55.09
C LYS C 711 -15.54 -6.44 -55.28
N VAL C 712 -16.30 -6.35 -56.36
CA VAL C 712 -17.27 -5.26 -56.65
C VAL C 712 -18.69 -5.82 -56.51
N LYS C 713 -19.56 -5.08 -55.83
CA LYS C 713 -21.01 -5.37 -55.70
C LYS C 713 -21.77 -4.12 -56.16
N ILE C 714 -23.05 -4.28 -56.44
CA ILE C 714 -23.91 -3.21 -57.02
C ILE C 714 -25.36 -3.48 -56.59
N GLY C 715 -26.17 -2.43 -56.43
CA GLY C 715 -27.55 -2.62 -55.98
C GLY C 715 -28.32 -1.34 -55.79
N ALA C 716 -29.59 -1.48 -55.48
CA ALA C 716 -30.57 -0.38 -55.33
C ALA C 716 -30.54 0.15 -53.91
N SER C 717 -29.71 -0.44 -53.04
CA SER C 717 -29.47 0.03 -51.66
C SER C 717 -28.20 -0.61 -51.14
N TRP C 718 -27.66 -0.04 -50.07
CA TRP C 718 -26.45 -0.55 -49.36
C TRP C 718 -26.78 -1.93 -48.82
N GLY C 719 -28.05 -2.16 -48.49
CA GLY C 719 -28.52 -3.42 -47.86
C GLY C 719 -28.72 -4.52 -48.88
N GLU C 720 -28.94 -4.21 -50.16
CA GLU C 720 -29.26 -5.23 -51.21
C GLU C 720 -28.18 -5.22 -52.29
N LEU C 721 -26.90 -5.33 -51.93
CA LEU C 721 -25.80 -5.30 -52.91
C LEU C 721 -25.62 -6.72 -53.45
N LYS C 722 -25.43 -6.85 -54.75
CA LYS C 722 -25.22 -8.16 -55.43
C LYS C 722 -23.84 -8.15 -56.08
N ASP C 723 -23.15 -9.29 -56.03
CA ASP C 723 -21.87 -9.56 -56.76
C ASP C 723 -22.04 -9.11 -58.22
N PHE C 724 -21.02 -8.46 -58.75
CA PHE C 724 -20.97 -7.90 -60.12
C PHE C 724 -19.57 -8.18 -60.68
N ASP C 725 -19.48 -9.12 -61.63
CA ASP C 725 -18.21 -9.58 -62.27
C ASP C 725 -17.74 -8.46 -63.22
N VAL C 726 -16.55 -7.91 -62.97
CA VAL C 726 -15.98 -6.81 -63.80
C VAL C 726 -14.75 -7.34 -64.55
N SER D 5 -5.85 -26.37 75.30
CA SER D 5 -5.33 -25.10 74.69
C SER D 5 -5.82 -24.94 73.24
N LEU D 6 -6.09 -26.04 72.54
CA LEU D 6 -6.34 -26.08 71.08
C LEU D 6 -6.58 -27.55 70.76
N SER D 7 -7.58 -27.88 69.92
CA SER D 7 -7.74 -29.25 69.38
C SER D 7 -7.65 -29.28 67.83
N ILE D 8 -6.65 -29.99 67.36
CA ILE D 8 -6.27 -30.02 65.92
C ILE D 8 -6.67 -31.38 65.36
N ILE D 9 -7.69 -31.40 64.49
CA ILE D 9 -8.17 -32.64 63.81
C ILE D 9 -7.44 -32.71 62.48
N ASP D 10 -6.56 -33.72 62.32
CA ASP D 10 -5.84 -34.02 61.06
C ASP D 10 -6.76 -34.81 60.13
N VAL D 11 -7.53 -34.10 59.29
CA VAL D 11 -8.67 -34.65 58.52
C VAL D 11 -8.14 -35.65 57.50
N ALA D 12 -6.90 -35.51 57.02
CA ALA D 12 -6.31 -36.35 55.95
C ALA D 12 -5.64 -37.61 56.53
N SER D 13 -5.80 -37.88 57.82
CA SER D 13 -5.17 -39.05 58.49
C SER D 13 -6.01 -40.31 58.25
N ASP D 14 -7.28 -40.13 57.87
CA ASP D 14 -8.25 -41.23 57.72
C ASP D 14 -9.33 -40.85 56.71
N GLN D 15 -9.52 -41.69 55.67
CA GLN D 15 -10.50 -41.51 54.56
C GLN D 15 -11.86 -41.15 55.14
N ASN D 16 -12.30 -41.87 56.17
CA ASN D 16 -13.65 -41.75 56.77
C ASN D 16 -13.80 -40.39 57.45
N LEU D 17 -12.79 -39.97 58.23
CA LEU D 17 -12.78 -38.66 58.95
C LEU D 17 -12.80 -37.53 57.90
N PHE D 18 -12.04 -37.71 56.82
CA PHE D 18 -11.89 -36.73 55.70
C PHE D 18 -13.25 -36.42 55.07
N GLN D 19 -14.02 -37.43 54.70
CA GLN D 19 -15.33 -37.30 54.00
C GLN D 19 -16.33 -36.66 54.96
N THR D 20 -16.31 -37.03 56.25
CA THR D 20 -17.18 -36.42 57.30
C THR D 20 -16.87 -34.92 57.36
N PHE D 21 -15.58 -34.58 57.42
CA PHE D 21 -15.10 -33.16 57.41
C PHE D 21 -15.59 -32.48 56.12
N ILE D 22 -15.42 -33.12 54.96
CA ILE D 22 -15.76 -32.48 53.66
C ILE D 22 -17.26 -32.23 53.63
N LYS D 23 -18.07 -33.22 54.02
CA LYS D 23 -19.55 -33.07 54.06
C LYS D 23 -19.92 -31.88 54.96
N GLU D 24 -19.38 -31.81 56.19
CA GLU D 24 -19.66 -30.68 57.14
C GLU D 24 -19.21 -29.34 56.51
N TRP D 25 -17.98 -29.30 56.02
CA TRP D 25 -17.42 -28.06 55.42
C TRP D 25 -18.35 -27.55 54.34
N ARG D 26 -18.89 -28.42 53.49
CA ARG D 26 -19.67 -28.01 52.29
C ARG D 26 -20.97 -27.36 52.77
N CYS D 27 -21.46 -27.64 53.99
CA CYS D 27 -22.71 -26.92 54.39
C CYS D 27 -22.45 -25.62 55.18
N LYS D 28 -21.21 -25.19 55.38
CA LYS D 28 -20.93 -24.03 56.27
C LYS D 28 -21.11 -22.72 55.50
N LYS D 29 -21.76 -21.74 56.11
CA LYS D 29 -21.93 -20.39 55.52
C LYS D 29 -20.79 -19.49 56.03
N ARG D 30 -20.01 -19.88 57.03
CA ARG D 30 -18.92 -19.04 57.57
C ARG D 30 -17.81 -19.94 58.12
N PHE D 31 -16.57 -19.62 57.80
CA PHE D 31 -15.39 -20.29 58.37
C PHE D 31 -14.19 -19.40 58.12
N SER D 32 -13.14 -19.71 58.88
CA SER D 32 -11.82 -19.06 58.75
C SER D 32 -10.91 -20.08 58.09
N ILE D 33 -9.91 -19.62 57.35
CA ILE D 33 -8.79 -20.49 56.92
C ILE D 33 -7.52 -19.73 57.23
N SER D 34 -6.48 -20.50 57.47
CA SER D 34 -5.11 -19.99 57.62
C SER D 34 -4.17 -20.96 56.92
N LEU D 35 -3.30 -20.43 56.07
CA LEU D 35 -2.30 -21.22 55.31
C LEU D 35 -1.14 -21.54 56.25
N ALA D 36 -0.61 -22.75 56.14
CA ALA D 36 0.57 -23.22 56.88
C ALA D 36 1.76 -23.15 55.91
N CYS D 37 2.69 -22.25 56.14
CA CYS D 37 4.00 -22.20 55.43
C CYS D 37 5.10 -22.57 56.42
N GLU D 38 6.06 -23.37 55.95
CA GLU D 38 7.31 -23.80 56.65
C GLU D 38 8.51 -23.60 55.73
N LYS D 39 9.70 -23.48 56.32
CA LYS D 39 10.99 -23.51 55.58
C LYS D 39 11.29 -24.96 55.23
N ILE D 40 11.99 -25.17 54.12
CA ILE D 40 12.31 -26.53 53.58
C ILE D 40 13.20 -27.29 54.57
N ASP D 68 7.44 -33.38 47.33
CA ASP D 68 6.50 -34.28 48.06
C ASP D 68 5.98 -33.59 49.33
N ASP D 69 6.69 -32.57 49.81
CA ASP D 69 6.50 -32.02 51.17
C ASP D 69 5.77 -30.67 51.14
N GLY D 70 5.33 -30.20 49.96
CA GLY D 70 4.39 -29.07 49.80
C GLY D 70 4.68 -28.25 48.56
N PHE D 71 4.02 -27.10 48.42
CA PHE D 71 4.04 -26.23 47.23
C PHE D 71 5.02 -25.06 47.41
N PRO D 72 6.07 -24.95 46.57
CA PRO D 72 6.89 -23.73 46.56
C PRO D 72 6.06 -22.44 46.42
N ILE D 73 6.54 -21.38 47.04
CA ILE D 73 5.94 -20.01 47.00
C ILE D 73 6.73 -19.18 45.99
N LYS D 74 6.04 -18.48 45.07
CA LYS D 74 6.69 -17.58 44.09
C LYS D 74 7.36 -16.42 44.82
N GLY D 75 8.69 -16.34 44.72
CA GLY D 75 9.50 -15.24 45.28
C GLY D 75 10.34 -15.65 46.46
N CYS D 76 10.13 -16.86 46.98
CA CYS D 76 10.82 -17.42 48.19
C CYS D 76 11.29 -18.86 47.92
N ASP D 77 12.59 -19.07 47.67
CA ASP D 77 13.17 -20.41 47.38
C ASP D 77 13.25 -21.23 48.68
N ASP D 78 12.78 -20.66 49.81
CA ASP D 78 13.07 -21.16 51.19
C ASP D 78 11.86 -21.88 51.82
N THR D 79 10.64 -21.46 51.47
CA THR D 79 9.36 -21.71 52.18
C THR D 79 8.39 -22.51 51.30
N LEU D 80 7.61 -23.40 51.91
CA LEU D 80 6.56 -24.22 51.26
C LEU D 80 5.21 -23.99 51.92
N VAL D 81 4.13 -23.95 51.16
CA VAL D 81 2.75 -24.17 51.68
C VAL D 81 2.62 -25.67 51.94
N VAL D 82 2.44 -26.07 53.19
CA VAL D 82 2.38 -27.52 53.59
C VAL D 82 0.94 -27.89 53.92
N GLY D 83 0.07 -26.91 54.12
CA GLY D 83 -1.33 -27.21 54.45
C GLY D 83 -2.10 -25.96 54.76
N LEU D 84 -3.29 -26.11 55.31
CA LEU D 84 -4.11 -24.99 55.82
C LEU D 84 -5.00 -25.52 56.94
N ALA D 85 -5.45 -24.64 57.81
CA ALA D 85 -6.35 -24.94 58.94
C ALA D 85 -7.68 -24.24 58.69
N VAL D 86 -8.77 -24.90 59.06
CA VAL D 86 -10.15 -24.39 58.92
C VAL D 86 -10.77 -24.34 60.30
N CYS D 87 -11.50 -23.28 60.59
CA CYS D 87 -12.22 -23.14 61.85
C CYS D 87 -13.62 -22.61 61.57
N TRP D 88 -14.64 -23.20 62.19
CA TRP D 88 -16.03 -22.70 62.05
C TRP D 88 -16.72 -22.63 63.42
N GLY D 89 -15.93 -22.47 64.50
CA GLY D 89 -16.47 -22.26 65.86
C GLY D 89 -15.58 -22.85 66.93
N GLY D 90 -15.69 -22.32 68.15
CA GLY D 90 -15.02 -22.84 69.35
C GLY D 90 -13.52 -22.82 69.17
N ARG D 91 -12.83 -23.86 69.66
CA ARG D 91 -11.36 -23.96 69.70
C ARG D 91 -10.94 -25.23 68.97
N ASP D 92 -11.74 -25.64 67.97
CA ASP D 92 -11.46 -26.75 67.04
C ASP D 92 -10.91 -26.20 65.72
N ALA D 93 -9.68 -26.56 65.38
CA ALA D 93 -9.02 -26.32 64.08
C ALA D 93 -8.98 -27.64 63.31
N TYR D 94 -9.45 -27.64 62.06
CA TYR D 94 -9.34 -28.80 61.14
C TYR D 94 -8.11 -28.54 60.29
N TYR D 95 -7.03 -29.28 60.52
CA TYR D 95 -5.79 -29.12 59.71
C TYR D 95 -5.83 -30.05 58.50
N PHE D 96 -5.70 -29.45 57.32
CA PHE D 96 -5.85 -30.07 55.99
C PHE D 96 -4.48 -30.05 55.35
N SER D 97 -3.76 -31.18 55.41
CA SER D 97 -2.39 -31.34 54.86
C SER D 97 -2.42 -31.34 53.33
N LEU D 98 -1.41 -30.70 52.75
CA LEU D 98 -1.20 -30.60 51.28
C LEU D 98 0.17 -31.20 50.94
N GLN D 99 0.62 -32.17 51.74
CA GLN D 99 1.89 -32.89 51.50
C GLN D 99 1.61 -34.22 50.80
N LYS D 100 2.36 -34.55 49.74
CA LYS D 100 2.22 -35.87 49.06
C LYS D 100 2.57 -36.97 50.08
N VAL D 112 5.18 -35.84 64.17
CA VAL D 112 4.42 -35.21 65.29
C VAL D 112 2.93 -35.56 65.13
N PRO D 113 2.19 -35.01 64.14
CA PRO D 113 0.79 -35.33 63.91
C PRO D 113 0.69 -36.72 63.32
N PRO D 114 -0.52 -37.31 63.22
CA PRO D 114 -0.67 -38.63 62.59
C PRO D 114 -0.37 -38.57 61.06
N SER D 115 0.04 -39.70 60.45
CA SER D 115 0.30 -39.78 58.99
C SER D 115 -1.01 -39.61 58.21
N LEU D 116 -0.91 -39.34 56.90
CA LEU D 116 -2.05 -39.19 55.96
C LEU D 116 -2.36 -40.55 55.30
N ASP D 117 -3.62 -40.91 55.30
CA ASP D 117 -4.22 -42.03 54.56
C ASP D 117 -3.77 -41.96 53.10
N PRO D 118 -3.05 -42.99 52.61
CA PRO D 118 -2.50 -42.99 51.25
C PRO D 118 -3.54 -43.11 50.12
N SER D 119 -4.79 -43.52 50.41
CA SER D 119 -5.93 -43.50 49.45
C SER D 119 -6.34 -42.06 49.14
N LEU D 120 -5.98 -41.09 50.00
CA LEU D 120 -6.22 -39.64 49.75
C LEU D 120 -5.02 -39.04 49.03
N THR D 121 -4.98 -39.21 47.72
CA THR D 121 -3.95 -38.60 46.85
C THR D 121 -3.98 -37.09 47.00
N LEU D 122 -2.85 -36.43 46.76
CA LEU D 122 -2.77 -34.96 46.75
C LEU D 122 -3.78 -34.39 45.74
N LYS D 123 -3.85 -34.98 44.55
CA LYS D 123 -4.82 -34.56 43.49
C LYS D 123 -6.25 -34.63 44.07
N ASP D 124 -6.64 -35.73 44.71
CA ASP D 124 -7.98 -35.85 45.36
C ASP D 124 -8.19 -34.71 46.39
N ARG D 125 -7.19 -34.44 47.24
CA ARG D 125 -7.29 -33.39 48.29
C ARG D 125 -7.44 -32.03 47.61
N MET D 126 -6.67 -31.76 46.57
CA MET D 126 -6.73 -30.46 45.86
C MET D 126 -8.11 -30.31 45.21
N TRP D 127 -8.67 -31.38 44.68
CA TRP D 127 -10.05 -31.30 44.17
C TRP D 127 -10.98 -30.80 45.31
N TYR D 128 -10.99 -31.51 46.43
CA TYR D 128 -11.97 -31.29 47.55
C TYR D 128 -11.71 -29.89 48.13
N LEU D 129 -10.45 -29.50 48.19
CA LEU D 129 -10.09 -28.13 48.61
C LEU D 129 -10.72 -27.11 47.66
N GLN D 130 -10.52 -27.21 46.34
CA GLN D 130 -11.04 -26.21 45.38
C GLN D 130 -12.57 -26.21 45.46
N SER D 131 -13.18 -27.38 45.64
CA SER D 131 -14.65 -27.53 45.72
C SER D 131 -15.22 -26.73 46.89
N CYS D 132 -14.57 -26.74 48.06
CA CYS D 132 -15.10 -26.10 49.28
C CYS D 132 -14.78 -24.60 49.27
N LEU D 133 -13.81 -24.16 48.46
CA LEU D 133 -13.36 -22.76 48.44
C LEU D 133 -13.95 -22.02 47.25
N ARG D 134 -14.83 -22.64 46.42
CA ARG D 134 -15.48 -21.97 45.25
C ARG D 134 -17.00 -21.97 45.44
N LYS D 135 -17.67 -20.84 45.15
CA LYS D 135 -19.14 -20.61 45.36
C LYS D 135 -19.96 -21.51 44.43
N GLU D 136 -21.09 -22.00 44.94
CA GLU D 136 -22.21 -22.56 44.13
C GLU D 136 -23.19 -21.42 43.86
N SER D 137 -24.29 -21.68 43.14
CA SER D 137 -25.31 -20.68 42.72
C SER D 137 -26.32 -20.42 43.86
N ASP D 138 -26.44 -19.15 44.27
CA ASP D 138 -27.43 -18.65 45.28
C ASP D 138 -27.03 -19.13 46.68
N LYS D 139 -25.73 -19.07 47.02
CA LYS D 139 -25.17 -19.59 48.29
C LYS D 139 -24.26 -18.51 48.91
N GLU D 140 -24.80 -17.76 49.87
CA GLU D 140 -24.06 -16.75 50.70
C GLU D 140 -23.08 -17.50 51.63
N CYS D 141 -21.80 -17.30 51.39
CA CYS D 141 -20.65 -18.03 52.03
C CYS D 141 -19.49 -17.06 52.27
N SER D 142 -19.00 -16.95 53.51
CA SER D 142 -17.97 -15.98 53.91
C SER D 142 -16.77 -16.73 54.47
N VAL D 143 -15.59 -16.40 53.97
CA VAL D 143 -14.28 -16.92 54.49
C VAL D 143 -13.55 -15.76 55.18
N VAL D 144 -13.11 -15.99 56.40
CA VAL D 144 -12.33 -15.05 57.24
C VAL D 144 -10.85 -15.40 57.08
N ILE D 145 -10.07 -14.46 56.55
CA ILE D 145 -8.61 -14.64 56.31
C ILE D 145 -7.88 -13.39 56.80
N TYR D 146 -6.99 -13.58 57.78
CA TYR D 146 -6.03 -12.54 58.18
C TYR D 146 -5.08 -12.29 56.98
N ASP D 147 -4.98 -11.02 56.55
CA ASP D 147 -4.15 -10.64 55.36
C ASP D 147 -4.68 -11.40 54.16
N PHE D 148 -5.94 -11.14 53.84
CA PHE D 148 -6.62 -11.73 52.68
C PHE D 148 -5.76 -11.66 51.41
N ILE D 149 -5.20 -10.50 51.08
CA ILE D 149 -4.50 -10.30 49.78
C ILE D 149 -3.33 -11.27 49.67
N GLN D 150 -2.48 -11.33 50.68
CA GLN D 150 -1.30 -12.22 50.61
C GLN D 150 -1.76 -13.68 50.49
N SER D 151 -2.85 -14.06 51.13
CA SER D 151 -3.33 -15.47 51.15
C SER D 151 -3.95 -15.80 49.80
N TYR D 152 -4.74 -14.90 49.24
CA TYR D 152 -5.36 -15.06 47.89
C TYR D 152 -4.24 -15.35 46.88
N LYS D 153 -3.12 -14.65 46.98
CA LYS D 153 -2.04 -14.73 45.98
C LYS D 153 -1.31 -16.06 46.14
N ILE D 154 -1.00 -16.45 47.37
CA ILE D 154 -0.28 -17.74 47.60
C ILE D 154 -1.18 -18.90 47.14
N LEU D 155 -2.47 -18.86 47.43
CA LEU D 155 -3.39 -19.95 47.04
C LEU D 155 -3.43 -20.04 45.51
N LEU D 156 -3.43 -18.91 44.81
CA LEU D 156 -3.48 -18.88 43.32
C LEU D 156 -2.15 -19.37 42.76
N LEU D 157 -1.02 -18.75 43.15
CA LEU D 157 0.30 -18.97 42.52
C LEU D 157 0.93 -20.28 42.98
N SER D 158 0.75 -20.68 44.25
CA SER D 158 1.39 -21.88 44.81
C SER D 158 0.55 -23.13 44.59
N CYS D 159 -0.76 -23.05 44.83
CA CYS D 159 -1.67 -24.22 44.87
C CYS D 159 -2.62 -24.23 43.67
N GLY D 160 -2.66 -23.18 42.85
CA GLY D 160 -3.50 -23.12 41.65
C GLY D 160 -4.96 -23.01 42.03
N ILE D 161 -5.26 -22.43 43.18
CA ILE D 161 -6.66 -22.28 43.68
C ILE D 161 -7.03 -20.80 43.69
N SER D 162 -8.16 -20.46 43.07
CA SER D 162 -8.76 -19.12 43.06
C SER D 162 -9.95 -19.14 44.00
N LEU D 163 -9.84 -18.50 45.17
CA LEU D 163 -10.96 -18.31 46.13
C LEU D 163 -12.11 -17.67 45.36
N GLU D 164 -13.35 -18.16 45.55
CA GLU D 164 -14.57 -17.58 44.93
C GLU D 164 -15.69 -17.62 45.99
N GLN D 165 -15.59 -16.73 46.97
CA GLN D 165 -16.59 -16.51 48.05
C GLN D 165 -16.53 -15.05 48.47
N SER D 166 -17.36 -14.62 49.42
CA SER D 166 -17.22 -13.34 50.14
C SER D 166 -16.06 -13.46 51.14
N TYR D 167 -15.21 -12.45 51.20
CA TYR D 167 -14.02 -12.42 52.07
C TYR D 167 -14.23 -11.38 53.16
N GLU D 168 -13.68 -11.71 54.31
CA GLU D 168 -13.65 -10.87 55.52
C GLU D 168 -12.25 -10.93 56.12
N ASP D 169 -11.52 -9.80 56.14
CA ASP D 169 -10.19 -9.68 56.78
C ASP D 169 -10.34 -8.85 58.04
N PRO D 170 -10.06 -9.42 59.24
CA PRO D 170 -10.11 -8.65 60.47
C PRO D 170 -9.20 -7.40 60.45
N LYS D 171 -8.05 -7.42 59.76
CA LYS D 171 -7.16 -6.22 59.60
C LYS D 171 -7.97 -5.06 59.02
N VAL D 172 -8.82 -5.33 58.03
CA VAL D 172 -9.56 -4.26 57.31
C VAL D 172 -10.69 -3.74 58.20
N ALA D 173 -11.33 -4.64 58.94
CA ALA D 173 -12.37 -4.30 59.94
C ALA D 173 -11.80 -3.37 61.01
N CYS D 174 -10.59 -3.65 61.52
CA CYS D 174 -9.89 -2.80 62.52
C CYS D 174 -9.72 -1.39 61.95
N TRP D 175 -9.18 -1.31 60.74
CA TRP D 175 -8.97 -0.03 60.03
C TRP D 175 -10.29 0.74 59.98
N LEU D 176 -11.36 0.05 59.64
CA LEU D 176 -12.68 0.65 59.41
C LEU D 176 -13.21 1.22 60.73
N LEU D 177 -12.84 0.64 61.87
CA LEU D 177 -13.31 1.11 63.20
C LEU D 177 -12.49 2.29 63.69
N ASP D 178 -11.21 2.38 63.32
CA ASP D 178 -10.35 3.56 63.67
C ASP D 178 -9.23 3.67 62.66
N PRO D 179 -9.40 4.53 61.62
CA PRO D 179 -8.43 4.60 60.53
C PRO D 179 -7.05 5.12 60.97
N ASP D 180 -6.95 5.77 62.12
CA ASP D 180 -5.68 6.34 62.66
C ASP D 180 -5.00 5.35 63.62
N SER D 181 -5.61 4.20 63.88
CA SER D 181 -5.03 3.12 64.72
C SER D 181 -3.72 2.66 64.08
N GLN D 182 -2.81 2.09 64.85
CA GLN D 182 -1.58 1.49 64.28
C GLN D 182 -2.01 0.28 63.46
N GLU D 183 -1.32 -0.02 62.37
CA GLU D 183 -1.51 -1.25 61.57
C GLU D 183 -1.71 -2.41 62.53
N PRO D 184 -2.79 -3.21 62.41
CA PRO D 184 -2.99 -4.35 63.30
C PRO D 184 -2.02 -5.50 63.01
N THR D 185 -1.62 -6.22 64.05
CA THR D 185 -0.88 -7.51 63.96
C THR D 185 -1.87 -8.54 64.54
N LEU D 186 -1.58 -9.83 64.41
CA LEU D 186 -2.44 -10.85 65.07
C LEU D 186 -2.41 -10.61 66.59
N HIS D 187 -1.25 -10.23 67.12
CA HIS D 187 -1.03 -9.96 68.57
C HIS D 187 -1.88 -8.79 69.04
N SER D 188 -1.95 -7.68 68.29
CA SER D 188 -2.75 -6.49 68.67
C SER D 188 -4.24 -6.84 68.61
N ILE D 189 -4.68 -7.60 67.59
CA ILE D 189 -6.11 -8.00 67.47
C ILE D 189 -6.48 -8.85 68.69
N VAL D 190 -5.66 -9.83 69.03
CA VAL D 190 -5.96 -10.76 70.15
C VAL D 190 -5.90 -9.96 71.45
N THR D 191 -4.91 -9.08 71.61
CA THR D 191 -4.80 -8.19 72.79
C THR D 191 -6.12 -7.44 72.98
N SER D 192 -6.64 -6.77 71.95
CA SER D 192 -7.82 -5.87 72.04
C SER D 192 -9.14 -6.66 72.11
N PHE D 193 -9.14 -7.87 71.54
CA PHE D 193 -10.44 -8.60 71.39
C PHE D 193 -10.48 -9.93 72.13
N LEU D 194 -9.37 -10.65 72.26
CA LEU D 194 -9.38 -12.07 72.78
C LEU D 194 -8.21 -12.20 73.75
N PRO D 195 -8.05 -11.30 74.75
CA PRO D 195 -6.86 -11.30 75.59
C PRO D 195 -6.67 -12.59 76.41
N HIS D 196 -7.76 -13.26 76.74
CA HIS D 196 -7.71 -14.60 77.40
C HIS D 196 -6.96 -15.64 76.56
N GLU D 197 -6.80 -15.47 75.25
CA GLU D 197 -6.15 -16.50 74.37
C GLU D 197 -4.73 -16.01 74.11
N LEU D 198 -4.28 -14.88 74.67
CA LEU D 198 -2.89 -14.37 74.45
C LEU D 198 -1.85 -15.47 74.71
N PRO D 199 -1.99 -16.34 75.74
CA PRO D 199 -1.05 -17.46 75.94
C PRO D 199 -0.95 -18.34 74.68
N LEU D 200 -2.02 -18.56 73.90
CA LEU D 200 -1.90 -19.35 72.64
C LEU D 200 -0.82 -18.70 71.76
N LEU D 201 -0.54 -17.41 72.01
CA LEU D 201 0.51 -16.66 71.25
C LEU D 201 1.83 -16.67 72.05
N GLU D 202 1.88 -17.25 73.24
CA GLU D 202 3.10 -17.24 74.09
C GLU D 202 4.24 -17.98 73.39
N GLY D 203 5.37 -17.31 73.19
CA GLY D 203 6.58 -17.82 72.51
C GLY D 203 6.44 -17.80 70.99
N MET D 204 5.49 -17.03 70.46
CA MET D 204 5.18 -16.93 69.01
C MET D 204 5.33 -15.46 68.63
N GLU D 205 6.58 -14.97 68.74
CA GLU D 205 6.96 -13.54 68.69
C GLU D 205 6.58 -12.93 67.34
N THR D 206 6.51 -13.72 66.27
CA THR D 206 6.15 -13.35 64.88
C THR D 206 4.67 -12.89 64.81
N SER D 207 3.82 -13.25 65.79
CA SER D 207 2.43 -12.75 65.94
C SER D 207 2.41 -11.22 66.08
N GLN D 208 3.54 -10.60 66.47
CA GLN D 208 3.71 -9.13 66.65
C GLN D 208 4.28 -8.48 65.39
N GLY D 209 4.42 -9.24 64.30
CA GLY D 209 4.70 -8.70 62.95
C GLY D 209 3.41 -8.61 62.14
N ILE D 210 3.50 -7.94 60.99
CA ILE D 210 2.34 -7.63 60.09
C ILE D 210 1.91 -8.94 59.42
N GLN D 211 2.87 -9.78 59.02
CA GLN D 211 2.68 -11.04 58.25
C GLN D 211 1.90 -12.05 59.09
N SER D 212 1.01 -12.80 58.42
CA SER D 212 0.16 -13.88 58.98
C SER D 212 1.03 -14.86 59.77
N LEU D 213 0.56 -15.29 60.95
CA LEU D 213 1.26 -16.29 61.79
C LEU D 213 1.51 -17.56 60.95
N GLY D 214 0.50 -18.02 60.22
CA GLY D 214 0.57 -19.20 59.35
C GLY D 214 1.64 -19.04 58.28
N LEU D 215 1.72 -17.85 57.67
CA LEU D 215 2.61 -17.56 56.52
C LEU D 215 4.05 -17.32 56.98
N ASN D 216 4.25 -17.05 58.27
CA ASN D 216 5.58 -16.61 58.76
C ASN D 216 6.36 -17.85 59.19
N ALA D 217 7.14 -18.40 58.26
CA ALA D 217 7.94 -19.63 58.43
C ALA D 217 9.25 -19.35 59.16
N GLY D 218 9.53 -18.09 59.50
CA GLY D 218 10.71 -17.69 60.30
C GLY D 218 10.48 -17.92 61.78
N SER D 219 9.64 -18.91 62.14
CA SER D 219 9.34 -19.37 63.52
C SER D 219 9.80 -20.81 63.69
N GLU D 220 10.01 -21.25 64.94
CA GLU D 220 10.42 -22.63 65.32
C GLU D 220 9.17 -23.51 65.47
N HIS D 221 8.00 -22.88 65.55
CA HIS D 221 6.70 -23.60 65.67
C HIS D 221 6.31 -24.09 64.28
N SER D 222 5.73 -25.29 64.21
CA SER D 222 5.28 -25.91 62.94
C SER D 222 4.20 -25.04 62.28
N GLY D 223 4.12 -25.09 60.94
CA GLY D 223 3.03 -24.44 60.18
C GLY D 223 1.69 -24.96 60.61
N ARG D 224 1.61 -26.24 60.93
CA ARG D 224 0.35 -26.88 61.38
C ARG D 224 -0.17 -26.17 62.63
N TYR D 225 0.69 -26.05 63.65
CA TYR D 225 0.30 -25.44 64.95
C TYR D 225 -0.03 -23.97 64.71
N ARG D 226 0.82 -23.24 63.99
CA ARG D 226 0.66 -21.79 63.76
C ARG D 226 -0.67 -21.54 63.03
N ALA D 227 -0.94 -22.28 61.96
CA ALA D 227 -2.16 -22.09 61.15
C ALA D 227 -3.40 -22.46 61.97
N SER D 228 -3.33 -23.52 62.77
CA SER D 228 -4.47 -23.97 63.61
C SER D 228 -4.81 -22.88 64.64
N VAL D 229 -3.81 -22.35 65.33
CA VAL D 229 -3.99 -21.27 66.35
C VAL D 229 -4.58 -20.06 65.65
N GLU D 230 -3.95 -19.63 64.56
CA GLU D 230 -4.45 -18.46 63.79
C GLU D 230 -5.92 -18.69 63.40
N SER D 231 -6.27 -19.85 62.89
CA SER D 231 -7.64 -20.10 62.38
C SER D 231 -8.66 -19.84 63.49
N ILE D 232 -8.37 -20.32 64.69
CA ILE D 232 -9.24 -20.19 65.87
C ILE D 232 -9.27 -18.72 66.32
N LEU D 233 -8.12 -18.08 66.48
CA LEU D 233 -8.06 -16.66 66.94
C LEU D 233 -8.84 -15.76 65.96
N ILE D 234 -8.68 -15.99 64.67
CA ILE D 234 -9.23 -15.09 63.60
C ILE D 234 -10.74 -15.31 63.50
N PHE D 235 -11.25 -16.54 63.57
CA PHE D 235 -12.70 -16.79 63.50
C PHE D 235 -13.45 -16.01 64.59
N ASN D 236 -13.04 -16.17 65.84
CA ASN D 236 -13.68 -15.56 67.03
C ASN D 236 -13.50 -14.05 66.97
N SER D 237 -12.28 -13.59 66.70
CA SER D 237 -11.95 -12.14 66.54
C SER D 237 -12.90 -11.48 65.52
N MET D 238 -13.13 -12.14 64.39
CA MET D 238 -13.94 -11.57 63.31
C MET D 238 -15.42 -11.51 63.74
N ASN D 239 -15.90 -12.47 64.53
CA ASN D 239 -17.27 -12.42 65.07
C ASN D 239 -17.41 -11.16 65.92
N GLN D 240 -16.44 -10.88 66.80
CA GLN D 240 -16.53 -9.62 67.60
C GLN D 240 -16.47 -8.41 66.64
N LEU D 241 -15.47 -8.34 65.77
CA LEU D 241 -15.29 -7.16 64.86
C LEU D 241 -16.55 -6.97 64.04
N ASN D 242 -17.25 -8.06 63.65
CA ASN D 242 -18.54 -7.94 62.91
C ASN D 242 -19.60 -7.31 63.81
N SER D 243 -19.65 -7.68 65.10
CA SER D 243 -20.61 -7.04 66.03
C SER D 243 -20.31 -5.53 66.08
N LEU D 244 -19.04 -5.14 66.16
CA LEU D 244 -18.65 -3.72 66.29
C LEU D 244 -18.99 -2.98 64.99
N LEU D 245 -18.71 -3.56 63.82
CA LEU D 245 -19.07 -2.95 62.51
C LEU D 245 -20.57 -2.73 62.44
N GLN D 246 -21.37 -3.67 62.91
CA GLN D 246 -22.86 -3.58 62.91
C GLN D 246 -23.28 -2.44 63.84
N LYS D 247 -22.70 -2.35 65.04
CA LYS D 247 -23.03 -1.24 65.98
C LYS D 247 -22.71 0.10 65.29
N GLU D 248 -21.59 0.21 64.59
CA GLU D 248 -21.13 1.49 63.94
C GLU D 248 -21.78 1.68 62.56
N ASN D 249 -22.52 0.70 62.06
CA ASN D 249 -23.21 0.76 60.74
C ASN D 249 -22.19 0.85 59.61
N LEU D 250 -21.11 0.10 59.71
CA LEU D 250 -20.02 0.03 58.69
C LEU D 250 -19.97 -1.35 58.03
N GLN D 251 -20.93 -2.23 58.32
CA GLN D 251 -20.89 -3.61 57.79
C GLN D 251 -21.16 -3.59 56.27
N ASP D 252 -22.10 -2.77 55.80
CA ASP D 252 -22.39 -2.68 54.35
C ASP D 252 -21.12 -2.16 53.64
N VAL D 253 -20.48 -1.14 54.20
CA VAL D 253 -19.23 -0.55 53.64
C VAL D 253 -18.20 -1.67 53.52
N PHE D 254 -18.05 -2.46 54.58
CA PHE D 254 -17.03 -3.53 54.70
C PHE D 254 -17.25 -4.59 53.61
N ARG D 255 -18.50 -5.05 53.43
CA ARG D 255 -18.83 -6.17 52.50
C ARG D 255 -18.94 -5.67 51.05
N LYS D 256 -19.47 -4.48 50.79
CA LYS D 256 -19.76 -3.99 49.42
C LYS D 256 -18.60 -3.16 48.83
N VAL D 257 -17.74 -2.55 49.65
CA VAL D 257 -16.68 -1.61 49.14
C VAL D 257 -15.30 -2.10 49.57
N GLU D 258 -15.02 -2.17 50.87
CA GLU D 258 -13.64 -2.37 51.35
C GLU D 258 -13.12 -3.75 50.98
N MET D 259 -13.87 -4.84 51.22
CA MET D 259 -13.29 -6.17 50.95
C MET D 259 -13.20 -6.40 49.44
N PRO D 260 -14.21 -6.04 48.63
CA PRO D 260 -14.07 -6.09 47.17
C PRO D 260 -12.87 -5.27 46.65
N SER D 261 -12.63 -4.10 47.25
CA SER D 261 -11.49 -3.22 46.94
C SER D 261 -10.20 -3.99 47.21
N GLN D 262 -10.12 -4.72 48.31
CA GLN D 262 -8.95 -5.59 48.58
C GLN D 262 -8.79 -6.64 47.47
N TYR D 263 -9.87 -7.22 46.97
CA TYR D 263 -9.81 -8.24 45.89
C TYR D 263 -9.24 -7.58 44.63
N CYS D 264 -9.75 -6.43 44.23
CA CYS D 264 -9.17 -5.65 43.08
C CYS D 264 -7.68 -5.40 43.30
N LEU D 265 -7.24 -5.09 44.54
CA LEU D 265 -5.81 -4.78 44.78
C LEU D 265 -4.99 -6.06 44.69
N ALA D 266 -5.57 -7.20 45.07
CA ALA D 266 -4.90 -8.51 44.88
C ALA D 266 -4.61 -8.76 43.40
N LEU D 267 -5.56 -8.47 42.52
CA LEU D 267 -5.34 -8.66 41.06
C LEU D 267 -4.22 -7.74 40.56
N LEU D 268 -4.20 -6.50 41.03
CA LEU D 268 -3.16 -5.49 40.69
C LEU D 268 -1.78 -6.02 41.12
N GLU D 269 -1.70 -6.58 42.32
CA GLU D 269 -0.42 -7.06 42.86
C GLU D 269 0.02 -8.31 42.09
N LEU D 270 -0.94 -9.13 41.64
CA LEU D 270 -0.62 -10.30 40.77
C LEU D 270 -0.18 -9.79 39.41
N ASN D 271 -0.80 -8.73 38.90
CA ASN D 271 -0.49 -8.19 37.55
C ASN D 271 0.91 -7.59 37.53
N GLY D 272 1.28 -6.81 38.54
CA GLY D 272 2.49 -5.95 38.47
C GLY D 272 2.39 -4.93 37.32
N ILE D 273 3.43 -4.15 37.10
CA ILE D 273 3.45 -3.09 36.04
C ILE D 273 4.71 -3.28 35.22
N GLY D 274 4.57 -3.25 33.92
CA GLY D 274 5.70 -3.42 32.98
C GLY D 274 6.72 -2.31 33.12
N PHE D 275 8.00 -2.67 32.94
CA PHE D 275 9.16 -1.78 33.16
C PHE D 275 10.21 -2.02 32.09
N SER D 276 10.76 -0.93 31.56
CA SER D 276 11.91 -0.90 30.62
C SER D 276 13.14 -0.23 31.22
N THR D 277 14.32 -0.84 31.09
CA THR D 277 15.56 -0.35 31.72
C THR D 277 16.30 0.56 30.74
N ALA D 278 16.41 0.17 29.45
CA ALA D 278 17.07 0.97 28.41
C ALA D 278 16.72 2.44 28.61
N GLU D 279 15.41 2.73 28.70
CA GLU D 279 14.88 4.11 28.81
C GLU D 279 15.42 4.75 30.09
N CYS D 280 15.34 4.04 31.21
CA CYS D 280 15.84 4.46 32.54
C CYS D 280 17.33 4.84 32.48
N GLU D 281 18.19 3.99 31.90
CA GLU D 281 19.68 4.15 31.88
C GLU D 281 20.05 5.43 31.09
N SER D 282 19.38 5.65 29.97
CA SER D 282 19.71 6.78 29.08
C SER D 282 19.33 8.08 29.79
N GLN D 283 18.22 8.08 30.52
CA GLN D 283 17.81 9.25 31.35
C GLN D 283 18.85 9.45 32.46
N LYS D 284 19.24 8.37 33.14
CA LYS D 284 20.24 8.41 34.24
C LYS D 284 21.51 9.11 33.75
N HIS D 285 22.02 8.76 32.57
CA HIS D 285 23.31 9.31 32.06
C HIS D 285 23.21 10.84 31.85
N ILE D 286 22.09 11.32 31.30
CA ILE D 286 21.85 12.78 31.11
C ILE D 286 21.79 13.46 32.47
N MET D 287 21.01 12.89 33.39
CA MET D 287 20.85 13.43 34.76
C MET D 287 22.21 13.51 35.44
N GLN D 288 23.04 12.48 35.32
CA GLN D 288 24.33 12.41 36.06
C GLN D 288 25.29 13.46 35.51
N ALA D 289 25.27 13.71 34.22
CA ALA D 289 26.10 14.73 33.55
C ALA D 289 25.72 16.12 34.08
N LYS D 290 24.42 16.37 34.26
CA LYS D 290 23.90 17.66 34.77
C LYS D 290 24.30 17.83 36.24
N LEU D 291 24.16 16.76 37.03
CA LEU D 291 24.62 16.76 38.45
C LEU D 291 26.10 17.15 38.52
N ASP D 292 26.95 16.64 37.62
CA ASP D 292 28.41 16.89 37.63
C ASP D 292 28.67 18.37 37.37
N ALA D 293 28.06 18.95 36.32
CA ALA D 293 28.17 20.37 35.95
C ALA D 293 27.64 21.26 37.08
N ILE D 294 26.51 20.90 37.68
CA ILE D 294 25.92 21.66 38.83
C ILE D 294 26.93 21.68 39.98
N GLU D 295 27.49 20.53 40.35
CA GLU D 295 28.46 20.41 41.47
C GLU D 295 29.63 21.36 41.18
N THR D 296 30.26 21.22 40.00
CA THR D 296 31.50 21.97 39.66
C THR D 296 31.20 23.48 39.71
N GLN D 297 30.03 23.92 39.25
CA GLN D 297 29.65 25.36 39.26
C GLN D 297 29.32 25.78 40.70
N ALA D 298 28.55 24.98 41.45
CA ALA D 298 28.24 25.26 42.88
C ALA D 298 29.56 25.49 43.65
N TYR D 299 30.53 24.59 43.51
CA TYR D 299 31.78 24.59 44.31
C TYR D 299 32.64 25.82 43.94
N GLN D 300 32.57 26.31 42.70
CA GLN D 300 33.32 27.52 42.30
C GLN D 300 32.64 28.76 42.90
N LEU D 301 31.31 28.83 42.88
CA LEU D 301 30.58 29.95 43.51
C LEU D 301 30.81 29.94 45.03
N ALA D 302 30.77 28.77 45.68
CA ALA D 302 30.97 28.61 47.14
C ALA D 302 32.42 28.91 47.55
N GLY D 303 33.38 28.65 46.66
CA GLY D 303 34.82 28.76 46.93
C GLY D 303 35.44 27.48 47.46
N HIS D 304 34.64 26.51 47.91
CA HIS D 304 35.14 25.21 48.42
C HIS D 304 34.12 24.11 48.17
N SER D 305 34.54 22.84 48.23
CA SER D 305 33.64 21.66 48.27
C SER D 305 32.67 21.85 49.44
N PHE D 306 31.44 21.37 49.29
CA PHE D 306 30.44 21.26 50.38
C PHE D 306 29.50 20.12 50.02
N SER D 307 28.93 19.46 51.02
CA SER D 307 27.96 18.34 50.84
C SER D 307 26.58 18.94 50.57
N PHE D 308 25.95 18.56 49.44
CA PHE D 308 24.58 18.99 49.06
C PHE D 308 23.55 18.32 49.98
N THR D 309 23.97 17.32 50.77
CA THR D 309 23.09 16.50 51.64
C THR D 309 23.10 17.04 53.08
N SER D 310 23.98 18.00 53.40
CA SER D 310 24.07 18.65 54.72
C SER D 310 23.42 20.04 54.68
N SER D 311 22.25 20.19 55.33
CA SER D 311 21.54 21.48 55.56
C SER D 311 22.51 22.47 56.23
N ASP D 312 23.30 21.97 57.20
CA ASP D 312 24.32 22.76 57.95
C ASP D 312 25.29 23.42 56.95
N ASP D 313 25.93 22.62 56.09
CA ASP D 313 26.93 23.09 55.09
C ASP D 313 26.29 24.16 54.21
N ILE D 314 25.11 23.88 53.68
CA ILE D 314 24.38 24.77 52.72
C ILE D 314 24.05 26.09 53.44
N ALA D 315 23.63 26.02 54.70
CA ALA D 315 23.29 27.20 55.53
C ALA D 315 24.56 28.02 55.78
N GLU D 316 25.67 27.36 56.10
CA GLU D 316 26.99 28.04 56.30
C GLU D 316 27.28 28.85 55.03
N VAL D 317 27.17 28.24 53.84
CA VAL D 317 27.55 28.88 52.54
C VAL D 317 26.55 30.00 52.21
N LEU D 318 25.26 29.73 52.27
CA LEU D 318 24.23 30.71 51.81
C LEU D 318 24.22 31.93 52.74
N PHE D 319 24.24 31.73 54.07
CA PHE D 319 23.84 32.76 55.06
C PHE D 319 25.06 33.38 55.75
N LEU D 320 26.04 32.57 56.15
CA LEU D 320 27.29 33.04 56.82
C LEU D 320 28.28 33.56 55.78
N GLU D 321 28.52 32.81 54.70
CA GLU D 321 29.71 33.01 53.82
C GLU D 321 29.33 33.88 52.60
N LEU D 322 28.04 34.09 52.35
CA LEU D 322 27.51 34.90 51.21
C LEU D 322 26.55 35.99 51.72
N LYS D 323 26.10 35.88 52.97
CA LYS D 323 25.18 36.85 53.63
C LYS D 323 23.95 37.10 52.73
N LEU D 324 23.25 36.04 52.30
CA LEU D 324 21.90 36.19 51.68
C LEU D 324 20.88 36.39 52.81
N PRO D 325 19.73 37.05 52.56
CA PRO D 325 18.79 37.40 53.62
C PRO D 325 17.86 36.28 54.11
N PRO D 326 17.91 35.89 55.41
CA PRO D 326 17.00 34.88 55.94
C PRO D 326 15.69 35.48 56.49
N PHE D 358 18.99 28.43 60.91
CA PHE D 358 18.64 28.96 59.56
C PHE D 358 18.25 27.79 58.65
N SER D 359 16.97 27.74 58.26
CA SER D 359 16.37 26.70 57.37
C SER D 359 16.91 26.81 55.95
N THR D 360 16.97 25.68 55.24
CA THR D 360 17.44 25.55 53.83
C THR D 360 16.36 24.85 53.01
N SER D 361 15.09 25.13 53.31
CA SER D 361 13.93 24.48 52.67
C SER D 361 13.75 24.98 51.24
N LYS D 362 12.93 24.26 50.48
CA LYS D 362 12.50 24.62 49.10
C LYS D 362 12.03 26.08 49.09
N ASP D 363 11.21 26.49 50.06
CA ASP D 363 10.51 27.80 50.13
C ASP D 363 11.55 28.91 50.25
N VAL D 364 12.52 28.73 51.16
CA VAL D 364 13.65 29.67 51.40
C VAL D 364 14.41 29.82 50.06
N LEU D 365 14.90 28.71 49.48
CA LEU D 365 15.85 28.77 48.34
C LEU D 365 15.10 29.31 47.11
N ASN D 366 13.80 29.07 47.05
CA ASN D 366 12.92 29.51 45.94
C ASN D 366 12.84 31.03 45.93
N LYS D 367 12.80 31.67 47.11
CA LYS D 367 12.86 33.15 47.23
C LYS D 367 14.26 33.61 46.78
N LEU D 368 15.31 32.98 47.31
CA LEU D 368 16.70 33.48 47.21
C LEU D 368 17.24 33.31 45.77
N LYS D 369 16.67 32.44 44.94
CA LYS D 369 17.20 32.13 43.58
C LYS D 369 17.11 33.40 42.72
N ALA D 370 16.22 34.34 43.07
CA ALA D 370 16.14 35.65 42.41
C ALA D 370 17.40 36.49 42.66
N LEU D 371 18.22 36.18 43.69
CA LEU D 371 19.34 37.05 44.17
C LEU D 371 20.72 36.48 43.84
N HIS D 372 20.86 35.18 43.59
CA HIS D 372 22.17 34.50 43.44
C HIS D 372 21.94 33.14 42.79
N PRO D 373 22.84 32.67 41.90
CA PRO D 373 22.62 31.40 41.20
C PRO D 373 22.68 30.13 42.08
N LEU D 374 23.38 30.14 43.22
CA LEU D 374 23.66 28.93 44.03
C LEU D 374 22.39 28.27 44.59
N PRO D 375 21.43 29.02 45.20
CA PRO D 375 20.17 28.41 45.66
C PRO D 375 19.40 27.61 44.60
N GLY D 376 19.36 28.12 43.37
CA GLY D 376 18.77 27.42 42.21
C GLY D 376 19.51 26.13 41.89
N LEU D 377 20.84 26.14 41.88
CA LEU D 377 21.69 24.94 41.67
C LEU D 377 21.35 23.90 42.74
N ILE D 378 21.26 24.33 44.02
CA ILE D 378 20.93 23.42 45.15
C ILE D 378 19.60 22.73 44.84
N LEU D 379 18.61 23.51 44.39
CA LEU D 379 17.24 22.98 44.21
C LEU D 379 17.24 21.94 43.10
N GLU D 380 17.98 22.21 42.03
CA GLU D 380 18.05 21.32 40.86
C GLU D 380 18.83 20.06 41.22
N TRP D 381 19.91 20.22 42.00
CA TRP D 381 20.70 19.08 42.51
C TRP D 381 19.76 18.10 43.23
N ARG D 382 18.93 18.61 44.13
CA ARG D 382 18.05 17.77 44.97
C ARG D 382 17.00 17.12 44.11
N ARG D 383 16.49 17.82 43.10
CA ARG D 383 15.42 17.30 42.22
C ARG D 383 15.99 16.13 41.43
N ILE D 384 17.16 16.30 40.85
CA ILE D 384 17.77 15.26 39.96
C ILE D 384 18.27 14.10 40.83
N THR D 385 18.94 14.40 41.96
CA THR D 385 19.42 13.34 42.90
C THR D 385 18.21 12.50 43.33
N ASN D 386 17.07 13.11 43.57
CA ASN D 386 15.81 12.43 43.93
C ASN D 386 15.42 11.44 42.84
N ALA D 387 15.40 11.87 41.58
CA ALA D 387 15.00 11.01 40.44
C ALA D 387 15.97 9.83 40.35
N ILE D 388 17.27 10.06 40.55
CA ILE D 388 18.30 8.97 40.42
C ILE D 388 18.20 8.02 41.62
N THR D 389 18.22 8.50 42.86
CA THR D 389 18.46 7.68 44.08
C THR D 389 17.16 7.12 44.64
N LYS D 390 16.04 7.82 44.46
CA LYS D 390 14.73 7.45 45.04
C LYS D 390 13.80 6.89 43.97
N VAL D 391 14.16 6.96 42.67
CA VAL D 391 13.26 6.43 41.62
C VAL D 391 13.99 5.42 40.75
N VAL D 392 15.03 5.82 40.02
CA VAL D 392 15.81 4.89 39.14
C VAL D 392 16.38 3.72 39.97
N PHE D 393 17.08 3.96 41.08
CA PHE D 393 17.82 2.91 41.82
C PHE D 393 16.83 1.84 42.28
N PRO D 394 15.75 2.22 43.02
CA PRO D 394 14.76 1.25 43.48
C PRO D 394 14.02 0.53 42.33
N LEU D 395 13.63 1.21 41.25
CA LEU D 395 12.94 0.53 40.14
C LEU D 395 13.87 -0.51 39.50
N GLN D 396 15.13 -0.16 39.26
CA GLN D 396 16.09 -1.09 38.58
C GLN D 396 16.62 -2.12 39.54
N ARG D 397 16.10 -2.18 40.78
CA ARG D 397 16.45 -3.17 41.83
C ARG D 397 15.25 -4.11 42.05
N GLU D 398 14.02 -3.62 42.05
CA GLU D 398 12.79 -4.40 42.36
C GLU D 398 12.34 -5.23 41.14
N LYS D 399 12.87 -4.90 39.96
CA LYS D 399 12.35 -5.42 38.67
C LYS D 399 12.56 -6.94 38.69
N CYS D 400 11.68 -7.65 38.00
CA CYS D 400 11.56 -9.13 38.03
C CYS D 400 11.17 -9.59 36.63
N LEU D 401 11.91 -10.52 36.02
CA LEU D 401 11.52 -11.10 34.70
C LEU D 401 10.17 -11.84 34.81
N ASN D 402 9.22 -11.51 33.93
CA ASN D 402 7.99 -12.32 33.75
C ASN D 402 8.15 -13.14 32.47
N PRO D 403 8.45 -14.46 32.57
CA PRO D 403 8.76 -15.28 31.41
C PRO D 403 7.57 -15.49 30.45
N PHE D 404 6.32 -15.35 30.89
CA PHE D 404 5.10 -15.55 30.06
C PHE D 404 4.92 -14.33 29.15
N LEU D 405 4.88 -13.14 29.72
CA LEU D 405 4.71 -11.86 28.98
C LEU D 405 6.00 -11.52 28.20
N GLY D 406 7.15 -12.03 28.64
CA GLY D 406 8.45 -11.83 27.97
C GLY D 406 8.96 -10.41 28.18
N MET D 407 8.91 -9.91 29.41
CA MET D 407 9.27 -8.52 29.78
C MET D 407 9.55 -8.47 31.29
N GLU D 408 10.22 -7.42 31.73
CA GLU D 408 10.45 -7.13 33.16
C GLU D 408 9.21 -6.42 33.70
N ARG D 409 8.89 -6.69 34.95
CA ARG D 409 7.75 -6.01 35.63
C ARG D 409 8.20 -5.67 37.04
N ILE D 410 7.44 -4.79 37.68
CA ILE D 410 7.61 -4.42 39.10
C ILE D 410 6.32 -4.82 39.80
N TYR D 411 6.48 -5.35 41.02
CA TYR D 411 5.38 -5.89 41.84
C TYR D 411 5.32 -5.08 43.13
N PRO D 412 4.66 -3.91 43.11
CA PRO D 412 4.53 -3.11 44.32
C PRO D 412 3.43 -3.70 45.21
N VAL D 413 3.45 -3.33 46.48
CA VAL D 413 2.55 -3.88 47.52
C VAL D 413 1.59 -2.78 47.87
N SER D 414 0.28 -3.03 47.82
CA SER D 414 -0.76 -2.04 48.16
C SER D 414 -0.78 -1.87 49.68
N GLN D 415 -1.22 -0.71 50.12
CA GLN D 415 -1.33 -0.30 51.54
C GLN D 415 -2.62 0.50 51.64
N SER D 416 -3.62 -0.05 52.36
CA SER D 416 -4.98 0.51 52.47
C SER D 416 -5.20 1.07 53.87
N HIS D 417 -4.23 0.92 54.76
CA HIS D 417 -4.39 1.41 56.15
C HIS D 417 -3.96 2.87 56.20
N THR D 418 -4.82 3.81 55.81
CA THR D 418 -4.50 5.26 55.65
C THR D 418 -5.55 6.06 56.38
N ALA D 419 -5.28 7.31 56.73
CA ALA D 419 -6.14 8.15 57.56
C ALA D 419 -7.47 8.42 56.87
N THR D 420 -7.49 8.50 55.54
CA THR D 420 -8.64 9.01 54.77
C THR D 420 -9.22 7.94 53.85
N GLY D 421 -8.58 6.79 53.71
CA GLY D 421 -9.05 5.67 52.89
C GLY D 421 -8.51 5.71 51.48
N ARG D 422 -7.53 6.57 51.24
CA ARG D 422 -6.68 6.48 50.03
C ARG D 422 -5.95 5.14 50.05
N ILE D 423 -5.52 4.72 48.86
CA ILE D 423 -4.62 3.56 48.69
C ILE D 423 -3.26 4.08 48.27
N THR D 424 -2.20 3.51 48.84
CA THR D 424 -0.80 3.88 48.52
C THR D 424 -0.04 2.58 48.25
N PHE D 425 1.23 2.69 47.91
CA PHE D 425 2.06 1.53 47.53
C PHE D 425 3.41 1.67 48.18
N THR D 426 4.05 0.52 48.40
CA THR D 426 5.42 0.42 48.93
C THR D 426 6.21 -0.56 48.05
N GLU D 427 7.52 -0.46 48.14
CA GLU D 427 8.48 -1.49 47.68
C GLU D 427 8.25 -1.75 46.19
N PRO D 428 8.38 -0.74 45.30
CA PRO D 428 8.62 0.66 45.68
C PRO D 428 7.32 1.47 45.60
N ASN D 429 7.28 2.74 46.04
CA ASN D 429 6.05 3.57 45.96
C ASN D 429 6.05 4.27 44.60
N ILE D 430 5.44 3.60 43.62
CA ILE D 430 5.32 4.03 42.21
C ILE D 430 4.46 5.28 42.11
N GLN D 431 3.63 5.59 43.10
CA GLN D 431 2.88 6.85 43.09
C GLN D 431 3.83 8.05 43.09
N ASN D 432 5.09 7.90 43.50
CA ASN D 432 6.00 9.07 43.75
C ASN D 432 6.96 9.28 42.59
N VAL D 433 6.76 8.51 41.52
CA VAL D 433 7.61 8.64 40.32
C VAL D 433 7.35 10.05 39.80
N PRO D 434 8.42 10.86 39.63
CA PRO D 434 8.30 12.24 39.16
C PRO D 434 7.44 12.37 37.89
N ARG D 435 6.63 13.44 37.86
CA ARG D 435 6.10 14.12 36.63
C ARG D 435 7.28 14.36 35.70
N ASP D 436 7.03 14.43 34.37
CA ASP D 436 8.05 14.87 33.37
C ASP D 436 8.66 16.20 33.85
N PHE D 437 9.97 16.39 33.68
CA PHE D 437 10.68 17.67 33.94
C PHE D 437 11.84 17.83 32.95
N GLU D 438 12.37 19.06 32.92
CA GLU D 438 13.35 19.48 31.91
C GLU D 438 14.72 19.72 32.57
N ILE D 439 15.77 19.28 31.89
CA ILE D 439 17.17 19.62 32.21
C ILE D 439 17.76 20.39 31.03
N LYS D 440 18.35 21.57 31.28
CA LYS D 440 19.09 22.35 30.25
C LYS D 440 20.59 22.13 30.45
N MET D 441 21.30 21.83 29.38
CA MET D 441 22.79 21.73 29.37
C MET D 441 23.28 22.36 28.07
N GLY D 442 24.25 23.26 28.17
CA GLY D 442 24.74 24.06 27.03
C GLY D 442 23.57 24.69 26.25
N GLY D 443 22.54 25.13 26.99
CA GLY D 443 21.37 25.75 26.40
C GLY D 443 20.51 24.82 25.57
N MET D 444 20.69 23.50 25.69
CA MET D 444 19.83 22.49 25.01
C MET D 444 18.97 21.80 26.06
N PRO D 445 17.63 21.74 25.85
CA PRO D 445 16.74 21.10 26.81
C PRO D 445 16.65 19.58 26.56
N PHE D 446 16.68 18.79 27.64
CA PHE D 446 16.42 17.32 27.60
C PHE D 446 15.24 17.02 28.53
N SER D 447 14.23 16.36 27.98
CA SER D 447 13.04 15.89 28.71
C SER D 447 13.40 14.66 29.55
N ILE D 448 13.25 14.73 30.86
CA ILE D 448 13.38 13.51 31.74
C ILE D 448 11.97 13.04 32.04
N SER D 449 11.59 11.91 31.46
CA SER D 449 10.27 11.27 31.66
C SER D 449 10.43 9.90 32.32
N MET D 450 10.50 9.88 33.64
CA MET D 450 10.70 8.63 34.41
C MET D 450 9.49 7.71 34.14
N ARG D 451 8.31 8.29 34.00
CA ARG D 451 7.07 7.53 33.77
C ARG D 451 7.15 6.77 32.44
N HIS D 452 7.99 7.22 31.52
CA HIS D 452 8.14 6.60 30.18
C HIS D 452 8.74 5.19 30.32
N ALA D 453 9.32 4.85 31.48
CA ALA D 453 9.90 3.51 31.72
C ALA D 453 8.80 2.46 31.98
N PHE D 454 7.57 2.91 32.27
CA PHE D 454 6.46 2.02 32.65
C PHE D 454 5.60 1.75 31.42
N VAL D 455 5.67 0.52 30.91
CA VAL D 455 5.19 0.15 29.55
C VAL D 455 4.16 -0.96 29.68
N PRO D 456 3.24 -1.11 28.72
CA PRO D 456 2.37 -2.29 28.64
C PRO D 456 3.14 -3.50 28.06
N PHE D 457 2.54 -4.69 28.17
CA PHE D 457 3.06 -5.93 27.52
C PHE D 457 3.10 -5.64 26.03
N PRO D 458 3.97 -6.33 25.27
CA PRO D 458 4.00 -6.18 23.81
C PRO D 458 2.62 -6.32 23.13
N GLY D 459 2.24 -5.34 22.30
CA GLY D 459 0.91 -5.26 21.66
C GLY D 459 -0.07 -4.41 22.46
N GLY D 460 0.10 -4.36 23.78
CA GLY D 460 -0.84 -3.68 24.71
C GLY D 460 -0.73 -2.16 24.71
N SER D 461 -1.68 -1.52 25.39
CA SER D 461 -1.64 -0.06 25.68
C SER D 461 -1.85 0.17 27.18
N ILE D 462 -1.35 1.29 27.70
CA ILE D 462 -1.72 1.81 29.05
C ILE D 462 -2.95 2.68 28.81
N LEU D 463 -4.00 2.46 29.60
CA LEU D 463 -5.19 3.34 29.68
C LEU D 463 -5.21 3.95 31.07
N ALA D 464 -5.31 5.28 31.14
CA ALA D 464 -5.47 6.05 32.37
C ALA D 464 -6.81 6.78 32.29
N ALA D 465 -7.63 6.65 33.32
CA ALA D 465 -8.88 7.40 33.45
C ALA D 465 -8.82 8.22 34.75
N ASP D 466 -8.89 9.52 34.64
CA ASP D 466 -8.66 10.47 35.76
C ASP D 466 -10.00 11.18 36.04
N TYR D 467 -10.34 11.36 37.30
CA TYR D 467 -11.43 12.25 37.73
C TYR D 467 -10.95 13.70 37.62
N SER D 468 -11.87 14.55 37.17
CA SER D 468 -11.67 16.00 36.97
C SER D 468 -12.16 16.74 38.21
N GLN D 469 -11.26 17.23 39.06
CA GLN D 469 -11.62 18.05 40.25
C GLN D 469 -12.65 17.28 41.05
N LEU D 470 -12.36 16.02 41.41
CA LEU D 470 -13.31 15.18 42.15
C LEU D 470 -13.56 15.81 43.52
N GLU D 471 -12.50 16.23 44.21
CA GLU D 471 -12.61 16.85 45.55
C GLU D 471 -13.42 18.15 45.48
N LEU D 472 -13.30 18.92 44.41
CA LEU D 472 -14.08 20.17 44.23
C LEU D 472 -15.56 19.82 43.97
N ARG D 473 -15.80 18.79 43.18
CA ARG D 473 -17.18 18.34 42.84
C ARG D 473 -17.89 17.85 44.12
N ILE D 474 -17.18 17.12 44.95
CA ILE D 474 -17.71 16.61 46.24
C ILE D 474 -17.97 17.80 47.16
N LEU D 475 -17.06 18.78 47.20
CA LEU D 475 -17.20 19.97 48.09
C LEU D 475 -18.43 20.78 47.64
N ALA D 476 -18.63 20.97 46.33
CA ALA D 476 -19.82 21.63 45.75
C ALA D 476 -21.07 20.92 46.28
N HIS D 477 -21.11 19.60 46.11
CA HIS D 477 -22.27 18.73 46.45
C HIS D 477 -22.65 18.90 47.93
N LEU D 478 -21.65 18.99 48.81
CA LEU D 478 -21.87 18.95 50.29
C LEU D 478 -22.15 20.35 50.84
N SER D 479 -21.73 21.40 50.14
CA SER D 479 -21.91 22.81 50.57
C SER D 479 -23.02 23.50 49.73
N HIS D 480 -23.49 22.82 48.67
CA HIS D 480 -24.54 23.30 47.72
C HIS D 480 -24.15 24.66 47.16
N ASP D 481 -22.84 24.99 47.14
CA ASP D 481 -22.34 26.35 46.75
C ASP D 481 -22.67 26.60 45.28
N ARG D 482 -23.58 27.54 45.02
CA ARG D 482 -24.15 27.88 43.69
C ARG D 482 -23.05 28.40 42.74
N ARG D 483 -22.09 29.19 43.25
CA ARG D 483 -20.97 29.77 42.44
C ARG D 483 -20.04 28.65 41.96
N LEU D 484 -19.66 27.71 42.84
CA LEU D 484 -18.70 26.63 42.49
C LEU D 484 -19.38 25.68 41.48
N ILE D 485 -20.69 25.42 41.66
CA ILE D 485 -21.51 24.57 40.75
C ILE D 485 -21.53 25.18 39.34
N GLN D 486 -21.75 26.49 39.21
CA GLN D 486 -21.75 27.19 37.89
C GLN D 486 -20.39 26.96 37.22
N VAL D 487 -19.31 27.30 37.92
CA VAL D 487 -17.91 27.21 37.40
C VAL D 487 -17.68 25.82 36.81
N LEU D 488 -17.98 24.76 37.57
CA LEU D 488 -17.76 23.34 37.17
C LEU D 488 -18.66 22.96 35.98
N ASN D 489 -19.93 23.41 35.97
CA ASN D 489 -20.97 23.06 34.97
C ASN D 489 -20.55 23.51 33.55
N THR D 490 -19.98 24.71 33.39
CA THR D 490 -19.65 25.34 32.08
C THR D 490 -18.17 25.75 32.05
N GLY D 491 -17.70 26.50 33.05
CA GLY D 491 -16.37 27.16 33.08
C GLY D 491 -15.24 26.26 32.62
N ALA D 492 -14.15 26.87 32.12
CA ALA D 492 -12.90 26.18 31.73
C ALA D 492 -12.16 25.76 33.00
N ASP D 493 -10.86 25.51 32.90
CA ASP D 493 -10.04 24.92 33.98
C ASP D 493 -9.81 25.96 35.09
N VAL D 494 -10.21 25.64 36.33
CA VAL D 494 -10.19 26.55 37.51
C VAL D 494 -8.73 26.93 37.80
N PHE D 495 -7.80 25.99 37.65
CA PHE D 495 -6.36 26.21 37.95
C PHE D 495 -5.77 27.18 36.92
N ARG D 496 -6.28 27.13 35.68
CA ARG D 496 -5.90 28.07 34.61
C ARG D 496 -6.43 29.47 34.94
N SER D 497 -7.71 29.62 35.30
CA SER D 497 -8.34 30.89 35.77
C SER D 497 -7.47 31.51 36.87
N ILE D 498 -7.11 30.74 37.90
CA ILE D 498 -6.28 31.23 39.05
C ILE D 498 -4.91 31.69 38.53
N ALA D 499 -4.24 30.87 37.72
CA ALA D 499 -2.90 31.14 37.15
C ALA D 499 -2.92 32.41 36.30
N ALA D 500 -3.99 32.63 35.50
CA ALA D 500 -4.16 33.76 34.56
C ALA D 500 -4.30 35.07 35.37
N GLU D 501 -5.33 35.18 36.21
CA GLU D 501 -5.54 36.32 37.13
C GLU D 501 -4.22 36.66 37.85
N TRP D 502 -3.55 35.64 38.39
CA TRP D 502 -2.32 35.76 39.21
C TRP D 502 -1.15 36.32 38.39
N LYS D 503 -0.83 35.72 37.24
CA LYS D 503 0.35 36.09 36.41
C LYS D 503 0.01 37.14 35.33
N MET D 504 -1.17 37.78 35.42
CA MET D 504 -1.61 38.91 34.55
C MET D 504 -1.67 38.46 33.08
N ILE D 505 -2.26 37.29 32.78
CA ILE D 505 -2.25 36.61 31.45
C ILE D 505 -3.68 36.09 31.14
N GLU D 506 -3.92 35.63 29.89
CA GLU D 506 -5.15 34.88 29.47
C GLU D 506 -4.89 33.38 29.65
N PRO D 507 -5.93 32.53 29.80
CA PRO D 507 -5.75 31.10 30.09
C PRO D 507 -4.62 30.31 29.38
N GLU D 508 -4.35 30.60 28.10
CA GLU D 508 -3.66 29.67 27.18
C GLU D 508 -2.16 29.51 27.48
N SER D 509 -1.50 30.48 28.14
CA SER D 509 -0.02 30.59 28.31
C SER D 509 0.56 29.64 29.38
N VAL D 510 -0.29 29.23 30.33
CA VAL D 510 0.05 28.41 31.54
C VAL D 510 0.85 27.16 31.14
N GLY D 511 2.07 27.01 31.68
CA GLY D 511 2.87 25.76 31.59
C GLY D 511 2.40 24.74 32.62
N ASP D 512 2.86 23.48 32.53
CA ASP D 512 2.55 22.40 33.51
C ASP D 512 2.93 22.87 34.92
N ASP D 513 4.15 23.40 35.09
CA ASP D 513 4.70 23.74 36.43
C ASP D 513 3.80 24.82 37.06
N LEU D 514 3.38 25.81 36.26
CA LEU D 514 2.55 26.97 36.75
C LEU D 514 1.15 26.47 37.12
N ARG D 515 0.58 25.57 36.33
CA ARG D 515 -0.79 25.04 36.60
C ARG D 515 -0.78 24.26 37.91
N GLN D 516 0.28 23.49 38.17
CA GLN D 516 0.54 22.77 39.45
C GLN D 516 0.65 23.79 40.60
N GLN D 517 1.34 24.92 40.41
CA GLN D 517 1.44 25.98 41.46
C GLN D 517 0.04 26.50 41.81
N ALA D 518 -0.81 26.70 40.79
CA ALA D 518 -2.19 27.22 40.95
C ALA D 518 -3.06 26.17 41.63
N LYS D 519 -2.86 24.89 41.29
CA LYS D 519 -3.56 23.74 41.89
C LYS D 519 -3.27 23.75 43.41
N GLN D 520 -2.00 23.90 43.79
CA GLN D 520 -1.53 23.91 45.20
C GLN D 520 -2.21 25.08 45.93
N ILE D 521 -2.28 26.24 45.27
CA ILE D 521 -2.91 27.49 45.82
C ILE D 521 -4.39 27.22 46.09
N CYS D 522 -5.11 26.64 45.14
CA CYS D 522 -6.59 26.44 45.20
C CYS D 522 -6.94 25.46 46.31
N TYR D 523 -6.35 24.25 46.32
CA TYR D 523 -6.61 23.23 47.36
C TYR D 523 -6.07 23.75 48.72
N GLY D 524 -4.92 24.41 48.71
CA GLY D 524 -4.31 24.99 49.91
C GLY D 524 -5.27 25.92 50.64
N ILE D 525 -5.79 26.89 49.90
CA ILE D 525 -6.73 27.91 50.45
C ILE D 525 -7.94 27.14 51.00
N ILE D 526 -8.55 26.25 50.20
CA ILE D 526 -9.79 25.50 50.58
C ILE D 526 -9.54 24.73 51.88
N TYR D 527 -8.34 24.19 52.10
CA TYR D 527 -8.11 23.27 53.26
C TYR D 527 -7.38 24.01 54.37
N GLY D 528 -7.43 25.34 54.38
CA GLY D 528 -7.13 26.19 55.56
C GLY D 528 -5.72 26.75 55.59
N MET D 529 -5.04 26.84 54.44
CA MET D 529 -3.73 27.51 54.30
C MET D 529 -3.88 28.96 54.77
N GLY D 530 -2.88 29.46 55.49
CA GLY D 530 -2.83 30.82 56.06
C GLY D 530 -2.13 31.82 55.16
N ALA D 531 -2.24 33.11 55.47
CA ALA D 531 -1.69 34.20 54.63
C ALA D 531 -0.16 34.13 54.53
N LYS D 532 0.55 33.88 55.64
CA LYS D 532 2.04 33.73 55.63
C LYS D 532 2.43 32.72 54.53
N SER D 533 1.96 31.46 54.58
CA SER D 533 2.30 30.40 53.59
C SER D 533 1.81 30.83 52.19
N LEU D 534 0.61 31.36 52.04
CA LEU D 534 0.07 31.66 50.67
C LEU D 534 0.98 32.73 50.04
N GLY D 535 1.36 33.73 50.84
CA GLY D 535 2.41 34.70 50.51
C GLY D 535 3.60 34.09 49.77
N GLU D 536 4.32 33.13 50.39
CA GLU D 536 5.50 32.42 49.81
C GLU D 536 5.13 31.78 48.47
N GLN D 537 3.97 31.11 48.38
CA GLN D 537 3.55 30.32 47.18
C GLN D 537 3.25 31.29 46.03
N MET D 538 2.54 32.38 46.33
CA MET D 538 2.03 33.32 45.29
C MET D 538 3.08 34.39 45.01
N GLY D 539 4.11 34.49 45.85
CA GLY D 539 5.15 35.55 45.80
C GLY D 539 4.56 36.93 46.04
N ILE D 540 3.67 37.05 47.04
CA ILE D 540 3.03 38.34 47.44
C ILE D 540 3.17 38.50 48.96
N LYS D 541 2.93 39.72 49.44
CA LYS D 541 3.00 40.07 50.89
C LYS D 541 1.87 39.34 51.64
N GLU D 542 2.13 38.97 52.91
CA GLU D 542 1.16 38.31 53.82
C GLU D 542 -0.21 39.02 53.72
N ASN D 543 -0.19 40.37 53.81
CA ASN D 543 -1.42 41.22 53.71
C ASN D 543 -2.19 40.97 52.41
N ASP D 544 -1.49 40.86 51.28
CA ASP D 544 -2.11 40.66 49.95
C ASP D 544 -2.66 39.24 49.93
N ALA D 545 -1.99 38.25 50.51
CA ALA D 545 -2.47 36.86 50.56
C ALA D 545 -3.76 36.81 51.36
N ALA D 546 -3.79 37.53 52.50
CA ALA D 546 -4.93 37.56 53.46
C ALA D 546 -6.15 38.15 52.74
N CYS D 547 -5.91 39.17 51.90
CA CYS D 547 -7.00 39.80 51.08
C CYS D 547 -7.54 38.73 50.14
N TYR D 548 -6.66 38.01 49.44
CA TYR D 548 -7.03 36.92 48.50
C TYR D 548 -7.90 35.89 49.24
N ILE D 549 -7.52 35.46 50.45
CA ILE D 549 -8.30 34.49 51.26
C ILE D 549 -9.72 35.04 51.50
N ASP D 550 -9.81 36.33 51.91
CA ASP D 550 -11.11 36.97 52.25
C ASP D 550 -11.99 36.96 50.98
N SER D 551 -11.45 37.35 49.83
CA SER D 551 -12.16 37.37 48.52
C SER D 551 -12.68 35.98 48.21
N PHE D 552 -11.87 34.92 48.31
CA PHE D 552 -12.30 33.50 48.12
C PHE D 552 -13.48 33.20 49.03
N LYS D 553 -13.31 33.43 50.35
CA LYS D 553 -14.37 33.12 51.36
C LYS D 553 -15.66 33.86 50.93
N SER D 554 -15.56 35.15 50.58
CA SER D 554 -16.76 35.96 50.20
C SER D 554 -17.46 35.36 48.96
N ARG D 555 -16.72 35.04 47.89
CA ARG D 555 -17.28 34.61 46.58
C ARG D 555 -18.01 33.28 46.76
N TYR D 556 -17.50 32.43 47.68
CA TYR D 556 -18.06 31.06 47.90
C TYR D 556 -18.53 30.92 49.34
N THR D 557 -19.70 31.51 49.67
CA THR D 557 -20.22 31.58 51.06
C THR D 557 -20.73 30.21 51.51
N GLY D 558 -21.29 29.41 50.61
CA GLY D 558 -21.73 28.03 50.87
C GLY D 558 -20.60 27.21 51.48
N ILE D 559 -19.42 27.25 50.85
CA ILE D 559 -18.21 26.51 51.29
C ILE D 559 -17.92 26.88 52.74
N ASN D 560 -17.85 28.18 53.04
CA ASN D 560 -17.49 28.72 54.38
C ASN D 560 -18.51 28.29 55.44
N GLN D 561 -19.79 28.17 55.08
CA GLN D 561 -20.85 27.72 56.02
C GLN D 561 -20.60 26.26 56.35
N PHE D 562 -20.21 25.45 55.34
CA PHE D 562 -19.96 24.00 55.46
C PHE D 562 -18.71 23.75 56.32
N MET D 563 -17.67 24.58 56.19
CA MET D 563 -16.46 24.56 57.07
C MET D 563 -16.87 24.74 58.54
N THR D 564 -17.65 25.77 58.87
CA THR D 564 -18.03 26.08 60.28
C THR D 564 -19.00 25.02 60.80
N GLU D 565 -19.90 24.51 59.94
CA GLU D 565 -20.91 23.47 60.29
C GLU D 565 -20.23 22.12 60.50
N THR D 566 -19.10 21.87 59.81
CA THR D 566 -18.32 20.62 59.93
C THR D 566 -17.49 20.68 61.23
N VAL D 567 -16.91 21.84 61.54
CA VAL D 567 -16.10 22.04 62.78
C VAL D 567 -17.03 21.97 64.01
N LYS D 568 -18.18 22.64 63.97
CA LYS D 568 -19.18 22.60 65.08
C LYS D 568 -19.56 21.14 65.35
N ASN D 569 -19.91 20.39 64.31
CA ASN D 569 -20.42 19.00 64.43
C ASN D 569 -19.31 18.08 64.90
N CYS D 570 -18.05 18.34 64.51
CA CYS D 570 -16.88 17.52 64.93
C CYS D 570 -16.61 17.70 66.43
N LYS D 571 -16.62 18.96 66.89
CA LYS D 571 -16.36 19.35 68.30
C LYS D 571 -17.33 18.58 69.21
N ARG D 572 -18.62 18.56 68.84
CA ARG D 572 -19.74 17.84 69.51
C ARG D 572 -19.48 16.32 69.56
N ASP D 573 -19.18 15.70 68.41
CA ASP D 573 -19.24 14.22 68.21
C ASP D 573 -17.88 13.55 68.45
N GLY D 574 -16.77 14.29 68.33
CA GLY D 574 -15.40 13.73 68.40
C GLY D 574 -14.94 13.07 67.11
N PHE D 575 -15.71 13.18 66.01
CA PHE D 575 -15.39 12.56 64.70
C PHE D 575 -16.05 13.31 63.53
N VAL D 576 -15.62 12.98 62.31
CA VAL D 576 -16.27 13.38 61.03
C VAL D 576 -16.59 12.09 60.25
N GLN D 577 -17.49 12.17 59.28
CA GLN D 577 -17.92 11.02 58.44
C GLN D 577 -17.76 11.37 56.97
N THR D 578 -17.44 10.37 56.16
CA THR D 578 -17.35 10.48 54.68
C THR D 578 -18.72 10.21 54.09
N ILE D 579 -18.83 10.29 52.77
CA ILE D 579 -20.08 10.05 51.99
C ILE D 579 -20.63 8.63 52.28
N LEU D 580 -19.77 7.65 52.60
CA LEU D 580 -20.20 6.24 52.80
C LEU D 580 -20.38 5.91 54.29
N GLY D 581 -20.06 6.81 55.21
CA GLY D 581 -20.34 6.63 56.65
C GLY D 581 -19.11 6.33 57.47
N ARG D 582 -17.93 6.21 56.84
CA ARG D 582 -16.68 5.91 57.59
C ARG D 582 -16.37 7.09 58.51
N ARG D 583 -15.87 6.80 59.71
CA ARG D 583 -15.64 7.79 60.79
C ARG D 583 -14.15 7.97 61.04
N ARG D 584 -13.71 9.21 61.18
CA ARG D 584 -12.34 9.49 61.63
C ARG D 584 -12.45 10.25 62.94
N TYR D 585 -11.77 9.77 63.95
CA TYR D 585 -11.80 10.33 65.33
C TYR D 585 -10.71 11.41 65.40
N LEU D 586 -11.09 12.62 65.79
CA LEU D 586 -10.21 13.83 65.82
C LEU D 586 -10.34 14.48 67.19
N PRO D 587 -9.79 13.83 68.25
CA PRO D 587 -9.88 14.37 69.61
C PRO D 587 -9.06 15.65 69.85
N GLY D 588 -8.16 15.98 68.92
CA GLY D 588 -7.50 17.30 68.85
C GLY D 588 -8.49 18.45 68.70
N ILE D 589 -9.72 18.16 68.21
CA ILE D 589 -10.77 19.19 67.96
C ILE D 589 -11.13 19.91 69.28
N LYS D 590 -11.08 19.23 70.43
CA LYS D 590 -11.44 19.81 71.76
C LYS D 590 -10.22 20.51 72.37
N ASP D 591 -9.00 20.18 71.93
CA ASP D 591 -7.72 20.64 72.52
C ASP D 591 -7.71 22.18 72.67
N ASN D 592 -7.14 22.66 73.77
CA ASN D 592 -7.06 24.09 74.18
C ASN D 592 -5.93 24.77 73.39
N ASN D 593 -4.85 24.03 73.11
CA ASN D 593 -3.70 24.49 72.30
C ASN D 593 -4.23 25.00 70.96
N PRO D 594 -3.95 26.26 70.57
CA PRO D 594 -4.45 26.79 69.28
C PRO D 594 -4.01 25.99 68.05
N TYR D 595 -2.75 25.54 67.95
CA TYR D 595 -2.26 24.78 66.77
C TYR D 595 -3.05 23.46 66.64
N ARG D 596 -2.96 22.59 67.65
CA ARG D 596 -3.59 21.26 67.64
C ARG D 596 -5.08 21.40 67.31
N LYS D 597 -5.75 22.41 67.86
CA LYS D 597 -7.20 22.66 67.57
C LYS D 597 -7.35 22.94 66.07
N ALA D 598 -6.59 23.90 65.54
CA ALA D 598 -6.70 24.35 64.14
C ALA D 598 -6.35 23.19 63.18
N HIS D 599 -5.33 22.39 63.51
CA HIS D 599 -4.89 21.20 62.73
C HIS D 599 -6.07 20.22 62.61
N ALA D 600 -6.72 19.91 63.72
CA ALA D 600 -7.90 19.02 63.81
C ALA D 600 -9.05 19.57 62.97
N GLU D 601 -9.33 20.87 63.04
CA GLU D 601 -10.39 21.53 62.24
C GLU D 601 -10.09 21.31 60.76
N ARG D 602 -8.82 21.46 60.35
CA ARG D 602 -8.38 21.33 58.94
C ARG D 602 -8.51 19.86 58.53
N GLN D 603 -8.12 18.92 59.40
CA GLN D 603 -8.28 17.46 59.19
C GLN D 603 -9.77 17.13 59.06
N ALA D 604 -10.62 17.79 59.86
CA ALA D 604 -12.06 17.53 59.87
C ALA D 604 -12.60 17.80 58.46
N ILE D 605 -12.34 18.99 57.94
CA ILE D 605 -12.83 19.45 56.60
C ILE D 605 -12.22 18.54 55.54
N ASN D 606 -10.91 18.35 55.57
CA ASN D 606 -10.18 17.64 54.49
C ASN D 606 -10.57 16.15 54.48
N THR D 607 -10.73 15.55 55.65
CA THR D 607 -11.06 14.10 55.74
C THR D 607 -12.39 13.85 55.03
N ILE D 608 -13.41 14.67 55.28
CA ILE D 608 -14.73 14.45 54.64
C ILE D 608 -14.57 14.46 53.12
N VAL D 609 -13.85 15.43 52.54
CA VAL D 609 -13.80 15.60 51.06
C VAL D 609 -12.85 14.56 50.47
N GLN D 610 -11.64 14.46 50.99
CA GLN D 610 -10.59 13.53 50.47
C GLN D 610 -11.05 12.09 50.70
N GLY D 611 -11.62 11.80 51.87
CA GLY D 611 -12.14 10.45 52.22
C GLY D 611 -13.29 10.04 51.32
N SER D 612 -14.20 10.95 51.06
CA SER D 612 -15.35 10.75 50.14
C SER D 612 -14.84 10.42 48.73
N ALA D 613 -13.83 11.14 48.26
CA ALA D 613 -13.25 10.93 46.90
C ALA D 613 -12.67 9.52 46.83
N ALA D 614 -12.01 9.09 47.90
CA ALA D 614 -11.36 7.78 47.98
C ALA D 614 -12.43 6.68 47.96
N ASP D 615 -13.59 6.91 48.59
CA ASP D 615 -14.77 5.99 48.56
C ASP D 615 -15.27 5.86 47.12
N ILE D 616 -15.42 6.98 46.40
CA ILE D 616 -15.98 6.97 45.02
C ILE D 616 -15.04 6.16 44.11
N VAL D 617 -13.72 6.33 44.26
CA VAL D 617 -12.73 5.68 43.35
C VAL D 617 -12.74 4.17 43.64
N LYS D 618 -12.83 3.79 44.91
CA LYS D 618 -12.95 2.36 45.32
C LYS D 618 -14.18 1.76 44.68
N ILE D 619 -15.33 2.41 44.78
CA ILE D 619 -16.60 1.90 44.20
C ILE D 619 -16.39 1.74 42.70
N ALA D 620 -15.82 2.75 42.03
CA ALA D 620 -15.54 2.71 40.58
C ALA D 620 -14.68 1.50 40.26
N THR D 621 -13.61 1.29 41.02
CA THR D 621 -12.62 0.22 40.79
C THR D 621 -13.35 -1.13 40.82
N VAL D 622 -14.17 -1.31 41.84
CA VAL D 622 -14.89 -2.59 42.12
C VAL D 622 -15.86 -2.84 40.98
N ASN D 623 -16.61 -1.81 40.58
CA ASN D 623 -17.67 -1.91 39.55
C ASN D 623 -17.04 -2.15 38.17
N ILE D 624 -15.87 -1.58 37.89
CA ILE D 624 -15.12 -1.82 36.61
C ILE D 624 -14.70 -3.29 36.59
N GLN D 625 -14.16 -3.79 37.69
CA GLN D 625 -13.63 -5.19 37.77
C GLN D 625 -14.78 -6.17 37.50
N LYS D 626 -15.97 -5.96 38.08
CA LYS D 626 -17.16 -6.82 37.84
C LYS D 626 -17.44 -6.83 36.33
N GLN D 627 -17.59 -5.67 35.70
CA GLN D 627 -17.85 -5.54 34.24
C GLN D 627 -16.77 -6.26 33.43
N LEU D 628 -15.50 -6.04 33.73
CA LEU D 628 -14.39 -6.66 32.94
C LEU D 628 -14.52 -8.18 32.99
N GLU D 629 -14.95 -8.74 34.13
CA GLU D 629 -15.01 -10.21 34.34
C GLU D 629 -16.24 -10.81 33.66
N THR D 630 -17.29 -10.02 33.34
CA THR D 630 -18.48 -10.52 32.59
C THR D 630 -18.07 -10.72 31.12
N PHE D 631 -17.42 -9.72 30.52
CA PHE D 631 -16.96 -9.75 29.11
C PHE D 631 -15.68 -10.58 29.03
N HIS D 632 -15.29 -11.22 30.15
CA HIS D 632 -14.03 -11.96 30.35
C HIS D 632 -14.20 -13.40 29.79
N SER D 633 -13.90 -13.57 28.50
CA SER D 633 -13.59 -14.87 27.84
C SER D 633 -12.11 -15.23 28.10
N THR D 634 -11.55 -14.81 29.24
CA THR D 634 -10.08 -14.77 29.50
C THR D 634 -9.74 -14.58 31.00
N PHE D 635 -8.45 -14.61 31.33
CA PHE D 635 -7.91 -14.70 32.70
C PHE D 635 -8.07 -13.34 33.39
N LYS D 636 -8.41 -13.34 34.68
CA LYS D 636 -8.79 -12.10 35.41
C LYS D 636 -7.52 -11.36 35.86
N SER D 637 -6.32 -11.96 35.74
CA SER D 637 -5.02 -11.34 36.11
C SER D 637 -3.92 -12.10 35.38
N HIS D 638 -2.75 -11.51 35.24
CA HIS D 638 -1.55 -12.22 34.75
C HIS D 638 -1.22 -13.40 35.66
N GLY D 639 -1.47 -13.28 36.97
CA GLY D 639 -1.22 -14.37 37.93
C GLY D 639 -2.06 -15.59 37.60
N HIS D 640 -3.32 -15.38 37.24
CA HIS D 640 -4.25 -16.48 36.85
C HIS D 640 -3.66 -17.26 35.67
N ARG D 641 -2.71 -16.73 34.88
CA ARG D 641 -1.99 -17.54 33.85
C ARG D 641 -0.78 -18.26 34.47
N GLU D 642 0.08 -17.57 35.24
CA GLU D 642 1.17 -18.21 36.03
C GLU D 642 0.61 -19.42 36.79
N CYS D 663 -2.91 -18.57 22.44
CA CYS D 663 -4.00 -17.88 23.18
C CYS D 663 -3.51 -16.50 23.64
N PRO D 664 -3.49 -15.50 22.74
CA PRO D 664 -3.01 -14.16 23.07
C PRO D 664 -3.78 -13.46 24.20
N ILE D 665 -3.17 -12.44 24.82
CA ILE D 665 -3.76 -11.70 25.97
C ILE D 665 -4.94 -10.86 25.47
N ARG D 666 -6.06 -10.95 26.19
CA ARG D 666 -7.28 -10.14 25.95
C ARG D 666 -7.67 -9.49 27.27
N GLY D 667 -8.34 -8.35 27.18
CA GLY D 667 -8.96 -7.65 28.32
C GLY D 667 -8.07 -6.57 28.90
N GLY D 668 -8.43 -6.13 30.11
CA GLY D 668 -7.84 -5.00 30.83
C GLY D 668 -7.38 -5.45 32.20
N PHE D 669 -6.17 -5.06 32.56
CA PHE D 669 -5.50 -5.48 33.81
C PHE D 669 -5.22 -4.22 34.64
N PHE D 670 -5.82 -4.15 35.82
CA PHE D 670 -5.59 -3.07 36.81
C PHE D 670 -4.12 -3.09 37.22
N ILE D 671 -3.37 -2.03 36.92
CA ILE D 671 -1.90 -2.03 37.18
C ILE D 671 -1.51 -0.95 38.21
N LEU D 672 -2.28 0.12 38.38
CA LEU D 672 -1.90 1.19 39.34
C LEU D 672 -3.10 2.05 39.70
N GLN D 673 -3.12 2.51 40.93
CA GLN D 673 -4.09 3.50 41.42
C GLN D 673 -3.30 4.75 41.77
N LEU D 674 -3.82 5.92 41.37
CA LEU D 674 -3.22 7.25 41.63
C LEU D 674 -4.27 8.19 42.23
N HIS D 675 -5.03 7.73 43.21
CA HIS D 675 -5.89 8.54 44.12
C HIS D 675 -7.19 8.93 43.42
N ASP D 676 -7.11 9.61 42.29
CA ASP D 676 -8.33 10.00 41.52
C ASP D 676 -8.22 9.44 40.11
N GLU D 677 -7.33 8.49 39.88
CA GLU D 677 -6.97 8.03 38.51
C GLU D 677 -6.65 6.53 38.56
N LEU D 678 -7.15 5.75 37.61
CA LEU D 678 -6.93 4.28 37.52
C LEU D 678 -6.15 3.99 36.24
N LEU D 679 -5.09 3.21 36.33
CA LEU D 679 -4.31 2.74 35.15
C LEU D 679 -4.62 1.26 34.91
N TYR D 680 -4.92 0.94 33.66
CA TYR D 680 -5.12 -0.43 33.15
C TYR D 680 -4.17 -0.66 31.99
N GLU D 681 -3.64 -1.86 31.93
CA GLU D 681 -2.86 -2.40 30.78
C GLU D 681 -3.85 -3.15 29.92
N VAL D 682 -3.99 -2.82 28.62
CA VAL D 682 -5.13 -3.31 27.81
C VAL D 682 -4.63 -3.85 26.47
N ALA D 683 -5.13 -5.01 26.06
CA ALA D 683 -4.84 -5.63 24.75
C ALA D 683 -5.34 -4.69 23.65
N GLU D 684 -4.56 -4.55 22.57
CA GLU D 684 -4.87 -3.63 21.42
C GLU D 684 -6.35 -3.71 21.02
N GLU D 685 -6.87 -4.94 20.86
CA GLU D 685 -8.25 -5.25 20.36
C GLU D 685 -9.31 -4.70 21.32
N ASP D 686 -8.95 -4.50 22.59
CA ASP D 686 -9.99 -4.34 23.65
C ASP D 686 -9.99 -2.90 24.15
N VAL D 687 -9.14 -2.02 23.62
CA VAL D 687 -8.94 -0.67 24.24
C VAL D 687 -10.21 0.17 24.09
N VAL D 688 -10.93 0.09 22.98
CA VAL D 688 -12.17 0.87 22.79
C VAL D 688 -13.20 0.45 23.85
N GLN D 689 -13.44 -0.86 23.99
CA GLN D 689 -14.49 -1.42 24.87
C GLN D 689 -14.12 -1.14 26.35
N VAL D 690 -12.88 -1.38 26.73
CA VAL D 690 -12.39 -1.15 28.13
C VAL D 690 -12.47 0.35 28.46
N ALA D 691 -12.14 1.24 27.53
CA ALA D 691 -12.20 2.71 27.75
C ALA D 691 -13.65 3.12 28.03
N GLN D 692 -14.62 2.57 27.28
CA GLN D 692 -16.07 2.84 27.48
C GLN D 692 -16.50 2.37 28.88
N ILE D 693 -16.20 1.12 29.23
CA ILE D 693 -16.52 0.49 30.54
C ILE D 693 -15.94 1.38 31.67
N VAL D 694 -14.66 1.71 31.59
CA VAL D 694 -13.94 2.46 32.66
C VAL D 694 -14.62 3.82 32.86
N LYS D 695 -14.85 4.57 31.77
CA LYS D 695 -15.46 5.92 31.79
C LYS D 695 -16.88 5.83 32.34
N ASN D 696 -17.69 4.94 31.79
CA ASN D 696 -19.12 4.77 32.18
C ASN D 696 -19.18 4.49 33.69
N GLU D 697 -18.39 3.53 34.19
CA GLU D 697 -18.44 3.07 35.61
C GLU D 697 -17.90 4.15 36.54
N MET D 698 -16.92 4.95 36.11
CA MET D 698 -16.35 6.02 36.97
C MET D 698 -17.37 7.17 37.07
N GLU D 699 -18.07 7.49 35.98
CA GLU D 699 -19.10 8.58 35.91
C GLU D 699 -20.38 8.20 36.65
N SER D 700 -20.68 6.90 36.78
CA SER D 700 -21.88 6.32 37.44
C SER D 700 -21.58 5.87 38.88
N ALA D 701 -20.36 6.01 39.38
CA ALA D 701 -19.94 5.42 40.68
C ALA D 701 -20.94 5.83 41.77
N VAL D 702 -21.25 7.12 41.86
CA VAL D 702 -22.26 7.70 42.79
C VAL D 702 -22.99 8.82 42.03
N LYS D 703 -24.17 9.23 42.51
CA LYS D 703 -24.93 10.39 41.97
C LYS D 703 -24.77 11.55 42.96
N LEU D 704 -24.16 12.65 42.48
CA LEU D 704 -23.98 13.93 43.23
C LEU D 704 -24.86 15.01 42.59
N SER D 705 -24.84 16.22 43.17
CA SER D 705 -25.51 17.46 42.66
C SER D 705 -24.91 17.82 41.30
N VAL D 706 -23.64 17.44 41.06
CA VAL D 706 -22.86 17.77 39.84
C VAL D 706 -22.51 16.46 39.12
N LYS D 707 -22.24 16.55 37.82
CA LYS D 707 -21.76 15.42 36.97
C LYS D 707 -20.31 15.11 37.37
N LEU D 708 -19.99 13.83 37.50
CA LEU D 708 -18.59 13.33 37.63
C LEU D 708 -18.00 13.26 36.24
N LYS D 709 -17.16 14.24 35.87
CA LYS D 709 -16.46 14.27 34.57
C LYS D 709 -15.23 13.34 34.63
N VAL D 710 -14.99 12.56 33.59
CA VAL D 710 -13.81 11.65 33.50
C VAL D 710 -13.09 11.89 32.18
N LYS D 711 -11.78 12.14 32.22
CA LYS D 711 -10.86 12.17 31.05
C LYS D 711 -10.17 10.81 30.95
N VAL D 712 -10.17 10.22 29.76
CA VAL D 712 -9.42 8.97 29.42
C VAL D 712 -8.24 9.32 28.52
N LYS D 713 -7.08 8.76 28.81
CA LYS D 713 -5.86 8.87 27.97
C LYS D 713 -5.37 7.45 27.69
N ILE D 714 -4.51 7.30 26.67
CA ILE D 714 -4.04 5.98 26.19
C ILE D 714 -2.63 6.18 25.58
N GLY D 715 -1.79 5.16 25.64
CA GLY D 715 -0.42 5.29 25.12
C GLY D 715 0.44 4.08 25.33
N ALA D 716 1.65 4.15 24.77
CA ALA D 716 2.65 3.05 24.76
C ALA D 716 3.49 3.10 26.03
N SER D 717 3.25 4.09 26.90
CA SER D 717 3.89 4.20 28.23
C SER D 717 3.08 5.18 29.08
N TRP D 718 3.30 5.12 30.38
CA TRP D 718 2.68 6.03 31.37
C TRP D 718 3.11 7.45 31.06
N GLY D 719 4.32 7.60 30.49
CA GLY D 719 4.92 8.92 30.21
C GLY D 719 4.41 9.51 28.92
N GLU D 720 3.89 8.73 27.97
CA GLU D 720 3.44 9.21 26.64
C GLU D 720 1.94 8.96 26.47
N LEU D 721 1.10 9.38 27.42
CA LEU D 721 -0.35 9.15 27.33
C LEU D 721 -0.96 10.28 26.51
N LYS D 722 -1.87 9.96 25.60
CA LYS D 722 -2.55 10.94 24.72
C LYS D 722 -4.06 10.90 25.04
N ASP D 723 -4.71 12.06 25.05
CA ASP D 723 -6.19 12.22 25.13
C ASP D 723 -6.84 11.27 24.12
N PHE D 724 -7.91 10.61 24.56
CA PHE D 724 -8.68 9.61 23.79
C PHE D 724 -10.17 9.87 24.08
N ASP D 725 -10.89 10.42 23.08
CA ASP D 725 -12.33 10.78 23.19
C ASP D 725 -13.13 9.47 23.13
N VAL D 726 -13.91 9.18 24.18
CA VAL D 726 -14.73 7.93 24.28
C VAL D 726 -16.22 8.31 24.21
N SER E 5 -81.83 -52.22 -89.91
CA SER E 5 -82.72 -51.11 -89.41
C SER E 5 -83.13 -51.38 -87.95
N LEU E 6 -83.24 -50.31 -87.14
CA LEU E 6 -83.60 -50.39 -85.70
C LEU E 6 -85.02 -50.92 -85.58
N SER E 7 -85.22 -51.99 -84.80
CA SER E 7 -86.55 -52.57 -84.49
C SER E 7 -86.78 -52.61 -82.97
N ILE E 8 -87.97 -52.19 -82.56
CA ILE E 8 -88.47 -52.22 -81.17
C ILE E 8 -89.58 -53.26 -81.09
N ILE E 9 -89.33 -54.37 -80.40
CA ILE E 9 -90.32 -55.47 -80.18
C ILE E 9 -91.01 -55.17 -78.85
N ASP E 10 -92.31 -54.86 -78.91
CA ASP E 10 -93.18 -54.64 -77.71
C ASP E 10 -93.62 -56.00 -77.17
N VAL E 11 -92.84 -56.58 -76.26
CA VAL E 11 -92.95 -57.99 -75.82
C VAL E 11 -94.27 -58.17 -75.08
N ALA E 12 -94.82 -57.13 -74.43
CA ALA E 12 -96.04 -57.21 -73.59
C ALA E 12 -97.31 -57.01 -74.43
N SER E 13 -97.21 -56.95 -75.75
CA SER E 13 -98.37 -56.70 -76.65
C SER E 13 -99.11 -58.02 -76.91
N ASP E 14 -98.46 -59.15 -76.65
CA ASP E 14 -99.01 -60.50 -76.95
C ASP E 14 -98.38 -61.53 -76.01
N GLN E 15 -99.23 -62.29 -75.29
CA GLN E 15 -98.86 -63.34 -74.31
C GLN E 15 -97.80 -64.25 -74.93
N ASN E 16 -98.02 -64.70 -76.18
CA ASN E 16 -97.17 -65.69 -76.87
C ASN E 16 -95.77 -65.10 -77.13
N LEU E 17 -95.71 -63.85 -77.62
CA LEU E 17 -94.43 -63.12 -77.90
C LEU E 17 -93.67 -62.94 -76.58
N PHE E 18 -94.41 -62.60 -75.52
CA PHE E 18 -93.86 -62.36 -74.16
C PHE E 18 -93.10 -63.56 -73.63
N GLN E 19 -93.71 -64.75 -73.68
CA GLN E 19 -93.13 -66.01 -73.14
C GLN E 19 -91.91 -66.40 -73.98
N THR E 20 -91.98 -66.22 -75.30
CA THR E 20 -90.83 -66.47 -76.22
C THR E 20 -89.66 -65.58 -75.80
N PHE E 21 -89.94 -64.28 -75.60
CA PHE E 21 -88.95 -63.29 -75.09
C PHE E 21 -88.41 -63.75 -73.74
N ILE E 22 -89.28 -64.15 -72.81
CA ILE E 22 -88.85 -64.51 -71.42
C ILE E 22 -87.94 -65.73 -71.51
N LYS E 23 -88.35 -66.75 -72.28
CA LYS E 23 -87.53 -67.98 -72.46
C LYS E 23 -86.15 -67.60 -73.00
N GLU E 24 -86.07 -66.79 -74.07
CA GLU E 24 -84.76 -66.34 -74.67
C GLU E 24 -83.95 -65.57 -73.63
N TRP E 25 -84.58 -64.58 -72.99
CA TRP E 25 -83.90 -63.72 -71.99
C TRP E 25 -83.25 -64.60 -70.93
N ARG E 26 -83.94 -65.64 -70.45
CA ARG E 26 -83.48 -66.45 -69.28
C ARG E 26 -82.22 -67.22 -69.71
N CYS E 27 -81.99 -67.46 -71.02
CA CYS E 27 -80.71 -68.18 -71.34
C CYS E 27 -79.54 -67.22 -71.66
N LYS E 28 -79.69 -65.91 -71.57
CA LYS E 28 -78.62 -64.98 -72.04
C LYS E 28 -77.59 -64.78 -70.93
N LYS E 29 -76.31 -64.80 -71.30
CA LYS E 29 -75.20 -64.56 -70.36
C LYS E 29 -74.82 -63.07 -70.43
N ARG E 30 -75.30 -62.29 -71.40
CA ARG E 30 -74.98 -60.85 -71.52
C ARG E 30 -76.14 -60.11 -72.16
N PHE E 31 -76.52 -58.97 -71.60
CA PHE E 31 -77.53 -58.07 -72.19
C PHE E 31 -77.37 -56.71 -71.54
N SER E 32 -77.94 -55.73 -72.22
CA SER E 32 -78.03 -54.34 -71.73
C SER E 32 -79.47 -54.11 -71.30
N ILE E 33 -79.70 -53.23 -70.34
CA ILE E 33 -81.05 -52.69 -70.06
C ILE E 33 -80.92 -51.19 -69.99
N SER E 34 -82.00 -50.53 -70.32
CA SER E 34 -82.15 -49.08 -70.17
C SER E 34 -83.57 -48.81 -69.70
N LEU E 35 -83.70 -48.02 -68.64
CA LEU E 35 -84.99 -47.61 -68.05
C LEU E 35 -85.60 -46.51 -68.91
N ALA E 36 -86.92 -46.58 -69.10
CA ALA E 36 -87.70 -45.55 -69.81
C ALA E 36 -88.40 -44.70 -68.75
N CYS E 37 -87.99 -43.46 -68.59
CA CYS E 37 -88.69 -42.46 -67.73
C CYS E 37 -89.32 -41.41 -68.65
N GLU E 38 -90.54 -40.99 -68.33
CA GLU E 38 -91.32 -39.88 -68.96
C GLU E 38 -91.87 -38.96 -67.86
N LYS E 39 -92.17 -37.72 -68.23
CA LYS E 39 -92.91 -36.77 -67.38
C LYS E 39 -94.39 -37.15 -67.44
N ILE E 40 -95.12 -36.87 -66.37
CA ILE E 40 -96.57 -37.22 -66.22
C ILE E 40 -97.41 -36.44 -67.23
N ILE E 66 -100.16 -45.00 -56.12
CA ILE E 66 -100.31 -46.05 -57.17
C ILE E 66 -100.94 -45.40 -58.41
N ARG E 67 -100.26 -45.46 -59.56
CA ARG E 67 -100.76 -44.93 -60.86
C ARG E 67 -100.78 -46.08 -61.89
N ASP E 68 -101.66 -45.98 -62.89
CA ASP E 68 -101.83 -47.03 -63.94
C ASP E 68 -100.74 -46.89 -65.00
N ASP E 69 -100.06 -45.74 -65.07
CA ASP E 69 -99.22 -45.35 -66.23
C ASP E 69 -97.73 -45.45 -65.89
N GLY E 70 -97.37 -45.93 -64.69
CA GLY E 70 -95.98 -46.30 -64.33
C GLY E 70 -95.65 -45.98 -62.88
N PHE E 71 -94.39 -46.12 -62.50
CA PHE E 71 -93.89 -46.04 -61.12
C PHE E 71 -93.29 -44.65 -60.83
N PRO E 72 -93.83 -43.87 -59.87
CA PRO E 72 -93.14 -42.66 -59.41
C PRO E 72 -91.69 -42.91 -58.99
N ILE E 73 -90.84 -41.91 -59.21
CA ILE E 73 -89.40 -41.92 -58.86
C ILE E 73 -89.23 -41.13 -57.55
N LYS E 74 -88.51 -41.68 -56.57
CA LYS E 74 -88.20 -41.00 -55.28
C LYS E 74 -87.35 -39.76 -55.56
N GLY E 75 -87.90 -38.58 -55.26
CA GLY E 75 -87.21 -37.29 -55.37
C GLY E 75 -87.69 -36.42 -56.51
N CYS E 76 -88.54 -36.97 -57.39
CA CYS E 76 -89.08 -36.29 -58.61
C CYS E 76 -90.59 -36.51 -58.72
N ASP E 77 -91.40 -35.50 -58.39
CA ASP E 77 -92.89 -35.60 -58.42
C ASP E 77 -93.38 -35.54 -59.87
N ASP E 78 -92.45 -35.46 -60.84
CA ASP E 78 -92.74 -35.07 -62.26
C ASP E 78 -92.69 -36.26 -63.23
N THR E 79 -91.85 -37.26 -62.92
CA THR E 79 -91.36 -38.32 -63.84
C THR E 79 -91.80 -39.71 -63.36
N LEU E 80 -92.10 -40.61 -64.31
CA LEU E 80 -92.47 -42.02 -64.05
C LEU E 80 -91.51 -42.95 -64.78
N VAL E 81 -91.15 -44.08 -64.18
CA VAL E 81 -90.60 -45.26 -64.90
C VAL E 81 -91.78 -45.92 -65.60
N VAL E 82 -91.80 -45.96 -66.93
CA VAL E 82 -92.94 -46.50 -67.73
C VAL E 82 -92.54 -47.85 -68.32
N GLY E 83 -91.24 -48.16 -68.34
CA GLY E 83 -90.79 -49.44 -68.91
C GLY E 83 -89.29 -49.53 -68.92
N LEU E 84 -88.76 -50.52 -69.61
CA LEU E 84 -87.32 -50.67 -69.85
C LEU E 84 -87.11 -51.42 -71.16
N ALA E 85 -85.96 -51.24 -71.79
CA ALA E 85 -85.57 -51.90 -73.04
C ALA E 85 -84.41 -52.84 -72.75
N VAL E 86 -84.39 -53.97 -73.43
CA VAL E 86 -83.36 -55.02 -73.30
C VAL E 86 -82.73 -55.21 -74.67
N CYS E 87 -81.41 -55.34 -74.71
CA CYS E 87 -80.70 -55.63 -75.95
C CYS E 87 -79.66 -56.70 -75.69
N TRP E 88 -79.55 -57.69 -76.56
CA TRP E 88 -78.51 -58.74 -76.45
C TRP E 88 -77.85 -59.00 -77.81
N GLY E 89 -77.85 -58.01 -78.70
CA GLY E 89 -77.14 -58.10 -79.99
C GLY E 89 -77.85 -57.35 -81.10
N GLY E 90 -77.09 -56.95 -82.13
CA GLY E 90 -77.61 -56.29 -83.33
C GLY E 90 -78.27 -54.99 -82.98
N ARG E 91 -79.38 -54.67 -83.65
CA ARG E 91 -80.12 -53.39 -83.52
C ARG E 91 -81.57 -53.71 -83.17
N ASP E 92 -81.77 -54.80 -82.44
CA ASP E 92 -83.07 -55.24 -81.86
C ASP E 92 -83.12 -54.83 -80.39
N ALA E 93 -84.06 -53.97 -80.03
CA ALA E 93 -84.44 -53.59 -78.65
C ALA E 93 -85.76 -54.25 -78.29
N TYR E 94 -85.81 -54.97 -77.17
CA TYR E 94 -87.06 -55.57 -76.64
C TYR E 94 -87.59 -54.60 -75.60
N TYR E 95 -88.67 -53.89 -75.91
CA TYR E 95 -89.27 -52.92 -74.96
C TYR E 95 -90.32 -53.62 -74.09
N PHE E 96 -90.11 -53.54 -72.79
CA PHE E 96 -90.86 -54.25 -71.73
C PHE E 96 -91.61 -53.18 -70.96
N SER E 97 -92.89 -52.99 -71.26
CA SER E 97 -93.77 -51.98 -70.63
C SER E 97 -94.10 -52.36 -69.18
N LEU E 98 -94.11 -51.35 -68.31
CA LEU E 98 -94.44 -51.47 -66.87
C LEU E 98 -95.65 -50.61 -66.55
N GLN E 99 -96.52 -50.42 -67.54
CA GLN E 99 -97.78 -49.66 -67.36
C GLN E 99 -98.94 -50.63 -67.13
N LYS E 100 -99.80 -50.37 -66.13
CA LYS E 100 -101.00 -51.20 -65.88
C LYS E 100 -101.89 -51.11 -67.13
N GLU E 101 -102.21 -49.90 -67.58
CA GLU E 101 -103.05 -49.63 -68.78
C GLU E 101 -102.38 -48.56 -69.67
N GLN E 102 -102.77 -48.50 -70.95
CA GLN E 102 -102.31 -47.48 -71.94
C GLN E 102 -100.82 -47.66 -72.24
N PRO E 113 -96.23 -48.01 -80.42
CA PRO E 113 -96.42 -49.32 -79.75
C PRO E 113 -97.84 -49.88 -79.94
N PRO E 114 -97.99 -51.21 -80.17
CA PRO E 114 -99.28 -51.88 -79.98
C PRO E 114 -99.61 -51.99 -78.47
N SER E 115 -100.89 -52.21 -78.09
CA SER E 115 -101.36 -52.08 -76.69
C SER E 115 -100.94 -53.29 -75.86
N LEU E 116 -101.24 -53.27 -74.55
CA LEU E 116 -100.92 -54.37 -73.60
C LEU E 116 -101.94 -55.49 -73.71
N ASP E 117 -101.45 -56.71 -73.90
CA ASP E 117 -102.22 -57.97 -73.68
C ASP E 117 -102.69 -57.97 -72.22
N PRO E 118 -104.02 -57.92 -71.97
CA PRO E 118 -104.53 -57.76 -70.61
C PRO E 118 -104.37 -58.99 -69.70
N SER E 119 -104.10 -60.18 -70.26
CA SER E 119 -103.75 -61.41 -69.50
C SER E 119 -102.37 -61.24 -68.83
N LEU E 120 -101.53 -60.32 -69.31
CA LEU E 120 -100.22 -60.00 -68.69
C LEU E 120 -100.39 -58.88 -67.66
N THR E 121 -100.84 -59.25 -66.47
CA THR E 121 -100.97 -58.30 -65.34
C THR E 121 -99.61 -57.67 -65.04
N LEU E 122 -99.62 -56.47 -64.48
CA LEU E 122 -98.40 -55.79 -64.03
C LEU E 122 -97.65 -56.69 -63.03
N LYS E 123 -98.38 -57.29 -62.07
CA LYS E 123 -97.80 -58.24 -61.07
C LYS E 123 -97.06 -59.36 -61.82
N ASP E 124 -97.70 -60.00 -62.80
CA ASP E 124 -97.05 -61.08 -63.61
C ASP E 124 -95.76 -60.54 -64.28
N ARG E 125 -95.80 -59.34 -64.88
CA ARG E 125 -94.63 -58.74 -65.58
C ARG E 125 -93.53 -58.49 -64.56
N MET E 126 -93.87 -57.95 -63.40
CA MET E 126 -92.88 -57.63 -62.35
C MET E 126 -92.24 -58.94 -61.85
N TRP E 127 -93.02 -60.00 -61.73
CA TRP E 127 -92.42 -61.31 -61.39
C TRP E 127 -91.33 -61.64 -62.44
N TYR E 128 -91.69 -61.67 -63.72
CA TYR E 128 -90.82 -62.17 -64.83
C TYR E 128 -89.62 -61.24 -64.95
N LEU E 129 -89.84 -59.95 -64.72
CA LEU E 129 -88.73 -58.97 -64.68
C LEU E 129 -87.76 -59.34 -63.55
N GLN E 130 -88.22 -59.52 -62.31
CA GLN E 130 -87.31 -59.80 -61.16
C GLN E 130 -86.59 -61.13 -61.44
N SER E 131 -87.29 -62.09 -62.02
CA SER E 131 -86.74 -63.44 -62.32
C SER E 131 -85.55 -63.33 -63.27
N CYS E 132 -85.61 -62.49 -64.29
CA CYS E 132 -84.56 -62.41 -65.33
C CYS E 132 -83.41 -61.52 -64.85
N LEU E 133 -83.65 -60.68 -63.83
CA LEU E 133 -82.63 -59.72 -63.34
C LEU E 133 -81.97 -60.24 -62.06
N ARG E 134 -82.29 -61.44 -61.57
CA ARG E 134 -81.66 -62.03 -60.35
C ARG E 134 -80.92 -63.33 -60.70
N LYS E 135 -79.70 -63.53 -60.19
CA LYS E 135 -78.78 -64.68 -60.50
C LYS E 135 -79.38 -65.97 -59.95
N GLU E 136 -79.19 -67.07 -60.69
CA GLU E 136 -79.32 -68.47 -60.18
C GLU E 136 -77.91 -68.91 -59.73
N SER E 137 -77.77 -70.15 -59.24
CA SER E 137 -76.51 -70.72 -58.68
C SER E 137 -75.61 -71.25 -59.82
N ASP E 138 -74.37 -70.73 -59.90
CA ASP E 138 -73.30 -71.16 -60.85
C ASP E 138 -73.63 -70.69 -62.27
N LYS E 139 -74.12 -69.44 -62.42
CA LYS E 139 -74.56 -68.84 -63.70
C LYS E 139 -73.90 -67.47 -63.87
N GLU E 140 -72.79 -67.40 -64.62
CA GLU E 140 -72.08 -66.14 -65.00
C GLU E 140 -72.95 -65.34 -65.98
N CYS E 141 -73.42 -64.18 -65.53
CA CYS E 141 -74.45 -63.34 -66.20
C CYS E 141 -74.10 -61.85 -66.00
N SER E 142 -73.98 -61.07 -67.08
CA SER E 142 -73.53 -59.67 -67.03
C SER E 142 -74.61 -58.77 -67.63
N VAL E 143 -74.98 -57.72 -66.90
CA VAL E 143 -75.91 -56.67 -67.38
C VAL E 143 -75.11 -55.38 -67.60
N VAL E 144 -75.27 -54.79 -68.78
CA VAL E 144 -74.64 -53.51 -69.20
C VAL E 144 -75.65 -52.39 -68.96
N ILE E 145 -75.31 -51.45 -68.09
CA ILE E 145 -76.18 -50.29 -67.76
C ILE E 145 -75.34 -49.02 -67.78
N TYR E 146 -75.69 -48.08 -68.65
CA TYR E 146 -75.16 -46.70 -68.60
C TYR E 146 -75.61 -46.05 -67.29
N ASP E 147 -74.65 -45.55 -66.49
CA ASP E 147 -74.93 -44.95 -65.15
C ASP E 147 -75.60 -46.02 -64.29
N PHE E 148 -74.87 -47.09 -64.07
CA PHE E 148 -75.32 -48.23 -63.25
C PHE E 148 -75.94 -47.76 -61.92
N ILE E 149 -75.26 -46.87 -61.19
CA ILE E 149 -75.69 -46.49 -59.80
C ILE E 149 -77.09 -45.89 -59.85
N GLN E 150 -77.30 -44.91 -60.71
CA GLN E 150 -78.63 -44.23 -60.76
C GLN E 150 -79.71 -45.27 -61.14
N SER E 151 -79.40 -46.22 -62.01
CA SER E 151 -80.39 -47.19 -62.51
C SER E 151 -80.69 -48.21 -61.43
N TYR E 152 -79.67 -48.70 -60.74
CA TYR E 152 -79.82 -49.65 -59.59
C TYR E 152 -80.79 -49.05 -58.58
N LYS E 153 -80.66 -47.74 -58.31
CA LYS E 153 -81.45 -47.09 -57.24
C LYS E 153 -82.90 -46.93 -57.70
N ILE E 154 -83.11 -46.51 -58.94
CA ILE E 154 -84.50 -46.34 -59.44
C ILE E 154 -85.19 -47.71 -59.47
N LEU E 155 -84.51 -48.75 -59.92
CA LEU E 155 -85.11 -50.11 -60.00
C LEU E 155 -85.50 -50.56 -58.58
N LEU E 156 -84.66 -50.29 -57.58
CA LEU E 156 -84.92 -50.69 -56.17
C LEU E 156 -86.06 -49.86 -55.61
N LEU E 157 -85.98 -48.53 -55.65
CA LEU E 157 -86.90 -47.62 -54.93
C LEU E 157 -88.21 -47.45 -55.69
N SER E 158 -88.20 -47.45 -57.02
CA SER E 158 -89.43 -47.21 -57.82
C SER E 158 -90.17 -48.51 -58.12
N CYS E 159 -89.46 -49.57 -58.49
CA CYS E 159 -90.06 -50.84 -58.99
C CYS E 159 -89.91 -51.97 -57.99
N GLY E 160 -89.14 -51.79 -56.91
CA GLY E 160 -88.95 -52.82 -55.88
C GLY E 160 -88.12 -53.97 -56.39
N ILE E 161 -87.24 -53.72 -57.34
CA ILE E 161 -86.37 -54.77 -57.95
C ILE E 161 -84.91 -54.50 -57.58
N SER E 162 -84.25 -55.52 -57.05
CA SER E 162 -82.82 -55.52 -56.70
C SER E 162 -82.09 -56.34 -57.76
N LEU E 163 -81.34 -55.68 -58.65
CA LEU E 163 -80.40 -56.34 -59.60
C LEU E 163 -79.49 -57.28 -58.80
N GLU E 164 -79.29 -58.52 -59.27
CA GLU E 164 -78.37 -59.51 -58.64
C GLU E 164 -77.66 -60.26 -59.78
N GLN E 165 -76.73 -59.57 -60.44
CA GLN E 165 -75.85 -60.10 -61.50
C GLN E 165 -74.52 -59.35 -61.44
N SER E 166 -73.56 -59.68 -62.33
CA SER E 166 -72.37 -58.85 -62.60
C SER E 166 -72.79 -57.64 -63.43
N TYR E 167 -72.28 -56.46 -63.07
CA TYR E 167 -72.62 -55.19 -63.74
C TYR E 167 -71.40 -54.69 -64.51
N GLU E 168 -71.72 -54.07 -65.63
CA GLU E 168 -70.76 -53.39 -66.53
C GLU E 168 -71.34 -52.03 -66.93
N ASP E 169 -70.69 -50.94 -66.54
CA ASP E 169 -71.07 -49.56 -66.95
C ASP E 169 -70.03 -49.07 -67.93
N PRO E 170 -70.40 -48.76 -69.19
CA PRO E 170 -69.46 -48.18 -70.14
C PRO E 170 -68.79 -46.88 -69.65
N LYS E 171 -69.47 -46.06 -68.85
CA LYS E 171 -68.86 -44.82 -68.25
C LYS E 171 -67.61 -45.21 -67.46
N VAL E 172 -67.66 -46.30 -66.71
CA VAL E 172 -66.53 -46.70 -65.81
C VAL E 172 -65.39 -47.27 -66.65
N ALA E 173 -65.72 -48.01 -67.70
CA ALA E 173 -64.74 -48.53 -68.68
C ALA E 173 -63.99 -47.36 -69.35
N CYS E 174 -64.69 -46.31 -69.76
CA CYS E 174 -64.07 -45.08 -70.36
C CYS E 174 -63.05 -44.51 -69.37
N TRP E 175 -63.47 -44.30 -68.14
CA TRP E 175 -62.60 -43.77 -67.06
C TRP E 175 -61.35 -44.63 -66.96
N LEU E 176 -61.52 -45.94 -67.00
CA LEU E 176 -60.43 -46.91 -66.78
C LEU E 176 -59.43 -46.80 -67.93
N LEU E 177 -59.87 -46.43 -69.13
CA LEU E 177 -58.98 -46.31 -70.31
C LEU E 177 -58.24 -44.98 -70.31
N ASP E 178 -58.83 -43.91 -69.77
CA ASP E 178 -58.14 -42.60 -69.63
C ASP E 178 -58.76 -41.82 -68.48
N PRO E 179 -58.17 -41.87 -67.27
CA PRO E 179 -58.77 -41.27 -66.10
C PRO E 179 -58.87 -39.74 -66.17
N ASP E 180 -58.12 -39.09 -67.06
CA ASP E 180 -58.10 -37.61 -67.22
C ASP E 180 -59.06 -37.17 -68.33
N SER E 181 -59.73 -38.11 -69.00
CA SER E 181 -60.75 -37.84 -70.05
C SER E 181 -61.87 -37.03 -69.39
N GLN E 182 -62.62 -36.28 -70.18
CA GLN E 182 -63.81 -35.57 -69.66
C GLN E 182 -64.85 -36.65 -69.31
N GLU E 183 -65.65 -36.42 -68.26
CA GLU E 183 -66.80 -37.29 -67.90
C GLU E 183 -67.52 -37.70 -69.17
N PRO E 184 -67.73 -39.01 -69.42
CA PRO E 184 -68.41 -39.45 -70.65
C PRO E 184 -69.91 -39.11 -70.63
N THR E 185 -70.46 -38.83 -71.80
CA THR E 185 -71.92 -38.76 -72.07
C THR E 185 -72.22 -39.93 -73.01
N LEU E 186 -73.49 -40.24 -73.26
CA LEU E 186 -73.83 -41.29 -74.25
C LEU E 186 -73.27 -40.86 -75.62
N HIS E 187 -73.35 -39.56 -75.92
CA HIS E 187 -72.88 -38.98 -77.21
C HIS E 187 -71.37 -39.17 -77.36
N SER E 188 -70.58 -38.91 -76.33
CA SER E 188 -69.09 -39.06 -76.36
C SER E 188 -68.72 -40.54 -76.48
N ILE E 189 -69.41 -41.43 -75.79
CA ILE E 189 -69.16 -42.90 -75.86
C ILE E 189 -69.40 -43.36 -77.30
N VAL E 190 -70.52 -42.98 -77.88
CA VAL E 190 -70.90 -43.44 -79.24
C VAL E 190 -69.92 -42.80 -80.24
N THR E 191 -69.57 -41.53 -80.05
CA THR E 191 -68.56 -40.83 -80.90
C THR E 191 -67.26 -41.66 -80.91
N SER E 192 -66.73 -42.03 -79.74
CA SER E 192 -65.38 -42.67 -79.60
C SER E 192 -65.41 -44.17 -79.95
N PHE E 193 -66.47 -44.90 -79.60
CA PHE E 193 -66.46 -46.37 -79.59
C PHE E 193 -67.50 -46.95 -80.55
N LEU E 194 -68.48 -46.18 -81.02
CA LEU E 194 -69.53 -46.73 -81.92
C LEU E 194 -69.93 -45.69 -82.95
N PRO E 195 -68.96 -45.03 -83.63
CA PRO E 195 -69.25 -43.80 -84.39
C PRO E 195 -70.22 -44.02 -85.54
N HIS E 196 -70.25 -45.22 -86.13
CA HIS E 196 -71.20 -45.60 -87.20
C HIS E 196 -72.66 -45.48 -86.73
N GLU E 197 -72.95 -45.44 -85.42
CA GLU E 197 -74.36 -45.38 -84.92
C GLU E 197 -74.71 -43.95 -84.47
N LEU E 198 -73.86 -42.96 -84.67
CA LEU E 198 -74.16 -41.54 -84.31
C LEU E 198 -75.49 -41.09 -84.91
N PRO E 199 -75.89 -41.48 -86.14
CA PRO E 199 -77.20 -41.08 -86.69
C PRO E 199 -78.40 -41.37 -85.75
N LEU E 200 -78.39 -42.49 -85.04
CA LEU E 200 -79.44 -42.87 -84.05
C LEU E 200 -79.64 -41.75 -83.01
N LEU E 201 -78.61 -40.94 -82.75
CA LEU E 201 -78.62 -39.89 -81.70
C LEU E 201 -79.01 -38.53 -82.30
N GLU E 202 -79.17 -38.44 -83.63
CA GLU E 202 -79.60 -37.19 -84.33
C GLU E 202 -80.96 -36.71 -83.78
N GLY E 203 -80.99 -35.47 -83.28
CA GLY E 203 -82.19 -34.81 -82.70
C GLY E 203 -82.46 -35.27 -81.27
N MET E 204 -81.46 -35.87 -80.60
CA MET E 204 -81.58 -36.40 -79.22
C MET E 204 -80.51 -35.70 -78.39
N GLU E 205 -80.67 -34.38 -78.26
CA GLU E 205 -79.66 -33.43 -77.73
C GLU E 205 -79.26 -33.78 -76.28
N THR E 206 -80.17 -34.40 -75.53
CA THR E 206 -79.96 -34.84 -74.11
C THR E 206 -78.90 -35.96 -74.04
N SER E 207 -78.58 -36.65 -75.14
CA SER E 207 -77.47 -37.64 -75.23
C SER E 207 -76.12 -36.96 -74.94
N SER E 212 -78.55 -40.48 -68.22
CA SER E 212 -78.99 -41.58 -69.12
C SER E 212 -80.08 -41.05 -70.07
N LEU E 213 -79.99 -41.39 -71.36
CA LEU E 213 -81.00 -41.00 -72.38
C LEU E 213 -82.39 -41.48 -71.93
N GLY E 214 -82.47 -42.73 -71.46
CA GLY E 214 -83.71 -43.36 -70.97
C GLY E 214 -84.28 -42.58 -69.78
N LEU E 215 -83.42 -42.17 -68.86
CA LEU E 215 -83.80 -41.51 -67.56
C LEU E 215 -84.16 -40.05 -67.79
N ASN E 216 -83.75 -39.46 -68.91
CA ASN E 216 -83.87 -37.99 -69.11
C ASN E 216 -85.20 -37.72 -69.80
N ALA E 217 -86.22 -37.46 -68.98
CA ALA E 217 -87.62 -37.22 -69.39
C ALA E 217 -87.81 -35.77 -69.85
N GLY E 218 -86.76 -34.93 -69.79
CA GLY E 218 -86.78 -33.55 -70.29
C GLY E 218 -86.60 -33.50 -71.80
N SER E 219 -86.99 -34.56 -72.52
CA SER E 219 -86.96 -34.70 -74.00
C SER E 219 -88.39 -34.84 -74.52
N GLU E 220 -88.60 -34.54 -75.81
CA GLU E 220 -89.91 -34.67 -76.51
C GLU E 220 -90.05 -36.09 -77.07
N HIS E 221 -88.96 -36.85 -77.10
CA HIS E 221 -88.96 -38.26 -77.58
C HIS E 221 -89.51 -39.13 -76.46
N SER E 222 -90.30 -40.15 -76.80
CA SER E 222 -90.89 -41.10 -75.83
C SER E 222 -89.80 -41.84 -75.06
N GLY E 223 -90.08 -42.24 -73.81
CA GLY E 223 -89.20 -43.11 -73.02
C GLY E 223 -88.93 -44.41 -73.74
N ARG E 224 -89.94 -44.94 -74.43
CA ARG E 224 -89.83 -46.20 -75.18
C ARG E 224 -88.70 -46.08 -76.22
N TYR E 225 -88.77 -45.04 -77.06
CA TYR E 225 -87.79 -44.82 -78.16
C TYR E 225 -86.42 -44.58 -77.54
N ARG E 226 -86.35 -43.69 -76.55
CA ARG E 226 -85.06 -43.30 -75.91
C ARG E 226 -84.39 -44.52 -75.30
N ALA E 227 -85.14 -45.33 -74.53
CA ALA E 227 -84.59 -46.50 -73.84
C ALA E 227 -84.16 -47.56 -74.86
N SER E 228 -84.93 -47.75 -75.93
CA SER E 228 -84.63 -48.74 -76.98
C SER E 228 -83.31 -48.36 -77.68
N VAL E 229 -83.16 -47.10 -78.06
CA VAL E 229 -81.93 -46.59 -78.74
C VAL E 229 -80.77 -46.76 -77.78
N GLU E 230 -80.92 -46.28 -76.55
CA GLU E 230 -79.84 -46.42 -75.53
C GLU E 230 -79.44 -47.88 -75.39
N SER E 231 -80.40 -48.80 -75.28
CA SER E 231 -80.10 -50.23 -75.02
C SER E 231 -79.17 -50.76 -76.10
N ILE E 232 -79.44 -50.42 -77.35
CA ILE E 232 -78.68 -50.86 -78.54
C ILE E 232 -77.30 -50.18 -78.51
N LEU E 233 -77.24 -48.87 -78.36
CA LEU E 233 -75.96 -48.13 -78.35
C LEU E 233 -75.04 -48.66 -77.24
N ILE E 234 -75.58 -48.92 -76.06
CA ILE E 234 -74.79 -49.27 -74.85
C ILE E 234 -74.29 -50.71 -74.97
N PHE E 235 -75.11 -51.65 -75.46
CA PHE E 235 -74.70 -53.07 -75.61
C PHE E 235 -73.50 -53.13 -76.56
N ASN E 236 -73.63 -52.51 -77.73
CA ASN E 236 -72.59 -52.55 -78.80
C ASN E 236 -71.35 -51.77 -78.36
N SER E 237 -71.51 -50.60 -77.77
CA SER E 237 -70.41 -49.79 -77.19
C SER E 237 -69.59 -50.61 -76.19
N MET E 238 -70.28 -51.35 -75.32
CA MET E 238 -69.63 -52.09 -74.21
C MET E 238 -68.81 -53.26 -74.79
N ASN E 239 -69.23 -53.86 -75.90
CA ASN E 239 -68.43 -54.90 -76.58
C ASN E 239 -67.08 -54.30 -76.99
N GLN E 240 -67.09 -53.12 -77.59
CA GLN E 240 -65.86 -52.44 -78.04
C GLN E 240 -65.04 -52.07 -76.80
N LEU E 241 -65.64 -51.44 -75.79
CA LEU E 241 -64.93 -51.07 -74.53
C LEU E 241 -64.32 -52.32 -73.89
N ASN E 242 -65.01 -53.47 -73.88
CA ASN E 242 -64.47 -54.73 -73.32
C ASN E 242 -63.26 -55.21 -74.12
N SER E 243 -63.27 -55.13 -75.43
CA SER E 243 -62.09 -55.47 -76.25
C SER E 243 -60.93 -54.56 -75.86
N LEU E 244 -61.17 -53.26 -75.69
CA LEU E 244 -60.08 -52.30 -75.35
C LEU E 244 -59.55 -52.59 -73.94
N LEU E 245 -60.43 -52.86 -72.97
CA LEU E 245 -60.00 -53.23 -71.58
C LEU E 245 -59.11 -54.48 -71.63
N GLN E 246 -59.48 -55.47 -72.45
CA GLN E 246 -58.70 -56.73 -72.60
C GLN E 246 -57.33 -56.42 -73.21
N LYS E 247 -57.29 -55.58 -74.25
CA LYS E 247 -55.99 -55.18 -74.87
C LYS E 247 -55.11 -54.51 -73.80
N GLU E 248 -55.68 -53.64 -72.95
CA GLU E 248 -54.91 -52.86 -71.92
C GLU E 248 -54.72 -53.69 -70.64
N ASN E 249 -55.33 -54.88 -70.53
CA ASN E 249 -55.20 -55.77 -69.36
C ASN E 249 -55.82 -55.12 -68.13
N LEU E 250 -56.96 -54.46 -68.29
CA LEU E 250 -57.72 -53.79 -67.21
C LEU E 250 -59.07 -54.49 -66.98
N GLN E 251 -59.32 -55.63 -67.63
CA GLN E 251 -60.63 -56.29 -67.54
C GLN E 251 -60.82 -56.89 -66.12
N ASP E 252 -59.78 -57.50 -65.56
CA ASP E 252 -59.90 -58.07 -64.18
C ASP E 252 -60.16 -56.91 -63.21
N VAL E 253 -59.45 -55.80 -63.35
CA VAL E 253 -59.63 -54.60 -62.48
C VAL E 253 -61.09 -54.17 -62.58
N PHE E 254 -61.62 -54.10 -63.79
CA PHE E 254 -62.99 -53.62 -64.10
C PHE E 254 -64.04 -54.50 -63.41
N ARG E 255 -63.91 -55.83 -63.54
CA ARG E 255 -64.92 -56.80 -63.03
C ARG E 255 -64.74 -57.06 -61.53
N LYS E 256 -63.52 -57.11 -61.00
CA LYS E 256 -63.26 -57.50 -59.59
C LYS E 256 -63.19 -56.29 -58.64
N VAL E 257 -62.87 -55.07 -59.12
CA VAL E 257 -62.66 -53.89 -58.23
C VAL E 257 -63.62 -52.76 -58.60
N GLU E 258 -63.54 -52.22 -59.82
CA GLU E 258 -64.23 -50.96 -60.16
C GLU E 258 -65.74 -51.16 -60.15
N MET E 259 -66.29 -52.19 -60.80
CA MET E 259 -67.77 -52.29 -60.87
C MET E 259 -68.32 -52.69 -59.49
N PRO E 260 -67.70 -53.64 -58.76
CA PRO E 260 -68.13 -53.90 -57.38
C PRO E 260 -68.08 -52.65 -56.48
N SER E 261 -67.05 -51.81 -56.67
CA SER E 261 -66.89 -50.52 -55.96
C SER E 261 -68.09 -49.64 -56.27
N GLN E 262 -68.53 -49.59 -57.53
CA GLN E 262 -69.75 -48.84 -57.89
C GLN E 262 -70.98 -49.42 -57.14
N TYR E 263 -71.07 -50.74 -57.00
CA TYR E 263 -72.20 -51.36 -56.28
C TYR E 263 -72.16 -50.92 -54.81
N CYS E 264 -71.02 -51.01 -54.15
CA CYS E 264 -70.86 -50.47 -52.75
C CYS E 264 -71.29 -49.01 -52.68
N LEU E 265 -70.97 -48.19 -53.69
CA LEU E 265 -71.31 -46.74 -53.64
C LEU E 265 -72.81 -46.57 -53.82
N ALA E 266 -73.45 -47.44 -54.60
CA ALA E 266 -74.93 -47.43 -54.74
C ALA E 266 -75.59 -47.67 -53.38
N LEU E 267 -75.08 -48.62 -52.59
CA LEU E 267 -75.64 -48.91 -51.25
C LEU E 267 -75.47 -47.67 -50.34
N LEU E 268 -74.30 -47.02 -50.40
CA LEU E 268 -74.00 -45.79 -49.62
C LEU E 268 -75.00 -44.69 -49.99
N GLU E 269 -75.26 -44.54 -51.28
CA GLU E 269 -76.17 -43.46 -51.74
C GLU E 269 -77.61 -43.80 -51.34
N LEU E 270 -77.97 -45.08 -51.29
CA LEU E 270 -79.29 -45.51 -50.79
C LEU E 270 -79.34 -45.30 -49.28
N ASN E 271 -78.25 -45.54 -48.58
CA ASN E 271 -78.20 -45.42 -47.10
C ASN E 271 -78.33 -43.94 -46.69
N GLY E 272 -77.63 -43.04 -47.36
CA GLY E 272 -77.47 -41.66 -46.87
C GLY E 272 -76.79 -41.60 -45.51
N ILE E 273 -76.64 -40.40 -44.94
CA ILE E 273 -75.93 -40.26 -43.63
C ILE E 273 -76.83 -39.46 -42.71
N GLY E 274 -77.00 -39.94 -41.50
CA GLY E 274 -77.86 -39.29 -40.50
C GLY E 274 -77.36 -37.91 -40.13
N PHE E 275 -78.30 -36.99 -39.87
CA PHE E 275 -78.02 -35.56 -39.67
C PHE E 275 -78.94 -35.03 -38.60
N SER E 276 -78.37 -34.29 -37.67
CA SER E 276 -79.08 -33.54 -36.59
C SER E 276 -78.97 -32.03 -36.78
N THR E 277 -80.11 -31.35 -36.80
CA THR E 277 -80.13 -29.87 -37.00
C THR E 277 -79.92 -29.15 -35.65
N ALA E 278 -80.60 -29.57 -34.58
CA ALA E 278 -80.39 -29.03 -33.24
C ALA E 278 -78.91 -28.68 -33.05
N GLU E 279 -78.05 -29.69 -33.26
CA GLU E 279 -76.57 -29.58 -33.01
C GLU E 279 -76.01 -28.49 -33.92
N CYS E 280 -76.35 -28.54 -35.20
CA CYS E 280 -75.93 -27.54 -36.22
C CYS E 280 -76.31 -26.10 -35.79
N GLU E 281 -77.55 -25.85 -35.39
CA GLU E 281 -78.11 -24.50 -35.06
C GLU E 281 -77.36 -23.90 -33.87
N SER E 282 -77.08 -24.74 -32.86
CA SER E 282 -76.47 -24.25 -31.61
C SER E 282 -75.02 -23.85 -31.92
N GLN E 283 -74.34 -24.61 -32.79
CA GLN E 283 -72.98 -24.25 -33.25
C GLN E 283 -73.04 -22.96 -34.07
N LYS E 284 -74.00 -22.86 -34.98
CA LYS E 284 -74.21 -21.65 -35.82
C LYS E 284 -74.29 -20.41 -34.94
N HIS E 285 -75.08 -20.46 -33.86
CA HIS E 285 -75.32 -19.27 -32.99
C HIS E 285 -74.02 -18.81 -32.33
N ILE E 286 -73.20 -19.75 -31.85
CA ILE E 286 -71.88 -19.43 -31.23
C ILE E 286 -70.97 -18.82 -32.29
N MET E 287 -70.90 -19.44 -33.45
CA MET E 287 -70.07 -18.97 -34.59
C MET E 287 -70.49 -17.56 -34.99
N GLN E 288 -71.79 -17.28 -35.06
CA GLN E 288 -72.30 -15.98 -35.56
C GLN E 288 -71.97 -14.89 -34.55
N ALA E 289 -72.03 -15.19 -33.26
CA ALA E 289 -71.67 -14.27 -32.16
C ALA E 289 -70.19 -13.89 -32.26
N LYS E 290 -69.34 -14.86 -32.59
CA LYS E 290 -67.87 -14.66 -32.73
C LYS E 290 -67.61 -13.81 -33.98
N LEU E 291 -68.29 -14.11 -35.09
CA LEU E 291 -68.19 -13.28 -36.31
C LEU E 291 -68.53 -11.83 -36.00
N ASP E 292 -69.56 -11.56 -35.18
CA ASP E 292 -70.02 -10.20 -34.85
C ASP E 292 -68.93 -9.47 -34.07
N ALA E 293 -68.37 -10.09 -33.02
CA ALA E 293 -67.28 -9.56 -32.18
C ALA E 293 -66.03 -9.31 -33.03
N ILE E 294 -65.68 -10.26 -33.91
CA ILE E 294 -64.50 -10.12 -34.82
C ILE E 294 -64.70 -8.88 -35.70
N GLU E 295 -65.87 -8.74 -36.33
CA GLU E 295 -66.17 -7.60 -37.23
C GLU E 295 -65.99 -6.31 -36.43
N THR E 296 -66.65 -6.17 -35.28
CA THR E 296 -66.66 -4.91 -34.49
C THR E 296 -65.22 -4.56 -34.09
N GLN E 297 -64.39 -5.54 -33.73
CA GLN E 297 -62.97 -5.31 -33.34
C GLN E 297 -62.14 -4.98 -34.58
N ALA E 298 -62.31 -5.72 -35.68
CA ALA E 298 -61.63 -5.45 -36.97
C ALA E 298 -61.87 -3.98 -37.38
N TYR E 299 -63.13 -3.53 -37.36
CA TYR E 299 -63.55 -2.19 -37.87
C TYR E 299 -62.99 -1.10 -36.97
N GLN E 300 -62.79 -1.35 -35.67
CA GLN E 300 -62.20 -0.35 -34.75
C GLN E 300 -60.69 -0.26 -35.02
N LEU E 301 -60.01 -1.38 -35.23
CA LEU E 301 -58.56 -1.37 -35.58
C LEU E 301 -58.36 -0.71 -36.94
N ALA E 302 -59.21 -0.99 -37.93
CA ALA E 302 -59.12 -0.42 -39.30
C ALA E 302 -59.47 1.08 -39.31
N GLY E 303 -60.33 1.52 -38.41
CA GLY E 303 -60.85 2.90 -38.36
C GLY E 303 -62.14 3.09 -39.16
N HIS E 304 -62.49 2.15 -40.03
CA HIS E 304 -63.73 2.22 -40.86
C HIS E 304 -64.23 0.82 -41.18
N SER E 305 -65.50 0.69 -41.59
CA SER E 305 -66.06 -0.54 -42.20
C SER E 305 -65.18 -0.94 -43.38
N PHE E 306 -65.04 -2.23 -43.63
CA PHE E 306 -64.42 -2.80 -44.86
C PHE E 306 -65.04 -4.17 -45.08
N SER E 307 -65.11 -4.62 -46.33
CA SER E 307 -65.63 -5.95 -46.70
C SER E 307 -64.53 -6.99 -46.50
N PHE E 308 -64.80 -8.03 -45.70
CA PHE E 308 -63.88 -9.17 -45.43
C PHE E 308 -63.74 -10.04 -46.69
N THR E 309 -64.60 -9.82 -47.68
CA THR E 309 -64.68 -10.65 -48.93
C THR E 309 -63.91 -9.97 -50.06
N SER E 310 -63.45 -8.72 -49.88
CA SER E 310 -62.66 -7.96 -50.89
C SER E 310 -61.19 -7.95 -50.50
N SER E 311 -60.36 -8.70 -51.26
CA SER E 311 -58.87 -8.70 -51.19
C SER E 311 -58.35 -7.25 -51.27
N ASP E 312 -58.94 -6.47 -52.18
CA ASP E 312 -58.60 -5.03 -52.41
C ASP E 312 -58.72 -4.26 -51.10
N ASP E 313 -59.89 -4.31 -50.46
CA ASP E 313 -60.20 -3.58 -49.20
C ASP E 313 -59.17 -3.97 -48.13
N ILE E 314 -58.96 -5.28 -47.95
CA ILE E 314 -58.06 -5.84 -46.90
C ILE E 314 -56.63 -5.37 -47.17
N ALA E 315 -56.20 -5.35 -48.43
CA ALA E 315 -54.86 -4.90 -48.86
C ALA E 315 -54.72 -3.41 -48.57
N GLU E 316 -55.74 -2.60 -48.89
CA GLU E 316 -55.76 -1.15 -48.61
C GLU E 316 -55.49 -0.97 -47.11
N VAL E 317 -56.23 -1.68 -46.24
CA VAL E 317 -56.14 -1.52 -44.76
C VAL E 317 -54.80 -2.02 -44.24
N LEU E 318 -54.37 -3.23 -44.63
CA LEU E 318 -53.16 -3.86 -44.04
C LEU E 318 -51.92 -3.08 -44.49
N PHE E 319 -51.81 -2.72 -45.78
CA PHE E 319 -50.51 -2.34 -46.42
C PHE E 319 -50.43 -0.81 -46.62
N LEU E 320 -51.50 -0.18 -47.09
CA LEU E 320 -51.55 1.29 -47.32
C LEU E 320 -51.81 2.02 -46.01
N GLU E 321 -52.80 1.59 -45.23
CA GLU E 321 -53.41 2.42 -44.13
C GLU E 321 -52.78 2.06 -42.78
N LEU E 322 -52.02 0.95 -42.70
CA LEU E 322 -51.33 0.48 -41.47
C LEU E 322 -49.84 0.27 -41.74
N LYS E 323 -49.43 0.22 -43.02
CA LYS E 323 -48.02 0.04 -43.45
C LYS E 323 -47.41 -1.19 -42.76
N LEU E 324 -48.07 -2.36 -42.83
CA LEU E 324 -47.41 -3.65 -42.48
C LEU E 324 -46.54 -4.07 -43.66
N PRO E 325 -45.47 -4.88 -43.44
CA PRO E 325 -44.51 -5.18 -44.51
C PRO E 325 -44.94 -6.29 -45.49
N PRO E 326 -45.02 -6.00 -46.82
CA PRO E 326 -45.26 -7.05 -47.82
C PRO E 326 -43.95 -7.68 -48.33
N PHE E 358 -50.57 -6.41 -54.16
CA PHE E 358 -50.27 -6.93 -52.80
C PHE E 358 -51.29 -8.01 -52.43
N SER E 359 -50.83 -9.26 -52.33
CA SER E 359 -51.62 -10.48 -51.99
C SER E 359 -52.11 -10.43 -50.53
N THR E 360 -53.27 -11.05 -50.26
CA THR E 360 -53.91 -11.17 -48.93
C THR E 360 -54.18 -12.63 -48.64
N SER E 361 -53.27 -13.52 -49.06
CA SER E 361 -53.43 -14.99 -48.94
C SER E 361 -53.23 -15.41 -47.48
N LYS E 362 -53.61 -16.65 -47.19
CA LYS E 362 -53.39 -17.32 -45.88
C LYS E 362 -51.92 -17.14 -45.47
N ASP E 363 -50.98 -17.38 -46.38
CA ASP E 363 -49.51 -17.43 -46.12
C ASP E 363 -49.03 -16.05 -45.65
N VAL E 364 -49.45 -15.00 -46.37
CA VAL E 364 -49.15 -13.57 -46.05
C VAL E 364 -49.66 -13.30 -44.64
N LEU E 365 -50.97 -13.51 -44.39
CA LEU E 365 -51.63 -13.05 -43.12
C LEU E 365 -51.06 -13.87 -41.96
N ASN E 366 -50.65 -15.10 -42.23
CA ASN E 366 -50.11 -16.03 -41.23
C ASN E 366 -48.77 -15.50 -40.71
N LYS E 367 -47.95 -14.90 -41.60
CA LYS E 367 -46.69 -14.22 -41.20
C LYS E 367 -47.06 -12.98 -40.38
N LEU E 368 -47.99 -12.16 -40.88
CA LEU E 368 -48.24 -10.80 -40.35
C LEU E 368 -48.95 -10.86 -38.98
N LYS E 369 -49.60 -11.96 -38.61
CA LYS E 369 -50.39 -12.06 -37.35
C LYS E 369 -49.45 -11.89 -36.16
N ALA E 370 -48.16 -12.18 -36.35
CA ALA E 370 -47.13 -11.94 -35.32
C ALA E 370 -46.95 -10.43 -35.04
N LEU E 371 -47.38 -9.53 -35.94
CA LEU E 371 -47.08 -8.06 -35.89
C LEU E 371 -48.29 -7.20 -35.50
N HIS E 372 -49.51 -7.68 -35.67
CA HIS E 372 -50.75 -6.87 -35.50
C HIS E 372 -51.94 -7.81 -35.41
N PRO E 373 -52.95 -7.51 -34.57
CA PRO E 373 -54.10 -8.40 -34.39
C PRO E 373 -55.02 -8.59 -35.61
N LEU E 374 -55.08 -7.63 -36.54
CA LEU E 374 -56.09 -7.61 -37.65
C LEU E 374 -55.93 -8.80 -38.60
N PRO E 375 -54.71 -9.16 -39.10
CA PRO E 375 -54.55 -10.33 -39.95
C PRO E 375 -55.10 -11.65 -39.37
N GLY E 376 -54.91 -11.86 -38.06
CA GLY E 376 -55.49 -13.01 -37.33
C GLY E 376 -57.01 -12.98 -37.33
N LEU E 377 -57.62 -11.82 -37.08
CA LEU E 377 -59.10 -11.63 -37.13
C LEU E 377 -59.59 -11.99 -38.53
N ILE E 378 -58.91 -11.52 -39.58
CA ILE E 378 -59.29 -11.80 -40.99
C ILE E 378 -59.33 -13.32 -41.16
N LEU E 379 -58.30 -14.02 -40.67
CA LEU E 379 -58.16 -15.47 -40.92
C LEU E 379 -59.30 -16.22 -40.23
N GLU E 380 -59.64 -15.80 -39.02
CA GLU E 380 -60.69 -16.44 -38.21
C GLU E 380 -62.06 -16.14 -38.83
N TRP E 381 -62.25 -14.90 -39.31
CA TRP E 381 -63.48 -14.51 -40.02
C TRP E 381 -63.74 -15.48 -41.17
N ARG E 382 -62.71 -15.74 -41.99
CA ARG E 382 -62.85 -16.56 -43.21
C ARG E 382 -63.12 -18.00 -42.80
N ARG E 383 -62.50 -18.47 -41.72
CA ARG E 383 -62.65 -19.87 -41.26
C ARG E 383 -64.09 -20.06 -40.81
N ILE E 384 -64.61 -19.16 -40.00
CA ILE E 384 -65.96 -19.31 -39.41
C ILE E 384 -67.02 -19.06 -40.50
N THR E 385 -66.83 -18.03 -41.34
CA THR E 385 -67.75 -17.75 -42.48
C THR E 385 -67.86 -19.00 -43.35
N ASN E 386 -66.74 -19.68 -43.57
CA ASN E 386 -66.69 -20.93 -44.36
C ASN E 386 -67.58 -22.00 -43.71
N ALA E 387 -67.45 -22.22 -42.41
CA ALA E 387 -68.24 -23.25 -41.68
C ALA E 387 -69.73 -22.91 -41.80
N ILE E 388 -70.10 -21.63 -41.69
CA ILE E 388 -71.53 -21.22 -41.73
C ILE E 388 -72.07 -21.34 -43.18
N THR E 389 -71.40 -20.74 -44.17
CA THR E 389 -71.97 -20.53 -45.53
C THR E 389 -71.74 -21.73 -46.45
N LYS E 390 -70.65 -22.47 -46.25
CA LYS E 390 -70.23 -23.59 -47.12
C LYS E 390 -70.48 -24.94 -46.44
N VAL E 391 -70.84 -24.97 -45.15
CA VAL E 391 -71.08 -26.28 -44.48
C VAL E 391 -72.48 -26.31 -43.87
N VAL E 392 -72.78 -25.44 -42.90
CA VAL E 392 -74.13 -25.42 -42.25
C VAL E 392 -75.23 -25.17 -43.30
N PHE E 393 -75.12 -24.14 -44.16
CA PHE E 393 -76.21 -23.74 -45.06
C PHE E 393 -76.56 -24.91 -45.99
N PRO E 394 -75.58 -25.49 -46.72
CA PRO E 394 -75.85 -26.62 -47.60
C PRO E 394 -76.35 -27.88 -46.86
N LEU E 395 -75.80 -28.23 -45.70
CA LEU E 395 -76.29 -29.42 -44.96
C LEU E 395 -77.74 -29.23 -44.54
N GLN E 396 -78.12 -28.04 -44.04
CA GLN E 396 -79.50 -27.78 -43.56
C GLN E 396 -80.43 -27.48 -44.71
N ARG E 397 -79.99 -27.60 -45.97
CA ARG E 397 -80.78 -27.40 -47.20
C ARG E 397 -81.07 -28.72 -47.93
N GLU E 398 -80.11 -29.62 -48.07
CA GLU E 398 -80.18 -30.94 -48.75
C GLU E 398 -80.89 -31.98 -47.87
N LYS E 399 -81.06 -31.71 -46.57
CA LYS E 399 -81.46 -32.75 -45.58
C LYS E 399 -82.87 -33.20 -45.98
N CYS E 400 -83.21 -34.44 -45.67
CA CYS E 400 -84.42 -35.14 -46.17
C CYS E 400 -84.94 -36.05 -45.05
N LEU E 401 -86.20 -35.94 -44.66
CA LEU E 401 -86.80 -36.86 -43.66
C LEU E 401 -86.78 -38.32 -44.16
N ASN E 402 -86.26 -39.24 -43.36
CA ASN E 402 -86.44 -40.69 -43.62
C ASN E 402 -87.48 -41.21 -42.63
N PRO E 403 -88.74 -41.45 -43.09
CA PRO E 403 -89.84 -41.82 -42.20
C PRO E 403 -89.68 -43.19 -41.53
N PHE E 404 -88.88 -44.12 -42.08
CA PHE E 404 -88.67 -45.49 -41.53
C PHE E 404 -87.73 -45.40 -40.32
N LEU E 405 -86.56 -44.80 -40.51
CA LEU E 405 -85.54 -44.63 -39.44
C LEU E 405 -86.00 -43.58 -38.42
N GLY E 406 -86.88 -42.64 -38.83
CA GLY E 406 -87.44 -41.60 -37.95
C GLY E 406 -86.40 -40.55 -37.63
N MET E 407 -85.70 -40.06 -38.66
CA MET E 407 -84.59 -39.07 -38.53
C MET E 407 -84.37 -38.41 -39.89
N GLU E 408 -83.68 -37.28 -39.90
CA GLU E 408 -83.25 -36.58 -41.13
C GLU E 408 -81.93 -37.23 -41.58
N ARG E 409 -81.74 -37.28 -42.89
CA ARG E 409 -80.50 -37.83 -43.47
C ARG E 409 -80.09 -36.94 -44.63
N ILE E 410 -78.83 -37.10 -45.02
CA ILE E 410 -78.29 -36.43 -46.23
C ILE E 410 -77.91 -37.52 -47.21
N TYR E 411 -78.21 -37.29 -48.49
CA TYR E 411 -78.01 -38.26 -49.58
C TYR E 411 -77.03 -37.65 -50.58
N PRO E 412 -75.72 -37.72 -50.31
CA PRO E 412 -74.74 -37.19 -51.26
C PRO E 412 -74.55 -38.16 -52.42
N VAL E 413 -74.01 -37.65 -53.53
CA VAL E 413 -73.87 -38.39 -54.80
C VAL E 413 -72.40 -38.68 -54.97
N SER E 414 -72.02 -39.94 -55.19
CA SER E 414 -70.61 -40.36 -55.36
C SER E 414 -70.16 -39.91 -56.75
N GLN E 415 -68.85 -39.69 -56.88
CA GLN E 415 -68.16 -39.29 -58.11
C GLN E 415 -66.85 -40.05 -58.14
N SER E 416 -66.69 -40.96 -59.09
CA SER E 416 -65.55 -41.89 -59.19
C SER E 416 -64.69 -41.51 -60.40
N HIS E 417 -65.08 -40.51 -61.16
CA HIS E 417 -64.29 -40.11 -62.36
C HIS E 417 -63.23 -39.12 -61.92
N THR E 418 -62.10 -39.58 -61.39
CA THR E 418 -61.04 -38.74 -60.77
C THR E 418 -59.71 -39.15 -61.36
N ALA E 419 -58.68 -38.30 -61.27
CA ALA E 419 -57.39 -38.51 -61.93
C ALA E 419 -56.67 -39.75 -61.37
N THR E 420 -56.88 -40.06 -60.10
CA THR E 420 -56.06 -41.05 -59.37
C THR E 420 -56.90 -42.22 -58.86
N GLY E 421 -58.22 -42.16 -59.01
CA GLY E 421 -59.14 -43.25 -58.62
C GLY E 421 -59.63 -43.10 -57.21
N ARG E 422 -59.40 -41.95 -56.59
CA ARG E 422 -60.12 -41.54 -55.37
C ARG E 422 -61.61 -41.44 -55.68
N ILE E 423 -62.42 -41.54 -54.63
CA ILE E 423 -63.87 -41.27 -54.71
C ILE E 423 -64.15 -39.97 -53.97
N THR E 424 -65.02 -39.13 -54.53
CA THR E 424 -65.42 -37.85 -53.92
C THR E 424 -66.96 -37.78 -53.96
N PHE E 425 -67.54 -36.73 -53.42
CA PHE E 425 -69.00 -36.60 -53.29
C PHE E 425 -69.38 -35.18 -53.66
N THR E 426 -70.61 -35.04 -54.13
CA THR E 426 -71.25 -33.74 -54.46
C THR E 426 -72.62 -33.70 -53.80
N GLU E 427 -73.14 -32.48 -53.67
CA GLU E 427 -74.58 -32.20 -53.40
C GLU E 427 -74.98 -32.90 -52.11
N PRO E 428 -74.36 -32.57 -50.96
CA PRO E 428 -73.17 -31.71 -50.86
C PRO E 428 -71.89 -32.52 -50.73
N ASN E 429 -70.69 -31.92 -50.76
CA ASN E 429 -69.41 -32.68 -50.60
C ASN E 429 -69.09 -32.75 -49.10
N ILE E 430 -69.59 -33.80 -48.46
CA ILE E 430 -69.44 -34.11 -47.03
C ILE E 430 -67.98 -34.37 -46.68
N GLN E 431 -67.14 -34.71 -47.66
CA GLN E 431 -65.69 -34.86 -47.39
C GLN E 431 -65.11 -33.53 -46.87
N ASN E 432 -65.74 -32.38 -47.11
CA ASN E 432 -65.12 -31.05 -46.86
C ASN E 432 -65.58 -30.45 -45.53
N VAL E 433 -66.34 -31.23 -44.78
CA VAL E 433 -66.86 -30.78 -43.46
C VAL E 433 -65.62 -30.57 -42.61
N PRO E 434 -65.46 -29.36 -42.04
CA PRO E 434 -64.32 -29.03 -41.16
C PRO E 434 -64.09 -30.06 -40.06
N ARG E 435 -62.80 -30.35 -39.82
CA ARG E 435 -62.24 -30.89 -38.55
C ARG E 435 -62.76 -30.02 -37.42
N ASP E 436 -62.85 -30.58 -36.19
CA ASP E 436 -63.13 -29.80 -34.95
C ASP E 436 -62.15 -28.61 -34.90
N PHE E 437 -62.64 -27.44 -34.45
CA PHE E 437 -61.80 -26.24 -34.15
C PHE E 437 -62.39 -25.47 -32.97
N GLU E 438 -61.60 -24.54 -32.44
CA GLU E 438 -61.91 -23.82 -31.19
C GLU E 438 -62.21 -22.34 -31.48
N ILE E 439 -63.23 -21.81 -30.81
CA ILE E 439 -63.56 -20.37 -30.78
C ILE E 439 -63.42 -19.91 -29.32
N LYS E 440 -62.68 -18.83 -29.08
CA LYS E 440 -62.57 -18.19 -27.74
C LYS E 440 -63.44 -16.92 -27.72
N MET E 441 -64.27 -16.77 -26.71
CA MET E 441 -65.08 -15.56 -26.47
C MET E 441 -65.05 -15.26 -24.97
N GLY E 442 -64.74 -14.02 -24.59
CA GLY E 442 -64.52 -13.63 -23.20
C GLY E 442 -63.56 -14.59 -22.50
N GLY E 443 -62.53 -15.05 -23.22
CA GLY E 443 -61.53 -15.96 -22.70
C GLY E 443 -62.06 -17.35 -22.37
N MET E 444 -63.24 -17.73 -22.86
CA MET E 444 -63.82 -19.09 -22.69
C MET E 444 -63.77 -19.80 -24.04
N PRO E 445 -63.24 -21.04 -24.11
CA PRO E 445 -63.18 -21.78 -25.36
C PRO E 445 -64.49 -22.55 -25.61
N PHE E 446 -64.96 -22.52 -26.86
CA PHE E 446 -66.10 -23.34 -27.35
C PHE E 446 -65.60 -24.21 -28.50
N SER E 447 -65.82 -25.51 -28.38
CA SER E 447 -65.51 -26.51 -29.43
C SER E 447 -66.57 -26.41 -30.53
N ILE E 448 -66.17 -26.12 -31.76
CA ILE E 448 -67.09 -26.19 -32.94
C ILE E 448 -66.78 -27.51 -33.63
N SER E 449 -67.72 -28.46 -33.52
CA SER E 449 -67.60 -29.80 -34.12
C SER E 449 -68.72 -30.00 -35.13
N MET E 450 -68.51 -29.56 -36.36
CA MET E 450 -69.52 -29.69 -37.43
C MET E 450 -69.81 -31.18 -37.65
N ARG E 451 -68.79 -32.02 -37.53
CA ARG E 451 -68.92 -33.48 -37.71
C ARG E 451 -69.87 -34.08 -36.68
N HIS E 452 -70.07 -33.41 -35.55
CA HIS E 452 -70.95 -33.88 -34.44
C HIS E 452 -72.41 -33.87 -34.90
N ALA E 453 -72.74 -33.20 -36.02
CA ALA E 453 -74.13 -33.17 -36.57
C ALA E 453 -74.46 -34.48 -37.29
N PHE E 454 -73.44 -35.29 -37.61
CA PHE E 454 -73.62 -36.52 -38.41
C PHE E 454 -73.70 -37.71 -37.45
N VAL E 455 -74.90 -38.28 -37.34
CA VAL E 455 -75.28 -39.20 -36.23
C VAL E 455 -75.76 -40.50 -36.85
N PRO E 456 -75.65 -41.64 -36.12
CA PRO E 456 -76.28 -42.89 -36.54
C PRO E 456 -77.78 -42.86 -36.25
N PHE E 457 -78.51 -43.84 -36.80
CA PHE E 457 -79.94 -44.07 -36.48
C PHE E 457 -80.03 -44.32 -34.98
N PRO E 458 -81.18 -44.02 -34.35
CA PRO E 458 -81.38 -44.32 -32.93
C PRO E 458 -80.98 -45.76 -32.53
N GLY E 459 -80.14 -45.90 -31.51
CA GLY E 459 -79.58 -47.20 -31.06
C GLY E 459 -78.23 -47.50 -31.70
N GLY E 460 -77.99 -46.99 -32.91
CA GLY E 460 -76.78 -47.29 -33.71
C GLY E 460 -75.53 -46.58 -33.24
N SER E 461 -74.39 -46.95 -33.82
CA SER E 461 -73.09 -46.27 -33.64
C SER E 461 -72.47 -45.95 -35.00
N ILE E 462 -71.65 -44.90 -35.08
CA ILE E 462 -70.73 -44.65 -36.23
C ILE E 462 -69.46 -45.42 -35.94
N LEU E 463 -69.01 -46.21 -36.91
CA LEU E 463 -67.69 -46.88 -36.88
C LEU E 463 -66.85 -46.27 -38.00
N ALA E 464 -65.65 -45.81 -37.66
CA ALA E 464 -64.65 -45.29 -38.61
C ALA E 464 -63.43 -46.18 -38.50
N ALA E 465 -62.95 -46.70 -39.63
CA ALA E 465 -61.66 -47.41 -39.71
C ALA E 465 -60.79 -46.63 -40.67
N ASP E 466 -59.64 -46.15 -40.22
CA ASP E 466 -58.75 -45.24 -40.98
C ASP E 466 -57.48 -46.01 -41.27
N TYR E 467 -56.90 -45.87 -42.46
CA TYR E 467 -55.55 -46.40 -42.71
C TYR E 467 -54.51 -45.48 -42.04
N SER E 468 -53.49 -46.13 -41.48
CA SER E 468 -52.37 -45.48 -40.78
C SER E 468 -51.19 -45.29 -41.76
N GLN E 469 -51.08 -44.08 -42.33
CA GLN E 469 -49.99 -43.70 -43.26
C GLN E 469 -49.98 -44.70 -44.41
N LEU E 470 -51.11 -44.83 -45.11
CA LEU E 470 -51.24 -45.81 -46.21
C LEU E 470 -50.27 -45.42 -47.32
N GLU E 471 -50.24 -44.15 -47.69
CA GLU E 471 -49.39 -43.63 -48.79
C GLU E 471 -47.91 -43.85 -48.43
N LEU E 472 -47.54 -43.70 -47.15
CA LEU E 472 -46.14 -43.91 -46.71
C LEU E 472 -45.80 -45.41 -46.78
N ARG E 473 -46.75 -46.26 -46.38
CA ARG E 473 -46.55 -47.73 -46.38
C ARG E 473 -46.37 -48.22 -47.82
N ILE E 474 -47.16 -47.69 -48.74
CA ILE E 474 -47.08 -48.03 -50.19
C ILE E 474 -45.75 -47.53 -50.72
N LEU E 475 -45.32 -46.32 -50.34
CA LEU E 475 -44.04 -45.74 -50.83
C LEU E 475 -42.87 -46.59 -50.34
N ALA E 476 -42.89 -47.01 -49.07
CA ALA E 476 -41.89 -47.94 -48.48
C ALA E 476 -41.79 -49.18 -49.37
N HIS E 477 -42.95 -49.82 -49.61
CA HIS E 477 -43.08 -51.09 -50.36
C HIS E 477 -42.45 -50.96 -51.75
N LEU E 478 -42.65 -49.84 -52.43
CA LEU E 478 -42.27 -49.66 -53.86
C LEU E 478 -40.83 -49.20 -54.00
N SER E 479 -40.27 -48.57 -52.95
CA SER E 479 -38.88 -48.03 -52.97
C SER E 479 -37.94 -48.94 -52.12
N HIS E 480 -38.53 -49.89 -51.39
CA HIS E 480 -37.83 -50.85 -50.48
C HIS E 480 -36.96 -50.08 -49.48
N ASP E 481 -37.29 -48.82 -49.19
CA ASP E 481 -36.44 -47.92 -48.36
C ASP E 481 -36.38 -48.47 -46.93
N ARG E 482 -35.19 -48.94 -46.54
CA ARG E 482 -34.90 -49.61 -45.24
C ARG E 482 -35.15 -48.65 -44.07
N ARG E 483 -34.81 -47.35 -44.20
CA ARG E 483 -34.99 -46.32 -43.14
C ARG E 483 -36.49 -46.08 -42.88
N LEU E 484 -37.30 -45.95 -43.93
CA LEU E 484 -38.76 -45.65 -43.79
C LEU E 484 -39.45 -46.88 -43.19
N ILE E 485 -39.03 -48.10 -43.58
CA ILE E 485 -39.55 -49.39 -43.05
C ILE E 485 -39.29 -49.47 -41.53
N GLN E 486 -38.07 -49.15 -41.07
CA GLN E 486 -37.73 -49.16 -39.61
C GLN E 486 -38.70 -48.22 -38.88
N VAL E 487 -38.78 -46.97 -39.33
CA VAL E 487 -39.61 -45.90 -38.70
C VAL E 487 -41.03 -46.42 -38.49
N LEU E 488 -41.66 -46.96 -39.55
CA LEU E 488 -43.07 -47.47 -39.54
C LEU E 488 -43.20 -48.69 -38.61
N ASN E 489 -42.21 -49.61 -38.63
CA ASN E 489 -42.21 -50.90 -37.89
C ASN E 489 -42.29 -50.68 -36.36
N THR E 490 -41.57 -49.71 -35.81
CA THR E 490 -41.44 -49.44 -34.34
C THR E 490 -41.78 -47.97 -34.03
N GLY E 491 -41.17 -47.01 -34.72
CA GLY E 491 -41.20 -45.57 -34.42
C GLY E 491 -42.60 -45.06 -34.08
N ALA E 492 -42.66 -43.98 -33.31
CA ALA E 492 -43.90 -43.25 -32.94
C ALA E 492 -44.41 -42.50 -34.18
N ASP E 493 -45.27 -41.51 -33.98
CA ASP E 493 -45.95 -40.75 -35.07
C ASP E 493 -44.95 -39.84 -35.78
N VAL E 494 -44.78 -40.01 -37.10
CA VAL E 494 -43.76 -39.31 -37.93
C VAL E 494 -44.07 -37.81 -37.90
N PHE E 495 -45.34 -37.43 -37.91
CA PHE E 495 -45.77 -36.00 -37.96
C PHE E 495 -45.43 -35.34 -36.61
N ARG E 496 -45.49 -36.12 -35.52
CA ARG E 496 -45.09 -35.66 -34.17
C ARG E 496 -43.57 -35.45 -34.13
N SER E 497 -42.77 -36.42 -34.59
CA SER E 497 -41.28 -36.31 -34.74
C SER E 497 -40.93 -35.00 -35.48
N ILE E 498 -41.54 -34.76 -36.64
CA ILE E 498 -41.28 -33.54 -37.47
C ILE E 498 -41.64 -32.29 -36.67
N ALA E 499 -42.84 -32.26 -36.06
CA ALA E 499 -43.35 -31.12 -35.26
C ALA E 499 -42.43 -30.82 -34.08
N ALA E 500 -41.91 -31.86 -33.40
CA ALA E 500 -41.05 -31.78 -32.19
C ALA E 500 -39.71 -31.15 -32.57
N GLU E 501 -38.94 -31.78 -33.47
CA GLU E 501 -37.67 -31.25 -34.03
C GLU E 501 -37.86 -29.78 -34.42
N TRP E 502 -38.93 -29.48 -35.15
CA TRP E 502 -39.24 -28.15 -35.73
C TRP E 502 -39.49 -27.10 -34.64
N LYS E 503 -40.39 -27.37 -33.69
CA LYS E 503 -40.82 -26.39 -32.65
C LYS E 503 -39.98 -26.54 -31.35
N MET E 504 -38.85 -27.27 -31.39
CA MET E 504 -37.86 -27.39 -30.28
C MET E 504 -38.53 -28.01 -29.04
N ILE E 505 -39.30 -29.09 -29.19
CA ILE E 505 -40.16 -29.71 -28.12
C ILE E 505 -40.01 -31.25 -28.19
N GLU E 506 -40.53 -31.98 -27.18
CA GLU E 506 -40.71 -33.47 -27.17
C GLU E 506 -42.08 -33.80 -27.76
N PRO E 507 -42.31 -35.02 -28.28
CA PRO E 507 -43.59 -35.39 -28.93
C PRO E 507 -44.92 -34.90 -28.35
N GLU E 508 -45.07 -34.83 -27.02
CA GLU E 508 -46.37 -34.82 -26.32
C GLU E 508 -47.13 -33.48 -26.50
N SER E 509 -46.47 -32.35 -26.76
CA SER E 509 -47.04 -30.97 -26.71
C SER E 509 -47.88 -30.60 -27.95
N VAL E 510 -47.65 -31.30 -29.06
CA VAL E 510 -48.25 -31.05 -30.42
C VAL E 510 -49.78 -30.96 -30.33
N GLY E 511 -50.35 -29.83 -30.74
CA GLY E 511 -51.82 -29.67 -30.94
C GLY E 511 -52.26 -30.27 -32.27
N ASP E 512 -53.56 -30.44 -32.51
CA ASP E 512 -54.12 -30.95 -33.79
C ASP E 512 -53.63 -30.07 -34.96
N ASP E 513 -53.72 -28.75 -34.82
CA ASP E 513 -53.40 -27.78 -35.90
C ASP E 513 -51.93 -27.95 -36.28
N LEU E 514 -51.04 -28.11 -35.29
CA LEU E 514 -49.56 -28.22 -35.51
C LEU E 514 -49.25 -29.56 -36.18
N ARG E 515 -49.92 -30.64 -35.77
CA ARG E 515 -49.67 -31.99 -36.34
C ARG E 515 -50.07 -31.99 -37.82
N GLN E 516 -51.17 -31.31 -38.17
CA GLN E 516 -51.64 -31.08 -39.56
C GLN E 516 -50.59 -30.28 -40.34
N GLN E 517 -49.98 -29.24 -39.73
CA GLN E 517 -48.90 -28.45 -40.40
C GLN E 517 -47.73 -29.38 -40.74
N ALA E 518 -47.37 -30.29 -39.83
CA ALA E 518 -46.24 -31.24 -39.99
C ALA E 518 -46.60 -32.28 -41.04
N LYS E 519 -47.85 -32.72 -41.08
CA LYS E 519 -48.39 -33.67 -42.07
C LYS E 519 -48.21 -33.05 -43.47
N GLN E 520 -48.59 -31.77 -43.64
CA GLN E 520 -48.51 -31.01 -44.92
C GLN E 520 -47.04 -30.94 -45.35
N ILE E 521 -46.13 -30.69 -44.39
CA ILE E 521 -44.66 -30.59 -44.62
C ILE E 521 -44.15 -31.93 -45.15
N CYS E 522 -44.52 -33.03 -44.50
CA CYS E 522 -43.98 -34.39 -44.80
C CYS E 522 -44.44 -34.84 -46.18
N TYR E 523 -45.75 -34.83 -46.47
CA TYR E 523 -46.31 -35.22 -47.79
C TYR E 523 -45.84 -34.23 -48.86
N GLY E 524 -45.80 -32.93 -48.51
CA GLY E 524 -45.33 -31.86 -49.41
C GLY E 524 -43.95 -32.16 -49.95
N ILE E 525 -43.02 -32.39 -49.03
CA ILE E 525 -41.59 -32.66 -49.39
C ILE E 525 -41.58 -33.91 -50.27
N ILE E 526 -42.23 -35.00 -49.84
CA ILE E 526 -42.24 -36.30 -50.58
C ILE E 526 -42.74 -36.10 -52.00
N TYR E 527 -43.72 -35.21 -52.23
CA TYR E 527 -44.38 -35.11 -53.56
C TYR E 527 -43.84 -33.90 -54.32
N GLY E 528 -42.67 -33.39 -53.94
CA GLY E 528 -41.83 -32.49 -54.76
C GLY E 528 -42.00 -31.01 -54.45
N MET E 529 -42.47 -30.66 -53.26
CA MET E 529 -42.51 -29.26 -52.76
C MET E 529 -41.09 -28.70 -52.79
N GLY E 530 -40.97 -27.43 -53.19
CA GLY E 530 -39.70 -26.69 -53.32
C GLY E 530 -39.37 -25.87 -52.07
N ALA E 531 -38.14 -25.37 -52.00
CA ALA E 531 -37.63 -24.62 -50.82
C ALA E 531 -38.44 -23.33 -50.57
N LYS E 532 -38.75 -22.56 -51.61
CA LYS E 532 -39.58 -21.33 -51.48
C LYS E 532 -40.86 -21.66 -50.68
N SER E 533 -41.71 -22.58 -51.15
CA SER E 533 -42.98 -22.98 -50.46
C SER E 533 -42.67 -23.55 -49.07
N LEU E 534 -41.67 -24.41 -48.92
CA LEU E 534 -41.45 -25.07 -47.60
C LEU E 534 -41.09 -23.99 -46.58
N GLY E 535 -40.25 -23.05 -47.01
CA GLY E 535 -39.96 -21.79 -46.29
C GLY E 535 -41.19 -21.18 -45.63
N GLU E 536 -42.22 -20.81 -46.41
CA GLU E 536 -43.50 -20.21 -45.91
C GLU E 536 -44.16 -21.11 -44.87
N GLN E 537 -44.22 -22.43 -45.12
CA GLN E 537 -44.95 -23.39 -44.26
C GLN E 537 -44.21 -23.53 -42.93
N MET E 538 -42.88 -23.63 -42.97
CA MET E 538 -42.04 -23.93 -41.77
C MET E 538 -41.66 -22.62 -41.07
N GLY E 539 -41.89 -21.48 -41.72
CA GLY E 539 -41.48 -20.15 -41.24
C GLY E 539 -39.96 -20.03 -41.15
N ILE E 540 -39.24 -20.52 -42.16
CA ILE E 540 -37.75 -20.45 -42.23
C ILE E 540 -37.36 -19.90 -43.61
N LYS E 541 -36.11 -19.49 -43.75
CA LYS E 541 -35.54 -18.95 -45.01
C LYS E 541 -35.49 -20.07 -46.07
N GLU E 542 -35.65 -19.70 -47.34
CA GLU E 542 -35.59 -20.62 -48.52
C GLU E 542 -34.36 -21.53 -48.38
N ASN E 543 -33.20 -20.95 -48.07
CA ASN E 543 -31.92 -21.70 -47.88
C ASN E 543 -32.06 -22.81 -46.81
N ASP E 544 -32.69 -22.50 -45.69
CA ASP E 544 -32.86 -23.44 -44.54
C ASP E 544 -33.84 -24.51 -45.00
N ALA E 545 -34.87 -24.19 -45.77
CA ALA E 545 -35.85 -25.17 -46.28
C ALA E 545 -35.11 -26.14 -47.21
N ALA E 546 -34.24 -25.59 -48.08
CA ALA E 546 -33.49 -26.37 -49.10
C ALA E 546 -32.56 -27.34 -48.38
N CYS E 547 -31.98 -26.92 -47.24
CA CYS E 547 -31.12 -27.80 -46.40
C CYS E 547 -31.97 -28.94 -45.87
N TYR E 548 -33.17 -28.63 -45.34
CA TYR E 548 -34.13 -29.64 -44.82
C TYR E 548 -34.42 -30.66 -45.93
N ILE E 549 -34.70 -30.21 -47.17
CA ILE E 549 -34.99 -31.11 -48.33
C ILE E 549 -33.78 -32.06 -48.53
N ASP E 550 -32.56 -31.49 -48.52
CA ASP E 550 -31.31 -32.27 -48.76
C ASP E 550 -31.19 -33.35 -47.68
N SER E 551 -31.39 -33.02 -46.40
CA SER E 551 -31.35 -33.96 -45.26
C SER E 551 -32.35 -35.10 -45.51
N PHE E 552 -33.61 -34.77 -45.82
CA PHE E 552 -34.68 -35.76 -46.12
C PHE E 552 -34.16 -36.70 -47.20
N LYS E 553 -33.64 -36.19 -48.29
CA LYS E 553 -33.11 -37.02 -49.43
C LYS E 553 -31.94 -37.88 -48.92
N SER E 554 -30.91 -37.30 -48.28
CA SER E 554 -29.76 -38.06 -47.74
C SER E 554 -30.27 -39.28 -46.92
N ARG E 555 -31.34 -39.08 -46.17
CA ARG E 555 -31.83 -40.11 -45.17
C ARG E 555 -32.60 -41.19 -45.91
N TYR E 556 -33.44 -40.86 -46.92
CA TYR E 556 -34.27 -41.89 -47.63
C TYR E 556 -33.82 -41.99 -49.11
N THR E 557 -32.69 -42.68 -49.29
CA THR E 557 -31.99 -42.84 -50.59
C THR E 557 -32.88 -43.70 -51.49
N GLY E 558 -33.51 -44.75 -50.94
CA GLY E 558 -34.44 -45.63 -51.68
C GLY E 558 -35.53 -44.82 -52.36
N ILE E 559 -36.19 -43.96 -51.59
CA ILE E 559 -37.33 -43.10 -52.08
C ILE E 559 -36.79 -42.27 -53.24
N ASN E 560 -35.64 -41.59 -53.00
CA ASN E 560 -35.06 -40.64 -54.01
C ASN E 560 -34.81 -41.39 -55.33
N GLN E 561 -34.37 -42.67 -55.28
CA GLN E 561 -34.13 -43.46 -56.50
C GLN E 561 -35.49 -43.69 -57.17
N PHE E 562 -36.44 -44.23 -56.43
CA PHE E 562 -37.80 -44.57 -56.92
C PHE E 562 -38.38 -43.37 -57.68
N MET E 563 -38.14 -42.15 -57.18
CA MET E 563 -38.60 -40.89 -57.87
C MET E 563 -37.90 -40.81 -59.24
N THR E 564 -36.56 -41.01 -59.33
CA THR E 564 -35.86 -40.83 -60.63
C THR E 564 -36.21 -42.00 -61.57
N GLU E 565 -36.41 -43.20 -61.03
CA GLU E 565 -36.76 -44.44 -61.77
C GLU E 565 -38.19 -44.34 -62.31
N THR E 566 -39.07 -43.64 -61.59
CA THR E 566 -40.49 -43.43 -61.99
C THR E 566 -40.55 -42.36 -63.07
N VAL E 567 -39.75 -41.29 -62.95
CA VAL E 567 -39.71 -40.20 -63.96
C VAL E 567 -39.09 -40.74 -65.26
N LYS E 568 -37.98 -41.47 -65.19
CA LYS E 568 -37.32 -42.09 -66.36
C LYS E 568 -38.35 -42.96 -67.11
N ASN E 569 -39.04 -43.84 -66.40
CA ASN E 569 -39.98 -44.83 -67.00
C ASN E 569 -41.20 -44.12 -67.56
N CYS E 570 -41.64 -43.00 -66.95
CA CYS E 570 -42.80 -42.21 -67.44
C CYS E 570 -42.46 -41.54 -68.77
N LYS E 571 -41.28 -40.90 -68.84
CA LYS E 571 -40.77 -40.16 -70.03
C LYS E 571 -40.79 -41.10 -71.24
N ARG E 572 -40.29 -42.34 -71.06
CA ARG E 572 -40.25 -43.45 -72.05
C ARG E 572 -41.66 -43.83 -72.51
N ASP E 573 -42.58 -44.11 -71.59
CA ASP E 573 -43.87 -44.82 -71.84
C ASP E 573 -45.02 -43.85 -72.10
N GLY E 574 -44.93 -42.62 -71.61
CA GLY E 574 -46.03 -41.62 -71.67
C GLY E 574 -47.08 -41.82 -70.60
N PHE E 575 -46.86 -42.72 -69.62
CA PHE E 575 -47.82 -43.03 -68.54
C PHE E 575 -47.11 -43.58 -67.29
N VAL E 576 -47.84 -43.64 -66.18
CA VAL E 576 -47.47 -44.38 -64.93
C VAL E 576 -48.59 -45.37 -64.62
N GLN E 577 -48.29 -46.39 -63.81
CA GLN E 577 -49.25 -47.45 -63.42
C GLN E 577 -49.33 -47.55 -61.91
N THR E 578 -50.51 -47.86 -61.40
CA THR E 578 -50.77 -48.11 -59.96
C THR E 578 -50.49 -49.58 -59.66
N ILE E 579 -50.64 -49.97 -58.39
CA ILE E 579 -50.44 -51.36 -57.90
C ILE E 579 -51.36 -52.34 -58.66
N LEU E 580 -52.52 -51.91 -59.15
CA LEU E 580 -53.50 -52.83 -59.82
C LEU E 580 -53.39 -52.76 -61.35
N GLY E 581 -52.56 -51.87 -61.91
CA GLY E 581 -52.28 -51.83 -63.36
C GLY E 581 -52.97 -50.68 -64.07
N ARG E 582 -53.74 -49.85 -63.36
CA ARG E 582 -54.42 -48.68 -63.98
C ARG E 582 -53.35 -47.70 -64.46
N ARG E 583 -53.58 -47.07 -65.62
CA ARG E 583 -52.60 -46.20 -66.31
C ARG E 583 -53.09 -44.77 -66.30
N ARG E 584 -52.21 -43.83 -65.99
CA ARG E 584 -52.52 -42.40 -66.15
C ARG E 584 -51.54 -41.85 -67.18
N TYR E 585 -52.08 -41.21 -68.21
CA TYR E 585 -51.29 -40.66 -69.33
C TYR E 585 -50.86 -39.24 -68.95
N LEU E 586 -49.56 -38.96 -69.00
CA LEU E 586 -48.92 -37.70 -68.56
C LEU E 586 -48.01 -37.20 -69.68
N PRO E 587 -48.60 -36.72 -70.80
CA PRO E 587 -47.82 -36.25 -71.95
C PRO E 587 -47.06 -34.93 -71.68
N GLY E 588 -47.39 -34.24 -70.59
CA GLY E 588 -46.59 -33.12 -70.04
C GLY E 588 -45.17 -33.55 -69.68
N ILE E 589 -44.94 -34.85 -69.46
CA ILE E 589 -43.61 -35.41 -69.05
C ILE E 589 -42.55 -35.09 -70.13
N LYS E 590 -42.92 -35.04 -71.41
CA LYS E 590 -41.98 -34.79 -72.54
C LYS E 590 -41.83 -33.27 -72.77
N ASP E 591 -42.77 -32.47 -72.29
CA ASP E 591 -42.86 -31.00 -72.55
C ASP E 591 -41.51 -30.32 -72.23
N ASN E 592 -41.15 -29.34 -73.05
CA ASN E 592 -39.88 -28.57 -73.01
C ASN E 592 -39.98 -27.50 -71.91
N ASN E 593 -41.19 -26.93 -71.74
CA ASN E 593 -41.49 -25.94 -70.68
C ASN E 593 -41.09 -26.52 -69.33
N PRO E 594 -40.21 -25.85 -68.55
CA PRO E 594 -39.78 -26.37 -67.25
C PRO E 594 -40.91 -26.64 -66.25
N TYR E 595 -41.92 -25.76 -66.13
CA TYR E 595 -43.04 -25.95 -65.17
C TYR E 595 -43.82 -27.21 -65.54
N ARG E 596 -44.41 -27.24 -66.74
CA ARG E 596 -45.26 -28.35 -67.21
C ARG E 596 -44.51 -29.68 -67.05
N LYS E 597 -43.21 -29.71 -67.36
CA LYS E 597 -42.38 -30.95 -67.20
C LYS E 597 -42.36 -31.34 -65.71
N ALA E 598 -42.01 -30.41 -64.83
CA ALA E 598 -41.84 -30.67 -63.38
C ALA E 598 -43.20 -31.08 -62.78
N HIS E 599 -44.29 -30.44 -63.19
CA HIS E 599 -45.69 -30.75 -62.74
C HIS E 599 -45.99 -32.22 -63.06
N ALA E 600 -45.74 -32.63 -64.30
CA ALA E 600 -45.94 -34.00 -64.80
C ALA E 600 -45.10 -34.99 -63.99
N GLU E 601 -43.84 -34.67 -63.71
CA GLU E 601 -42.93 -35.55 -62.91
C GLU E 601 -43.56 -35.74 -61.52
N ARG E 602 -44.11 -34.67 -60.93
CA ARG E 602 -44.72 -34.69 -59.58
C ARG E 602 -46.00 -35.52 -59.64
N GLN E 603 -46.81 -35.34 -60.68
CA GLN E 603 -48.03 -36.15 -60.93
C GLN E 603 -47.64 -37.62 -61.11
N ALA E 604 -46.53 -37.89 -61.78
CA ALA E 604 -46.07 -39.26 -62.05
C ALA E 604 -45.88 -39.97 -60.72
N ILE E 605 -45.07 -39.38 -59.83
CA ILE E 605 -44.73 -39.96 -58.50
C ILE E 605 -46.02 -40.06 -57.69
N ASN E 606 -46.78 -38.99 -57.60
CA ASN E 606 -47.95 -38.91 -56.69
C ASN E 606 -49.06 -39.87 -57.17
N THR E 607 -49.27 -39.98 -58.48
CA THR E 607 -50.33 -40.83 -59.04
C THR E 607 -50.07 -42.28 -58.62
N ILE E 608 -48.84 -42.77 -58.74
CA ILE E 608 -48.54 -44.18 -58.37
C ILE E 608 -48.94 -44.41 -56.92
N VAL E 609 -48.56 -43.53 -55.99
CA VAL E 609 -48.74 -43.78 -54.52
C VAL E 609 -50.20 -43.54 -54.15
N GLN E 610 -50.75 -42.38 -54.51
CA GLN E 610 -52.13 -41.98 -54.16
C GLN E 610 -53.12 -42.91 -54.89
N GLY E 611 -52.86 -43.23 -56.15
CA GLY E 611 -53.72 -44.15 -56.95
C GLY E 611 -53.71 -45.57 -56.39
N SER E 612 -52.55 -46.05 -55.97
CA SER E 612 -52.40 -47.37 -55.34
C SER E 612 -53.21 -47.42 -54.03
N ALA E 613 -53.16 -46.36 -53.22
CA ALA E 613 -53.89 -46.28 -51.94
C ALA E 613 -55.38 -46.36 -52.22
N ALA E 614 -55.83 -45.70 -53.27
CA ALA E 614 -57.25 -45.64 -53.66
C ALA E 614 -57.71 -47.03 -54.10
N ASP E 615 -56.84 -47.79 -54.78
CA ASP E 615 -57.09 -49.20 -55.19
C ASP E 615 -57.27 -50.07 -53.94
N ILE E 616 -56.40 -49.92 -52.94
CA ILE E 616 -56.42 -50.76 -51.71
C ILE E 616 -57.74 -50.50 -50.96
N VAL E 617 -58.18 -49.25 -50.88
CA VAL E 617 -59.39 -48.88 -50.10
C VAL E 617 -60.61 -49.44 -50.82
N LYS E 618 -60.65 -49.34 -52.15
CA LYS E 618 -61.73 -49.93 -52.98
C LYS E 618 -61.81 -51.44 -52.73
N ILE E 619 -60.69 -52.13 -52.78
CA ILE E 619 -60.66 -53.61 -52.56
C ILE E 619 -61.20 -53.88 -51.16
N ALA E 620 -60.74 -53.13 -50.15
CA ALA E 620 -61.21 -53.27 -48.75
C ALA E 620 -62.72 -53.11 -48.70
N THR E 621 -63.23 -52.07 -49.34
CA THR E 621 -64.67 -51.71 -49.31
C THR E 621 -65.47 -52.89 -49.84
N VAL E 622 -65.04 -53.41 -50.98
CA VAL E 622 -65.74 -54.49 -51.73
C VAL E 622 -65.72 -55.76 -50.87
N ASN E 623 -64.58 -56.09 -50.29
CA ASN E 623 -64.38 -57.32 -49.48
C ASN E 623 -65.17 -57.23 -48.18
N ILE E 624 -65.28 -56.04 -47.57
CA ILE E 624 -66.12 -55.84 -46.35
C ILE E 624 -67.58 -56.09 -46.73
N GLN E 625 -68.03 -55.53 -47.83
CA GLN E 625 -69.46 -55.63 -48.27
C GLN E 625 -69.82 -57.10 -48.48
N LYS E 626 -68.96 -57.90 -49.14
CA LYS E 626 -69.18 -59.35 -49.34
C LYS E 626 -69.40 -60.01 -47.97
N GLN E 627 -68.46 -59.82 -47.03
CA GLN E 627 -68.53 -60.38 -45.65
C GLN E 627 -69.83 -59.96 -44.97
N LEU E 628 -70.18 -58.68 -45.00
CA LEU E 628 -71.40 -58.16 -44.30
C LEU E 628 -72.62 -58.90 -44.84
N GLU E 629 -72.67 -59.20 -46.13
CA GLU E 629 -73.84 -59.79 -46.81
C GLU E 629 -73.93 -61.31 -46.52
N THR E 630 -72.83 -61.98 -46.11
CA THR E 630 -72.87 -63.41 -45.73
C THR E 630 -73.54 -63.53 -44.36
N PHE E 631 -73.11 -62.72 -43.40
CA PHE E 631 -73.64 -62.69 -42.02
C PHE E 631 -74.99 -61.95 -42.03
N HIS E 632 -75.47 -61.58 -43.22
CA HIS E 632 -76.67 -60.72 -43.47
C HIS E 632 -77.93 -61.60 -43.40
N SER E 633 -78.48 -61.76 -42.19
CA SER E 633 -79.90 -62.17 -41.95
C SER E 633 -80.82 -60.96 -42.07
N THR E 634 -80.48 -59.99 -42.93
CA THR E 634 -81.08 -58.62 -42.95
C THR E 634 -80.76 -57.86 -44.25
N PHE E 635 -81.31 -56.65 -44.38
CA PHE E 635 -81.36 -55.85 -45.62
C PHE E 635 -79.98 -55.25 -45.89
N LYS E 636 -79.56 -55.21 -47.16
CA LYS E 636 -78.16 -54.82 -47.53
C LYS E 636 -78.02 -53.30 -47.53
N SER E 637 -79.11 -52.53 -47.41
CA SER E 637 -79.11 -51.04 -47.37
C SER E 637 -80.42 -50.58 -46.75
N HIS E 638 -80.48 -49.36 -46.26
CA HIS E 638 -81.75 -48.73 -45.83
C HIS E 638 -82.73 -48.68 -47.00
N GLY E 639 -82.25 -48.49 -48.24
CA GLY E 639 -83.10 -48.45 -49.43
C GLY E 639 -83.84 -49.76 -49.62
N HIS E 640 -83.15 -50.88 -49.41
CA HIS E 640 -83.74 -52.24 -49.52
C HIS E 640 -84.94 -52.37 -48.56
N ARG E 641 -85.08 -51.54 -47.51
CA ARG E 641 -86.32 -51.51 -46.68
C ARG E 641 -87.37 -50.58 -47.30
N GLU E 642 -87.02 -49.35 -47.68
CA GLU E 642 -87.91 -48.44 -48.47
C GLU E 642 -88.53 -49.21 -49.64
N CYS E 663 -89.08 -55.39 -35.89
CA CYS E 663 -87.99 -55.93 -36.77
C CYS E 663 -86.81 -54.95 -36.78
N PRO E 664 -86.00 -54.89 -35.69
CA PRO E 664 -84.97 -53.85 -35.55
C PRO E 664 -83.90 -53.88 -36.65
N ILE E 665 -83.17 -52.78 -36.81
CA ILE E 665 -82.02 -52.71 -37.78
C ILE E 665 -80.86 -53.53 -37.24
N ARG E 666 -80.28 -54.37 -38.10
CA ARG E 666 -79.09 -55.19 -37.80
C ARG E 666 -78.07 -54.96 -38.91
N GLY E 667 -76.79 -55.09 -38.56
CA GLY E 667 -75.66 -55.04 -39.49
C GLY E 667 -75.02 -53.66 -39.58
N GLY E 668 -74.24 -53.48 -40.65
CA GLY E 668 -73.39 -52.31 -40.88
C GLY E 668 -73.72 -51.72 -42.24
N PHE E 669 -73.86 -50.41 -42.29
CA PHE E 669 -74.29 -49.65 -43.50
C PHE E 669 -73.16 -48.69 -43.85
N PHE E 670 -72.59 -48.85 -45.04
CA PHE E 670 -71.56 -47.95 -45.60
C PHE E 670 -72.17 -46.57 -45.77
N ILE E 671 -71.66 -45.57 -45.05
CA ILE E 671 -72.27 -44.20 -45.09
C ILE E 671 -71.32 -43.17 -45.69
N LEU E 672 -70.01 -43.36 -45.65
CA LEU E 672 -69.07 -42.33 -46.18
C LEU E 672 -67.69 -42.93 -46.45
N GLN E 673 -67.06 -42.45 -47.50
CA GLN E 673 -65.64 -42.76 -47.79
C GLN E 673 -64.86 -41.47 -47.64
N LEU E 674 -63.70 -41.54 -46.98
CA LEU E 674 -62.79 -40.40 -46.74
C LEU E 674 -61.36 -40.75 -47.16
N HIS E 675 -61.19 -41.35 -48.32
CA HIS E 675 -59.90 -41.55 -49.05
C HIS E 675 -59.07 -42.67 -48.41
N ASP E 676 -58.77 -42.60 -47.12
CA ASP E 676 -58.03 -43.68 -46.43
C ASP E 676 -58.86 -44.19 -45.24
N GLU E 677 -60.16 -43.88 -45.24
CA GLU E 677 -61.03 -44.07 -44.06
C GLU E 677 -62.43 -44.46 -44.52
N LEU E 678 -63.05 -45.48 -43.91
CA LEU E 678 -64.43 -45.93 -44.22
C LEU E 678 -65.29 -45.67 -43.00
N LEU E 679 -66.46 -45.08 -43.18
CA LEU E 679 -67.47 -44.91 -42.10
C LEU E 679 -68.64 -45.86 -42.37
N TYR E 680 -69.03 -46.58 -41.32
CA TYR E 680 -70.23 -47.44 -41.30
C TYR E 680 -71.10 -47.00 -40.13
N GLU E 681 -72.41 -47.06 -40.36
CA GLU E 681 -73.46 -46.90 -39.32
C GLU E 681 -73.81 -48.33 -38.89
N VAL E 682 -73.74 -48.65 -37.59
CA VAL E 682 -73.81 -50.07 -37.14
C VAL E 682 -74.78 -50.19 -35.97
N ALA E 683 -75.65 -51.22 -36.01
CA ALA E 683 -76.59 -51.55 -34.92
C ALA E 683 -75.78 -51.89 -33.66
N GLU E 684 -76.24 -51.44 -32.49
CA GLU E 684 -75.56 -51.64 -31.17
C GLU E 684 -75.03 -53.09 -31.03
N GLU E 685 -75.88 -54.07 -31.32
CA GLU E 685 -75.63 -55.54 -31.15
C GLU E 685 -74.47 -55.98 -32.04
N ASP E 686 -74.20 -55.26 -33.12
CA ASP E 686 -73.35 -55.83 -34.21
C ASP E 686 -72.00 -55.12 -34.25
N VAL E 687 -71.74 -54.16 -33.36
CA VAL E 687 -70.55 -53.27 -33.51
C VAL E 687 -69.27 -54.08 -33.30
N VAL E 688 -69.24 -55.04 -32.39
CA VAL E 688 -68.03 -55.86 -32.14
C VAL E 688 -67.70 -56.64 -33.42
N GLN E 689 -68.67 -57.34 -33.99
CA GLN E 689 -68.49 -58.25 -35.15
C GLN E 689 -68.12 -57.42 -36.40
N VAL E 690 -68.82 -56.32 -36.64
CA VAL E 690 -68.56 -55.43 -37.82
C VAL E 690 -67.15 -54.80 -37.68
N ALA E 691 -66.74 -54.40 -36.47
CA ALA E 691 -65.41 -53.80 -36.23
C ALA E 691 -64.31 -54.82 -36.59
N GLN E 692 -64.50 -56.08 -36.21
CA GLN E 692 -63.56 -57.21 -36.51
C GLN E 692 -63.46 -57.39 -38.02
N ILE E 693 -64.60 -57.53 -38.70
CA ILE E 693 -64.70 -57.72 -40.18
C ILE E 693 -63.99 -56.56 -40.88
N VAL E 694 -64.31 -55.32 -40.51
CA VAL E 694 -63.78 -54.09 -41.18
C VAL E 694 -62.26 -54.09 -41.05
N LYS E 695 -61.73 -54.28 -39.83
CA LYS E 695 -60.28 -54.24 -39.53
C LYS E 695 -59.57 -55.37 -40.27
N ASN E 696 -60.08 -56.59 -40.14
CA ASN E 696 -59.47 -57.79 -40.77
C ASN E 696 -59.37 -57.57 -42.29
N GLU E 697 -60.46 -57.14 -42.93
CA GLU E 697 -60.54 -56.99 -44.41
C GLU E 697 -59.68 -55.83 -44.89
N MET E 698 -59.53 -54.77 -44.09
CA MET E 698 -58.70 -53.58 -44.49
C MET E 698 -57.22 -53.97 -44.38
N GLU E 699 -56.84 -54.75 -43.35
CA GLU E 699 -55.43 -55.22 -43.09
C GLU E 699 -55.00 -56.29 -44.10
N SER E 700 -55.95 -57.04 -44.65
CA SER E 700 -55.74 -58.16 -45.62
C SER E 700 -55.98 -57.71 -47.07
N ALA E 701 -56.33 -56.44 -47.33
CA ALA E 701 -56.76 -55.98 -48.68
C ALA E 701 -55.72 -56.41 -49.73
N VAL E 702 -54.44 -56.13 -49.45
CA VAL E 702 -53.27 -56.54 -50.29
C VAL E 702 -52.13 -56.92 -49.33
N LYS E 703 -51.14 -57.67 -49.80
CA LYS E 703 -49.92 -58.03 -49.04
C LYS E 703 -48.76 -57.18 -49.58
N LEU E 704 -48.19 -56.31 -48.73
CA LEU E 704 -47.02 -55.45 -49.04
C LEU E 704 -45.81 -55.92 -48.21
N SER E 705 -44.67 -55.25 -48.40
CA SER E 705 -43.41 -55.44 -47.63
C SER E 705 -43.65 -55.11 -46.15
N VAL E 706 -44.61 -54.23 -45.88
CA VAL E 706 -44.97 -53.73 -44.52
C VAL E 706 -46.40 -54.15 -44.19
N LYS E 707 -46.73 -54.23 -42.90
CA LYS E 707 -48.11 -54.47 -42.41
C LYS E 707 -48.94 -53.21 -42.67
N LEU E 708 -50.17 -53.41 -43.15
CA LEU E 708 -51.21 -52.35 -43.24
C LEU E 708 -51.83 -52.22 -41.87
N LYS E 709 -51.46 -51.19 -41.11
CA LYS E 709 -52.00 -50.90 -39.76
C LYS E 709 -53.36 -50.22 -39.91
N VAL E 710 -54.35 -50.62 -39.11
CA VAL E 710 -55.72 -50.02 -39.12
C VAL E 710 -56.11 -49.64 -37.69
N LYS E 711 -56.48 -48.37 -37.45
CA LYS E 711 -57.14 -47.87 -36.23
C LYS E 711 -58.66 -47.84 -36.49
N VAL E 712 -59.42 -48.40 -35.56
CA VAL E 712 -60.91 -48.35 -35.54
C VAL E 712 -61.34 -47.42 -34.40
N LYS E 713 -62.31 -46.55 -34.67
CA LYS E 713 -62.96 -45.67 -33.66
C LYS E 713 -64.47 -45.90 -33.76
N ILE E 714 -65.20 -45.51 -32.73
CA ILE E 714 -66.66 -45.76 -32.59
C ILE E 714 -67.26 -44.64 -31.75
N GLY E 715 -68.53 -44.28 -32.01
CA GLY E 715 -69.14 -43.18 -31.27
C GLY E 715 -70.55 -42.86 -31.71
N ALA E 716 -71.15 -41.89 -31.01
CA ALA E 716 -72.56 -41.47 -31.18
C ALA E 716 -72.66 -40.42 -32.28
N SER E 717 -71.53 -40.01 -32.84
CA SER E 717 -71.45 -39.06 -33.97
C SER E 717 -70.06 -39.14 -34.59
N TRP E 718 -69.94 -38.64 -35.81
CA TRP E 718 -68.66 -38.56 -36.57
C TRP E 718 -67.70 -37.67 -35.76
N GLY E 719 -68.24 -36.72 -35.01
CA GLY E 719 -67.44 -35.73 -34.26
C GLY E 719 -66.95 -36.28 -32.94
N GLU E 720 -67.59 -37.29 -32.36
CA GLU E 720 -67.25 -37.82 -31.00
C GLU E 720 -66.81 -39.29 -31.12
N LEU E 721 -65.86 -39.60 -31.98
CA LEU E 721 -65.39 -40.99 -32.17
C LEU E 721 -64.32 -41.26 -31.12
N LYS E 722 -64.37 -42.44 -30.49
CA LYS E 722 -63.39 -42.87 -29.47
C LYS E 722 -62.66 -44.11 -30.00
N ASP E 723 -61.35 -44.20 -29.74
CA ASP E 723 -60.51 -45.39 -29.99
C ASP E 723 -61.22 -46.63 -29.45
N PHE E 724 -61.19 -47.70 -30.22
CA PHE E 724 -61.84 -49.00 -29.92
C PHE E 724 -60.88 -50.10 -30.34
N ASP E 725 -60.26 -50.77 -29.36
CA ASP E 725 -59.26 -51.86 -29.58
C ASP E 725 -60.01 -53.10 -30.04
N VAL E 726 -59.72 -53.62 -31.24
CA VAL E 726 -60.40 -54.82 -31.81
C VAL E 726 -59.40 -55.98 -31.87
N SER F 5 -21.61 -67.22 39.59
CA SER F 5 -22.84 -66.45 39.20
C SER F 5 -22.49 -64.98 38.93
N LEU F 6 -23.15 -64.36 37.93
CA LEU F 6 -22.91 -62.93 37.55
C LEU F 6 -23.33 -62.05 38.71
N SER F 7 -22.44 -61.16 39.16
CA SER F 7 -22.69 -60.15 40.21
C SER F 7 -22.42 -58.74 39.70
N ILE F 8 -23.33 -57.83 39.99
CA ILE F 8 -23.24 -56.39 39.70
C ILE F 8 -23.09 -55.64 41.03
N ILE F 9 -21.91 -55.06 41.26
CA ILE F 9 -21.60 -54.25 42.47
C ILE F 9 -21.89 -52.79 42.12
N ASP F 10 -22.92 -52.22 42.77
CA ASP F 10 -23.29 -50.79 42.63
C ASP F 10 -22.38 -49.95 43.53
N VAL F 11 -21.25 -49.51 42.98
CA VAL F 11 -20.11 -48.90 43.75
C VAL F 11 -20.56 -47.58 44.37
N ALA F 12 -21.53 -46.87 43.76
CA ALA F 12 -21.98 -45.54 44.22
C ALA F 12 -23.10 -45.64 45.26
N SER F 13 -23.41 -46.83 45.75
CA SER F 13 -24.51 -47.04 46.74
C SER F 13 -23.99 -46.74 48.15
N ASP F 14 -22.68 -46.72 48.34
CA ASP F 14 -22.05 -46.56 49.67
C ASP F 14 -20.65 -45.95 49.49
N GLN F 15 -20.40 -44.81 50.18
CA GLN F 15 -19.12 -44.03 50.17
C GLN F 15 -17.95 -44.99 50.36
N ASN F 16 -18.04 -45.89 51.33
CA ASN F 16 -16.95 -46.81 51.74
C ASN F 16 -16.64 -47.80 50.60
N LEU F 17 -17.67 -48.39 50.00
CA LEU F 17 -17.55 -49.36 48.87
C LEU F 17 -16.92 -48.63 47.67
N PHE F 18 -17.35 -47.39 47.45
CA PHE F 18 -16.90 -46.52 46.33
C PHE F 18 -15.38 -46.31 46.36
N GLN F 19 -14.84 -45.92 47.52
CA GLN F 19 -13.39 -45.59 47.71
C GLN F 19 -12.58 -46.88 47.55
N THR F 20 -13.08 -48.01 48.10
CA THR F 20 -12.43 -49.34 47.94
C THR F 20 -12.32 -49.66 46.45
N PHE F 21 -13.44 -49.51 45.72
CA PHE F 21 -13.50 -49.70 44.25
C PHE F 21 -12.49 -48.76 43.57
N ILE F 22 -12.48 -47.47 43.95
CA ILE F 22 -11.61 -46.47 43.26
C ILE F 22 -10.17 -46.85 43.50
N LYS F 23 -9.80 -47.18 44.74
CA LYS F 23 -8.41 -47.60 45.08
C LYS F 23 -8.02 -48.80 44.21
N GLU F 24 -8.85 -49.86 44.16
CA GLU F 24 -8.57 -51.08 43.33
C GLU F 24 -8.45 -50.68 41.85
N TRP F 25 -9.43 -49.94 41.33
CA TRP F 25 -9.44 -49.54 39.91
C TRP F 25 -8.12 -48.85 39.57
N ARG F 26 -7.61 -47.96 40.43
CA ARG F 26 -6.43 -47.10 40.11
C ARG F 26 -5.20 -48.02 39.99
N CYS F 27 -5.19 -49.23 40.60
CA CYS F 27 -3.96 -50.04 40.39
C CYS F 27 -4.08 -51.04 39.22
N LYS F 28 -5.17 -51.04 38.45
CA LYS F 28 -5.37 -52.10 37.41
C LYS F 28 -4.62 -51.72 36.13
N LYS F 29 -3.94 -52.68 35.51
CA LYS F 29 -3.24 -52.47 34.23
C LYS F 29 -4.18 -52.90 33.09
N ARG F 30 -5.30 -53.57 33.35
CA ARG F 30 -6.24 -54.01 32.29
C ARG F 30 -7.66 -54.05 32.85
N PHE F 31 -8.61 -53.52 32.11
CA PHE F 31 -10.05 -53.62 32.44
C PHE F 31 -10.84 -53.30 31.19
N SER F 32 -12.10 -53.70 31.24
CA SER F 32 -13.10 -53.41 30.20
C SER F 32 -14.02 -52.34 30.76
N ILE F 33 -14.59 -51.50 29.91
CA ILE F 33 -15.73 -50.64 30.30
C ILE F 33 -16.78 -50.81 29.22
N SER F 34 -18.01 -50.62 29.65
CA SER F 34 -19.18 -50.57 28.75
C SER F 34 -20.11 -49.47 29.26
N LEU F 35 -20.51 -48.59 28.36
CA LEU F 35 -21.43 -47.46 28.66
C LEU F 35 -22.85 -48.00 28.73
N ALA F 36 -23.63 -47.49 29.68
CA ALA F 36 -25.06 -47.83 29.84
C ALA F 36 -25.85 -46.65 29.26
N CYS F 37 -26.52 -46.86 28.15
CA CYS F 37 -27.49 -45.90 27.56
C CYS F 37 -28.90 -46.49 27.71
N GLU F 38 -29.86 -45.63 28.07
CA GLU F 38 -31.32 -45.91 28.16
C GLU F 38 -32.10 -44.81 27.45
N LYS F 39 -33.32 -45.12 27.02
CA LYS F 39 -34.30 -44.13 26.51
C LYS F 39 -34.89 -43.40 27.72
N ILE F 40 -35.26 -42.13 27.52
CA ILE F 40 -35.78 -41.24 28.60
C ILE F 40 -37.10 -41.80 29.17
N ARG F 67 -30.03 -32.75 33.04
CA ARG F 67 -31.06 -33.65 33.62
C ARG F 67 -30.46 -34.40 34.81
N ASP F 68 -31.30 -34.83 35.77
CA ASP F 68 -30.88 -35.53 37.00
C ASP F 68 -30.58 -37.01 36.70
N ASP F 69 -31.09 -37.53 35.58
CA ASP F 69 -31.17 -38.99 35.33
C ASP F 69 -30.13 -39.44 34.30
N GLY F 70 -29.24 -38.53 33.84
CA GLY F 70 -28.03 -38.87 33.06
C GLY F 70 -27.73 -37.83 31.99
N PHE F 71 -26.78 -38.13 31.10
CA PHE F 71 -26.20 -37.20 30.10
C PHE F 71 -26.84 -37.42 28.72
N PRO F 72 -27.53 -36.41 28.14
CA PRO F 72 -27.94 -36.50 26.74
C PRO F 72 -26.79 -36.86 25.79
N ILE F 73 -27.11 -37.59 24.73
CA ILE F 73 -26.18 -38.02 23.66
C ILE F 73 -26.36 -37.09 22.46
N LYS F 74 -25.28 -36.55 21.89
CA LYS F 74 -25.30 -35.70 20.69
C LYS F 74 -25.84 -36.51 19.50
N GLY F 75 -27.00 -36.10 18.97
CA GLY F 75 -27.62 -36.69 17.77
C GLY F 75 -28.86 -37.49 18.05
N CYS F 76 -29.16 -37.75 19.34
CA CYS F 76 -30.30 -38.58 19.80
C CYS F 76 -31.04 -37.87 20.96
N ASP F 77 -32.22 -37.30 20.68
CA ASP F 77 -33.04 -36.58 21.70
C ASP F 77 -33.72 -37.60 22.63
N ASP F 78 -33.45 -38.89 22.44
CA ASP F 78 -34.26 -40.02 23.01
C ASP F 78 -33.55 -40.73 24.18
N THR F 79 -32.21 -40.78 24.12
CA THR F 79 -31.31 -41.69 24.89
C THR F 79 -30.39 -40.89 25.82
N LEU F 80 -30.11 -41.45 27.01
CA LEU F 80 -29.18 -40.89 28.01
C LEU F 80 -28.07 -41.89 28.33
N VAL F 81 -26.85 -41.43 28.54
CA VAL F 81 -25.79 -42.19 29.26
C VAL F 81 -26.16 -42.11 30.75
N VAL F 82 -26.47 -43.24 31.37
CA VAL F 82 -26.92 -43.30 32.80
C VAL F 82 -25.78 -43.85 33.67
N GLY F 83 -24.78 -44.48 33.06
CA GLY F 83 -23.67 -45.04 33.83
C GLY F 83 -22.72 -45.80 32.95
N LEU F 84 -21.82 -46.55 33.56
CA LEU F 84 -20.91 -47.48 32.85
C LEU F 84 -20.55 -48.62 33.80
N ALA F 85 -20.17 -49.76 33.24
CA ALA F 85 -19.75 -50.96 33.98
C ALA F 85 -18.27 -51.19 33.71
N VAL F 86 -17.56 -51.67 34.73
CA VAL F 86 -16.11 -51.96 34.68
C VAL F 86 -15.93 -53.43 35.03
N CYS F 87 -15.07 -54.12 34.30
CA CYS F 87 -14.73 -55.51 34.61
C CYS F 87 -13.24 -55.69 34.51
N TRP F 88 -12.64 -56.37 35.48
CA TRP F 88 -11.18 -56.69 35.44
C TRP F 88 -10.94 -58.16 35.81
N GLY F 89 -11.92 -59.03 35.59
CA GLY F 89 -11.77 -60.48 35.79
C GLY F 89 -13.04 -61.15 36.26
N GLY F 90 -13.15 -62.45 36.01
CA GLY F 90 -14.26 -63.30 36.47
C GLY F 90 -15.57 -62.80 35.89
N ARG F 91 -16.64 -62.85 36.69
CA ARG F 91 -18.02 -62.52 36.28
C ARG F 91 -18.54 -61.44 37.24
N ASP F 92 -17.65 -60.59 37.72
CA ASP F 92 -17.92 -59.39 38.54
C ASP F 92 -17.90 -58.15 37.64
N ALA F 93 -19.03 -57.46 37.52
CA ALA F 93 -19.19 -56.14 36.89
C ALA F 93 -19.36 -55.08 37.98
N TYR F 94 -18.56 -54.01 37.96
CA TYR F 94 -18.70 -52.86 38.88
C TYR F 94 -19.50 -51.82 38.13
N TYR F 95 -20.76 -51.60 38.49
CA TYR F 95 -21.61 -50.60 37.83
C TYR F 95 -21.48 -49.25 38.54
N PHE F 96 -21.10 -48.24 37.76
CA PHE F 96 -20.73 -46.89 38.19
C PHE F 96 -21.80 -45.97 37.64
N SER F 97 -22.77 -45.59 38.47
CA SER F 97 -23.92 -44.72 38.10
C SER F 97 -23.46 -43.28 37.89
N LEU F 98 -24.03 -42.64 36.87
CA LEU F 98 -23.76 -41.23 36.49
C LEU F 98 -25.08 -40.44 36.56
N GLN F 99 -25.99 -40.87 37.43
CA GLN F 99 -27.27 -40.17 37.67
C GLN F 99 -27.15 -39.28 38.90
N LYS F 100 -27.63 -38.03 38.82
CA LYS F 100 -27.66 -37.11 39.98
C LYS F 100 -28.55 -37.75 41.06
N GLU F 101 -29.78 -38.12 40.70
CA GLU F 101 -30.76 -38.76 41.62
C GLU F 101 -31.40 -39.99 40.95
N PRO F 113 -30.88 -52.24 41.53
CA PRO F 113 -29.82 -51.44 42.19
C PRO F 113 -30.26 -50.83 43.51
N PRO F 114 -29.40 -50.83 44.56
CA PRO F 114 -29.59 -49.96 45.73
C PRO F 114 -29.32 -48.49 45.34
N SER F 115 -29.81 -47.50 46.11
CA SER F 115 -29.85 -46.07 45.70
C SER F 115 -28.44 -45.44 45.83
N LEU F 116 -28.32 -44.17 45.43
CA LEU F 116 -27.05 -43.40 45.47
C LEU F 116 -26.83 -42.85 46.90
N ASP F 117 -25.65 -43.13 47.45
CA ASP F 117 -25.09 -42.41 48.61
C ASP F 117 -25.00 -40.92 48.25
N PRO F 118 -25.76 -40.05 48.95
CA PRO F 118 -25.86 -38.64 48.55
C PRO F 118 -24.60 -37.80 48.81
N SER F 119 -23.66 -38.28 49.63
CA SER F 119 -22.32 -37.66 49.84
C SER F 119 -21.47 -37.81 48.57
N LEU F 120 -21.81 -38.74 47.68
CA LEU F 120 -21.11 -38.91 46.37
C LEU F 120 -21.84 -38.07 45.31
N THR F 121 -21.53 -36.78 45.27
CA THR F 121 -22.05 -35.86 44.24
C THR F 121 -21.66 -36.36 42.86
N LEU F 122 -22.45 -36.01 41.85
CA LEU F 122 -22.14 -36.32 40.44
C LEU F 122 -20.75 -35.73 40.09
N LYS F 123 -20.48 -34.49 40.49
CA LYS F 123 -19.17 -33.82 40.27
C LYS F 123 -18.06 -34.69 40.87
N ASP F 124 -18.19 -35.13 42.12
CA ASP F 124 -17.18 -36.04 42.76
C ASP F 124 -16.99 -37.31 41.90
N ARG F 125 -18.08 -37.95 41.45
CA ARG F 125 -18.02 -39.20 40.65
C ARG F 125 -17.30 -38.91 39.34
N MET F 126 -17.64 -37.80 38.68
CA MET F 126 -17.03 -37.44 37.38
C MET F 126 -15.53 -37.19 37.58
N TRP F 127 -15.14 -36.57 38.69
CA TRP F 127 -13.70 -36.43 38.98
C TRP F 127 -13.05 -37.84 38.98
N TYR F 128 -13.57 -38.75 39.81
CA TYR F 128 -12.94 -40.08 40.08
C TYR F 128 -12.97 -40.89 38.78
N LEU F 129 -14.04 -40.73 38.00
CA LEU F 129 -14.13 -41.36 36.67
C LEU F 129 -12.99 -40.84 35.78
N GLN F 130 -12.83 -39.53 35.62
CA GLN F 130 -11.78 -38.98 34.70
C GLN F 130 -10.41 -39.43 35.21
N SER F 131 -10.23 -39.47 36.52
CA SER F 131 -8.93 -39.86 37.15
C SER F 131 -8.55 -41.28 36.77
N CYS F 132 -9.49 -42.22 36.74
CA CYS F 132 -9.19 -43.66 36.49
C CYS F 132 -9.08 -43.92 34.98
N LEU F 133 -9.62 -43.03 34.15
CA LEU F 133 -9.64 -43.23 32.69
C LEU F 133 -8.53 -42.42 32.00
N ARG F 134 -7.66 -41.69 32.74
CA ARG F 134 -6.55 -40.90 32.16
C ARG F 134 -5.20 -41.44 32.67
N LYS F 135 -4.19 -41.61 31.78
CA LYS F 135 -2.86 -42.20 32.08
C LYS F 135 -2.06 -41.29 33.01
N GLU F 136 -1.29 -41.90 33.91
CA GLU F 136 -0.15 -41.26 34.63
C GLU F 136 1.11 -41.53 33.80
N SER F 137 2.28 -41.03 34.25
CA SER F 137 3.60 -41.12 33.55
C SER F 137 4.26 -42.49 33.83
N ASP F 138 4.56 -43.24 32.76
CA ASP F 138 5.30 -44.53 32.77
C ASP F 138 4.40 -45.64 33.35
N LYS F 139 3.12 -45.66 32.94
CA LYS F 139 2.09 -46.61 33.44
C LYS F 139 1.37 -47.24 32.25
N GLU F 140 1.78 -48.46 31.85
CA GLU F 140 1.14 -49.30 30.80
C GLU F 140 -0.23 -49.78 31.31
N CYS F 141 -1.29 -49.30 30.67
CA CYS F 141 -2.72 -49.45 31.09
C CYS F 141 -3.60 -49.62 29.84
N SER F 142 -4.39 -50.69 29.76
CA SER F 142 -5.19 -51.04 28.58
C SER F 142 -6.66 -51.11 28.97
N VAL F 143 -7.51 -50.42 28.21
CA VAL F 143 -8.99 -50.48 28.35
C VAL F 143 -9.56 -51.23 27.14
N VAL F 144 -10.40 -52.22 27.40
CA VAL F 144 -11.09 -53.05 26.39
C VAL F 144 -12.50 -52.48 26.21
N ILE F 145 -12.81 -52.03 25.00
CA ILE F 145 -14.13 -51.42 24.67
C ILE F 145 -14.60 -52.00 23.34
N TYR F 146 -15.75 -52.67 23.36
CA TYR F 146 -16.47 -53.06 22.14
C TYR F 146 -16.92 -51.77 21.42
N ASP F 147 -16.53 -51.62 20.14
CA ASP F 147 -16.82 -50.39 19.34
C ASP F 147 -16.19 -49.20 20.05
N PHE F 148 -14.88 -49.26 20.17
CA PHE F 148 -14.07 -48.20 20.80
C PHE F 148 -14.47 -46.81 20.29
N ILE F 149 -14.56 -46.62 18.98
CA ILE F 149 -14.77 -45.27 18.37
C ILE F 149 -16.08 -44.66 18.89
N GLN F 150 -17.17 -45.40 18.81
CA GLN F 150 -18.47 -44.86 19.24
C GLN F 150 -18.42 -44.53 20.74
N SER F 151 -17.72 -45.31 21.54
CA SER F 151 -17.68 -45.13 23.01
C SER F 151 -16.80 -43.92 23.34
N TYR F 152 -15.66 -43.79 22.69
CA TYR F 152 -14.75 -42.63 22.85
C TYR F 152 -15.54 -41.34 22.61
N LYS F 153 -16.40 -41.33 21.59
CA LYS F 153 -17.11 -40.09 21.17
C LYS F 153 -18.19 -39.78 22.20
N ILE F 154 -18.95 -40.78 22.64
CA ILE F 154 -20.03 -40.52 23.63
C ILE F 154 -19.39 -40.04 24.95
N LEU F 155 -18.29 -40.63 25.38
CA LEU F 155 -17.63 -40.23 26.64
C LEU F 155 -17.17 -38.78 26.52
N LEU F 156 -16.63 -38.37 25.36
CA LEU F 156 -16.13 -36.99 25.13
C LEU F 156 -17.31 -36.03 25.07
N LEU F 157 -18.29 -36.27 24.18
CA LEU F 157 -19.36 -35.29 23.86
C LEU F 157 -20.44 -35.29 24.94
N SER F 158 -20.76 -36.43 25.55
CA SER F 158 -21.86 -36.53 26.53
C SER F 158 -21.38 -36.25 27.95
N CYS F 159 -20.24 -36.80 28.34
CA CYS F 159 -19.74 -36.78 29.74
C CYS F 159 -18.53 -35.87 29.90
N GLY F 160 -17.96 -35.35 28.81
CA GLY F 160 -16.80 -34.45 28.86
C GLY F 160 -15.55 -35.18 29.30
N ILE F 161 -15.46 -36.47 29.02
CA ILE F 161 -14.28 -37.30 29.42
C ILE F 161 -13.54 -37.75 28.16
N SER F 162 -12.23 -37.52 28.13
CA SER F 162 -11.32 -37.96 27.05
C SER F 162 -10.50 -39.13 27.61
N LEU F 163 -10.79 -40.36 27.14
CA LEU F 163 -9.98 -41.56 27.43
C LEU F 163 -8.52 -41.24 27.07
N GLU F 164 -7.57 -41.60 27.95
CA GLU F 164 -6.11 -41.42 27.72
C GLU F 164 -5.40 -42.66 28.27
N GLN F 165 -5.53 -43.77 27.54
CA GLN F 165 -4.87 -45.07 27.80
C GLN F 165 -4.64 -45.78 26.47
N SER F 166 -4.05 -46.97 26.48
CA SER F 166 -4.04 -47.91 25.33
C SER F 166 -5.43 -48.55 25.21
N TYR F 167 -5.94 -48.64 23.99
CA TYR F 167 -7.28 -49.20 23.70
C TYR F 167 -7.12 -50.51 22.97
N GLU F 168 -8.06 -51.39 23.29
CA GLU F 168 -8.23 -52.73 22.68
C GLU F 168 -9.71 -52.93 22.36
N ASP F 169 -10.06 -53.07 21.07
CA ASP F 169 -11.45 -53.37 20.62
C ASP F 169 -11.45 -54.81 20.10
N PRO F 170 -12.22 -55.73 20.72
CA PRO F 170 -12.37 -57.08 20.21
C PRO F 170 -12.85 -57.16 18.74
N LYS F 171 -13.67 -56.21 18.27
CA LYS F 171 -14.11 -56.15 16.84
C LYS F 171 -12.87 -56.08 15.94
N VAL F 172 -11.86 -55.29 16.32
CA VAL F 172 -10.68 -55.05 15.46
C VAL F 172 -9.77 -56.29 15.49
N ALA F 173 -9.67 -56.92 16.65
CA ALA F 173 -8.93 -58.19 16.83
C ALA F 173 -9.53 -59.29 15.92
N CYS F 174 -10.87 -59.40 15.88
CA CYS F 174 -11.57 -60.38 14.99
C CYS F 174 -11.16 -60.13 13.55
N TRP F 175 -11.27 -58.89 13.10
CA TRP F 175 -10.89 -58.47 11.74
C TRP F 175 -9.45 -58.92 11.45
N LEU F 176 -8.57 -58.70 12.41
CA LEU F 176 -7.12 -58.95 12.24
C LEU F 176 -6.89 -60.46 12.09
N LEU F 177 -7.74 -61.30 12.68
CA LEU F 177 -7.59 -62.78 12.59
C LEU F 177 -8.16 -63.32 11.28
N ASP F 178 -9.19 -62.69 10.72
CA ASP F 178 -9.75 -63.08 9.40
C ASP F 178 -10.44 -61.88 8.76
N PRO F 179 -9.73 -61.15 7.87
CA PRO F 179 -10.26 -59.90 7.32
C PRO F 179 -11.51 -60.11 6.45
N ASP F 180 -11.77 -61.33 5.98
CA ASP F 180 -12.93 -61.64 5.09
C ASP F 180 -14.11 -62.16 5.92
N SER F 181 -13.96 -62.29 7.24
CA SER F 181 -15.04 -62.69 8.18
C SER F 181 -16.16 -61.67 8.07
N GLN F 182 -17.39 -62.05 8.42
CA GLN F 182 -18.50 -61.08 8.48
C GLN F 182 -18.21 -60.13 9.65
N GLU F 183 -18.61 -58.86 9.52
CA GLU F 183 -18.52 -57.86 10.61
C GLU F 183 -18.96 -58.54 11.90
N PRO F 184 -18.15 -58.48 12.98
CA PRO F 184 -18.56 -59.10 14.25
C PRO F 184 -19.70 -58.34 14.95
N THR F 185 -20.55 -59.06 15.65
CA THR F 185 -21.53 -58.52 16.64
C THR F 185 -21.06 -59.04 18.00
N LEU F 186 -21.61 -58.56 19.11
CA LEU F 186 -21.26 -59.12 20.44
C LEU F 186 -21.63 -60.60 20.44
N HIS F 187 -22.76 -60.95 19.83
CA HIS F 187 -23.28 -62.36 19.76
C HIS F 187 -22.31 -63.25 19.01
N SER F 188 -21.80 -62.81 17.85
CA SER F 188 -20.85 -63.61 17.02
C SER F 188 -19.54 -63.80 17.80
N ILE F 189 -19.04 -62.75 18.47
CA ILE F 189 -17.79 -62.83 19.26
C ILE F 189 -17.99 -63.87 20.36
N VAL F 190 -19.10 -63.80 21.09
CA VAL F 190 -19.34 -64.72 22.23
C VAL F 190 -19.52 -66.14 21.68
N THR F 191 -20.25 -66.30 20.59
CA THR F 191 -20.45 -67.61 19.93
C THR F 191 -19.10 -68.23 19.59
N SER F 192 -18.12 -67.42 19.10
CA SER F 192 -16.83 -67.96 18.57
C SER F 192 -15.73 -67.96 19.61
N PHE F 193 -15.86 -67.28 20.73
CA PHE F 193 -14.75 -67.14 21.71
C PHE F 193 -15.27 -67.34 23.12
N LEU F 194 -16.58 -67.23 23.41
CA LEU F 194 -17.03 -67.42 24.82
C LEU F 194 -18.39 -68.11 24.84
N PRO F 195 -18.63 -69.17 24.03
CA PRO F 195 -19.95 -69.74 23.84
C PRO F 195 -20.60 -70.22 25.16
N HIS F 196 -19.76 -70.70 26.09
CA HIS F 196 -20.24 -71.13 27.43
C HIS F 196 -21.00 -70.00 28.12
N GLU F 197 -20.85 -68.77 27.67
CA GLU F 197 -21.52 -67.56 28.24
C GLU F 197 -22.63 -67.13 27.30
N LEU F 198 -22.93 -67.84 26.21
CA LEU F 198 -24.09 -67.47 25.34
C LEU F 198 -25.39 -67.33 26.15
N PRO F 199 -25.66 -68.20 27.17
CA PRO F 199 -26.87 -68.06 28.00
C PRO F 199 -27.00 -66.64 28.58
N LEU F 200 -25.87 -65.94 28.87
CA LEU F 200 -25.96 -64.52 29.34
C LEU F 200 -26.68 -63.67 28.28
N LEU F 201 -26.54 -64.00 26.99
CA LEU F 201 -27.14 -63.14 25.92
C LEU F 201 -28.60 -63.53 25.70
N GLU F 202 -29.14 -64.47 26.46
CA GLU F 202 -30.54 -64.97 26.26
C GLU F 202 -31.51 -63.80 26.48
N GLY F 203 -32.38 -63.53 25.51
CA GLY F 203 -33.42 -62.46 25.57
C GLY F 203 -32.82 -61.11 25.25
N MET F 204 -31.59 -61.04 24.76
CA MET F 204 -30.85 -59.78 24.47
C MET F 204 -30.56 -59.74 22.97
N GLU F 205 -31.64 -59.68 22.19
CA GLU F 205 -31.63 -59.89 20.72
C GLU F 205 -30.75 -58.83 20.05
N THR F 206 -30.61 -57.64 20.63
CA THR F 206 -29.78 -56.50 20.15
C THR F 206 -28.28 -56.86 20.15
N SER F 207 -27.85 -57.88 20.89
CA SER F 207 -26.47 -58.44 20.87
C SER F 207 -26.12 -58.95 19.47
N GLN F 208 -27.11 -59.22 18.61
CA GLN F 208 -26.95 -59.68 17.20
C GLN F 208 -26.96 -58.51 16.20
N GLY F 209 -26.98 -57.26 16.71
CA GLY F 209 -26.72 -56.06 15.91
C GLY F 209 -25.28 -55.60 16.09
N ILE F 210 -24.84 -54.68 15.25
CA ILE F 210 -23.44 -54.17 15.20
C ILE F 210 -23.19 -53.29 16.44
N GLN F 211 -24.18 -52.49 16.85
CA GLN F 211 -24.11 -51.50 17.96
C GLN F 211 -23.91 -52.23 19.30
N SER F 212 -23.09 -51.63 20.17
CA SER F 212 -22.76 -52.10 21.54
C SER F 212 -24.05 -52.41 22.31
N LEU F 213 -24.07 -53.52 23.04
CA LEU F 213 -25.23 -53.92 23.90
C LEU F 213 -25.57 -52.77 24.87
N GLY F 214 -24.53 -52.19 25.50
CA GLY F 214 -24.67 -51.08 26.45
C GLY F 214 -25.29 -49.87 25.80
N LEU F 215 -24.87 -49.54 24.57
CA LEU F 215 -25.27 -48.33 23.82
C LEU F 215 -26.67 -48.50 23.22
N ASN F 216 -27.15 -49.72 23.09
CA ASN F 216 -28.39 -49.99 22.32
C ASN F 216 -29.57 -49.93 23.30
N ALA F 217 -30.17 -48.74 23.41
CA ALA F 217 -31.28 -48.42 24.32
C ALA F 217 -32.62 -48.89 23.73
N GLY F 218 -32.63 -49.45 22.52
CA GLY F 218 -33.83 -50.03 21.89
C GLY F 218 -34.12 -51.43 22.42
N SER F 219 -33.72 -51.71 23.66
CA SER F 219 -33.97 -52.98 24.40
C SER F 219 -34.85 -52.69 25.62
N GLU F 220 -35.53 -53.71 26.15
CA GLU F 220 -36.38 -53.65 27.36
C GLU F 220 -35.52 -53.88 28.62
N HIS F 221 -34.30 -54.38 28.42
CA HIS F 221 -33.34 -54.61 29.54
C HIS F 221 -32.71 -53.28 29.92
N SER F 222 -32.48 -53.06 31.21
CA SER F 222 -31.86 -51.82 31.74
C SER F 222 -30.45 -51.65 31.19
N GLY F 223 -29.99 -50.41 31.05
CA GLY F 223 -28.60 -50.08 30.68
C GLY F 223 -27.63 -50.68 31.67
N ARG F 224 -28.00 -50.70 32.95
CA ARG F 224 -27.15 -51.26 34.02
C ARG F 224 -26.85 -52.73 33.71
N TYR F 225 -27.90 -53.53 33.48
CA TYR F 225 -27.77 -54.98 33.22
C TYR F 225 -26.99 -55.19 31.93
N ARG F 226 -27.36 -54.47 30.86
CA ARG F 226 -26.76 -54.63 29.52
C ARG F 226 -25.27 -54.32 29.60
N ALA F 227 -24.90 -53.19 30.23
CA ALA F 227 -23.49 -52.75 30.32
C ALA F 227 -22.70 -53.73 31.18
N SER F 228 -23.27 -54.23 32.27
CA SER F 228 -22.60 -55.17 33.18
C SER F 228 -22.29 -56.47 32.43
N VAL F 229 -23.26 -57.02 31.71
CA VAL F 229 -23.10 -58.28 30.92
C VAL F 229 -22.04 -58.02 29.86
N GLU F 230 -22.19 -56.96 29.10
CA GLU F 230 -21.19 -56.62 28.05
C GLU F 230 -19.79 -56.53 28.66
N SER F 231 -19.63 -55.86 29.80
CA SER F 231 -18.29 -55.63 30.38
C SER F 231 -17.60 -56.98 30.63
N ILE F 232 -18.35 -57.94 31.17
CA ILE F 232 -17.85 -59.29 31.50
C ILE F 232 -17.56 -60.05 30.21
N LEU F 233 -18.50 -60.09 29.26
CA LEU F 233 -18.31 -60.83 27.99
C LEU F 233 -17.08 -60.29 27.25
N ILE F 234 -16.91 -58.97 27.21
CA ILE F 234 -15.85 -58.30 26.39
C ILE F 234 -14.49 -58.50 27.05
N PHE F 235 -14.37 -58.40 28.37
CA PHE F 235 -13.08 -58.58 29.07
C PHE F 235 -12.56 -59.99 28.80
N ASN F 236 -13.40 -60.99 29.02
CA ASN F 236 -13.04 -62.43 28.89
C ASN F 236 -12.78 -62.77 27.42
N SER F 237 -13.62 -62.31 26.50
CA SER F 237 -13.45 -62.47 25.04
C SER F 237 -12.10 -61.94 24.59
N MET F 238 -11.71 -60.76 25.10
CA MET F 238 -10.49 -60.07 24.65
C MET F 238 -9.25 -60.83 25.14
N ASN F 239 -9.32 -61.51 26.29
CA ASN F 239 -8.21 -62.38 26.76
C ASN F 239 -7.98 -63.47 25.72
N GLN F 240 -9.03 -64.12 25.25
CA GLN F 240 -8.93 -65.20 24.26
C GLN F 240 -8.41 -64.60 22.94
N LEU F 241 -9.00 -63.51 22.47
CA LEU F 241 -8.55 -62.82 21.22
C LEU F 241 -7.06 -62.44 21.33
N ASN F 242 -6.60 -61.96 22.48
CA ASN F 242 -5.17 -61.60 22.70
C ASN F 242 -4.29 -62.84 22.61
N SER F 243 -4.69 -63.96 23.16
CA SER F 243 -3.92 -65.22 23.01
C SER F 243 -3.83 -65.58 21.53
N LEU F 244 -4.93 -65.46 20.77
CA LEU F 244 -4.92 -65.84 19.33
C LEU F 244 -4.03 -64.86 18.55
N LEU F 245 -4.11 -63.55 18.82
CA LEU F 245 -3.23 -62.54 18.17
C LEU F 245 -1.75 -62.88 18.43
N GLN F 246 -1.43 -63.28 19.65
CA GLN F 246 -0.04 -63.64 20.04
C GLN F 246 0.40 -64.90 19.27
N LYS F 247 -0.46 -65.91 19.18
CA LYS F 247 -0.14 -67.14 18.41
C LYS F 247 0.13 -66.75 16.94
N GLU F 248 -0.65 -65.84 16.36
CA GLU F 248 -0.53 -65.44 14.92
C GLU F 248 0.52 -64.33 14.74
N ASN F 249 1.08 -63.79 15.83
CA ASN F 249 2.13 -62.74 15.79
C ASN F 249 1.55 -61.46 15.18
N LEU F 250 0.31 -61.12 15.54
CA LEU F 250 -0.38 -59.89 15.09
C LEU F 250 -0.59 -58.92 16.26
N GLN F 251 -0.06 -59.21 17.43
CA GLN F 251 -0.30 -58.38 18.64
C GLN F 251 0.41 -57.03 18.48
N ASP F 252 1.64 -57.01 17.95
CA ASP F 252 2.37 -55.73 17.73
C ASP F 252 1.56 -54.87 16.73
N VAL F 253 1.09 -55.49 15.65
CA VAL F 253 0.28 -54.79 14.61
C VAL F 253 -0.94 -54.17 15.30
N PHE F 254 -1.61 -54.94 16.14
CA PHE F 254 -2.86 -54.56 16.84
C PHE F 254 -2.62 -53.34 17.74
N ARG F 255 -1.55 -53.36 18.55
CA ARG F 255 -1.27 -52.30 19.56
C ARG F 255 -0.59 -51.09 18.92
N LYS F 256 0.30 -51.25 17.94
CA LYS F 256 1.11 -50.15 17.37
C LYS F 256 0.45 -49.51 16.13
N VAL F 257 -0.41 -50.21 15.39
CA VAL F 257 -0.97 -49.69 14.11
C VAL F 257 -2.50 -49.64 14.16
N GLU F 258 -3.17 -50.78 14.33
CA GLU F 258 -4.63 -50.86 14.14
C GLU F 258 -5.37 -50.06 15.22
N MET F 259 -5.06 -50.22 16.50
CA MET F 259 -5.86 -49.51 17.52
C MET F 259 -5.55 -48.01 17.49
N PRO F 260 -4.27 -47.59 17.37
CA PRO F 260 -3.98 -46.16 17.15
C PRO F 260 -4.70 -45.57 15.92
N SER F 261 -4.78 -46.36 14.84
CA SER F 261 -5.50 -45.98 13.60
C SER F 261 -6.97 -45.75 13.95
N GLN F 262 -7.57 -46.60 14.77
CA GLN F 262 -8.95 -46.38 15.23
C GLN F 262 -9.05 -45.04 16.02
N TYR F 263 -8.06 -44.71 16.83
CA TYR F 263 -8.07 -43.44 17.60
C TYR F 263 -8.04 -42.27 16.62
N CYS F 264 -7.14 -42.26 15.65
CA CYS F 264 -7.13 -41.23 14.57
C CYS F 264 -8.49 -41.14 13.88
N LEU F 265 -9.18 -42.26 13.64
CA LEU F 265 -10.48 -42.24 12.93
C LEU F 265 -11.56 -41.66 13.85
N ALA F 266 -11.43 -41.88 15.15
CA ALA F 266 -12.34 -41.26 16.14
C ALA F 266 -12.24 -39.74 16.06
N LEU F 267 -11.04 -39.19 15.97
CA LEU F 267 -10.84 -37.72 15.87
C LEU F 267 -11.47 -37.20 14.56
N LEU F 268 -11.30 -37.93 13.46
CA LEU F 268 -11.89 -37.59 12.14
C LEU F 268 -13.42 -37.54 12.25
N GLU F 269 -13.99 -38.53 12.93
CA GLU F 269 -15.46 -38.62 13.04
C GLU F 269 -15.96 -37.50 13.96
N LEU F 270 -15.18 -37.11 14.96
CA LEU F 270 -15.53 -35.96 15.83
C LEU F 270 -15.38 -34.67 15.01
N ASN F 271 -14.37 -34.59 14.15
CA ASN F 271 -14.11 -33.37 13.35
C ASN F 271 -15.22 -33.15 12.33
N GLY F 272 -15.65 -34.19 11.63
CA GLY F 272 -16.50 -34.05 10.42
C GLY F 272 -15.77 -33.27 9.33
N ILE F 273 -16.44 -33.00 8.21
CA ILE F 273 -15.84 -32.25 7.08
C ILE F 273 -16.80 -31.15 6.71
N GLY F 274 -16.28 -29.95 6.53
CA GLY F 274 -17.07 -28.76 6.18
C GLY F 274 -17.74 -28.90 4.83
N PHE F 275 -18.96 -28.36 4.72
CA PHE F 275 -19.84 -28.52 3.56
C PHE F 275 -20.58 -27.22 3.30
N SER F 276 -20.57 -26.81 2.05
CA SER F 276 -21.34 -25.65 1.52
C SER F 276 -22.48 -26.07 0.57
N THR F 277 -23.68 -25.64 0.88
CA THR F 277 -24.94 -26.05 0.21
C THR F 277 -25.17 -25.20 -1.06
N ALA F 278 -24.68 -23.97 -1.02
CA ALA F 278 -24.80 -22.96 -2.09
C ALA F 278 -24.09 -23.46 -3.34
N GLU F 279 -22.84 -23.92 -3.18
CA GLU F 279 -22.00 -24.46 -4.28
C GLU F 279 -22.71 -25.68 -4.91
N CYS F 280 -23.15 -26.61 -4.08
CA CYS F 280 -23.91 -27.84 -4.47
C CYS F 280 -25.17 -27.46 -5.30
N GLU F 281 -26.01 -26.52 -4.84
CA GLU F 281 -27.30 -26.16 -5.48
C GLU F 281 -27.05 -25.60 -6.90
N SER F 282 -26.04 -24.76 -7.03
CA SER F 282 -25.75 -24.05 -8.30
C SER F 282 -25.28 -25.10 -9.30
N GLN F 283 -24.48 -26.07 -8.88
CA GLN F 283 -24.05 -27.19 -9.74
C GLN F 283 -25.26 -28.06 -10.12
N LYS F 284 -26.12 -28.37 -9.15
CA LYS F 284 -27.37 -29.15 -9.39
C LYS F 284 -28.16 -28.50 -10.54
N HIS F 285 -28.34 -27.18 -10.51
CA HIS F 285 -29.17 -26.46 -11.51
C HIS F 285 -28.62 -26.65 -12.94
N ILE F 286 -27.31 -26.53 -13.09
CA ILE F 286 -26.61 -26.71 -14.40
C ILE F 286 -26.78 -28.17 -14.84
N MET F 287 -26.53 -29.10 -13.94
CA MET F 287 -26.66 -30.55 -14.21
C MET F 287 -28.09 -30.87 -14.66
N GLN F 288 -29.10 -30.30 -14.00
CA GLN F 288 -30.51 -30.65 -14.26
C GLN F 288 -30.91 -30.11 -15.63
N ALA F 289 -30.41 -28.94 -16.01
CA ALA F 289 -30.66 -28.32 -17.33
C ALA F 289 -30.08 -29.21 -18.43
N LYS F 290 -28.90 -29.78 -18.21
CA LYS F 290 -28.22 -30.68 -19.18
C LYS F 290 -28.99 -32.00 -19.28
N LEU F 291 -29.43 -32.55 -18.15
CA LEU F 291 -30.29 -33.76 -18.15
C LEU F 291 -31.54 -33.53 -19.00
N ASP F 292 -32.16 -32.35 -18.90
CA ASP F 292 -33.41 -32.03 -19.64
C ASP F 292 -33.14 -32.01 -21.13
N ALA F 293 -32.09 -31.31 -21.59
CA ALA F 293 -31.66 -31.22 -23.00
C ALA F 293 -31.28 -32.61 -23.53
N ILE F 294 -30.54 -33.41 -22.74
CA ILE F 294 -30.16 -34.80 -23.12
C ILE F 294 -31.42 -35.62 -23.36
N GLU F 295 -32.38 -35.58 -22.42
CA GLU F 295 -33.64 -36.37 -22.53
C GLU F 295 -34.34 -35.97 -23.83
N THR F 296 -34.58 -34.66 -24.04
CA THR F 296 -35.37 -34.18 -25.21
C THR F 296 -34.67 -34.60 -26.51
N GLN F 297 -33.34 -34.57 -26.57
CA GLN F 297 -32.57 -34.97 -27.79
C GLN F 297 -32.60 -36.50 -27.92
N ALA F 298 -32.39 -37.25 -26.83
CA ALA F 298 -32.48 -38.73 -26.83
C ALA F 298 -33.83 -39.17 -27.41
N TYR F 299 -34.94 -38.59 -26.92
CA TYR F 299 -36.32 -39.00 -27.27
C TYR F 299 -36.62 -38.68 -28.74
N GLN F 300 -36.02 -37.63 -29.30
CA GLN F 300 -36.22 -37.28 -30.73
C GLN F 300 -35.43 -38.28 -31.59
N LEU F 301 -34.21 -38.63 -31.21
CA LEU F 301 -33.40 -39.66 -31.94
C LEU F 301 -34.10 -41.02 -31.86
N ALA F 302 -34.62 -41.40 -30.68
CA ALA F 302 -35.31 -42.70 -30.45
C ALA F 302 -36.66 -42.76 -31.18
N GLY F 303 -37.33 -41.61 -31.35
CA GLY F 303 -38.68 -41.52 -31.91
C GLY F 303 -39.78 -41.59 -30.86
N HIS F 304 -39.47 -42.03 -29.64
CA HIS F 304 -40.46 -42.13 -28.53
C HIS F 304 -39.78 -41.93 -27.18
N SER F 305 -40.54 -41.64 -26.14
CA SER F 305 -40.08 -41.69 -24.72
C SER F 305 -39.51 -43.08 -24.46
N PHE F 306 -38.49 -43.18 -23.61
CA PHE F 306 -37.95 -44.44 -23.06
C PHE F 306 -37.33 -44.12 -21.71
N SER F 307 -37.31 -45.08 -20.79
CA SER F 307 -36.70 -44.94 -19.45
C SER F 307 -35.19 -45.17 -19.59
N PHE F 308 -34.38 -44.21 -19.13
CA PHE F 308 -32.89 -44.28 -19.10
C PHE F 308 -32.44 -45.30 -18.05
N THR F 309 -33.35 -45.76 -17.18
CA THR F 309 -33.07 -46.66 -16.03
C THR F 309 -33.37 -48.11 -16.40
N SER F 310 -34.00 -48.36 -17.56
CA SER F 310 -34.34 -49.71 -18.07
C SER F 310 -33.35 -50.14 -19.17
N SER F 311 -32.47 -51.09 -18.84
CA SER F 311 -31.55 -51.76 -19.80
C SER F 311 -32.35 -52.31 -21.00
N ASP F 312 -33.52 -52.90 -20.70
CA ASP F 312 -34.46 -53.48 -21.70
C ASP F 312 -34.82 -52.41 -22.73
N ASP F 313 -35.34 -51.27 -22.28
CA ASP F 313 -35.80 -50.14 -23.14
C ASP F 313 -34.64 -49.70 -24.03
N ILE F 314 -33.47 -49.46 -23.42
CA ILE F 314 -32.26 -48.94 -24.11
C ILE F 314 -31.82 -49.96 -25.18
N ALA F 315 -31.86 -51.26 -24.84
CA ALA F 315 -31.50 -52.35 -25.77
C ALA F 315 -32.49 -52.41 -26.92
N GLU F 316 -33.79 -52.28 -26.64
CA GLU F 316 -34.85 -52.24 -27.68
C GLU F 316 -34.49 -51.12 -28.67
N VAL F 317 -34.17 -49.91 -28.18
CA VAL F 317 -33.91 -48.72 -29.03
C VAL F 317 -32.60 -48.90 -29.80
N LEU F 318 -31.51 -49.25 -29.11
CA LEU F 318 -30.16 -49.29 -29.75
C LEU F 318 -30.11 -50.42 -30.79
N PHE F 319 -30.61 -51.61 -30.48
CA PHE F 319 -30.28 -52.87 -31.21
C PHE F 319 -31.44 -53.31 -32.11
N LEU F 320 -32.68 -53.25 -31.63
CA LEU F 320 -33.88 -53.65 -32.41
C LEU F 320 -34.30 -52.50 -33.34
N GLU F 321 -34.39 -51.27 -32.83
CA GLU F 321 -35.13 -50.17 -33.50
C GLU F 321 -34.16 -49.28 -34.31
N LEU F 322 -32.84 -49.44 -34.11
CA LEU F 322 -31.78 -48.69 -34.83
C LEU F 322 -30.78 -49.65 -35.48
N LYS F 323 -30.79 -50.93 -35.09
CA LYS F 323 -29.91 -51.99 -35.64
C LYS F 323 -28.44 -51.54 -35.57
N LEU F 324 -27.96 -51.11 -34.39
CA LEU F 324 -26.50 -50.93 -34.16
C LEU F 324 -25.90 -52.31 -33.88
N PRO F 325 -24.58 -52.52 -34.13
CA PRO F 325 -23.98 -53.85 -33.99
C PRO F 325 -23.62 -54.28 -32.57
N PRO F 326 -24.16 -55.41 -32.05
CA PRO F 326 -23.74 -55.96 -30.76
C PRO F 326 -22.56 -56.93 -30.87
N PHE F 358 -28.95 -58.82 -24.96
CA PHE F 358 -28.05 -57.75 -25.48
C PHE F 358 -27.76 -56.75 -24.35
N SER F 359 -26.50 -56.71 -23.89
CA SER F 359 -25.98 -55.84 -22.80
C SER F 359 -25.98 -54.36 -23.22
N THR F 360 -26.15 -53.47 -22.25
CA THR F 360 -26.14 -51.98 -22.41
C THR F 360 -25.11 -51.39 -21.45
N SER F 361 -24.00 -52.08 -21.26
CA SER F 361 -22.94 -51.68 -20.30
C SER F 361 -22.16 -50.47 -20.83
N LYS F 362 -21.38 -49.86 -19.94
CA LYS F 362 -20.43 -48.77 -20.27
C LYS F 362 -19.60 -49.16 -21.50
N ASP F 363 -19.05 -50.38 -21.50
CA ASP F 363 -18.07 -50.89 -22.50
C ASP F 363 -18.73 -50.93 -23.89
N VAL F 364 -19.95 -51.49 -23.95
CA VAL F 364 -20.77 -51.57 -25.18
C VAL F 364 -20.99 -50.13 -25.71
N LEU F 365 -21.55 -49.24 -24.88
CA LEU F 365 -22.02 -47.90 -25.36
C LEU F 365 -20.79 -47.07 -25.73
N ASN F 366 -19.67 -47.33 -25.08
CA ASN F 366 -18.39 -46.61 -25.31
C ASN F 366 -17.88 -46.93 -26.71
N LYS F 367 -18.03 -48.17 -27.19
CA LYS F 367 -17.72 -48.56 -28.58
C LYS F 367 -18.70 -47.85 -29.52
N LEU F 368 -19.99 -47.94 -29.23
CA LEU F 368 -21.07 -47.55 -30.18
C LEU F 368 -21.15 -46.03 -30.34
N LYS F 369 -20.60 -45.22 -29.42
CA LYS F 369 -20.73 -43.74 -29.45
C LYS F 369 -20.02 -43.21 -30.71
N ALA F 370 -19.07 -43.97 -31.24
CA ALA F 370 -18.40 -43.65 -32.52
C ALA F 370 -19.39 -43.72 -33.70
N LEU F 371 -20.55 -44.40 -33.57
CA LEU F 371 -21.47 -44.73 -34.71
C LEU F 371 -22.78 -43.91 -34.67
N HIS F 372 -23.18 -43.37 -33.53
CA HIS F 372 -24.51 -42.74 -33.34
C HIS F 372 -24.48 -41.93 -32.04
N PRO F 373 -25.14 -40.74 -32.01
CA PRO F 373 -25.10 -39.89 -30.81
C PRO F 373 -25.79 -40.44 -29.56
N LEU F 374 -26.77 -41.33 -29.68
CA LEU F 374 -27.64 -41.78 -28.55
C LEU F 374 -26.84 -42.50 -27.45
N PRO F 375 -25.95 -43.49 -27.75
CA PRO F 375 -25.13 -44.13 -26.72
C PRO F 375 -24.34 -43.17 -25.82
N GLY F 376 -23.77 -42.12 -26.41
CA GLY F 376 -23.08 -41.04 -25.68
C GLY F 376 -24.01 -40.28 -24.76
N LEU F 377 -25.20 -39.92 -25.23
CA LEU F 377 -26.26 -39.26 -24.41
C LEU F 377 -26.58 -40.15 -23.20
N ILE F 378 -26.77 -41.46 -23.44
CA ILE F 378 -27.10 -42.44 -22.36
C ILE F 378 -26.00 -42.34 -21.30
N LEU F 379 -24.74 -42.33 -21.74
CA LEU F 379 -23.59 -42.41 -20.80
C LEU F 379 -23.56 -41.15 -19.94
N GLU F 380 -23.82 -40.01 -20.57
CA GLU F 380 -23.77 -38.71 -19.88
C GLU F 380 -24.97 -38.58 -18.93
N TRP F 381 -26.13 -39.07 -19.36
CA TRP F 381 -27.34 -39.11 -18.51
C TRP F 381 -27.01 -39.83 -17.20
N ARG F 382 -26.38 -41.00 -17.29
CA ARG F 382 -26.10 -41.86 -16.12
C ARG F 382 -25.07 -41.16 -15.23
N ARG F 383 -24.09 -40.50 -15.83
CA ARG F 383 -23.01 -39.83 -15.08
C ARG F 383 -23.62 -38.70 -14.27
N ILE F 384 -24.45 -37.87 -14.91
CA ILE F 384 -25.01 -36.66 -14.26
C ILE F 384 -26.08 -37.11 -13.24
N THR F 385 -26.95 -38.07 -13.60
CA THR F 385 -27.99 -38.60 -12.68
C THR F 385 -27.29 -39.12 -11.41
N ASN F 386 -26.14 -39.77 -11.58
CA ASN F 386 -25.32 -40.29 -10.46
C ASN F 386 -24.90 -39.14 -9.54
N ALA F 387 -24.36 -38.06 -10.08
CA ALA F 387 -23.88 -36.90 -9.30
C ALA F 387 -25.07 -36.29 -8.54
N ILE F 388 -26.24 -36.20 -9.16
CA ILE F 388 -27.44 -35.58 -8.51
C ILE F 388 -27.99 -36.51 -7.42
N THR F 389 -28.27 -37.78 -7.74
CA THR F 389 -29.09 -38.68 -6.88
C THR F 389 -28.23 -39.40 -5.84
N LYS F 390 -26.97 -39.68 -6.14
CA LYS F 390 -26.06 -40.47 -5.28
C LYS F 390 -25.03 -39.58 -4.60
N VAL F 391 -24.92 -38.29 -4.96
CA VAL F 391 -23.91 -37.41 -4.31
C VAL F 391 -24.59 -36.19 -3.71
N VAL F 392 -25.22 -35.33 -4.53
CA VAL F 392 -25.89 -34.10 -4.02
C VAL F 392 -26.99 -34.47 -3.00
N PHE F 393 -27.90 -35.40 -3.31
CA PHE F 393 -29.09 -35.66 -2.47
C PHE F 393 -28.62 -36.11 -1.08
N PRO F 394 -27.76 -37.16 -0.98
CA PRO F 394 -27.26 -37.60 0.31
C PRO F 394 -26.42 -36.57 1.08
N LEU F 395 -25.56 -35.79 0.42
CA LEU F 395 -24.77 -34.75 1.12
C LEU F 395 -25.71 -33.69 1.71
N GLN F 396 -26.69 -33.23 0.94
CA GLN F 396 -27.61 -32.16 1.40
C GLN F 396 -28.67 -32.68 2.33
N ARG F 397 -28.60 -33.96 2.71
CA ARG F 397 -29.50 -34.63 3.68
C ARG F 397 -28.74 -34.91 4.99
N GLU F 398 -27.46 -35.30 4.92
CA GLU F 398 -26.65 -35.71 6.10
C GLU F 398 -26.10 -34.47 6.85
N LYS F 399 -26.13 -33.32 6.20
CA LYS F 399 -25.40 -32.11 6.67
C LYS F 399 -26.02 -31.71 8.02
N CYS F 400 -25.20 -31.12 8.88
CA CYS F 400 -25.52 -30.83 10.30
C CYS F 400 -24.86 -29.49 10.67
N LEU F 401 -25.61 -28.53 11.20
CA LEU F 401 -25.02 -27.24 11.68
C LEU F 401 -24.01 -27.49 12.81
N ASN F 402 -22.81 -26.95 12.69
CA ASN F 402 -21.86 -26.87 13.83
C ASN F 402 -21.85 -25.44 14.34
N PRO F 403 -22.52 -25.17 15.49
CA PRO F 403 -22.70 -23.80 15.99
C PRO F 403 -21.39 -23.12 16.43
N PHE F 404 -20.33 -23.86 16.78
CA PHE F 404 -19.04 -23.30 17.24
C PHE F 404 -18.26 -22.75 16.04
N LEU F 405 -18.06 -23.60 15.02
CA LEU F 405 -17.32 -23.23 13.78
C LEU F 405 -18.18 -22.29 12.92
N GLY F 406 -19.51 -22.31 13.07
CA GLY F 406 -20.43 -21.43 12.35
C GLY F 406 -20.56 -21.84 10.90
N MET F 407 -20.74 -23.13 10.63
CA MET F 407 -20.80 -23.72 9.27
C MET F 407 -21.50 -25.08 9.35
N GLU F 408 -21.93 -25.60 8.20
CA GLU F 408 -22.49 -26.96 8.10
C GLU F 408 -21.33 -27.92 7.93
N ARG F 409 -21.47 -29.12 8.47
CA ARG F 409 -20.46 -30.19 8.31
C ARG F 409 -21.19 -31.50 8.05
N ILE F 410 -20.45 -32.47 7.56
CA ILE F 410 -20.91 -33.86 7.37
C ILE F 410 -20.05 -34.72 8.28
N TYR F 411 -20.72 -35.69 8.92
CA TYR F 411 -20.12 -36.61 9.91
C TYR F 411 -20.27 -38.02 9.35
N PRO F 412 -19.33 -38.44 8.48
CA PRO F 412 -19.38 -39.80 7.95
C PRO F 412 -18.83 -40.76 9.02
N VAL F 413 -19.13 -42.06 8.85
CA VAL F 413 -18.75 -43.11 9.81
C VAL F 413 -17.66 -43.92 9.14
N SER F 414 -16.51 -44.12 9.81
CA SER F 414 -15.39 -44.91 9.26
C SER F 414 -15.76 -46.38 9.34
N GLN F 415 -15.18 -47.16 8.45
CA GLN F 415 -15.39 -48.62 8.33
C GLN F 415 -14.02 -49.21 8.00
N SER F 416 -13.46 -49.99 8.93
CA SER F 416 -12.09 -50.55 8.86
C SER F 416 -12.16 -52.06 8.60
N HIS F 417 -13.35 -52.63 8.56
CA HIS F 417 -13.50 -54.08 8.34
C HIS F 417 -13.52 -54.35 6.83
N THR F 418 -12.36 -54.41 6.18
CA THR F 418 -12.21 -54.50 4.70
C THR F 418 -11.25 -55.65 4.39
N ALA F 419 -11.26 -56.18 3.17
CA ALA F 419 -10.50 -57.37 2.80
C ALA F 419 -9.01 -57.13 2.88
N THR F 420 -8.56 -55.89 2.62
CA THR F 420 -7.14 -55.57 2.40
C THR F 420 -6.61 -54.59 3.44
N GLY F 421 -7.48 -54.04 4.30
CA GLY F 421 -7.09 -53.12 5.38
C GLY F 421 -7.14 -51.68 4.95
N ARG F 422 -7.75 -51.40 3.80
CA ARG F 422 -8.19 -50.04 3.44
C ARG F 422 -9.22 -49.58 4.47
N ILE F 423 -9.39 -48.27 4.55
CA ILE F 423 -10.48 -47.63 5.34
C ILE F 423 -11.47 -47.03 4.35
N THR F 424 -12.76 -47.17 4.62
CA THR F 424 -13.84 -46.62 3.78
C THR F 424 -14.82 -45.89 4.71
N PHE F 425 -15.85 -45.29 4.14
CA PHE F 425 -16.81 -44.49 4.92
C PHE F 425 -18.20 -44.83 4.44
N THR F 426 -19.16 -44.63 5.34
CA THR F 426 -20.61 -44.78 5.06
C THR F 426 -21.33 -43.53 5.58
N GLU F 427 -22.53 -43.32 5.07
CA GLU F 427 -23.56 -42.42 5.65
C GLU F 427 -22.97 -41.01 5.74
N PRO F 428 -22.56 -40.39 4.62
CA PRO F 428 -22.49 -41.01 3.29
C PRO F 428 -21.07 -41.44 2.95
N ASN F 429 -20.81 -42.16 1.84
CA ASN F 429 -19.43 -42.54 1.46
C ASN F 429 -18.84 -41.42 0.60
N ILE F 430 -18.19 -40.49 1.28
CA ILE F 430 -17.53 -39.28 0.71
C ILE F 430 -16.38 -39.69 -0.19
N GLN F 431 -15.83 -40.89 -0.06
CA GLN F 431 -14.79 -41.36 -0.99
C GLN F 431 -15.33 -41.40 -2.42
N ASN F 432 -16.65 -41.45 -2.63
CA ASN F 432 -17.21 -41.75 -3.99
C ASN F 432 -17.66 -40.46 -4.69
N VAL F 433 -17.36 -39.33 -4.07
CA VAL F 433 -17.73 -38.01 -4.64
C VAL F 433 -16.95 -37.91 -5.94
N PRO F 434 -17.65 -37.67 -7.07
CA PRO F 434 -17.01 -37.55 -8.38
C PRO F 434 -15.81 -36.60 -8.40
N ARG F 435 -14.76 -37.02 -9.12
CA ARG F 435 -13.71 -36.14 -9.73
C ARG F 435 -14.43 -35.03 -10.50
N ASP F 436 -13.77 -33.87 -10.68
CA ASP F 436 -14.25 -32.79 -11.58
C ASP F 436 -14.58 -33.41 -12.95
N PHE F 437 -15.66 -32.96 -13.60
CA PHE F 437 -16.01 -33.30 -15.00
C PHE F 437 -16.71 -32.11 -15.67
N GLU F 438 -16.83 -32.20 -16.99
CA GLU F 438 -17.28 -31.09 -17.85
C GLU F 438 -18.65 -31.42 -18.45
N ILE F 439 -19.52 -30.40 -18.48
CA ILE F 439 -20.80 -30.43 -19.21
C ILE F 439 -20.73 -29.32 -20.28
N LYS F 440 -21.04 -29.65 -21.54
CA LYS F 440 -21.17 -28.65 -22.64
C LYS F 440 -22.66 -28.41 -22.91
N MET F 441 -23.05 -27.15 -22.98
CA MET F 441 -24.42 -26.73 -23.37
C MET F 441 -24.29 -25.51 -24.28
N GLY F 442 -24.96 -25.53 -25.44
CA GLY F 442 -24.82 -24.49 -26.47
C GLY F 442 -23.35 -24.20 -26.78
N GLY F 443 -22.52 -25.26 -26.77
CA GLY F 443 -21.09 -25.14 -27.06
C GLY F 443 -20.31 -24.39 -26.00
N MET F 444 -20.87 -24.19 -24.80
CA MET F 444 -20.15 -23.56 -23.66
C MET F 444 -19.88 -24.64 -22.61
N PRO F 445 -18.63 -24.76 -22.13
CA PRO F 445 -18.28 -25.75 -21.11
C PRO F 445 -18.56 -25.22 -19.71
N PHE F 446 -19.15 -26.06 -18.84
CA PHE F 446 -19.31 -25.79 -17.39
C PHE F 446 -18.60 -26.90 -16.61
N SER F 447 -17.71 -26.48 -15.72
CA SER F 447 -17.00 -27.38 -14.78
C SER F 447 -17.95 -27.81 -13.65
N ILE F 448 -18.21 -29.10 -13.50
CA ILE F 448 -18.96 -29.62 -12.32
C ILE F 448 -17.91 -30.17 -11.35
N SER F 449 -17.72 -29.47 -10.24
CA SER F 449 -16.75 -29.85 -9.19
C SER F 449 -17.50 -30.12 -7.89
N MET F 450 -17.99 -31.33 -7.71
CA MET F 450 -18.74 -31.71 -6.50
C MET F 450 -17.83 -31.53 -5.27
N ARG F 451 -16.54 -31.83 -5.43
CA ARG F 451 -15.55 -31.72 -4.35
C ARG F 451 -15.44 -30.27 -3.86
N HIS F 452 -15.81 -29.30 -4.69
CA HIS F 452 -15.72 -27.85 -4.37
C HIS F 452 -16.70 -27.51 -3.25
N ALA F 453 -17.67 -28.38 -2.94
CA ALA F 453 -18.66 -28.15 -1.85
C ALA F 453 -18.01 -28.42 -0.46
N PHE F 454 -16.86 -29.09 -0.45
CA PHE F 454 -16.19 -29.51 0.81
C PHE F 454 -15.12 -28.49 1.17
N VAL F 455 -15.36 -27.71 2.21
CA VAL F 455 -14.63 -26.46 2.51
C VAL F 455 -14.04 -26.56 3.90
N PRO F 456 -12.95 -25.83 4.20
CA PRO F 456 -12.44 -25.70 5.57
C PRO F 456 -13.29 -24.70 6.36
N PHE F 457 -13.11 -24.66 7.68
CA PHE F 457 -13.71 -23.65 8.58
C PHE F 457 -13.24 -22.29 8.08
N PRO F 458 -13.99 -21.20 8.32
CA PRO F 458 -13.55 -19.85 7.97
C PRO F 458 -12.13 -19.52 8.44
N GLY F 459 -11.27 -19.06 7.52
CA GLY F 459 -9.83 -18.78 7.79
C GLY F 459 -8.94 -19.97 7.43
N GLY F 460 -9.47 -21.20 7.52
CA GLY F 460 -8.70 -22.43 7.33
C GLY F 460 -8.39 -22.76 5.88
N SER F 461 -7.56 -23.78 5.68
CA SER F 461 -7.27 -24.38 4.35
C SER F 461 -7.46 -25.90 4.42
N ILE F 462 -7.78 -26.52 3.28
CA ILE F 462 -7.71 -28.00 3.10
C ILE F 462 -6.28 -28.29 2.65
N LEU F 463 -5.63 -29.23 3.32
CA LEU F 463 -4.33 -29.78 2.90
C LEU F 463 -4.55 -31.25 2.53
N ALA F 464 -4.12 -31.64 1.34
CA ALA F 464 -4.12 -33.02 0.84
C ALA F 464 -2.68 -33.42 0.59
N ALA F 465 -2.27 -34.58 1.13
CA ALA F 465 -0.96 -35.17 0.84
C ALA F 465 -1.19 -36.56 0.25
N ASP F 466 -0.71 -36.78 -0.97
CA ASP F 466 -0.94 -38.02 -1.76
C ASP F 466 0.39 -38.75 -1.97
N TYR F 467 0.42 -40.05 -1.86
CA TYR F 467 1.59 -40.88 -2.24
C TYR F 467 1.61 -40.98 -3.77
N SER F 468 2.83 -40.91 -4.32
CA SER F 468 3.01 -40.98 -5.80
C SER F 468 3.25 -42.45 -6.17
N GLN F 469 2.20 -43.13 -6.64
CA GLN F 469 2.29 -44.54 -7.13
C GLN F 469 2.84 -45.40 -6.00
N LEU F 470 2.11 -45.41 -4.87
CA LEU F 470 2.53 -46.17 -3.66
C LEU F 470 2.55 -47.65 -4.02
N GLU F 471 1.50 -48.14 -4.66
CA GLU F 471 1.35 -49.58 -5.02
C GLU F 471 2.49 -49.98 -5.98
N LEU F 472 2.89 -49.10 -6.89
CA LEU F 472 4.00 -49.39 -7.84
C LEU F 472 5.32 -49.43 -7.07
N ARG F 473 5.51 -48.51 -6.13
CA ARG F 473 6.76 -48.43 -5.33
C ARG F 473 6.90 -49.69 -4.48
N ILE F 474 5.80 -50.14 -3.89
CA ILE F 474 5.78 -51.38 -3.06
C ILE F 474 6.06 -52.56 -3.96
N LEU F 475 5.48 -52.61 -5.17
CA LEU F 475 5.68 -53.75 -6.11
C LEU F 475 7.15 -53.81 -6.54
N ALA F 476 7.76 -52.65 -6.84
CA ALA F 476 9.21 -52.54 -7.16
C ALA F 476 10.01 -53.19 -6.02
N HIS F 477 9.75 -52.73 -4.79
CA HIS F 477 10.47 -53.14 -3.56
C HIS F 477 10.42 -54.67 -3.39
N LEU F 478 9.27 -55.29 -3.67
CA LEU F 478 9.03 -56.72 -3.34
C LEU F 478 9.50 -57.63 -4.48
N SER F 479 9.61 -57.10 -5.70
CA SER F 479 10.03 -57.86 -6.90
C SER F 479 11.48 -57.50 -7.31
N HIS F 480 12.04 -56.45 -6.68
CA HIS F 480 13.40 -55.90 -6.92
C HIS F 480 13.58 -55.59 -8.41
N ASP F 481 12.49 -55.33 -9.14
CA ASP F 481 12.51 -55.15 -10.62
C ASP F 481 13.31 -53.90 -10.95
N ARG F 482 14.48 -54.09 -11.58
CA ARG F 482 15.49 -53.04 -11.91
C ARG F 482 14.90 -52.01 -12.89
N ARG F 483 14.09 -52.44 -13.87
CA ARG F 483 13.45 -51.57 -14.89
C ARG F 483 12.43 -50.62 -14.23
N LEU F 484 11.58 -51.15 -13.34
CA LEU F 484 10.50 -50.34 -12.67
C LEU F 484 11.17 -49.34 -11.73
N ILE F 485 12.25 -49.75 -11.04
CA ILE F 485 13.05 -48.88 -10.12
C ILE F 485 13.63 -47.69 -10.90
N GLN F 486 14.23 -47.93 -12.07
CA GLN F 486 14.80 -46.85 -12.93
C GLN F 486 13.69 -45.85 -13.25
N VAL F 487 12.58 -46.35 -13.80
CA VAL F 487 11.42 -45.51 -14.25
C VAL F 487 11.01 -44.56 -13.12
N LEU F 488 10.79 -45.09 -11.91
CA LEU F 488 10.32 -44.34 -10.72
C LEU F 488 11.39 -43.34 -10.25
N ASN F 489 12.69 -43.74 -10.28
CA ASN F 489 13.85 -42.94 -9.78
C ASN F 489 14.00 -41.62 -10.54
N THR F 490 13.84 -41.60 -11.87
CA THR F 490 14.04 -40.41 -12.75
C THR F 490 12.77 -40.14 -13.59
N GLY F 491 12.27 -41.16 -14.29
CA GLY F 491 11.24 -41.05 -15.34
C GLY F 491 10.06 -40.15 -14.95
N ALA F 492 9.40 -39.57 -15.95
CA ALA F 492 8.17 -38.76 -15.81
C ALA F 492 7.01 -39.70 -15.47
N ASP F 493 5.78 -39.22 -15.66
CA ASP F 493 4.53 -39.91 -15.20
C ASP F 493 4.27 -41.14 -16.09
N VAL F 494 4.19 -42.33 -15.48
CA VAL F 494 4.06 -43.65 -16.17
C VAL F 494 2.75 -43.65 -16.95
N PHE F 495 1.67 -43.08 -16.38
CA PHE F 495 0.32 -43.07 -16.98
C PHE F 495 0.34 -42.18 -18.23
N ARG F 496 1.16 -41.12 -18.21
CA ARG F 496 1.37 -40.22 -19.37
C ARG F 496 2.13 -40.98 -20.47
N SER F 497 3.24 -41.66 -20.15
CA SER F 497 4.01 -42.54 -21.08
C SER F 497 3.05 -43.52 -21.78
N ILE F 498 2.22 -44.23 -21.02
CA ILE F 498 1.24 -45.23 -21.57
C ILE F 498 0.26 -44.51 -22.51
N ALA F 499 -0.34 -43.40 -22.06
CA ALA F 499 -1.33 -42.61 -22.82
C ALA F 499 -0.72 -42.10 -24.13
N ALA F 500 0.54 -41.64 -24.11
CA ALA F 500 1.28 -41.05 -25.26
C ALA F 500 1.51 -42.13 -26.32
N GLU F 501 2.25 -43.19 -25.99
CA GLU F 501 2.47 -44.38 -26.86
C GLU F 501 1.14 -44.81 -27.49
N TRP F 502 0.09 -44.94 -26.67
CA TRP F 502 -1.24 -45.46 -27.06
C TRP F 502 -1.93 -44.54 -28.07
N LYS F 503 -2.05 -43.24 -27.77
CA LYS F 503 -2.82 -42.26 -28.60
C LYS F 503 -1.90 -41.55 -29.62
N MET F 504 -0.66 -42.05 -29.85
CA MET F 504 0.28 -41.57 -30.90
C MET F 504 0.63 -40.09 -30.65
N ILE F 505 0.96 -39.69 -29.41
CA ILE F 505 1.16 -38.27 -28.96
C ILE F 505 2.43 -38.19 -28.07
N GLU F 506 2.89 -36.98 -27.74
CA GLU F 506 3.94 -36.70 -26.71
C GLU F 506 3.25 -36.47 -25.36
N PRO F 507 3.94 -36.67 -24.20
CA PRO F 507 3.31 -36.56 -22.88
C PRO F 507 2.28 -35.44 -22.61
N GLU F 508 2.48 -34.24 -23.16
CA GLU F 508 1.87 -32.98 -22.65
C GLU F 508 0.36 -32.89 -22.94
N SER F 509 -0.19 -33.59 -23.95
CA SER F 509 -1.57 -33.42 -24.49
C SER F 509 -2.66 -34.08 -23.62
N VAL F 510 -2.27 -35.08 -22.82
CA VAL F 510 -3.14 -35.97 -22.00
C VAL F 510 -4.09 -35.13 -21.13
N GLY F 511 -5.41 -35.34 -21.29
CA GLY F 511 -6.46 -34.79 -20.40
C GLY F 511 -6.59 -35.65 -19.14
N ASP F 512 -7.31 -35.19 -18.11
CA ASP F 512 -7.58 -35.95 -16.86
C ASP F 512 -8.21 -37.31 -17.21
N ASP F 513 -9.24 -37.30 -18.05
CA ASP F 513 -10.05 -38.51 -18.38
C ASP F 513 -9.12 -39.55 -19.02
N LEU F 514 -8.22 -39.12 -19.92
CA LEU F 514 -7.30 -40.03 -20.68
C LEU F 514 -6.25 -40.60 -19.71
N ARG F 515 -5.74 -39.78 -18.79
CA ARG F 515 -4.70 -40.23 -17.83
C ARG F 515 -5.29 -41.30 -16.91
N GLN F 516 -6.55 -41.12 -16.49
CA GLN F 516 -7.34 -42.12 -15.71
C GLN F 516 -7.50 -43.40 -16.53
N GLN F 517 -7.79 -43.31 -17.84
CA GLN F 517 -7.90 -44.53 -18.72
C GLN F 517 -6.57 -45.29 -18.69
N ALA F 518 -5.44 -44.57 -18.76
CA ALA F 518 -4.08 -45.17 -18.79
C ALA F 518 -3.74 -45.75 -17.43
N LYS F 519 -4.18 -45.10 -16.35
CA LYS F 519 -4.01 -45.58 -14.96
C LYS F 519 -4.72 -46.94 -14.83
N GLN F 520 -5.96 -47.05 -15.32
CA GLN F 520 -6.80 -48.29 -15.28
C GLN F 520 -6.06 -49.39 -16.05
N ILE F 521 -5.48 -49.06 -17.21
CA ILE F 521 -4.73 -50.00 -18.09
C ILE F 521 -3.52 -50.53 -17.32
N CYS F 522 -2.75 -49.66 -16.70
CA CYS F 522 -1.46 -50.01 -16.03
C CYS F 522 -1.72 -50.93 -14.83
N TYR F 523 -2.57 -50.53 -13.89
CA TYR F 523 -2.92 -51.34 -12.69
C TYR F 523 -3.66 -52.61 -13.14
N GLY F 524 -4.54 -52.49 -14.13
CA GLY F 524 -5.30 -53.63 -14.70
C GLY F 524 -4.37 -54.74 -15.14
N ILE F 525 -3.42 -54.38 -15.99
CA ILE F 525 -2.44 -55.36 -16.55
C ILE F 525 -1.67 -55.97 -15.38
N ILE F 526 -1.13 -55.15 -14.48
CA ILE F 526 -0.30 -55.62 -13.32
C ILE F 526 -1.11 -56.62 -12.47
N TYR F 527 -2.41 -56.43 -12.31
CA TYR F 527 -3.21 -57.26 -11.36
C TYR F 527 -3.99 -58.34 -12.12
N GLY F 528 -3.58 -58.65 -13.35
CA GLY F 528 -3.96 -59.89 -14.07
C GLY F 528 -5.11 -59.74 -15.04
N MET F 529 -5.39 -58.51 -15.50
CA MET F 529 -6.35 -58.24 -16.60
C MET F 529 -5.93 -59.04 -17.84
N GLY F 530 -6.93 -59.61 -18.53
CA GLY F 530 -6.76 -60.45 -19.72
C GLY F 530 -6.90 -59.67 -21.02
N ALA F 531 -6.56 -60.28 -22.15
CA ALA F 531 -6.53 -59.61 -23.48
C ALA F 531 -7.95 -59.14 -23.89
N LYS F 532 -8.97 -59.99 -23.70
CA LYS F 532 -10.39 -59.62 -24.01
C LYS F 532 -10.71 -58.26 -23.36
N SER F 533 -10.60 -58.12 -22.03
CA SER F 533 -10.91 -56.86 -21.30
C SER F 533 -9.96 -55.74 -21.76
N LEU F 534 -8.66 -55.99 -21.92
CA LEU F 534 -7.70 -54.88 -22.24
C LEU F 534 -8.09 -54.33 -23.62
N GLY F 535 -8.42 -55.23 -24.55
CA GLY F 535 -9.04 -54.91 -25.84
C GLY F 535 -10.09 -53.81 -25.76
N GLU F 536 -11.17 -54.01 -24.98
CA GLU F 536 -12.28 -53.03 -24.78
C GLU F 536 -11.73 -51.70 -24.27
N GLN F 537 -10.82 -51.72 -23.30
CA GLN F 537 -10.30 -50.49 -22.62
C GLN F 537 -9.44 -49.69 -23.62
N MET F 538 -8.60 -50.39 -24.37
CA MET F 538 -7.59 -49.73 -25.26
C MET F 538 -8.20 -49.49 -26.65
N GLY F 539 -9.37 -50.08 -26.92
CA GLY F 539 -10.05 -50.03 -28.23
C GLY F 539 -9.22 -50.73 -29.30
N ILE F 540 -8.65 -51.89 -28.99
CA ILE F 540 -7.84 -52.71 -29.95
C ILE F 540 -8.34 -54.15 -29.89
N LYS F 541 -7.96 -54.95 -30.89
CA LYS F 541 -8.35 -56.39 -30.98
C LYS F 541 -7.69 -57.17 -29.83
N GLU F 542 -8.33 -58.23 -29.37
CA GLU F 542 -7.82 -59.16 -28.32
C GLU F 542 -6.34 -59.51 -28.61
N ASN F 543 -6.06 -59.93 -29.85
CA ASN F 543 -4.73 -60.35 -30.36
C ASN F 543 -3.69 -59.22 -30.10
N ASP F 544 -4.13 -57.97 -30.26
CA ASP F 544 -3.24 -56.78 -30.12
C ASP F 544 -3.00 -56.56 -28.64
N ALA F 545 -4.06 -56.63 -27.82
CA ALA F 545 -3.98 -56.53 -26.35
C ALA F 545 -3.06 -57.62 -25.81
N ALA F 546 -3.19 -58.85 -26.34
CA ALA F 546 -2.45 -60.05 -25.92
C ALA F 546 -0.94 -59.81 -26.12
N CYS F 547 -0.59 -59.17 -27.25
CA CYS F 547 0.79 -58.83 -27.62
C CYS F 547 1.31 -57.81 -26.60
N TYR F 548 0.48 -56.78 -26.34
CA TYR F 548 0.82 -55.69 -25.37
C TYR F 548 1.14 -56.32 -24.02
N ILE F 549 0.32 -57.26 -23.51
CA ILE F 549 0.55 -57.92 -22.19
C ILE F 549 1.95 -58.59 -22.22
N ASP F 550 2.26 -59.29 -23.32
CA ASP F 550 3.51 -60.06 -23.46
C ASP F 550 4.70 -59.08 -23.37
N SER F 551 4.64 -57.97 -24.12
CA SER F 551 5.66 -56.89 -24.12
C SER F 551 5.86 -56.37 -22.70
N PHE F 552 4.78 -56.01 -21.99
CA PHE F 552 4.83 -55.54 -20.57
C PHE F 552 5.52 -56.59 -19.72
N LYS F 553 5.02 -57.84 -19.76
CA LYS F 553 5.57 -58.96 -18.93
C LYS F 553 7.09 -59.10 -19.23
N SER F 554 7.48 -59.03 -20.50
CA SER F 554 8.89 -59.23 -20.95
C SER F 554 9.80 -58.10 -20.41
N ARG F 555 9.35 -56.85 -20.46
CA ARG F 555 10.12 -55.66 -20.03
C ARG F 555 10.41 -55.73 -18.51
N TYR F 556 9.46 -56.26 -17.73
CA TYR F 556 9.52 -56.29 -16.25
C TYR F 556 9.48 -57.74 -15.76
N THR F 557 10.60 -58.46 -15.87
CA THR F 557 10.70 -59.92 -15.58
C THR F 557 10.66 -60.17 -14.08
N GLY F 558 11.21 -59.25 -13.28
CA GLY F 558 11.17 -59.29 -11.80
C GLY F 558 9.74 -59.42 -11.31
N ILE F 559 8.86 -58.55 -11.82
CA ILE F 559 7.41 -58.50 -11.45
C ILE F 559 6.82 -59.90 -11.68
N ASN F 560 7.02 -60.46 -12.87
CA ASN F 560 6.44 -61.75 -13.31
C ASN F 560 6.94 -62.90 -12.41
N GLN F 561 8.20 -62.84 -11.94
CA GLN F 561 8.77 -63.87 -11.04
C GLN F 561 8.04 -63.79 -9.71
N PHE F 562 7.78 -62.57 -9.23
CA PHE F 562 7.11 -62.28 -7.92
C PHE F 562 5.64 -62.75 -7.96
N MET F 563 4.95 -62.57 -9.11
CA MET F 563 3.58 -63.10 -9.34
C MET F 563 3.56 -64.64 -9.16
N THR F 564 4.46 -65.37 -9.83
CA THR F 564 4.49 -66.86 -9.79
C THR F 564 4.93 -67.33 -8.41
N GLU F 565 5.87 -66.62 -7.76
CA GLU F 565 6.43 -66.94 -6.42
C GLU F 565 5.37 -66.68 -5.35
N THR F 566 4.48 -65.70 -5.58
CA THR F 566 3.38 -65.36 -4.63
C THR F 566 2.26 -66.39 -4.77
N VAL F 567 1.94 -66.81 -6.01
CA VAL F 567 0.89 -67.84 -6.26
C VAL F 567 1.36 -69.20 -5.71
N LYS F 568 2.60 -69.60 -5.97
CA LYS F 568 3.18 -70.87 -5.44
C LYS F 568 3.04 -70.88 -3.92
N ASN F 569 3.48 -69.80 -3.25
CA ASN F 569 3.54 -69.72 -1.77
C ASN F 569 2.13 -69.67 -1.21
N CYS F 570 1.16 -69.08 -1.91
CA CYS F 570 -0.26 -69.00 -1.45
C CYS F 570 -0.90 -70.39 -1.49
N LYS F 571 -0.69 -71.13 -2.59
CA LYS F 571 -1.23 -72.48 -2.83
C LYS F 571 -0.83 -73.40 -1.67
N ARG F 572 0.45 -73.34 -1.28
CA ARG F 572 1.09 -74.08 -0.15
C ARG F 572 0.42 -73.71 1.19
N ASP F 573 0.31 -72.41 1.52
CA ASP F 573 0.03 -71.90 2.88
C ASP F 573 -1.47 -71.66 3.10
N GLY F 574 -2.25 -71.43 2.03
CA GLY F 574 -3.68 -71.07 2.12
C GLY F 574 -3.90 -69.60 2.41
N PHE F 575 -2.85 -68.77 2.40
CA PHE F 575 -2.92 -67.31 2.69
C PHE F 575 -1.77 -66.54 2.04
N VAL F 576 -1.88 -65.22 2.02
CA VAL F 576 -0.79 -64.25 1.68
C VAL F 576 -0.63 -63.29 2.87
N GLN F 577 0.53 -62.63 2.96
CA GLN F 577 0.86 -61.69 4.06
C GLN F 577 1.25 -60.34 3.48
N THR F 578 0.90 -59.27 4.18
CA THR F 578 1.28 -57.88 3.84
C THR F 578 2.64 -57.59 4.46
N ILE F 579 3.17 -56.38 4.22
CA ILE F 579 4.47 -55.88 4.75
C ILE F 579 4.48 -55.96 6.29
N LEU F 580 3.34 -55.84 6.98
CA LEU F 580 3.28 -55.81 8.47
C LEU F 580 2.92 -57.17 9.06
N GLY F 581 2.60 -58.18 8.24
CA GLY F 581 2.38 -59.56 8.70
C GLY F 581 0.92 -59.96 8.73
N ARG F 582 -0.01 -59.07 8.36
CA ARG F 582 -1.45 -59.40 8.32
C ARG F 582 -1.67 -60.47 7.24
N ARG F 583 -2.57 -61.42 7.52
CA ARG F 583 -2.82 -62.61 6.68
C ARG F 583 -4.21 -62.52 6.06
N ARG F 584 -4.31 -62.83 4.78
CA ARG F 584 -5.63 -62.98 4.14
C ARG F 584 -5.72 -64.42 3.65
N TYR F 585 -6.78 -65.10 4.04
CA TYR F 585 -6.99 -66.53 3.72
C TYR F 585 -7.73 -66.59 2.37
N LEU F 586 -7.17 -67.34 1.41
CA LEU F 586 -7.65 -67.43 0.01
C LEU F 586 -7.77 -68.90 -0.35
N PRO F 587 -8.76 -69.63 0.22
CA PRO F 587 -8.94 -71.05 -0.04
C PRO F 587 -9.41 -71.38 -1.47
N GLY F 588 -9.88 -70.37 -2.22
CA GLY F 588 -10.09 -70.45 -3.67
C GLY F 588 -8.83 -70.82 -4.43
N ILE F 589 -7.65 -70.58 -3.85
CA ILE F 589 -6.32 -70.83 -4.50
C ILE F 589 -6.19 -72.33 -4.86
N LYS F 590 -6.77 -73.24 -4.07
CA LYS F 590 -6.66 -74.72 -4.30
C LYS F 590 -7.79 -75.17 -5.26
N ASP F 591 -8.85 -74.39 -5.40
CA ASP F 591 -10.08 -74.74 -6.17
C ASP F 591 -9.71 -75.23 -7.58
N ASN F 592 -10.44 -76.26 -8.05
CA ASN F 592 -10.25 -76.94 -9.36
C ASN F 592 -10.86 -76.08 -10.47
N ASN F 593 -11.98 -75.40 -10.16
CA ASN F 593 -12.67 -74.46 -11.09
C ASN F 593 -11.65 -73.44 -11.59
N PRO F 594 -11.45 -73.30 -12.92
CA PRO F 594 -10.47 -72.34 -13.46
C PRO F 594 -10.71 -70.88 -13.03
N TYR F 595 -11.95 -70.39 -13.03
CA TYR F 595 -12.25 -68.97 -12.65
C TYR F 595 -11.85 -68.74 -11.19
N ARG F 596 -12.46 -69.46 -10.26
CA ARG F 596 -12.24 -69.30 -8.80
C ARG F 596 -10.74 -69.38 -8.50
N LYS F 597 -10.00 -70.29 -9.15
CA LYS F 597 -8.53 -70.42 -8.96
C LYS F 597 -7.86 -69.11 -9.40
N ALA F 598 -8.14 -68.65 -10.62
CA ALA F 598 -7.50 -67.46 -11.21
C ALA F 598 -7.84 -66.21 -10.39
N HIS F 599 -9.09 -66.09 -9.93
CA HIS F 599 -9.58 -64.97 -9.08
C HIS F 599 -8.73 -64.90 -7.80
N ALA F 600 -8.55 -66.04 -7.14
CA ALA F 600 -7.75 -66.19 -5.91
C ALA F 600 -6.29 -65.80 -6.17
N GLU F 601 -5.71 -66.24 -7.28
CA GLU F 601 -4.32 -65.90 -7.66
C GLU F 601 -4.21 -64.37 -7.80
N ARG F 602 -5.20 -63.73 -8.40
CA ARG F 602 -5.22 -62.26 -8.62
C ARG F 602 -5.38 -61.55 -7.27
N GLN F 603 -6.25 -62.06 -6.39
CA GLN F 603 -6.42 -61.57 -5.01
C GLN F 603 -5.11 -61.73 -4.24
N ALA F 604 -4.41 -62.84 -4.46
CA ALA F 604 -3.16 -63.13 -3.75
C ALA F 604 -2.17 -61.99 -4.03
N ILE F 605 -1.92 -61.71 -5.32
CA ILE F 605 -0.96 -60.67 -5.78
C ILE F 605 -1.45 -59.31 -5.27
N ASN F 606 -2.72 -58.99 -5.52
CA ASN F 606 -3.24 -57.63 -5.25
C ASN F 606 -3.29 -57.37 -3.73
N THR F 607 -3.66 -58.37 -2.94
CA THR F 607 -3.78 -58.20 -1.48
C THR F 607 -2.41 -57.80 -0.91
N ILE F 608 -1.34 -58.47 -1.30
CA ILE F 608 0.01 -58.12 -0.77
C ILE F 608 0.30 -56.65 -1.05
N VAL F 609 0.08 -56.16 -2.27
CA VAL F 609 0.52 -54.78 -2.66
C VAL F 609 -0.45 -53.75 -2.07
N GLN F 610 -1.75 -53.93 -2.30
CA GLN F 610 -2.81 -52.99 -1.85
C GLN F 610 -2.86 -53.00 -0.32
N GLY F 611 -2.75 -54.17 0.32
CA GLY F 611 -2.75 -54.31 1.79
C GLY F 611 -1.54 -53.65 2.42
N SER F 612 -0.38 -53.83 1.82
CA SER F 612 0.88 -53.19 2.26
C SER F 612 0.74 -51.66 2.20
N ALA F 613 0.16 -51.13 1.12
CA ALA F 613 -0.03 -49.67 0.94
C ALA F 613 -0.93 -49.14 2.06
N ALA F 614 -1.96 -49.89 2.40
CA ALA F 614 -2.94 -49.52 3.43
C ALA F 614 -2.26 -49.50 4.80
N ASP F 615 -1.31 -50.42 5.04
CA ASP F 615 -0.49 -50.47 6.28
C ASP F 615 0.37 -49.19 6.37
N ILE F 616 1.02 -48.81 5.27
CA ILE F 616 1.94 -47.63 5.25
C ILE F 616 1.14 -46.36 5.57
N VAL F 617 -0.07 -46.23 5.00
CA VAL F 617 -0.89 -44.99 5.16
C VAL F 617 -1.37 -44.92 6.61
N LYS F 618 -1.78 -46.05 7.18
CA LYS F 618 -2.17 -46.13 8.61
C LYS F 618 -1.01 -45.68 9.50
N ILE F 619 0.19 -46.20 9.27
CA ILE F 619 1.38 -45.84 10.07
C ILE F 619 1.60 -44.33 9.93
N ALA F 620 1.55 -43.81 8.71
CA ALA F 620 1.72 -42.35 8.43
C ALA F 620 0.69 -41.57 9.25
N THR F 621 -0.56 -41.99 9.20
CA THR F 621 -1.69 -41.28 9.85
C THR F 621 -1.39 -41.17 11.35
N VAL F 622 -0.99 -42.30 11.94
CA VAL F 622 -0.77 -42.43 13.40
C VAL F 622 0.41 -41.53 13.79
N ASN F 623 1.49 -41.58 13.01
CA ASN F 623 2.74 -40.83 13.29
C ASN F 623 2.50 -39.32 13.11
N ILE F 624 1.67 -38.91 12.15
CA ILE F 624 1.31 -37.48 11.96
C ILE F 624 0.53 -37.01 13.20
N GLN F 625 -0.43 -37.81 13.65
CA GLN F 625 -1.30 -37.42 14.80
C GLN F 625 -0.44 -37.22 16.05
N LYS F 626 0.53 -38.11 16.32
CA LYS F 626 1.47 -37.97 17.47
C LYS F 626 2.17 -36.61 17.37
N GLN F 627 2.80 -36.32 16.22
CA GLN F 627 3.51 -35.04 15.97
C GLN F 627 2.57 -33.85 16.19
N LEU F 628 1.38 -33.88 15.60
CA LEU F 628 0.43 -32.72 15.72
C LEU F 628 0.13 -32.45 17.18
N GLU F 629 0.03 -33.49 18.00
CA GLU F 629 -0.38 -33.37 19.44
C GLU F 629 0.80 -32.89 20.30
N THR F 630 2.05 -33.02 19.85
CA THR F 630 3.24 -32.49 20.59
C THR F 630 3.25 -30.96 20.44
N PHE F 631 3.10 -30.47 19.20
CA PHE F 631 3.10 -29.02 18.87
C PHE F 631 1.72 -28.45 19.23
N HIS F 632 0.87 -29.26 19.86
CA HIS F 632 -0.56 -28.98 20.19
C HIS F 632 -0.62 -28.16 21.50
N SER F 633 -0.54 -26.83 21.37
CA SER F 633 -0.99 -25.84 22.40
C SER F 633 -2.51 -25.64 22.28
N THR F 634 -3.26 -26.68 21.87
CA THR F 634 -4.67 -26.58 21.41
C THR F 634 -5.38 -27.95 21.34
N PHE F 635 -6.66 -27.94 21.00
CA PHE F 635 -7.58 -29.10 21.12
C PHE F 635 -7.29 -30.11 20.01
N LYS F 636 -7.36 -31.41 20.32
CA LYS F 636 -6.92 -32.47 19.39
C LYS F 636 -8.02 -32.76 18.35
N SER F 637 -9.23 -32.21 18.51
CA SER F 637 -10.37 -32.37 17.55
C SER F 637 -11.36 -31.24 17.80
N HIS F 638 -12.23 -30.96 16.84
CA HIS F 638 -13.36 -30.03 17.04
C HIS F 638 -14.26 -30.53 18.17
N GLY F 639 -14.41 -31.85 18.33
CA GLY F 639 -15.22 -32.45 19.40
C GLY F 639 -14.69 -32.05 20.77
N HIS F 640 -13.37 -32.08 20.94
CA HIS F 640 -12.70 -31.70 22.21
C HIS F 640 -13.08 -30.26 22.59
N ARG F 641 -13.56 -29.41 21.67
CA ARG F 641 -14.11 -28.07 22.04
C ARG F 641 -15.60 -28.18 22.41
N GLU F 642 -16.44 -28.85 21.59
CA GLU F 642 -17.85 -29.17 21.95
C GLU F 642 -17.90 -29.76 23.38
N CYS F 663 -10.39 -17.07 21.18
CA CYS F 663 -9.42 -18.19 21.19
C CYS F 663 -9.49 -18.95 19.85
N PRO F 664 -8.89 -18.38 18.77
CA PRO F 664 -9.04 -18.94 17.42
C PRO F 664 -8.53 -20.37 17.27
N ILE F 665 -8.98 -21.06 16.21
CA ILE F 665 -8.58 -22.47 15.91
C ILE F 665 -7.13 -22.49 15.44
N ARG F 666 -6.34 -23.40 16.03
CA ARG F 666 -4.94 -23.66 15.64
C ARG F 666 -4.78 -25.15 15.37
N GLY F 667 -3.84 -25.48 14.49
CA GLY F 667 -3.43 -26.86 14.19
C GLY F 667 -4.13 -27.45 12.99
N GLY F 668 -4.04 -28.78 12.88
CA GLY F 668 -4.50 -29.57 11.74
C GLY F 668 -5.45 -30.64 12.20
N PHE F 669 -6.57 -30.78 11.49
CA PHE F 669 -7.68 -31.69 11.86
C PHE F 669 -7.83 -32.69 10.72
N PHE F 670 -7.64 -33.98 11.03
CA PHE F 670 -7.83 -35.10 10.09
C PHE F 670 -9.30 -35.12 9.68
N ILE F 671 -9.61 -34.91 8.39
CA ILE F 671 -11.03 -34.81 7.94
C ILE F 671 -11.40 -35.95 6.99
N LEU F 672 -10.46 -36.56 6.27
CA LEU F 672 -10.81 -37.61 5.28
C LEU F 672 -9.59 -38.45 4.92
N GLN F 673 -9.82 -39.73 4.70
CA GLN F 673 -8.79 -40.64 4.16
C GLN F 673 -9.28 -41.09 2.79
N LEU F 674 -8.38 -41.10 1.80
CA LEU F 674 -8.64 -41.50 0.40
C LEU F 674 -7.61 -42.54 -0.06
N HIS F 675 -7.32 -43.54 0.76
CA HIS F 675 -6.60 -44.79 0.40
C HIS F 675 -5.08 -44.53 0.33
N ASP F 676 -4.64 -43.59 -0.51
CA ASP F 676 -3.19 -43.24 -0.59
C ASP F 676 -3.02 -41.76 -0.28
N GLU F 677 -4.02 -41.11 0.30
CA GLU F 677 -4.08 -39.63 0.42
C GLU F 677 -4.79 -39.26 1.72
N LEU F 678 -4.27 -38.31 2.47
CA LEU F 678 -4.83 -37.82 3.76
C LEU F 678 -5.23 -36.37 3.57
N LEU F 679 -6.44 -36.00 3.99
CA LEU F 679 -6.92 -34.60 3.99
C LEU F 679 -6.96 -34.11 5.43
N TYR F 680 -6.40 -32.92 5.65
CA TYR F 680 -6.45 -32.17 6.91
C TYR F 680 -7.03 -30.80 6.64
N GLU F 681 -7.81 -30.33 7.59
CA GLU F 681 -8.32 -28.93 7.66
C GLU F 681 -7.35 -28.18 8.57
N VAL F 682 -6.75 -27.08 8.11
CA VAL F 682 -5.59 -26.46 8.83
C VAL F 682 -5.80 -24.96 8.97
N ALA F 683 -5.53 -24.43 10.16
CA ALA F 683 -5.59 -22.97 10.44
C ALA F 683 -4.53 -22.27 9.57
N GLU F 684 -4.89 -21.10 9.02
CA GLU F 684 -4.01 -20.30 8.09
C GLU F 684 -2.55 -20.26 8.59
N GLU F 685 -2.36 -19.94 9.88
CA GLU F 685 -1.05 -19.73 10.55
C GLU F 685 -0.22 -21.03 10.53
N ASP F 686 -0.87 -22.18 10.42
CA ASP F 686 -0.19 -23.46 10.76
C ASP F 686 0.06 -24.27 9.49
N VAL F 687 -0.32 -23.78 8.31
CA VAL F 687 -0.33 -24.62 7.09
C VAL F 687 1.10 -24.99 6.70
N VAL F 688 2.07 -24.08 6.85
CA VAL F 688 3.49 -24.38 6.50
C VAL F 688 3.98 -25.54 7.37
N GLN F 689 3.81 -25.43 8.70
CA GLN F 689 4.35 -26.39 9.69
C GLN F 689 3.65 -27.75 9.52
N VAL F 690 2.32 -27.76 9.39
CA VAL F 690 1.52 -29.01 9.21
C VAL F 690 1.91 -29.70 7.89
N ALA F 691 2.13 -28.93 6.82
CA ALA F 691 2.51 -29.49 5.50
C ALA F 691 3.86 -30.20 5.62
N GLN F 692 4.83 -29.61 6.34
CA GLN F 692 6.17 -30.19 6.60
C GLN F 692 6.02 -31.50 7.38
N ILE F 693 5.29 -31.48 8.49
CA ILE F 693 5.04 -32.66 9.38
C ILE F 693 4.41 -33.78 8.54
N VAL F 694 3.35 -33.47 7.79
CA VAL F 694 2.57 -34.49 7.02
C VAL F 694 3.51 -35.15 6.00
N LYS F 695 4.24 -34.35 5.21
CA LYS F 695 5.15 -34.84 4.15
C LYS F 695 6.28 -35.67 4.76
N ASN F 696 6.94 -35.14 5.78
CA ASN F 696 8.08 -35.81 6.46
C ASN F 696 7.61 -37.19 6.96
N GLU F 697 6.49 -37.24 7.68
CA GLU F 697 5.99 -38.48 8.34
C GLU F 697 5.49 -39.48 7.30
N MET F 698 4.95 -39.03 6.17
CA MET F 698 4.45 -39.94 5.09
C MET F 698 5.66 -40.55 4.37
N GLU F 699 6.72 -39.76 4.13
CA GLU F 699 7.97 -40.19 3.43
C GLU F 699 8.82 -41.12 4.32
N SER F 700 8.71 -41.01 5.64
CA SER F 700 9.46 -41.79 6.66
C SER F 700 8.64 -42.96 7.20
N ALA F 701 7.40 -43.18 6.75
CA ALA F 701 6.47 -44.17 7.35
C ALA F 701 7.17 -45.54 7.45
N VAL F 702 7.78 -46.00 6.35
CA VAL F 702 8.59 -47.25 6.28
C VAL F 702 9.78 -46.97 5.35
N LYS F 703 10.82 -47.81 5.41
CA LYS F 703 12.01 -47.72 4.53
C LYS F 703 11.91 -48.86 3.50
N LEU F 704 11.78 -48.51 2.21
CA LEU F 704 11.74 -49.46 1.07
C LEU F 704 13.02 -49.31 0.23
N SER F 705 13.15 -50.12 -0.83
CA SER F 705 14.23 -50.07 -1.85
C SER F 705 14.17 -48.72 -2.58
N VAL F 706 12.99 -48.11 -2.65
CA VAL F 706 12.72 -46.84 -3.39
C VAL F 706 12.26 -45.80 -2.36
N LYS F 707 12.43 -44.51 -2.70
CA LYS F 707 11.89 -43.35 -1.92
C LYS F 707 10.36 -43.33 -2.07
N LEU F 708 9.67 -43.10 -0.95
CA LEU F 708 8.21 -42.81 -0.93
C LEU F 708 8.01 -41.35 -1.26
N LYS F 709 7.64 -41.03 -2.50
CA LYS F 709 7.44 -39.63 -2.95
C LYS F 709 6.05 -39.16 -2.49
N VAL F 710 5.96 -37.93 -2.00
CA VAL F 710 4.71 -37.31 -1.51
C VAL F 710 4.51 -35.94 -2.18
N LYS F 711 3.36 -35.74 -2.84
CA LYS F 711 2.86 -34.43 -3.32
C LYS F 711 1.90 -33.86 -2.29
N VAL F 712 2.10 -32.60 -1.89
CA VAL F 712 1.18 -31.84 -1.01
C VAL F 712 0.47 -30.78 -1.85
N LYS F 713 -0.85 -30.66 -1.68
CA LYS F 713 -1.68 -29.60 -2.29
C LYS F 713 -2.44 -28.89 -1.17
N ILE F 714 -2.95 -27.70 -1.44
CA ILE F 714 -3.59 -26.81 -0.45
C ILE F 714 -4.62 -25.94 -1.16
N GLY F 715 -5.70 -25.57 -0.48
CA GLY F 715 -6.76 -24.77 -1.14
C GLY F 715 -7.95 -24.50 -0.25
N ALA F 716 -8.89 -23.72 -0.79
CA ALA F 716 -10.08 -23.23 -0.07
C ALA F 716 -11.21 -24.24 -0.19
N SER F 717 -10.97 -25.34 -0.90
CA SER F 717 -11.93 -26.48 -1.02
C SER F 717 -11.17 -27.69 -1.55
N TRP F 718 -11.76 -28.86 -1.37
CA TRP F 718 -11.24 -30.15 -1.86
C TRP F 718 -11.16 -30.08 -3.38
N GLY F 719 -12.04 -29.31 -4.00
CA GLY F 719 -12.15 -29.20 -5.46
C GLY F 719 -11.13 -28.25 -6.06
N GLU F 720 -10.59 -27.30 -5.30
CA GLU F 720 -9.66 -26.24 -5.81
C GLU F 720 -8.31 -26.35 -5.11
N LEU F 721 -7.70 -27.54 -5.09
CA LEU F 721 -6.40 -27.75 -4.42
C LEU F 721 -5.30 -27.36 -5.41
N LYS F 722 -4.28 -26.63 -4.94
CA LYS F 722 -3.13 -26.20 -5.75
C LYS F 722 -1.86 -26.84 -5.17
N ASP F 723 -0.94 -27.27 -6.05
CA ASP F 723 0.43 -27.73 -5.71
C ASP F 723 1.05 -26.72 -4.73
N PHE F 724 1.72 -27.24 -3.72
CA PHE F 724 2.39 -26.49 -2.64
C PHE F 724 3.73 -27.17 -2.36
N ASP F 725 4.83 -26.56 -2.78
CA ASP F 725 6.21 -27.09 -2.65
C ASP F 725 6.63 -26.96 -1.17
N VAL F 726 6.93 -28.07 -0.51
CA VAL F 726 7.32 -28.10 0.94
C VAL F 726 8.79 -28.51 1.04
#